data_1PU1
#
_entry.id   1PU1
#
_entity_poly.entity_id   1
_entity_poly.type   'polypeptide(L)'
_entity_poly.pdbx_seq_one_letter_code
;GSHMSLRKLTEGDLDEISSFLHNTISDFILKRVSAKEIVDIDITVLVEYTDELKVDISAELYLDELSDADPGIVDEAVDA
AYRSLESFLDGFRE
;
_entity_poly.pdbx_strand_id   A
#
# COMPACT_ATOMS: atom_id res chain seq x y z
N MET A 4 -3.41 -21.93 5.17
CA MET A 4 -3.99 -21.14 4.06
C MET A 4 -5.48 -21.45 3.90
N SER A 5 -6.29 -20.43 3.61
CA SER A 5 -7.76 -20.49 3.61
C SER A 5 -8.37 -19.48 2.61
N LEU A 6 -7.73 -19.30 1.46
CA LEU A 6 -8.05 -18.31 0.44
C LEU A 6 -8.53 -18.97 -0.87
N ARG A 7 -8.36 -18.28 -2.00
CA ARG A 7 -8.81 -18.66 -3.35
C ARG A 7 -7.63 -18.79 -4.32
N LYS A 8 -7.88 -19.34 -5.52
CA LYS A 8 -6.89 -19.44 -6.60
C LYS A 8 -6.56 -18.04 -7.09
N LEU A 9 -5.32 -17.59 -6.87
CA LEU A 9 -4.95 -16.20 -7.07
C LEU A 9 -4.84 -15.86 -8.56
N THR A 10 -5.83 -15.11 -9.06
CA THR A 10 -5.86 -14.50 -10.38
C THR A 10 -6.17 -13.01 -10.26
N GLU A 11 -6.41 -12.34 -11.40
CA GLU A 11 -6.63 -10.90 -11.51
C GLU A 11 -7.55 -10.34 -10.42
N GLY A 12 -8.68 -11.04 -10.14
CA GLY A 12 -9.63 -10.64 -9.10
C GLY A 12 -9.02 -10.63 -7.70
N ASP A 13 -8.46 -11.75 -7.26
CA ASP A 13 -7.89 -11.92 -5.91
C ASP A 13 -6.70 -10.97 -5.72
N LEU A 14 -5.88 -10.90 -6.77
CA LEU A 14 -4.67 -10.09 -6.81
C LEU A 14 -5.01 -8.59 -6.78
N ASP A 15 -6.05 -8.14 -7.51
CA ASP A 15 -6.60 -6.78 -7.34
C ASP A 15 -7.34 -6.52 -6.03
N GLU A 16 -8.07 -7.47 -5.45
CA GLU A 16 -8.58 -7.29 -4.08
C GLU A 16 -7.44 -6.97 -3.11
N ILE A 17 -6.30 -7.67 -3.25
CA ILE A 17 -5.06 -7.35 -2.53
C ILE A 17 -4.44 -6.01 -2.98
N SER A 18 -4.34 -5.72 -4.28
CA SER A 18 -3.81 -4.44 -4.79
C SER A 18 -4.61 -3.24 -4.25
N SER A 19 -5.94 -3.38 -4.20
CA SER A 19 -6.87 -2.40 -3.65
C SER A 19 -6.73 -2.28 -2.13
N PHE A 20 -6.62 -3.41 -1.41
CA PHE A 20 -6.37 -3.39 0.04
C PHE A 20 -5.05 -2.69 0.39
N LEU A 21 -3.99 -2.95 -0.38
CA LEU A 21 -2.70 -2.28 -0.24
C LEU A 21 -2.79 -0.78 -0.58
N HIS A 22 -3.44 -0.41 -1.70
CA HIS A 22 -3.66 0.99 -2.07
C HIS A 22 -4.44 1.75 -0.99
N ASN A 23 -5.56 1.19 -0.51
CA ASN A 23 -6.31 1.80 0.60
C ASN A 23 -5.45 1.88 1.87
N THR A 24 -4.64 0.86 2.17
CA THR A 24 -3.79 0.84 3.37
C THR A 24 -2.80 2.01 3.34
N ILE A 25 -2.13 2.25 2.20
CA ILE A 25 -1.24 3.42 2.05
C ILE A 25 -2.04 4.72 2.09
N SER A 26 -3.16 4.81 1.36
CA SER A 26 -3.97 6.04 1.29
C SER A 26 -4.50 6.45 2.66
N ASP A 27 -5.13 5.53 3.40
CA ASP A 27 -5.61 5.74 4.77
C ASP A 27 -4.45 6.04 5.74
N PHE A 28 -3.29 5.40 5.56
CA PHE A 28 -2.09 5.72 6.34
C PHE A 28 -1.59 7.15 6.05
N ILE A 29 -1.53 7.58 4.78
CA ILE A 29 -1.17 8.94 4.41
C ILE A 29 -2.19 9.92 5.03
N LEU A 30 -3.49 9.63 4.94
CA LEU A 30 -4.54 10.45 5.57
C LEU A 30 -4.46 10.47 7.11
N LYS A 31 -3.93 9.43 7.78
CA LYS A 31 -3.61 9.44 9.23
C LYS A 31 -2.21 10.01 9.54
N ARG A 32 -1.51 10.53 8.52
CA ARG A 32 -0.21 11.23 8.62
C ARG A 32 -0.30 12.72 8.26
N VAL A 33 -0.92 13.08 7.13
CA VAL A 33 -1.04 14.46 6.64
C VAL A 33 -2.31 14.61 5.79
N SER A 34 -2.97 15.78 5.84
CA SER A 34 -4.30 15.99 5.27
C SER A 34 -4.35 15.94 3.74
N ALA A 35 -5.38 15.26 3.24
CA ALA A 35 -5.78 15.25 1.83
C ALA A 35 -5.93 16.67 1.25
N LYS A 36 -6.18 17.69 2.08
CA LYS A 36 -6.26 19.11 1.67
C LYS A 36 -4.92 19.88 1.79
N GLU A 37 -3.89 19.29 2.41
CA GLU A 37 -2.49 19.80 2.41
C GLU A 37 -1.66 19.16 1.26
N ILE A 38 -2.18 18.02 0.78
CA ILE A 38 -1.79 17.22 -0.37
C ILE A 38 -2.34 17.81 -1.67
N VAL A 39 -1.46 18.01 -2.66
CA VAL A 39 -1.84 18.30 -4.04
C VAL A 39 -2.38 17.03 -4.70
N ASP A 40 -1.63 15.90 -4.61
CA ASP A 40 -2.13 14.58 -5.02
C ASP A 40 -1.29 13.42 -4.42
N ILE A 41 -1.75 12.19 -4.67
CA ILE A 41 -1.02 10.94 -4.38
C ILE A 41 -1.06 10.01 -5.59
N ASP A 42 0.05 9.32 -5.84
CA ASP A 42 0.21 8.39 -6.95
C ASP A 42 0.70 7.05 -6.39
N ILE A 43 -0.16 6.01 -6.44
CA ILE A 43 0.11 4.72 -5.82
C ILE A 43 -0.13 3.61 -6.85
N THR A 44 0.93 2.87 -7.16
CA THR A 44 0.91 1.71 -8.04
C THR A 44 1.37 0.49 -7.25
N VAL A 45 0.46 -0.49 -7.13
CA VAL A 45 0.74 -1.79 -6.52
C VAL A 45 0.81 -2.81 -7.65
N LEU A 46 1.93 -3.54 -7.71
CA LEU A 46 2.17 -4.58 -8.70
C LEU A 46 2.32 -5.92 -7.97
N VAL A 47 1.74 -6.96 -8.54
CA VAL A 47 1.84 -8.32 -8.02
C VAL A 47 2.01 -9.28 -9.20
N GLU A 48 2.94 -10.23 -9.08
CA GLU A 48 3.39 -11.09 -10.18
C GLU A 48 3.69 -12.49 -9.65
N TYR A 49 3.65 -13.49 -10.55
CA TYR A 49 3.97 -14.86 -10.21
C TYR A 49 4.78 -15.50 -11.35
N THR A 50 6.07 -15.73 -11.11
CA THR A 50 7.01 -16.37 -12.05
C THR A 50 7.78 -17.47 -11.32
N ASP A 51 7.14 -18.64 -11.16
CA ASP A 51 7.53 -19.77 -10.29
C ASP A 51 7.55 -19.40 -8.79
N GLU A 52 8.09 -18.22 -8.47
CA GLU A 52 8.00 -17.54 -7.19
C GLU A 52 7.05 -16.32 -7.27
N LEU A 53 6.57 -15.89 -6.09
CA LEU A 53 5.58 -14.83 -5.89
C LEU A 53 6.30 -13.49 -5.68
N LYS A 54 5.91 -12.44 -6.41
CA LYS A 54 6.41 -11.07 -6.20
C LYS A 54 5.26 -10.10 -5.91
N VAL A 55 5.50 -9.15 -4.99
CA VAL A 55 4.63 -8.03 -4.65
C VAL A 55 5.52 -6.80 -4.53
N ASP A 56 5.21 -5.76 -5.29
CA ASP A 56 6.01 -4.55 -5.41
C ASP A 56 5.10 -3.35 -5.26
N ILE A 57 5.43 -2.45 -4.33
CA ILE A 57 4.58 -1.32 -3.97
C ILE A 57 5.35 -0.03 -4.22
N SER A 58 4.77 0.85 -5.03
CA SER A 58 5.31 2.18 -5.34
C SER A 58 4.27 3.23 -4.98
N ALA A 59 4.65 4.16 -4.09
CA ALA A 59 3.80 5.27 -3.66
C ALA A 59 4.56 6.59 -3.73
N GLU A 60 3.85 7.62 -4.19
CA GLU A 60 4.30 9.00 -4.28
C GLU A 60 3.28 9.92 -3.62
N LEU A 61 3.79 10.90 -2.88
CA LEU A 61 3.04 11.81 -2.04
C LEU A 61 3.45 13.24 -2.41
N TYR A 62 2.51 14.00 -2.98
CA TYR A 62 2.79 15.34 -3.48
C TYR A 62 2.00 16.34 -2.65
N LEU A 63 2.73 17.00 -1.73
CA LEU A 63 2.23 18.07 -0.86
C LEU A 63 2.29 19.43 -1.56
N ASP A 64 1.39 20.34 -1.15
CA ASP A 64 1.44 21.74 -1.59
C ASP A 64 2.77 22.43 -1.24
N GLU A 65 3.20 23.37 -2.10
CA GLU A 65 4.43 24.20 -2.04
C GLU A 65 4.37 25.24 -0.88
N LEU A 66 3.87 24.79 0.27
CA LEU A 66 3.50 25.55 1.46
C LEU A 66 3.41 24.63 2.70
N SER A 67 3.01 23.37 2.51
CA SER A 67 2.98 22.31 3.53
C SER A 67 4.40 21.95 4.01
N ASP A 68 4.49 21.28 5.17
CA ASP A 68 5.73 20.89 5.82
C ASP A 68 5.41 19.68 6.71
N ALA A 69 6.00 18.55 6.38
CA ALA A 69 5.76 17.24 6.98
C ALA A 69 7.08 16.45 7.22
N ASP A 70 7.00 15.21 7.69
CA ASP A 70 8.17 14.50 8.22
C ASP A 70 8.99 13.79 7.11
N PRO A 71 10.34 13.75 7.24
CA PRO A 71 11.29 13.24 6.24
C PRO A 71 11.32 11.69 6.16
N GLY A 72 10.12 11.11 6.01
CA GLY A 72 9.83 9.69 5.97
C GLY A 72 8.35 9.35 5.84
N ILE A 73 7.44 10.34 5.85
CA ILE A 73 5.99 10.17 5.94
C ILE A 73 5.36 9.29 4.84
N VAL A 74 6.00 9.22 3.67
CA VAL A 74 5.62 8.34 2.55
C VAL A 74 6.12 6.93 2.80
N ASP A 75 7.41 6.80 3.11
CA ASP A 75 8.09 5.54 3.43
C ASP A 75 7.38 4.78 4.57
N GLU A 76 6.84 5.54 5.55
CA GLU A 76 6.04 4.96 6.64
C GLU A 76 4.77 4.30 6.08
N ALA A 77 4.15 4.87 5.05
CA ALA A 77 2.92 4.31 4.48
C ALA A 77 3.20 3.02 3.72
N VAL A 78 4.30 2.99 2.95
CA VAL A 78 4.68 1.81 2.17
C VAL A 78 5.11 0.68 3.10
N ASP A 79 5.96 0.97 4.09
CA ASP A 79 6.36 0.04 5.16
C ASP A 79 5.13 -0.45 5.96
N ALA A 80 4.19 0.43 6.30
CA ALA A 80 2.96 0.02 6.98
C ALA A 80 2.14 -0.93 6.11
N ALA A 81 2.03 -0.66 4.80
CA ALA A 81 1.39 -1.59 3.87
C ALA A 81 2.17 -2.91 3.77
N TYR A 82 3.50 -2.91 3.67
CA TYR A 82 4.26 -4.16 3.59
C TYR A 82 4.16 -4.99 4.88
N ARG A 83 4.27 -4.36 6.05
CA ARG A 83 4.14 -5.06 7.34
C ARG A 83 2.71 -5.47 7.66
N SER A 84 1.71 -4.65 7.28
CA SER A 84 0.31 -5.06 7.38
C SER A 84 -0.03 -6.20 6.42
N LEU A 85 0.61 -6.27 5.24
CA LEU A 85 0.48 -7.40 4.33
C LEU A 85 1.13 -8.65 4.93
N GLU A 86 2.34 -8.54 5.49
CA GLU A 86 3.02 -9.68 6.12
C GLU A 86 2.20 -10.27 7.27
N SER A 87 1.57 -9.45 8.12
CA SER A 87 0.68 -9.97 9.17
C SER A 87 -0.71 -10.39 8.64
N PHE A 88 -1.27 -9.71 7.62
CA PHE A 88 -2.47 -10.23 6.97
C PHE A 88 -2.23 -11.62 6.37
N LEU A 89 -1.04 -11.86 5.79
CA LEU A 89 -0.62 -13.18 5.36
C LEU A 89 -0.28 -14.14 6.51
N ASP A 90 0.05 -13.67 7.73
CA ASP A 90 0.13 -14.58 8.88
C ASP A 90 -1.22 -15.30 9.13
N GLY A 91 -2.34 -14.68 8.73
CA GLY A 91 -3.67 -15.31 8.71
C GLY A 91 -3.84 -16.41 7.66
N PHE A 92 -2.84 -16.66 6.79
CA PHE A 92 -2.89 -17.67 5.73
C PHE A 92 -1.64 -18.55 5.61
N ARG A 93 -0.45 -18.03 5.93
CA ARG A 93 0.86 -18.71 5.76
C ARG A 93 1.59 -18.95 7.09
N GLU A 94 1.20 -18.25 8.16
CA GLU A 94 1.88 -18.22 9.47
C GLU A 94 3.39 -17.91 9.33
N MET A 4 -8.64 -14.27 6.95
CA MET A 4 -9.22 -15.61 7.21
C MET A 4 -9.83 -16.17 5.93
N SER A 5 -10.12 -17.48 5.88
CA SER A 5 -10.88 -18.15 4.81
C SER A 5 -10.44 -17.80 3.38
N LEU A 6 -9.13 -17.62 3.19
CA LEU A 6 -8.50 -17.18 1.95
C LEU A 6 -8.75 -18.13 0.77
N ARG A 7 -8.48 -17.64 -0.45
CA ARG A 7 -8.87 -18.29 -1.72
C ARG A 7 -7.65 -18.67 -2.58
N LYS A 8 -7.92 -19.42 -3.65
CA LYS A 8 -6.96 -19.72 -4.72
C LYS A 8 -6.68 -18.39 -5.43
N LEU A 9 -5.43 -17.91 -5.35
CA LEU A 9 -5.10 -16.55 -5.77
C LEU A 9 -5.08 -16.44 -7.29
N THR A 10 -6.02 -15.65 -7.83
CA THR A 10 -6.13 -15.32 -9.25
C THR A 10 -6.39 -13.82 -9.43
N GLU A 11 -6.75 -13.39 -10.64
CA GLU A 11 -6.94 -11.97 -11.02
C GLU A 11 -7.79 -11.20 -10.00
N GLY A 12 -8.89 -11.79 -9.52
CA GLY A 12 -9.77 -11.18 -8.53
C GLY A 12 -9.08 -10.92 -7.18
N ASP A 13 -8.38 -11.92 -6.63
CA ASP A 13 -7.64 -11.79 -5.37
C ASP A 13 -6.46 -10.82 -5.53
N LEU A 14 -5.73 -10.91 -6.65
CA LEU A 14 -4.65 -9.99 -6.99
C LEU A 14 -5.11 -8.54 -7.15
N ASP A 15 -6.27 -8.28 -7.76
CA ASP A 15 -6.88 -6.94 -7.80
C ASP A 15 -7.34 -6.50 -6.39
N GLU A 16 -8.01 -7.36 -5.63
CA GLU A 16 -8.49 -7.04 -4.28
C GLU A 16 -7.33 -6.71 -3.33
N ILE A 17 -6.25 -7.51 -3.36
CA ILE A 17 -5.06 -7.29 -2.56
C ILE A 17 -4.33 -6.03 -3.03
N SER A 18 -4.22 -5.80 -4.34
CA SER A 18 -3.60 -4.58 -4.87
C SER A 18 -4.37 -3.32 -4.43
N SER A 19 -5.70 -3.39 -4.45
CA SER A 19 -6.55 -2.32 -3.91
C SER A 19 -6.44 -2.19 -2.39
N PHE A 20 -6.40 -3.30 -1.65
CA PHE A 20 -6.22 -3.30 -0.19
C PHE A 20 -4.89 -2.63 0.22
N LEU A 21 -3.82 -2.89 -0.53
CA LEU A 21 -2.52 -2.25 -0.33
C LEU A 21 -2.57 -0.75 -0.67
N HIS A 22 -3.11 -0.38 -1.84
CA HIS A 22 -3.30 1.03 -2.20
C HIS A 22 -4.14 1.77 -1.15
N ASN A 23 -5.29 1.20 -0.76
CA ASN A 23 -6.16 1.76 0.28
C ASN A 23 -5.45 1.84 1.63
N THR A 24 -4.62 0.84 2.00
CA THR A 24 -3.84 0.87 3.25
C THR A 24 -2.89 2.08 3.29
N ILE A 25 -2.15 2.34 2.20
CA ILE A 25 -1.28 3.52 2.11
C ILE A 25 -2.12 4.81 2.08
N SER A 26 -3.22 4.82 1.32
CA SER A 26 -4.14 5.96 1.23
C SER A 26 -4.71 6.35 2.61
N ASP A 27 -5.25 5.40 3.37
CA ASP A 27 -5.61 5.61 4.77
C ASP A 27 -4.47 6.03 5.68
N PHE A 28 -3.26 5.49 5.50
CA PHE A 28 -2.14 5.90 6.35
C PHE A 28 -1.74 7.35 6.07
N ILE A 29 -1.65 7.75 4.79
CA ILE A 29 -1.42 9.11 4.37
C ILE A 29 -2.54 10.03 4.88
N LEU A 30 -3.82 9.69 4.67
CA LEU A 30 -4.96 10.47 5.18
C LEU A 30 -5.03 10.58 6.71
N LYS A 31 -4.37 9.67 7.45
CA LYS A 31 -4.22 9.72 8.91
C LYS A 31 -2.83 10.22 9.34
N ARG A 32 -2.02 10.74 8.40
CA ARG A 32 -0.75 11.42 8.64
C ARG A 32 -0.71 12.87 8.16
N VAL A 33 -1.33 13.21 7.02
CA VAL A 33 -1.40 14.56 6.45
C VAL A 33 -2.74 14.75 5.70
N SER A 34 -3.30 15.97 5.70
CA SER A 34 -4.59 16.27 5.08
C SER A 34 -4.55 16.30 3.55
N ALA A 35 -5.57 15.71 2.94
CA ALA A 35 -5.88 15.83 1.51
C ALA A 35 -5.95 17.30 1.03
N LYS A 36 -6.21 18.27 1.93
CA LYS A 36 -6.17 19.71 1.62
C LYS A 36 -4.79 20.37 1.78
N GLU A 37 -3.77 19.62 2.21
CA GLU A 37 -2.35 20.03 2.28
C GLU A 37 -1.52 19.29 1.20
N ILE A 38 -1.99 18.09 0.83
CA ILE A 38 -1.55 17.26 -0.28
C ILE A 38 -2.11 17.82 -1.60
N VAL A 39 -1.23 18.03 -2.59
CA VAL A 39 -1.62 18.32 -3.98
C VAL A 39 -2.17 17.03 -4.62
N ASP A 40 -1.41 15.92 -4.56
CA ASP A 40 -1.86 14.59 -5.00
C ASP A 40 -0.96 13.47 -4.47
N ILE A 41 -1.30 12.21 -4.76
CA ILE A 41 -0.53 11.00 -4.44
C ILE A 41 -0.49 10.05 -5.64
N ASP A 42 0.72 9.61 -6.01
CA ASP A 42 0.90 8.51 -6.98
C ASP A 42 1.17 7.24 -6.18
N ILE A 43 0.31 6.23 -6.32
CA ILE A 43 0.53 4.89 -5.76
C ILE A 43 0.28 3.85 -6.84
N THR A 44 1.30 3.02 -7.06
CA THR A 44 1.29 1.89 -7.97
C THR A 44 1.57 0.63 -7.15
N VAL A 45 0.63 -0.31 -7.18
CA VAL A 45 0.78 -1.65 -6.62
C VAL A 45 0.71 -2.64 -7.77
N LEU A 46 1.80 -3.40 -7.95
CA LEU A 46 1.93 -4.42 -8.99
C LEU A 46 2.12 -5.78 -8.32
N VAL A 47 1.48 -6.82 -8.85
CA VAL A 47 1.60 -8.20 -8.34
C VAL A 47 1.84 -9.16 -9.52
N GLU A 48 2.72 -10.12 -9.30
CA GLU A 48 3.28 -10.99 -10.33
C GLU A 48 3.52 -12.41 -9.78
N TYR A 49 3.58 -13.41 -10.65
CA TYR A 49 3.91 -14.78 -10.29
C TYR A 49 4.78 -15.41 -11.39
N THR A 50 6.09 -15.47 -11.14
CA THR A 50 7.10 -15.99 -12.06
C THR A 50 7.99 -16.97 -11.31
N ASP A 51 7.50 -18.21 -11.17
CA ASP A 51 7.97 -19.30 -10.29
C ASP A 51 7.77 -18.98 -8.80
N GLU A 52 8.12 -17.75 -8.39
CA GLU A 52 7.81 -17.15 -7.09
C GLU A 52 6.72 -16.07 -7.25
N LEU A 53 6.03 -15.78 -6.14
CA LEU A 53 5.05 -14.70 -6.02
C LEU A 53 5.80 -13.42 -5.68
N LYS A 54 5.55 -12.33 -6.43
CA LYS A 54 6.20 -11.04 -6.24
C LYS A 54 5.17 -9.91 -6.20
N VAL A 55 5.47 -8.87 -5.41
CA VAL A 55 4.66 -7.65 -5.29
C VAL A 55 5.60 -6.45 -5.29
N ASP A 56 5.24 -5.43 -6.06
CA ASP A 56 5.84 -4.10 -5.99
C ASP A 56 4.82 -3.16 -5.35
N ILE A 57 5.32 -2.27 -4.50
CA ILE A 57 4.56 -1.17 -3.95
C ILE A 57 5.43 0.06 -4.14
N SER A 58 5.02 0.95 -5.04
CA SER A 58 5.72 2.18 -5.35
C SER A 58 4.77 3.34 -5.06
N ALA A 59 5.16 4.25 -4.17
CA ALA A 59 4.33 5.39 -3.75
C ALA A 59 5.11 6.71 -3.79
N GLU A 60 4.41 7.81 -4.05
CA GLU A 60 4.91 9.19 -4.00
C GLU A 60 3.83 10.14 -3.44
N LEU A 61 4.28 11.17 -2.72
CA LEU A 61 3.46 12.07 -1.92
C LEU A 61 3.76 13.53 -2.31
N TYR A 62 2.85 14.16 -3.07
CA TYR A 62 3.04 15.53 -3.52
C TYR A 62 2.30 16.47 -2.58
N LEU A 63 3.06 17.14 -1.71
CA LEU A 63 2.56 18.18 -0.81
C LEU A 63 2.55 19.55 -1.49
N ASP A 64 1.64 20.42 -1.06
CA ASP A 64 1.65 21.83 -1.47
C ASP A 64 2.96 22.54 -1.10
N GLU A 65 3.38 23.50 -1.93
CA GLU A 65 4.60 24.31 -1.79
C GLU A 65 4.59 25.29 -0.57
N LEU A 66 3.71 25.01 0.39
CA LEU A 66 3.44 25.76 1.61
C LEU A 66 3.28 24.83 2.83
N SER A 67 3.54 23.52 2.67
CA SER A 67 3.32 22.49 3.71
C SER A 67 4.59 21.65 3.94
N ASP A 68 4.89 21.33 5.20
CA ASP A 68 6.13 20.71 5.65
C ASP A 68 5.83 19.64 6.70
N ALA A 69 5.73 18.41 6.20
CA ALA A 69 5.61 17.17 6.97
C ALA A 69 7.00 16.54 7.27
N ASP A 70 7.02 15.34 7.86
CA ASP A 70 8.25 14.73 8.37
C ASP A 70 9.01 13.97 7.27
N PRO A 71 10.37 13.94 7.30
CA PRO A 71 11.26 13.45 6.24
C PRO A 71 11.30 11.92 6.08
N GLY A 72 10.11 11.29 6.13
CA GLY A 72 9.87 9.87 5.95
C GLY A 72 8.39 9.46 6.11
N ILE A 73 7.45 10.42 6.17
CA ILE A 73 6.05 10.17 6.53
C ILE A 73 5.29 9.24 5.56
N VAL A 74 5.76 9.13 4.30
CA VAL A 74 5.28 8.15 3.33
C VAL A 74 5.98 6.81 3.43
N ASP A 75 7.26 6.75 3.84
CA ASP A 75 7.97 5.50 4.11
C ASP A 75 7.25 4.69 5.21
N GLU A 76 6.68 5.40 6.20
CA GLU A 76 5.81 4.81 7.22
C GLU A 76 4.53 4.24 6.59
N ALA A 77 3.97 4.88 5.56
CA ALA A 77 2.79 4.37 4.87
C ALA A 77 3.11 3.09 4.09
N VAL A 78 4.25 3.06 3.38
CA VAL A 78 4.65 1.87 2.62
C VAL A 78 5.03 0.72 3.57
N ASP A 79 5.76 0.98 4.67
CA ASP A 79 6.00 0.00 5.73
C ASP A 79 4.70 -0.52 6.33
N ALA A 80 3.71 0.36 6.59
CA ALA A 80 2.42 -0.08 7.11
C ALA A 80 1.70 -0.99 6.11
N ALA A 81 1.75 -0.72 4.81
CA ALA A 81 1.27 -1.64 3.79
C ALA A 81 2.08 -2.94 3.71
N TYR A 82 3.41 -2.90 3.77
CA TYR A 82 4.25 -4.12 3.74
C TYR A 82 4.00 -5.01 4.97
N ARG A 83 3.91 -4.41 6.18
CA ARG A 83 3.62 -5.13 7.42
C ARG A 83 2.16 -5.60 7.51
N SER A 84 1.23 -4.85 6.89
CA SER A 84 -0.16 -5.30 6.70
C SER A 84 -0.20 -6.54 5.79
N LEU A 85 0.55 -6.54 4.68
CA LEU A 85 0.66 -7.71 3.78
C LEU A 85 1.32 -8.90 4.49
N GLU A 86 2.38 -8.66 5.26
CA GLU A 86 3.06 -9.66 6.07
C GLU A 86 2.10 -10.29 7.10
N SER A 87 1.23 -9.48 7.73
CA SER A 87 0.18 -9.98 8.63
C SER A 87 -1.05 -10.56 7.92
N PHE A 88 -1.27 -10.28 6.64
CA PHE A 88 -2.36 -10.82 5.83
C PHE A 88 -2.03 -12.25 5.35
N LEU A 89 -0.76 -12.50 5.01
CA LEU A 89 -0.25 -13.82 4.58
C LEU A 89 -0.16 -14.84 5.74
N ASP A 90 -0.65 -14.47 6.93
CA ASP A 90 -0.90 -15.33 8.10
C ASP A 90 -1.62 -16.64 7.73
N GLY A 91 -2.49 -16.61 6.69
CA GLY A 91 -3.18 -17.80 6.18
C GLY A 91 -2.62 -18.32 4.85
N PHE A 92 -1.37 -18.00 4.52
CA PHE A 92 -0.70 -18.40 3.26
C PHE A 92 0.79 -18.77 3.40
N ARG A 93 1.51 -18.27 4.42
CA ARG A 93 2.98 -18.42 4.53
C ARG A 93 3.47 -19.15 5.79
N GLU A 94 2.56 -19.45 6.71
CA GLU A 94 2.76 -20.32 7.87
C GLU A 94 1.55 -21.25 8.07
N MET A 4 -12.41 -15.93 6.90
CA MET A 4 -11.99 -15.52 5.54
C MET A 4 -11.11 -16.61 4.93
N SER A 5 -10.90 -16.59 3.61
CA SER A 5 -9.91 -17.42 2.91
C SER A 5 -9.71 -16.90 1.48
N LEU A 6 -8.45 -16.83 1.04
CA LEU A 6 -8.10 -16.55 -0.35
C LEU A 6 -8.66 -17.64 -1.30
N ARG A 7 -8.75 -17.34 -2.60
CA ARG A 7 -9.28 -18.25 -3.64
C ARG A 7 -8.15 -18.62 -4.60
N LYS A 8 -8.48 -19.01 -5.83
CA LYS A 8 -7.50 -19.19 -6.92
C LYS A 8 -6.76 -17.86 -7.10
N LEU A 9 -5.46 -17.83 -6.80
CA LEU A 9 -4.68 -16.59 -6.88
C LEU A 9 -4.43 -16.29 -8.36
N THR A 10 -5.16 -15.28 -8.83
CA THR A 10 -5.22 -14.81 -10.22
C THR A 10 -5.61 -13.34 -10.20
N GLU A 11 -5.86 -12.77 -11.38
CA GLU A 11 -6.18 -11.35 -11.59
C GLU A 11 -7.14 -10.78 -10.54
N GLY A 12 -8.24 -11.48 -10.21
CA GLY A 12 -9.21 -11.04 -9.20
C GLY A 12 -8.64 -10.92 -7.78
N ASP A 13 -8.13 -12.02 -7.22
CA ASP A 13 -7.56 -12.03 -5.86
C ASP A 13 -6.35 -11.09 -5.76
N LEU A 14 -5.48 -11.09 -6.77
CA LEU A 14 -4.28 -10.25 -6.80
C LEU A 14 -4.61 -8.76 -6.98
N ASP A 15 -5.60 -8.41 -7.82
CA ASP A 15 -6.12 -7.03 -7.91
C ASP A 15 -6.73 -6.58 -6.58
N GLU A 16 -7.57 -7.41 -5.94
CA GLU A 16 -8.15 -7.07 -4.63
C GLU A 16 -7.06 -6.91 -3.55
N ILE A 17 -6.01 -7.72 -3.54
CA ILE A 17 -4.87 -7.50 -2.64
C ILE A 17 -4.17 -6.18 -2.99
N SER A 18 -3.99 -5.83 -4.27
CA SER A 18 -3.50 -4.51 -4.67
C SER A 18 -4.41 -3.36 -4.17
N SER A 19 -5.73 -3.57 -4.19
CA SER A 19 -6.75 -2.65 -3.63
C SER A 19 -6.61 -2.54 -2.11
N PHE A 20 -6.42 -3.65 -1.39
CA PHE A 20 -6.19 -3.65 0.05
C PHE A 20 -4.91 -2.87 0.41
N LEU A 21 -3.84 -3.05 -0.36
CA LEU A 21 -2.59 -2.29 -0.20
C LEU A 21 -2.78 -0.80 -0.50
N HIS A 22 -3.41 -0.45 -1.64
CA HIS A 22 -3.68 0.93 -2.04
C HIS A 22 -4.54 1.67 -1.01
N ASN A 23 -5.61 1.03 -0.51
CA ASN A 23 -6.41 1.57 0.59
C ASN A 23 -5.59 1.68 1.88
N THR A 24 -4.76 0.68 2.23
CA THR A 24 -3.96 0.69 3.46
C THR A 24 -2.97 1.87 3.50
N ILE A 25 -2.24 2.10 2.39
CA ILE A 25 -1.34 3.27 2.28
C ILE A 25 -2.15 4.58 2.31
N SER A 26 -3.27 4.63 1.59
CA SER A 26 -4.12 5.82 1.54
C SER A 26 -4.67 6.20 2.92
N ASP A 27 -5.20 5.21 3.67
CA ASP A 27 -5.66 5.40 5.04
C ASP A 27 -4.51 5.78 5.97
N PHE A 28 -3.32 5.21 5.81
CA PHE A 28 -2.15 5.60 6.59
C PHE A 28 -1.77 7.07 6.31
N ILE A 29 -1.71 7.49 5.04
CA ILE A 29 -1.45 8.86 4.66
C ILE A 29 -2.53 9.77 5.25
N LEU A 30 -3.82 9.45 5.10
CA LEU A 30 -4.91 10.22 5.71
C LEU A 30 -4.88 10.25 7.24
N LYS A 31 -4.34 9.21 7.93
CA LYS A 31 -4.12 9.24 9.38
C LYS A 31 -2.80 9.91 9.78
N ARG A 32 -1.99 10.40 8.83
CA ARG A 32 -0.72 11.10 9.07
C ARG A 32 -0.70 12.57 8.62
N VAL A 33 -1.33 12.90 7.48
CA VAL A 33 -1.22 14.21 6.81
C VAL A 33 -2.54 14.55 6.09
N SER A 34 -2.87 15.85 5.98
CA SER A 34 -4.19 16.30 5.55
C SER A 34 -4.39 16.46 4.03
N ALA A 35 -5.53 15.98 3.53
CA ALA A 35 -6.03 16.25 2.18
C ALA A 35 -6.05 17.77 1.84
N LYS A 36 -6.12 18.66 2.84
CA LYS A 36 -6.01 20.13 2.64
C LYS A 36 -4.58 20.63 2.33
N GLU A 37 -3.53 19.85 2.57
CA GLU A 37 -2.12 20.18 2.28
C GLU A 37 -1.52 19.24 1.21
N ILE A 38 -2.05 18.02 1.09
CA ILE A 38 -1.79 17.10 -0.02
C ILE A 38 -2.49 17.63 -1.28
N VAL A 39 -1.73 17.91 -2.34
CA VAL A 39 -2.27 18.19 -3.67
C VAL A 39 -2.80 16.89 -4.29
N ASP A 40 -1.99 15.81 -4.27
CA ASP A 40 -2.44 14.49 -4.69
C ASP A 40 -1.54 13.34 -4.18
N ILE A 41 -1.96 12.10 -4.46
CA ILE A 41 -1.20 10.86 -4.26
C ILE A 41 -1.26 9.98 -5.51
N ASP A 42 -0.15 9.32 -5.80
CA ASP A 42 -0.09 8.23 -6.78
C ASP A 42 0.47 7.02 -6.03
N ILE A 43 -0.18 5.87 -6.16
CA ILE A 43 0.25 4.63 -5.49
C ILE A 43 0.26 3.54 -6.55
N THR A 44 1.41 2.91 -6.73
CA THR A 44 1.63 1.93 -7.77
C THR A 44 1.99 0.60 -7.10
N VAL A 45 1.15 -0.41 -7.30
CA VAL A 45 1.37 -1.78 -6.81
C VAL A 45 1.53 -2.69 -8.01
N LEU A 46 2.59 -3.51 -8.03
CA LEU A 46 2.80 -4.56 -9.00
C LEU A 46 2.77 -5.89 -8.27
N VAL A 47 2.05 -6.86 -8.83
CA VAL A 47 1.97 -8.22 -8.29
C VAL A 47 1.99 -9.25 -9.42
N GLU A 48 2.81 -10.29 -9.28
CA GLU A 48 2.90 -11.39 -10.24
C GLU A 48 3.37 -12.69 -9.57
N TYR A 49 3.11 -13.82 -10.24
CA TYR A 49 3.57 -15.14 -9.80
C TYR A 49 4.31 -15.83 -10.95
N THR A 50 5.63 -15.96 -10.83
CA THR A 50 6.51 -16.59 -11.82
C THR A 50 7.43 -17.57 -11.09
N ASP A 51 6.89 -18.77 -10.78
CA ASP A 51 7.40 -19.81 -9.87
C ASP A 51 7.57 -19.34 -8.40
N GLU A 52 7.98 -18.09 -8.20
CA GLU A 52 8.01 -17.31 -6.97
C GLU A 52 6.91 -16.22 -7.02
N LEU A 53 6.47 -15.76 -5.85
CA LEU A 53 5.56 -14.61 -5.71
C LEU A 53 6.37 -13.31 -5.71
N LYS A 54 5.99 -12.34 -6.54
CA LYS A 54 6.51 -10.98 -6.49
C LYS A 54 5.36 -10.02 -6.19
N VAL A 55 5.54 -9.19 -5.17
CA VAL A 55 4.66 -8.07 -4.84
C VAL A 55 5.55 -6.87 -4.49
N ASP A 56 5.34 -5.77 -5.20
CA ASP A 56 6.20 -4.60 -5.19
C ASP A 56 5.33 -3.34 -5.14
N ILE A 57 5.72 -2.38 -4.30
CA ILE A 57 4.89 -1.24 -3.93
C ILE A 57 5.70 0.05 -4.04
N SER A 58 5.09 1.08 -4.62
CA SER A 58 5.56 2.47 -4.61
C SER A 58 4.39 3.36 -4.20
N ALA A 59 4.68 4.36 -3.38
CA ALA A 59 3.73 5.42 -3.06
C ALA A 59 4.41 6.78 -3.21
N GLU A 60 3.67 7.71 -3.80
CA GLU A 60 4.10 9.03 -4.19
C GLU A 60 3.13 10.05 -3.57
N LEU A 61 3.68 11.05 -2.88
CA LEU A 61 2.92 12.00 -2.06
C LEU A 61 3.29 13.42 -2.48
N TYR A 62 2.32 14.17 -2.99
CA TYR A 62 2.55 15.48 -3.58
C TYR A 62 1.90 16.54 -2.72
N LEU A 63 2.72 17.31 -1.99
CA LEU A 63 2.33 18.44 -1.15
C LEU A 63 2.15 19.73 -1.96
N ASP A 64 1.27 20.61 -1.47
CA ASP A 64 1.18 21.99 -1.95
C ASP A 64 2.50 22.75 -1.73
N GLU A 65 2.85 23.68 -2.63
CA GLU A 65 4.09 24.47 -2.58
C GLU A 65 4.20 25.42 -1.36
N LEU A 66 3.23 25.36 -0.45
CA LEU A 66 3.15 26.07 0.83
C LEU A 66 2.92 25.10 2.01
N SER A 67 3.26 23.82 1.86
CA SER A 67 3.25 22.83 2.94
C SER A 67 4.33 21.74 2.77
N ASP A 68 4.68 21.05 3.86
CA ASP A 68 5.82 20.14 3.94
C ASP A 68 5.62 19.15 5.10
N ALA A 69 5.24 17.93 4.75
CA ALA A 69 5.06 16.79 5.67
C ALA A 69 6.40 16.24 6.24
N ASP A 70 6.34 15.14 6.99
CA ASP A 70 7.51 14.65 7.75
C ASP A 70 8.44 13.76 6.87
N PRO A 71 9.77 13.85 7.06
CA PRO A 71 10.80 13.22 6.22
C PRO A 71 10.89 11.69 6.41
N GLY A 72 9.78 11.00 6.14
CA GLY A 72 9.60 9.56 6.28
C GLY A 72 8.13 9.10 6.19
N ILE A 73 7.16 10.03 6.18
CA ILE A 73 5.72 9.77 6.25
C ILE A 73 5.18 8.79 5.18
N VAL A 74 5.84 8.75 4.02
CA VAL A 74 5.56 7.82 2.91
C VAL A 74 6.16 6.44 3.20
N ASP A 75 7.44 6.38 3.55
CA ASP A 75 8.14 5.16 3.95
C ASP A 75 7.39 4.45 5.10
N GLU A 76 6.82 5.22 6.04
CA GLU A 76 5.93 4.68 7.07
C GLU A 76 4.64 4.09 6.47
N ALA A 77 4.06 4.71 5.44
CA ALA A 77 2.85 4.17 4.80
C ALA A 77 3.13 2.87 4.06
N VAL A 78 4.27 2.80 3.35
CA VAL A 78 4.67 1.60 2.61
C VAL A 78 5.10 0.48 3.58
N ASP A 79 5.84 0.78 4.66
CA ASP A 79 6.12 -0.15 5.77
C ASP A 79 4.83 -0.64 6.43
N ALA A 80 3.86 0.26 6.67
CA ALA A 80 2.56 -0.12 7.21
C ALA A 80 1.81 -1.05 6.26
N ALA A 81 1.88 -0.82 4.94
CA ALA A 81 1.36 -1.76 3.94
C ALA A 81 2.12 -3.10 3.95
N TYR A 82 3.47 -3.09 4.01
CA TYR A 82 4.24 -4.34 4.02
C TYR A 82 4.00 -5.18 5.27
N ARG A 83 3.96 -4.56 6.47
CA ARG A 83 3.64 -5.25 7.72
C ARG A 83 2.17 -5.63 7.85
N SER A 84 1.25 -4.86 7.24
CA SER A 84 -0.15 -5.28 7.12
C SER A 84 -0.29 -6.49 6.20
N LEU A 85 0.42 -6.50 5.06
CA LEU A 85 0.45 -7.64 4.14
C LEU A 85 1.06 -8.88 4.79
N GLU A 86 2.18 -8.74 5.51
CA GLU A 86 2.80 -9.83 6.26
C GLU A 86 1.84 -10.38 7.34
N SER A 87 1.13 -9.48 8.04
CA SER A 87 0.14 -9.85 9.06
C SER A 87 -1.10 -10.53 8.46
N PHE A 88 -1.50 -10.09 7.27
CA PHE A 88 -2.59 -10.68 6.48
C PHE A 88 -2.19 -12.05 5.92
N LEU A 89 -0.96 -12.20 5.41
CA LEU A 89 -0.48 -13.46 4.84
C LEU A 89 -0.21 -14.51 5.91
N ASP A 90 0.20 -14.10 7.12
CA ASP A 90 0.25 -14.96 8.31
C ASP A 90 -1.14 -15.56 8.64
N GLY A 91 -2.23 -14.97 8.13
CA GLY A 91 -3.58 -15.51 8.28
C GLY A 91 -4.02 -16.44 7.14
N PHE A 92 -3.20 -16.62 6.10
CA PHE A 92 -3.56 -17.37 4.88
C PHE A 92 -2.47 -18.30 4.32
N ARG A 93 -1.23 -18.25 4.84
CA ARG A 93 -0.13 -19.14 4.43
C ARG A 93 0.71 -19.69 5.58
N GLU A 94 0.96 -18.88 6.62
CA GLU A 94 1.96 -19.16 7.67
C GLU A 94 3.35 -19.52 7.07
N MET A 4 -7.40 -16.87 8.91
CA MET A 4 -7.87 -16.27 7.64
C MET A 4 -8.87 -17.20 6.94
N SER A 5 -9.43 -16.76 5.81
CA SER A 5 -10.37 -17.53 4.98
C SER A 5 -10.15 -17.28 3.47
N LEU A 6 -8.88 -17.09 3.07
CA LEU A 6 -8.45 -16.73 1.71
C LEU A 6 -8.69 -17.88 0.70
N ARG A 7 -8.51 -17.57 -0.59
CA ARG A 7 -8.93 -18.42 -1.72
C ARG A 7 -7.78 -18.75 -2.70
N LYS A 8 -8.08 -19.55 -3.73
CA LYS A 8 -7.20 -19.79 -4.89
C LYS A 8 -6.93 -18.44 -5.59
N LEU A 9 -5.67 -18.01 -5.61
CA LEU A 9 -5.31 -16.66 -6.02
C LEU A 9 -5.40 -16.51 -7.56
N THR A 10 -6.25 -15.57 -7.99
CA THR A 10 -6.34 -15.11 -9.38
C THR A 10 -6.55 -13.59 -9.41
N GLU A 11 -6.84 -13.02 -10.60
CA GLU A 11 -6.99 -11.59 -10.84
C GLU A 11 -7.85 -10.86 -9.80
N GLY A 12 -8.94 -11.49 -9.34
CA GLY A 12 -9.80 -10.95 -8.28
C GLY A 12 -9.10 -10.84 -6.92
N ASP A 13 -8.37 -11.87 -6.48
CA ASP A 13 -7.60 -11.85 -5.24
C ASP A 13 -6.41 -10.89 -5.33
N LEU A 14 -5.74 -10.86 -6.49
CA LEU A 14 -4.65 -9.93 -6.77
C LEU A 14 -5.14 -8.47 -6.81
N ASP A 15 -6.33 -8.17 -7.37
CA ASP A 15 -6.92 -6.84 -7.20
C ASP A 15 -7.31 -6.62 -5.74
N GLU A 16 -7.97 -7.57 -5.06
CA GLU A 16 -8.37 -7.39 -3.65
C GLU A 16 -7.17 -7.02 -2.79
N ILE A 17 -6.03 -7.71 -2.97
CA ILE A 17 -4.77 -7.41 -2.28
C ILE A 17 -4.18 -6.08 -2.76
N SER A 18 -4.07 -5.82 -4.08
CA SER A 18 -3.51 -4.57 -4.61
C SER A 18 -4.30 -3.33 -4.16
N SER A 19 -5.64 -3.42 -4.25
CA SER A 19 -6.60 -2.42 -3.81
C SER A 19 -6.58 -2.26 -2.28
N PHE A 20 -6.48 -3.36 -1.50
CA PHE A 20 -6.28 -3.30 -0.05
C PHE A 20 -4.97 -2.60 0.33
N LEU A 21 -3.87 -2.87 -0.38
CA LEU A 21 -2.59 -2.19 -0.18
C LEU A 21 -2.67 -0.71 -0.54
N HIS A 22 -3.30 -0.37 -1.67
CA HIS A 22 -3.54 1.01 -2.08
C HIS A 22 -4.36 1.77 -1.01
N ASN A 23 -5.47 1.19 -0.54
CA ASN A 23 -6.22 1.75 0.59
C ASN A 23 -5.36 1.84 1.85
N THR A 24 -4.55 0.83 2.17
CA THR A 24 -3.75 0.80 3.40
C THR A 24 -2.76 1.97 3.44
N ILE A 25 -2.08 2.27 2.32
CA ILE A 25 -1.23 3.46 2.21
C ILE A 25 -2.06 4.73 2.17
N SER A 26 -3.11 4.80 1.34
CA SER A 26 -3.93 6.01 1.16
C SER A 26 -4.59 6.46 2.47
N ASP A 27 -5.22 5.54 3.20
CA ASP A 27 -5.78 5.80 4.53
C ASP A 27 -4.70 6.14 5.55
N PHE A 28 -3.52 5.48 5.54
CA PHE A 28 -2.41 5.88 6.41
C PHE A 28 -2.00 7.33 6.13
N ILE A 29 -1.86 7.72 4.86
CA ILE A 29 -1.53 9.08 4.45
C ILE A 29 -2.63 10.03 4.92
N LEU A 30 -3.90 9.78 4.59
CA LEU A 30 -5.03 10.63 5.01
C LEU A 30 -5.16 10.77 6.54
N LYS A 31 -4.80 9.73 7.30
CA LYS A 31 -4.80 9.74 8.76
C LYS A 31 -3.49 10.31 9.37
N ARG A 32 -2.51 10.68 8.54
CA ARG A 32 -1.22 11.26 8.96
C ARG A 32 -1.00 12.69 8.44
N VAL A 33 -1.50 13.03 7.25
CA VAL A 33 -1.58 14.38 6.68
C VAL A 33 -2.92 14.54 5.95
N SER A 34 -3.65 15.61 6.25
CA SER A 34 -4.93 15.92 5.60
C SER A 34 -4.74 16.34 4.13
N ALA A 35 -5.60 15.82 3.25
CA ALA A 35 -5.62 16.09 1.81
C ALA A 35 -5.63 17.58 1.44
N LYS A 36 -6.11 18.50 2.32
CA LYS A 36 -5.96 19.95 2.08
C LYS A 36 -4.51 20.43 1.91
N GLU A 37 -3.56 19.67 2.46
CA GLU A 37 -2.11 19.88 2.31
C GLU A 37 -1.54 19.21 1.06
N ILE A 38 -2.30 18.31 0.41
CA ILE A 38 -1.82 17.41 -0.63
C ILE A 38 -2.31 17.90 -2.00
N VAL A 39 -1.39 18.05 -2.94
CA VAL A 39 -1.71 18.27 -4.36
C VAL A 39 -2.26 16.99 -4.96
N ASP A 40 -1.54 15.87 -4.79
CA ASP A 40 -2.03 14.53 -5.14
C ASP A 40 -1.17 13.41 -4.50
N ILE A 41 -1.58 12.16 -4.73
CA ILE A 41 -0.81 10.94 -4.43
C ILE A 41 -0.81 10.00 -5.64
N ASP A 42 0.34 9.43 -5.96
CA ASP A 42 0.43 8.31 -6.90
C ASP A 42 0.79 7.09 -6.04
N ILE A 43 0.03 6.00 -6.19
CA ILE A 43 0.34 4.73 -5.54
C ILE A 43 0.26 3.65 -6.61
N THR A 44 1.36 2.91 -6.78
CA THR A 44 1.45 1.80 -7.72
C THR A 44 1.76 0.53 -6.94
N VAL A 45 0.84 -0.43 -7.00
CA VAL A 45 1.00 -1.79 -6.45
C VAL A 45 0.97 -2.80 -7.60
N LEU A 46 2.06 -3.56 -7.75
CA LEU A 46 2.21 -4.64 -8.74
C LEU A 46 2.42 -5.96 -7.99
N VAL A 47 1.80 -7.04 -8.48
CA VAL A 47 1.92 -8.38 -7.90
C VAL A 47 2.03 -9.39 -9.04
N GLU A 48 3.02 -10.29 -8.96
CA GLU A 48 3.28 -11.30 -9.99
C GLU A 48 3.95 -12.56 -9.40
N TYR A 49 3.84 -13.67 -10.14
CA TYR A 49 4.26 -14.98 -9.67
C TYR A 49 5.04 -15.67 -10.79
N THR A 50 6.34 -15.91 -10.58
CA THR A 50 7.24 -16.57 -11.56
C THR A 50 8.01 -17.66 -10.81
N ASP A 51 7.39 -18.82 -10.59
CA ASP A 51 7.84 -19.88 -9.65
C ASP A 51 7.95 -19.40 -8.17
N GLU A 52 8.37 -18.15 -7.98
CA GLU A 52 8.37 -17.33 -6.76
C GLU A 52 7.13 -16.41 -6.78
N LEU A 53 6.70 -15.90 -5.62
CA LEU A 53 5.71 -14.82 -5.52
C LEU A 53 6.43 -13.52 -5.17
N LYS A 54 6.19 -12.44 -5.92
CA LYS A 54 6.62 -11.10 -5.52
C LYS A 54 5.55 -10.03 -5.72
N VAL A 55 5.63 -9.02 -4.86
CA VAL A 55 4.75 -7.87 -4.79
C VAL A 55 5.62 -6.63 -4.60
N ASP A 56 5.33 -5.58 -5.36
CA ASP A 56 6.14 -4.39 -5.50
C ASP A 56 5.24 -3.17 -5.34
N ILE A 57 5.67 -2.23 -4.50
CA ILE A 57 4.87 -1.10 -4.04
C ILE A 57 5.69 0.18 -4.18
N SER A 58 5.10 1.21 -4.80
CA SER A 58 5.61 2.58 -4.79
C SER A 58 4.47 3.48 -4.36
N ALA A 59 4.78 4.42 -3.46
CA ALA A 59 3.86 5.49 -3.12
C ALA A 59 4.60 6.83 -3.16
N GLU A 60 3.92 7.83 -3.72
CA GLU A 60 4.43 9.16 -3.94
C GLU A 60 3.41 10.15 -3.36
N LEU A 61 3.92 11.15 -2.64
CA LEU A 61 3.12 12.10 -1.88
C LEU A 61 3.51 13.51 -2.29
N TYR A 62 2.67 14.15 -3.09
CA TYR A 62 2.94 15.46 -3.64
C TYR A 62 2.19 16.49 -2.79
N LEU A 63 2.94 17.17 -1.92
CA LEU A 63 2.43 18.20 -1.00
C LEU A 63 2.38 19.57 -1.68
N ASP A 64 1.44 20.41 -1.21
CA ASP A 64 1.39 21.82 -1.60
C ASP A 64 2.66 22.58 -1.16
N GLU A 65 3.05 23.58 -1.97
CA GLU A 65 4.24 24.43 -1.78
C GLU A 65 4.10 25.41 -0.58
N LEU A 66 3.15 25.13 0.31
CA LEU A 66 2.80 25.89 1.51
C LEU A 66 2.66 24.99 2.75
N SER A 67 2.99 23.69 2.63
CA SER A 67 2.94 22.70 3.73
C SER A 67 4.34 22.22 4.14
N ASP A 68 4.40 21.41 5.21
CA ASP A 68 5.61 20.91 5.85
C ASP A 68 5.26 19.65 6.66
N ALA A 69 5.83 18.53 6.25
CA ALA A 69 5.63 17.19 6.82
C ALA A 69 6.97 16.45 7.10
N ASP A 70 6.92 15.18 7.51
CA ASP A 70 8.11 14.48 8.01
C ASP A 70 8.93 13.88 6.85
N PRO A 71 10.29 13.89 6.93
CA PRO A 71 11.21 13.42 5.88
C PRO A 71 11.27 11.88 5.74
N GLY A 72 10.10 11.25 5.82
CA GLY A 72 9.86 9.81 5.65
C GLY A 72 8.38 9.41 5.85
N ILE A 73 7.45 10.37 5.77
CA ILE A 73 6.05 10.19 6.18
C ILE A 73 5.28 9.17 5.34
N VAL A 74 5.64 9.01 4.06
CA VAL A 74 5.09 8.02 3.14
C VAL A 74 5.81 6.68 3.24
N ASP A 75 7.11 6.65 3.51
CA ASP A 75 7.89 5.44 3.73
C ASP A 75 7.28 4.60 4.86
N GLU A 76 6.82 5.25 5.94
CA GLU A 76 6.04 4.60 7.00
C GLU A 76 4.69 4.06 6.51
N ALA A 77 4.02 4.71 5.54
CA ALA A 77 2.81 4.17 4.92
C ALA A 77 3.11 2.89 4.13
N VAL A 78 4.22 2.87 3.37
CA VAL A 78 4.63 1.70 2.60
C VAL A 78 5.04 0.54 3.53
N ASP A 79 5.83 0.81 4.57
CA ASP A 79 6.16 -0.15 5.63
C ASP A 79 4.90 -0.68 6.34
N ALA A 80 3.93 0.19 6.62
CA ALA A 80 2.63 -0.24 7.16
C ALA A 80 1.89 -1.16 6.18
N ALA A 81 1.91 -0.87 4.87
CA ALA A 81 1.37 -1.77 3.85
C ALA A 81 2.12 -3.11 3.80
N TYR A 82 3.46 -3.11 3.84
CA TYR A 82 4.25 -4.34 3.85
C TYR A 82 3.99 -5.20 5.10
N ARG A 83 3.92 -4.60 6.29
CA ARG A 83 3.63 -5.32 7.54
C ARG A 83 2.16 -5.77 7.61
N SER A 84 1.23 -4.96 7.10
CA SER A 84 -0.17 -5.38 6.99
C SER A 84 -0.37 -6.49 5.96
N LEU A 85 0.50 -6.62 4.95
CA LEU A 85 0.49 -7.78 4.06
C LEU A 85 1.09 -9.01 4.73
N GLU A 86 2.18 -8.82 5.49
CA GLU A 86 2.83 -9.89 6.25
C GLU A 86 1.85 -10.52 7.27
N SER A 87 0.96 -9.72 7.88
CA SER A 87 -0.14 -10.24 8.69
C SER A 87 -1.36 -10.73 7.87
N PHE A 88 -1.71 -10.10 6.73
CA PHE A 88 -2.79 -10.59 5.85
C PHE A 88 -2.51 -12.02 5.33
N LEU A 89 -1.23 -12.35 5.09
CA LEU A 89 -0.75 -13.69 4.71
C LEU A 89 -0.92 -14.76 5.83
N ASP A 90 -1.65 -14.46 6.92
CA ASP A 90 -2.15 -15.40 7.94
C ASP A 90 -2.93 -16.59 7.33
N GLY A 91 -3.38 -16.49 6.07
CA GLY A 91 -3.99 -17.60 5.33
C GLY A 91 -3.07 -18.29 4.31
N PHE A 92 -1.79 -17.92 4.27
CA PHE A 92 -0.85 -18.34 3.21
C PHE A 92 0.59 -18.64 3.68
N ARG A 93 1.04 -18.17 4.86
CA ARG A 93 2.46 -18.26 5.28
C ARG A 93 2.73 -18.76 6.70
N GLU A 94 1.71 -18.99 7.53
CA GLU A 94 1.85 -19.47 8.91
C GLU A 94 0.74 -20.46 9.28
N MET A 4 -5.15 -22.69 5.41
CA MET A 4 -5.20 -21.51 4.51
C MET A 4 -6.63 -20.97 4.42
N SER A 5 -6.83 -19.71 4.04
CA SER A 5 -8.18 -19.13 3.88
C SER A 5 -8.35 -18.10 2.73
N LEU A 6 -7.36 -17.96 1.84
CA LEU A 6 -7.46 -17.21 0.59
C LEU A 6 -8.20 -18.02 -0.50
N ARG A 7 -8.29 -17.49 -1.74
CA ARG A 7 -8.84 -18.19 -2.90
C ARG A 7 -7.76 -18.38 -3.97
N LYS A 8 -8.15 -18.80 -5.17
CA LYS A 8 -7.23 -18.98 -6.31
C LYS A 8 -6.60 -17.63 -6.67
N LEU A 9 -5.28 -17.52 -6.52
CA LEU A 9 -4.60 -16.25 -6.78
C LEU A 9 -4.52 -16.06 -8.30
N THR A 10 -5.36 -15.13 -8.76
CA THR A 10 -5.55 -14.70 -10.15
C THR A 10 -6.06 -13.25 -10.08
N GLU A 11 -6.40 -12.65 -11.21
CA GLU A 11 -6.77 -11.24 -11.39
C GLU A 11 -7.71 -10.69 -10.30
N GLY A 12 -8.71 -11.46 -9.85
CA GLY A 12 -9.64 -11.06 -8.79
C GLY A 12 -8.96 -10.88 -7.43
N ASP A 13 -8.31 -11.93 -6.92
CA ASP A 13 -7.58 -11.88 -5.64
C ASP A 13 -6.42 -10.86 -5.71
N LEU A 14 -5.70 -10.82 -6.84
CA LEU A 14 -4.62 -9.86 -7.07
C LEU A 14 -5.10 -8.40 -7.13
N ASP A 15 -6.20 -8.11 -7.83
CA ASP A 15 -6.78 -6.76 -7.84
C ASP A 15 -7.33 -6.38 -6.46
N GLU A 16 -7.98 -7.30 -5.71
CA GLU A 16 -8.40 -6.98 -4.35
C GLU A 16 -7.21 -6.77 -3.39
N ILE A 17 -6.11 -7.53 -3.53
CA ILE A 17 -4.89 -7.27 -2.76
C ILE A 17 -4.27 -5.91 -3.17
N SER A 18 -4.24 -5.58 -4.46
CA SER A 18 -3.81 -4.24 -4.93
C SER A 18 -4.70 -3.14 -4.33
N SER A 19 -6.03 -3.34 -4.36
CA SER A 19 -7.04 -2.47 -3.74
C SER A 19 -6.79 -2.31 -2.23
N PHE A 20 -6.47 -3.39 -1.52
CA PHE A 20 -6.26 -3.37 -0.07
C PHE A 20 -5.00 -2.60 0.31
N LEU A 21 -3.88 -2.80 -0.40
CA LEU A 21 -2.65 -2.05 -0.10
C LEU A 21 -2.67 -0.61 -0.61
N HIS A 22 -3.27 -0.33 -1.79
CA HIS A 22 -3.48 1.05 -2.22
C HIS A 22 -4.36 1.81 -1.20
N ASN A 23 -5.48 1.21 -0.75
CA ASN A 23 -6.28 1.75 0.31
C ASN A 23 -5.50 1.90 1.63
N THR A 24 -4.66 0.92 1.99
CA THR A 24 -3.86 0.95 3.23
C THR A 24 -2.90 2.15 3.26
N ILE A 25 -2.17 2.39 2.15
CA ILE A 25 -1.30 3.57 2.04
C ILE A 25 -2.12 4.87 2.03
N SER A 26 -3.24 4.91 1.30
CA SER A 26 -4.14 6.07 1.28
C SER A 26 -4.65 6.40 2.69
N ASP A 27 -5.19 5.42 3.43
CA ASP A 27 -5.55 5.59 4.83
C ASP A 27 -4.38 5.98 5.74
N PHE A 28 -3.17 5.44 5.54
CA PHE A 28 -2.03 5.84 6.37
C PHE A 28 -1.70 7.32 6.12
N ILE A 29 -1.64 7.76 4.85
CA ILE A 29 -1.32 9.14 4.51
C ILE A 29 -2.41 10.07 5.05
N LEU A 30 -3.69 9.76 4.82
CA LEU A 30 -4.84 10.53 5.32
C LEU A 30 -4.99 10.49 6.86
N LYS A 31 -4.22 9.67 7.56
CA LYS A 31 -4.13 9.65 9.04
C LYS A 31 -2.74 10.06 9.57
N ARG A 32 -1.85 10.53 8.70
CA ARG A 32 -0.56 11.13 9.08
C ARG A 32 -0.38 12.59 8.62
N VAL A 33 -1.00 12.99 7.51
CA VAL A 33 -1.07 14.36 6.97
C VAL A 33 -2.52 14.69 6.57
N SER A 34 -2.96 15.95 6.61
CA SER A 34 -4.34 16.30 6.27
C SER A 34 -4.56 16.31 4.76
N ALA A 35 -5.67 15.73 4.30
CA ALA A 35 -6.18 15.84 2.94
C ALA A 35 -6.28 17.29 2.43
N LYS A 36 -6.40 18.28 3.34
CA LYS A 36 -6.32 19.72 3.02
C LYS A 36 -4.97 20.16 2.43
N GLU A 37 -3.91 19.39 2.66
CA GLU A 37 -2.52 19.69 2.27
C GLU A 37 -2.06 18.82 1.10
N ILE A 38 -2.71 17.67 0.93
CA ILE A 38 -2.50 16.68 -0.12
C ILE A 38 -3.01 17.25 -1.44
N VAL A 39 -2.09 17.59 -2.35
CA VAL A 39 -2.44 17.94 -3.73
C VAL A 39 -2.83 16.67 -4.47
N ASP A 40 -2.00 15.62 -4.39
CA ASP A 40 -2.35 14.28 -4.85
C ASP A 40 -1.42 13.18 -4.28
N ILE A 41 -1.74 11.92 -4.58
CA ILE A 41 -0.92 10.73 -4.29
C ILE A 41 -0.94 9.79 -5.49
N ASP A 42 0.22 9.20 -5.82
CA ASP A 42 0.37 8.23 -6.90
C ASP A 42 0.99 6.95 -6.34
N ILE A 43 0.23 5.85 -6.41
CA ILE A 43 0.58 4.56 -5.81
C ILE A 43 0.39 3.47 -6.86
N THR A 44 1.44 2.68 -7.05
CA THR A 44 1.45 1.52 -7.93
C THR A 44 1.76 0.28 -7.10
N VAL A 45 0.82 -0.66 -7.07
CA VAL A 45 1.05 -2.00 -6.54
C VAL A 45 1.26 -2.90 -7.77
N LEU A 46 2.34 -3.68 -7.77
CA LEU A 46 2.61 -4.70 -8.76
C LEU A 46 2.63 -6.05 -8.07
N VAL A 47 2.05 -7.04 -8.72
CA VAL A 47 1.99 -8.42 -8.24
C VAL A 47 2.21 -9.37 -9.42
N GLU A 48 3.09 -10.36 -9.22
CA GLU A 48 3.52 -11.30 -10.25
C GLU A 48 3.83 -12.66 -9.61
N TYR A 49 3.83 -13.73 -10.41
CA TYR A 49 4.17 -15.06 -9.94
C TYR A 49 5.02 -15.74 -11.02
N THR A 50 6.33 -15.86 -10.77
CA THR A 50 7.30 -16.42 -11.70
C THR A 50 8.15 -17.45 -10.94
N ASP A 51 7.57 -18.65 -10.80
CA ASP A 51 7.98 -19.76 -9.90
C ASP A 51 7.90 -19.38 -8.40
N GLU A 52 8.32 -18.16 -8.05
CA GLU A 52 8.14 -17.49 -6.77
C GLU A 52 7.07 -16.39 -6.89
N LEU A 53 6.40 -16.07 -5.78
CA LEU A 53 5.41 -15.01 -5.67
C LEU A 53 6.12 -13.67 -5.41
N LYS A 54 5.80 -12.64 -6.20
CA LYS A 54 6.48 -11.34 -6.17
C LYS A 54 5.45 -10.21 -6.04
N VAL A 55 5.76 -9.24 -5.17
CA VAL A 55 4.99 -8.00 -4.99
C VAL A 55 5.95 -6.83 -4.89
N ASP A 56 5.54 -5.69 -5.46
CA ASP A 56 6.15 -4.38 -5.25
C ASP A 56 5.02 -3.42 -4.91
N ILE A 57 5.30 -2.47 -4.02
CA ILE A 57 4.44 -1.34 -3.77
C ILE A 57 5.34 -0.11 -3.83
N SER A 58 5.02 0.79 -4.75
CA SER A 58 5.80 1.98 -5.04
C SER A 58 4.84 3.19 -4.99
N ALA A 59 5.15 4.15 -4.12
CA ALA A 59 4.26 5.29 -3.82
C ALA A 59 5.02 6.62 -3.89
N GLU A 60 4.31 7.67 -4.31
CA GLU A 60 4.79 9.05 -4.29
C GLU A 60 3.67 10.00 -3.85
N LEU A 61 4.06 11.09 -3.16
CA LEU A 61 3.18 12.01 -2.45
C LEU A 61 3.42 13.44 -2.94
N TYR A 62 2.34 14.13 -3.31
CA TYR A 62 2.38 15.53 -3.72
C TYR A 62 1.62 16.39 -2.72
N LEU A 63 2.39 17.17 -1.94
CA LEU A 63 1.90 18.16 -0.99
C LEU A 63 1.92 19.56 -1.61
N ASP A 64 1.03 20.42 -1.14
CA ASP A 64 1.08 21.84 -1.48
C ASP A 64 2.39 22.49 -1.02
N GLU A 65 2.88 23.47 -1.78
CA GLU A 65 4.13 24.24 -1.56
C GLU A 65 4.08 25.14 -0.30
N LEU A 66 3.19 24.84 0.63
CA LEU A 66 2.86 25.57 1.84
C LEU A 66 2.71 24.64 3.07
N SER A 67 2.98 23.34 2.93
CA SER A 67 2.97 22.35 4.03
C SER A 67 4.24 21.50 4.03
N ASP A 68 4.73 21.16 5.22
CA ASP A 68 5.98 20.46 5.46
C ASP A 68 5.74 19.32 6.46
N ALA A 69 5.49 18.16 5.88
CA ALA A 69 5.37 16.87 6.56
C ALA A 69 6.74 16.23 6.86
N ASP A 70 6.76 15.01 7.42
CA ASP A 70 7.97 14.42 7.96
C ASP A 70 8.80 13.68 6.88
N PRO A 71 10.15 13.77 6.92
CA PRO A 71 11.09 13.30 5.88
C PRO A 71 11.22 11.76 5.84
N GLY A 72 10.08 11.11 5.61
CA GLY A 72 9.91 9.65 5.59
C GLY A 72 8.44 9.18 5.56
N ILE A 73 7.46 10.09 5.70
CA ILE A 73 6.04 9.77 5.87
C ILE A 73 5.43 8.88 4.77
N VAL A 74 5.94 8.98 3.54
CA VAL A 74 5.56 8.12 2.41
C VAL A 74 6.11 6.71 2.62
N ASP A 75 7.42 6.62 2.87
CA ASP A 75 8.13 5.37 3.11
C ASP A 75 7.54 4.60 4.30
N GLU A 76 7.15 5.32 5.37
CA GLU A 76 6.42 4.71 6.49
C GLU A 76 5.04 4.18 6.06
N ALA A 77 4.36 4.85 5.13
CA ALA A 77 3.08 4.36 4.60
C ALA A 77 3.27 3.07 3.79
N VAL A 78 4.31 3.01 2.95
CA VAL A 78 4.60 1.81 2.17
C VAL A 78 5.09 0.67 3.06
N ASP A 79 5.97 0.94 4.04
CA ASP A 79 6.41 -0.03 5.05
C ASP A 79 5.22 -0.57 5.86
N ALA A 80 4.26 0.29 6.23
CA ALA A 80 3.02 -0.14 6.86
C ALA A 80 2.19 -1.06 5.94
N ALA A 81 2.11 -0.75 4.63
CA ALA A 81 1.49 -1.64 3.64
C ALA A 81 2.24 -2.97 3.48
N TYR A 82 3.58 -2.97 3.47
CA TYR A 82 4.38 -4.20 3.42
C TYR A 82 4.19 -5.07 4.67
N ARG A 83 4.15 -4.48 5.87
CA ARG A 83 3.85 -5.20 7.12
C ARG A 83 2.39 -5.66 7.16
N SER A 84 1.46 -4.85 6.63
CA SER A 84 0.05 -5.20 6.54
C SER A 84 -0.12 -6.42 5.64
N LEU A 85 0.50 -6.45 4.45
CA LEU A 85 0.48 -7.62 3.56
C LEU A 85 1.17 -8.84 4.18
N GLU A 86 2.34 -8.67 4.82
CA GLU A 86 3.06 -9.78 5.47
C GLU A 86 2.21 -10.43 6.57
N SER A 87 1.51 -9.63 7.38
CA SER A 87 0.70 -10.16 8.49
C SER A 87 -0.69 -10.63 8.00
N PHE A 88 -1.22 -10.02 6.94
CA PHE A 88 -2.41 -10.51 6.23
C PHE A 88 -2.15 -11.88 5.62
N LEU A 89 -0.97 -12.12 5.03
CA LEU A 89 -0.64 -13.41 4.42
C LEU A 89 -0.30 -14.46 5.47
N ASP A 90 0.34 -14.07 6.59
CA ASP A 90 0.47 -14.92 7.76
C ASP A 90 -0.91 -15.31 8.30
N GLY A 91 -1.91 -14.43 8.14
CA GLY A 91 -3.29 -14.68 8.54
C GLY A 91 -4.07 -15.62 7.61
N PHE A 92 -3.53 -15.93 6.41
CA PHE A 92 -4.23 -16.73 5.40
C PHE A 92 -3.44 -17.92 4.85
N ARG A 93 -2.13 -18.02 5.12
CA ARG A 93 -1.28 -19.15 4.72
C ARG A 93 -0.37 -19.67 5.82
N GLU A 94 0.25 -18.75 6.58
CA GLU A 94 1.42 -19.02 7.44
C GLU A 94 2.65 -19.29 6.53
N MET A 4 -9.20 -20.87 7.26
CA MET A 4 -9.09 -19.91 6.13
C MET A 4 -9.85 -20.45 4.92
N SER A 5 -10.19 -19.60 3.95
CA SER A 5 -10.90 -20.00 2.73
C SER A 5 -10.54 -19.08 1.56
N LEU A 6 -9.27 -19.08 1.16
CA LEU A 6 -8.79 -18.44 -0.07
C LEU A 6 -9.27 -19.18 -1.33
N ARG A 7 -8.90 -18.69 -2.52
CA ARG A 7 -9.35 -19.19 -3.82
C ARG A 7 -8.17 -19.35 -4.79
N LYS A 8 -8.43 -19.87 -5.99
CA LYS A 8 -7.45 -19.91 -7.09
C LYS A 8 -7.00 -18.48 -7.41
N LEU A 9 -5.75 -18.17 -7.07
CA LEU A 9 -5.23 -16.81 -7.08
C LEU A 9 -4.99 -16.35 -8.52
N THR A 10 -5.80 -15.38 -8.96
CA THR A 10 -5.75 -14.76 -10.28
C THR A 10 -5.94 -13.25 -10.17
N GLU A 11 -6.11 -12.56 -11.30
CA GLU A 11 -6.30 -11.11 -11.42
C GLU A 11 -7.27 -10.53 -10.37
N GLY A 12 -8.39 -11.21 -10.07
CA GLY A 12 -9.33 -10.78 -9.03
C GLY A 12 -8.74 -10.79 -7.61
N ASP A 13 -8.14 -11.90 -7.17
CA ASP A 13 -7.50 -12.01 -5.85
C ASP A 13 -6.30 -11.06 -5.73
N LEU A 14 -5.52 -10.95 -6.82
CA LEU A 14 -4.40 -10.03 -6.95
C LEU A 14 -4.82 -8.56 -6.92
N ASP A 15 -5.97 -8.17 -7.51
CA ASP A 15 -6.55 -6.84 -7.31
C ASP A 15 -7.07 -6.68 -5.89
N GLU A 16 -7.79 -7.66 -5.32
CA GLU A 16 -8.29 -7.56 -3.94
C GLU A 16 -7.14 -7.28 -2.95
N ILE A 17 -5.98 -7.92 -3.14
CA ILE A 17 -4.75 -7.62 -2.38
C ILE A 17 -4.16 -6.25 -2.78
N SER A 18 -3.99 -5.97 -4.08
CA SER A 18 -3.30 -4.75 -4.54
C SER A 18 -4.07 -3.48 -4.18
N SER A 19 -5.39 -3.50 -4.40
CA SER A 19 -6.30 -2.43 -4.03
C SER A 19 -6.43 -2.30 -2.51
N PHE A 20 -6.37 -3.40 -1.74
CA PHE A 20 -6.25 -3.32 -0.26
C PHE A 20 -4.96 -2.60 0.17
N LEU A 21 -3.83 -2.89 -0.48
CA LEU A 21 -2.56 -2.22 -0.19
C LEU A 21 -2.61 -0.73 -0.59
N HIS A 22 -3.14 -0.41 -1.77
CA HIS A 22 -3.35 0.97 -2.19
C HIS A 22 -4.24 1.75 -1.20
N ASN A 23 -5.39 1.17 -0.81
CA ASN A 23 -6.26 1.79 0.19
C ASN A 23 -5.53 1.94 1.53
N THR A 24 -4.73 0.94 1.95
CA THR A 24 -4.00 0.97 3.22
C THR A 24 -3.01 2.13 3.26
N ILE A 25 -2.25 2.36 2.18
CA ILE A 25 -1.34 3.51 2.09
C ILE A 25 -2.12 4.82 2.03
N SER A 26 -3.19 4.89 1.22
CA SER A 26 -4.04 6.09 1.11
C SER A 26 -4.62 6.47 2.47
N ASP A 27 -5.19 5.50 3.20
CA ASP A 27 -5.71 5.69 4.55
C ASP A 27 -4.60 6.06 5.55
N PHE A 28 -3.40 5.46 5.43
CA PHE A 28 -2.28 5.82 6.31
C PHE A 28 -1.84 7.27 6.09
N ILE A 29 -1.70 7.69 4.82
CA ILE A 29 -1.37 9.05 4.46
C ILE A 29 -2.46 9.99 4.99
N LEU A 30 -3.74 9.74 4.69
CA LEU A 30 -4.86 10.55 5.16
C LEU A 30 -4.99 10.59 6.69
N LYS A 31 -4.63 9.52 7.42
CA LYS A 31 -4.59 9.53 8.89
C LYS A 31 -3.32 10.16 9.47
N ARG A 32 -2.38 10.63 8.63
CA ARG A 32 -1.10 11.21 9.06
C ARG A 32 -0.85 12.63 8.55
N VAL A 33 -1.37 13.01 7.38
CA VAL A 33 -1.39 14.38 6.83
C VAL A 33 -2.64 14.57 5.94
N SER A 34 -3.22 15.77 5.94
CA SER A 34 -4.52 16.05 5.32
C SER A 34 -4.50 16.09 3.80
N ALA A 35 -5.50 15.46 3.17
CA ALA A 35 -5.80 15.58 1.75
C ALA A 35 -5.90 17.05 1.27
N LYS A 36 -6.21 18.01 2.15
CA LYS A 36 -6.18 19.45 1.84
C LYS A 36 -4.78 20.10 1.89
N GLU A 37 -3.77 19.38 2.37
CA GLU A 37 -2.35 19.76 2.32
C GLU A 37 -1.62 19.06 1.14
N ILE A 38 -2.29 18.08 0.54
CA ILE A 38 -1.83 17.21 -0.54
C ILE A 38 -2.29 17.78 -1.89
N VAL A 39 -1.35 17.93 -2.82
CA VAL A 39 -1.63 18.21 -4.23
C VAL A 39 -2.17 16.93 -4.88
N ASP A 40 -1.45 15.81 -4.76
CA ASP A 40 -1.92 14.48 -5.18
C ASP A 40 -1.04 13.34 -4.59
N ILE A 41 -1.40 12.09 -4.87
CA ILE A 41 -0.62 10.90 -4.55
C ILE A 41 -0.50 9.99 -5.79
N ASP A 42 0.67 9.38 -5.96
CA ASP A 42 0.89 8.31 -6.94
C ASP A 42 1.21 7.03 -6.18
N ILE A 43 0.40 5.98 -6.34
CA ILE A 43 0.66 4.66 -5.76
C ILE A 43 0.49 3.62 -6.86
N THR A 44 1.56 2.86 -7.09
CA THR A 44 1.60 1.77 -8.05
C THR A 44 1.92 0.49 -7.29
N VAL A 45 0.98 -0.45 -7.33
CA VAL A 45 1.02 -1.74 -6.65
C VAL A 45 1.06 -2.82 -7.72
N LEU A 46 2.14 -3.61 -7.75
CA LEU A 46 2.35 -4.67 -8.72
C LEU A 46 2.43 -6.00 -7.97
N VAL A 47 1.81 -7.04 -8.53
CA VAL A 47 1.90 -8.40 -8.03
C VAL A 47 2.00 -9.37 -9.20
N GLU A 48 2.82 -10.40 -9.05
CA GLU A 48 3.25 -11.31 -10.11
C GLU A 48 3.37 -12.74 -9.55
N TYR A 49 3.21 -13.74 -10.42
CA TYR A 49 3.46 -15.13 -10.11
C TYR A 49 4.33 -15.73 -11.23
N THR A 50 5.64 -15.83 -10.97
CA THR A 50 6.63 -16.42 -11.89
C THR A 50 7.47 -17.41 -11.09
N ASP A 51 6.91 -18.62 -10.92
CA ASP A 51 7.34 -19.70 -10.00
C ASP A 51 7.21 -19.30 -8.52
N GLU A 52 7.67 -18.10 -8.19
CA GLU A 52 7.48 -17.39 -6.92
C GLU A 52 6.32 -16.38 -7.06
N LEU A 53 5.59 -16.17 -5.96
CA LEU A 53 4.62 -15.06 -5.81
C LEU A 53 5.42 -13.84 -5.33
N LYS A 54 5.41 -12.75 -6.10
CA LYS A 54 6.20 -11.54 -5.81
C LYS A 54 5.35 -10.28 -5.97
N VAL A 55 5.68 -9.26 -5.17
CA VAL A 55 4.94 -8.00 -5.05
C VAL A 55 5.91 -6.81 -5.03
N ASP A 56 5.47 -5.66 -5.57
CA ASP A 56 6.11 -4.36 -5.41
C ASP A 56 5.03 -3.36 -5.00
N ILE A 57 5.42 -2.46 -4.11
CA ILE A 57 4.61 -1.33 -3.69
C ILE A 57 5.49 -0.09 -3.80
N SER A 58 5.16 0.75 -4.78
CA SER A 58 5.90 1.97 -5.09
C SER A 58 4.94 3.15 -4.95
N ALA A 59 5.27 4.11 -4.07
CA ALA A 59 4.41 5.26 -3.76
C ALA A 59 5.16 6.60 -3.81
N GLU A 60 4.41 7.67 -4.04
CA GLU A 60 4.86 9.07 -3.97
C GLU A 60 3.72 9.96 -3.43
N LEU A 61 4.10 11.00 -2.68
CA LEU A 61 3.23 11.90 -1.95
C LEU A 61 3.55 13.35 -2.30
N TYR A 62 2.71 13.99 -3.12
CA TYR A 62 2.92 15.38 -3.52
C TYR A 62 2.16 16.28 -2.56
N LEU A 63 2.89 16.90 -1.63
CA LEU A 63 2.39 17.93 -0.73
C LEU A 63 2.47 19.32 -1.39
N ASP A 64 1.58 20.21 -0.97
CA ASP A 64 1.57 21.61 -1.44
C ASP A 64 2.90 22.34 -1.13
N GLU A 65 3.29 23.27 -2.01
CA GLU A 65 4.53 24.06 -1.86
C GLU A 65 4.55 25.00 -0.64
N LEU A 66 3.42 25.19 0.06
CA LEU A 66 3.31 25.89 1.33
C LEU A 66 3.25 24.95 2.55
N SER A 67 3.46 23.63 2.36
CA SER A 67 3.31 22.59 3.40
C SER A 67 4.64 21.94 3.79
N ASP A 68 4.73 21.48 5.04
CA ASP A 68 5.93 20.95 5.70
C ASP A 68 5.53 19.82 6.66
N ALA A 69 5.61 18.59 6.17
CA ALA A 69 5.38 17.35 6.92
C ALA A 69 6.70 16.61 7.24
N ASP A 70 6.63 15.38 7.78
CA ASP A 70 7.80 14.70 8.33
C ASP A 70 8.59 13.94 7.25
N PRO A 71 9.94 13.89 7.34
CA PRO A 71 10.87 13.36 6.32
C PRO A 71 10.88 11.81 6.23
N GLY A 72 9.69 11.22 6.22
CA GLY A 72 9.42 9.78 6.10
C GLY A 72 7.93 9.40 6.17
N ILE A 73 7.02 10.37 6.15
CA ILE A 73 5.58 10.19 6.41
C ILE A 73 4.90 9.21 5.43
N VAL A 74 5.37 9.18 4.17
CA VAL A 74 4.95 8.20 3.15
C VAL A 74 5.75 6.91 3.19
N ASP A 75 7.05 6.94 3.54
CA ASP A 75 7.86 5.73 3.71
C ASP A 75 7.25 4.82 4.80
N GLU A 76 6.76 5.44 5.89
CA GLU A 76 5.98 4.73 6.91
C GLU A 76 4.65 4.18 6.36
N ALA A 77 4.00 4.84 5.39
CA ALA A 77 2.79 4.30 4.78
C ALA A 77 3.10 3.03 3.97
N VAL A 78 4.17 3.04 3.17
CA VAL A 78 4.55 1.87 2.36
C VAL A 78 4.99 0.72 3.27
N ASP A 79 5.82 1.00 4.29
CA ASP A 79 6.23 0.06 5.33
C ASP A 79 5.02 -0.50 6.11
N ALA A 80 4.04 0.33 6.43
CA ALA A 80 2.80 -0.13 7.07
C ALA A 80 2.04 -1.09 6.16
N ALA A 81 1.94 -0.82 4.85
CA ALA A 81 1.38 -1.76 3.90
C ALA A 81 2.21 -3.06 3.78
N TYR A 82 3.55 -2.98 3.72
CA TYR A 82 4.38 -4.18 3.64
C TYR A 82 4.30 -5.04 4.90
N ARG A 83 4.36 -4.43 6.10
CA ARG A 83 4.24 -5.17 7.36
C ARG A 83 2.80 -5.64 7.62
N SER A 84 1.79 -4.90 7.13
CA SER A 84 0.41 -5.38 7.14
C SER A 84 0.29 -6.63 6.26
N LEU A 85 0.82 -6.59 5.02
CA LEU A 85 0.84 -7.75 4.12
C LEU A 85 1.56 -8.96 4.72
N GLU A 86 2.72 -8.75 5.36
CA GLU A 86 3.43 -9.82 6.07
C GLU A 86 2.58 -10.42 7.20
N SER A 87 1.86 -9.57 7.96
CA SER A 87 0.93 -10.03 9.02
C SER A 87 -0.30 -10.74 8.44
N PHE A 88 -0.74 -10.33 7.25
CA PHE A 88 -1.94 -10.85 6.60
C PHE A 88 -1.69 -12.23 5.99
N LEU A 89 -0.54 -12.43 5.35
CA LEU A 89 -0.13 -13.76 4.90
C LEU A 89 0.30 -14.66 6.06
N ASP A 90 0.91 -14.10 7.13
CA ASP A 90 1.12 -14.84 8.37
C ASP A 90 -0.21 -15.36 8.92
N GLY A 91 -1.28 -14.53 8.89
CA GLY A 91 -2.63 -14.93 9.28
C GLY A 91 -3.29 -15.98 8.38
N PHE A 92 -2.65 -16.35 7.26
CA PHE A 92 -3.15 -17.31 6.28
C PHE A 92 -2.26 -18.54 6.09
N ARG A 93 -0.96 -18.46 6.41
CA ARG A 93 0.03 -19.50 6.07
C ARG A 93 1.13 -19.72 7.12
N GLU A 94 1.38 -18.73 8.00
CA GLU A 94 2.59 -18.68 8.85
C GLU A 94 3.87 -18.71 7.98
N MET A 4 -4.44 -25.07 2.94
CA MET A 4 -4.40 -23.79 2.20
C MET A 4 -5.65 -23.00 2.55
N SER A 5 -5.53 -21.67 2.59
CA SER A 5 -6.57 -20.78 3.13
C SER A 5 -6.94 -19.63 2.18
N LEU A 6 -6.57 -19.73 0.90
CA LEU A 6 -6.85 -18.77 -0.16
C LEU A 6 -7.66 -19.40 -1.28
N ARG A 7 -8.38 -18.55 -2.02
CA ARG A 7 -9.11 -18.89 -3.25
C ARG A 7 -8.10 -19.14 -4.40
N LYS A 8 -8.60 -19.54 -5.57
CA LYS A 8 -7.81 -19.58 -6.81
C LYS A 8 -7.20 -18.19 -7.08
N LEU A 9 -5.89 -18.04 -6.91
CA LEU A 9 -5.27 -16.71 -7.02
C LEU A 9 -5.18 -16.28 -8.49
N THR A 10 -6.05 -15.34 -8.92
CA THR A 10 -6.03 -14.76 -10.27
C THR A 10 -6.30 -13.25 -10.20
N GLU A 11 -6.52 -12.62 -11.36
CA GLU A 11 -6.72 -11.18 -11.54
C GLU A 11 -7.60 -10.53 -10.46
N GLY A 12 -8.75 -11.15 -10.13
CA GLY A 12 -9.68 -10.62 -9.14
C GLY A 12 -9.11 -10.65 -7.72
N ASP A 13 -8.59 -11.80 -7.33
CA ASP A 13 -8.02 -12.09 -6.01
C ASP A 13 -6.73 -11.28 -5.77
N LEU A 14 -5.93 -11.07 -6.83
CA LEU A 14 -4.79 -10.15 -6.86
C LEU A 14 -5.20 -8.68 -6.84
N ASP A 15 -6.26 -8.28 -7.55
CA ASP A 15 -6.80 -6.91 -7.46
C ASP A 15 -7.32 -6.60 -6.05
N GLU A 16 -7.99 -7.56 -5.38
CA GLU A 16 -8.39 -7.41 -3.96
C GLU A 16 -7.18 -7.17 -3.05
N ILE A 17 -6.06 -7.91 -3.23
CA ILE A 17 -4.82 -7.68 -2.47
C ILE A 17 -4.20 -6.31 -2.84
N SER A 18 -4.11 -5.98 -4.13
CA SER A 18 -3.59 -4.68 -4.60
C SER A 18 -4.41 -3.51 -4.05
N SER A 19 -5.74 -3.65 -4.05
CA SER A 19 -6.69 -2.70 -3.46
C SER A 19 -6.53 -2.60 -1.95
N PHE A 20 -6.37 -3.72 -1.24
CA PHE A 20 -6.10 -3.72 0.21
C PHE A 20 -4.79 -2.97 0.53
N LEU A 21 -3.74 -3.19 -0.26
CA LEU A 21 -2.46 -2.49 -0.12
C LEU A 21 -2.60 -0.99 -0.42
N HIS A 22 -3.20 -0.61 -1.55
CA HIS A 22 -3.41 0.79 -1.89
C HIS A 22 -4.24 1.51 -0.82
N ASN A 23 -5.38 0.94 -0.40
CA ASN A 23 -6.20 1.55 0.65
C ASN A 23 -5.43 1.63 1.97
N THR A 24 -4.60 0.64 2.32
CA THR A 24 -3.77 0.68 3.53
C THR A 24 -2.78 1.85 3.48
N ILE A 25 -2.08 2.08 2.36
CA ILE A 25 -1.20 3.25 2.20
C ILE A 25 -2.01 4.55 2.25
N SER A 26 -3.10 4.65 1.48
CA SER A 26 -3.91 5.87 1.38
C SER A 26 -4.55 6.24 2.73
N ASP A 27 -5.04 5.27 3.51
CA ASP A 27 -5.51 5.49 4.87
C ASP A 27 -4.37 5.90 5.81
N PHE A 28 -3.17 5.30 5.68
CA PHE A 28 -2.01 5.69 6.49
C PHE A 28 -1.54 7.12 6.17
N ILE A 29 -1.58 7.53 4.90
CA ILE A 29 -1.34 8.90 4.50
C ILE A 29 -2.41 9.80 5.12
N LEU A 30 -3.71 9.50 4.96
CA LEU A 30 -4.79 10.32 5.51
C LEU A 30 -4.80 10.38 7.05
N LYS A 31 -4.39 9.31 7.75
CA LYS A 31 -4.25 9.32 9.21
C LYS A 31 -3.00 10.07 9.71
N ARG A 32 -2.09 10.47 8.81
CA ARG A 32 -0.94 11.36 9.15
C ARG A 32 -1.02 12.78 8.57
N VAL A 33 -1.56 12.98 7.36
CA VAL A 33 -1.63 14.28 6.66
C VAL A 33 -2.98 14.40 5.93
N SER A 34 -3.64 15.55 6.06
CA SER A 34 -4.91 15.83 5.40
C SER A 34 -4.73 16.03 3.89
N ALA A 35 -5.63 15.44 3.10
CA ALA A 35 -5.76 15.69 1.68
C ALA A 35 -5.85 17.19 1.32
N LYS A 36 -6.30 18.08 2.23
CA LYS A 36 -6.25 19.54 1.99
C LYS A 36 -4.83 20.11 1.88
N GLU A 37 -3.86 19.42 2.47
CA GLU A 37 -2.43 19.77 2.46
C GLU A 37 -1.70 19.19 1.23
N ILE A 38 -2.35 18.24 0.54
CA ILE A 38 -1.81 17.39 -0.52
C ILE A 38 -2.42 17.81 -1.87
N VAL A 39 -1.57 18.07 -2.88
CA VAL A 39 -2.02 18.27 -4.27
C VAL A 39 -2.56 16.95 -4.84
N ASP A 40 -1.78 15.86 -4.72
CA ASP A 40 -2.24 14.51 -5.09
C ASP A 40 -1.35 13.39 -4.52
N ILE A 41 -1.77 12.13 -4.75
CA ILE A 41 -1.00 10.91 -4.50
C ILE A 41 -1.07 9.98 -5.70
N ASP A 42 0.05 9.31 -5.98
CA ASP A 42 0.12 8.21 -6.95
C ASP A 42 0.65 6.98 -6.22
N ILE A 43 -0.07 5.86 -6.31
CA ILE A 43 0.29 4.60 -5.66
C ILE A 43 0.19 3.50 -6.70
N THR A 44 1.30 2.81 -6.93
CA THR A 44 1.42 1.69 -7.86
C THR A 44 1.83 0.46 -7.07
N VAL A 45 0.96 -0.56 -7.09
CA VAL A 45 1.21 -1.86 -6.46
C VAL A 45 1.24 -2.89 -7.58
N LEU A 46 2.32 -3.68 -7.62
CA LEU A 46 2.60 -4.67 -8.65
C LEU A 46 2.63 -6.05 -8.00
N VAL A 47 2.05 -7.05 -8.65
CA VAL A 47 2.07 -8.44 -8.20
C VAL A 47 2.29 -9.38 -9.39
N GLU A 48 3.14 -10.39 -9.20
CA GLU A 48 3.55 -11.35 -10.23
C GLU A 48 3.83 -12.72 -9.57
N TYR A 49 3.76 -13.81 -10.34
CA TYR A 49 4.12 -15.13 -9.84
C TYR A 49 4.91 -15.84 -10.94
N THR A 50 6.23 -15.93 -10.76
CA THR A 50 7.20 -16.43 -11.73
C THR A 50 8.11 -17.45 -11.02
N ASP A 51 7.58 -18.69 -10.89
CA ASP A 51 8.09 -19.79 -10.04
C ASP A 51 8.02 -19.49 -8.53
N GLU A 52 8.19 -18.22 -8.15
CA GLU A 52 8.03 -17.62 -6.83
C GLU A 52 7.02 -16.45 -6.92
N LEU A 53 6.41 -16.09 -5.80
CA LEU A 53 5.48 -14.96 -5.68
C LEU A 53 6.27 -13.67 -5.47
N LYS A 54 5.98 -12.63 -6.28
CA LYS A 54 6.61 -11.32 -6.19
C LYS A 54 5.52 -10.25 -6.04
N VAL A 55 5.78 -9.29 -5.14
CA VAL A 55 4.97 -8.09 -4.92
C VAL A 55 5.90 -6.89 -4.78
N ASP A 56 5.50 -5.74 -5.34
CA ASP A 56 6.25 -4.49 -5.23
C ASP A 56 5.30 -3.29 -5.06
N ILE A 57 5.75 -2.30 -4.30
CA ILE A 57 4.97 -1.17 -3.83
C ILE A 57 5.74 0.13 -4.08
N SER A 58 5.16 1.04 -4.87
CA SER A 58 5.65 2.41 -5.05
C SER A 58 4.53 3.38 -4.68
N ALA A 59 4.83 4.33 -3.79
CA ALA A 59 3.89 5.39 -3.41
C ALA A 59 4.57 6.76 -3.47
N GLU A 60 3.84 7.74 -3.99
CA GLU A 60 4.30 9.10 -4.23
C GLU A 60 3.32 10.09 -3.59
N LEU A 61 3.89 11.12 -2.95
CA LEU A 61 3.18 12.19 -2.26
C LEU A 61 3.51 13.49 -2.99
N TYR A 62 2.50 14.18 -3.50
CA TYR A 62 2.67 15.49 -4.09
C TYR A 62 1.93 16.49 -3.21
N LEU A 63 2.72 17.22 -2.41
CA LEU A 63 2.25 18.21 -1.44
C LEU A 63 2.03 19.57 -2.09
N ASP A 64 1.10 20.36 -1.52
CA ASP A 64 0.99 21.77 -1.90
C ASP A 64 2.29 22.52 -1.57
N GLU A 65 2.62 23.54 -2.38
CA GLU A 65 3.85 24.35 -2.24
C GLU A 65 3.89 25.23 -0.96
N LEU A 66 2.93 25.01 -0.06
CA LEU A 66 2.73 25.66 1.23
C LEU A 66 2.60 24.63 2.38
N SER A 67 2.83 23.33 2.11
CA SER A 67 2.72 22.23 3.09
C SER A 67 4.09 21.59 3.38
N ASP A 68 4.30 21.15 4.62
CA ASP A 68 5.55 20.56 5.10
C ASP A 68 5.27 19.45 6.13
N ALA A 69 5.21 18.21 5.61
CA ALA A 69 5.07 16.97 6.37
C ALA A 69 6.44 16.41 6.84
N ASP A 70 6.47 15.16 7.33
CA ASP A 70 7.69 14.54 7.86
C ASP A 70 8.51 13.90 6.72
N PRO A 71 9.86 13.92 6.80
CA PRO A 71 10.79 13.33 5.82
C PRO A 71 10.82 11.78 5.86
N GLY A 72 9.62 11.19 5.83
CA GLY A 72 9.33 9.77 5.94
C GLY A 72 7.82 9.41 5.92
N ILE A 73 6.91 10.38 5.70
CA ILE A 73 5.46 10.17 5.78
C ILE A 73 4.96 8.99 4.94
N VAL A 74 5.53 8.82 3.74
CA VAL A 74 5.24 7.73 2.80
C VAL A 74 6.07 6.47 3.05
N ASP A 75 7.29 6.61 3.58
CA ASP A 75 8.13 5.47 3.95
C ASP A 75 7.41 4.64 5.02
N GLU A 76 6.83 5.31 6.02
CA GLU A 76 5.94 4.67 6.99
C GLU A 76 4.68 4.10 6.35
N ALA A 77 4.05 4.76 5.36
CA ALA A 77 2.85 4.23 4.71
C ALA A 77 3.15 2.91 3.96
N VAL A 78 4.27 2.88 3.24
CA VAL A 78 4.76 1.73 2.47
C VAL A 78 5.18 0.59 3.41
N ASP A 79 5.97 0.86 4.47
CA ASP A 79 6.30 -0.07 5.54
C ASP A 79 5.05 -0.60 6.26
N ALA A 80 4.06 0.25 6.54
CA ALA A 80 2.80 -0.18 7.14
C ALA A 80 2.06 -1.15 6.20
N ALA A 81 2.00 -0.86 4.89
CA ALA A 81 1.45 -1.80 3.91
C ALA A 81 2.25 -3.10 3.86
N TYR A 82 3.59 -3.07 3.89
CA TYR A 82 4.39 -4.30 3.86
C TYR A 82 4.21 -5.15 5.13
N ARG A 83 4.21 -4.53 6.33
CA ARG A 83 3.99 -5.25 7.60
C ARG A 83 2.53 -5.69 7.77
N SER A 84 1.59 -4.93 7.22
CA SER A 84 0.19 -5.36 7.12
C SER A 84 0.06 -6.56 6.17
N LEU A 85 0.79 -6.58 5.05
CA LEU A 85 0.82 -7.73 4.13
C LEU A 85 1.42 -8.98 4.79
N GLU A 86 2.53 -8.86 5.52
CA GLU A 86 3.08 -10.00 6.28
C GLU A 86 2.07 -10.52 7.31
N SER A 87 1.37 -9.60 7.99
CA SER A 87 0.35 -9.94 8.97
C SER A 87 -0.89 -10.59 8.33
N PHE A 88 -1.29 -10.12 7.15
CA PHE A 88 -2.35 -10.68 6.33
C PHE A 88 -1.97 -12.07 5.81
N LEU A 89 -0.72 -12.27 5.37
CA LEU A 89 -0.27 -13.57 4.85
C LEU A 89 -0.06 -14.60 5.96
N ASP A 90 0.36 -14.17 7.15
CA ASP A 90 0.35 -15.01 8.36
C ASP A 90 -1.07 -15.53 8.65
N GLY A 91 -2.12 -14.80 8.24
CA GLY A 91 -3.51 -15.22 8.34
C GLY A 91 -3.96 -16.23 7.27
N PHE A 92 -3.11 -16.54 6.28
CA PHE A 92 -3.49 -17.35 5.12
C PHE A 92 -2.46 -18.41 4.67
N ARG A 93 -1.21 -18.34 5.15
CA ARG A 93 -0.11 -19.24 4.77
C ARG A 93 0.76 -19.73 5.92
N GLU A 94 0.90 -18.94 7.00
CA GLU A 94 1.88 -19.16 8.09
C GLU A 94 3.28 -19.58 7.59
N MET A 4 -9.86 -17.83 9.02
CA MET A 4 -9.52 -17.03 7.81
C MET A 4 -9.27 -17.97 6.65
N SER A 5 -9.63 -17.57 5.42
CA SER A 5 -9.39 -18.32 4.18
C SER A 5 -9.57 -17.40 2.98
N LEU A 6 -8.87 -17.70 1.88
CA LEU A 6 -8.89 -16.98 0.61
C LEU A 6 -8.89 -17.97 -0.57
N ARG A 7 -9.04 -17.50 -1.81
CA ARG A 7 -9.25 -18.38 -2.97
C ARG A 7 -7.92 -18.64 -3.70
N LYS A 8 -7.98 -19.31 -4.86
CA LYS A 8 -6.83 -19.43 -5.77
C LYS A 8 -6.36 -18.01 -6.10
N LEU A 9 -5.07 -17.72 -5.88
CA LEU A 9 -4.55 -16.38 -6.11
C LEU A 9 -4.42 -16.17 -7.62
N THR A 10 -5.35 -15.36 -8.13
CA THR A 10 -5.52 -14.98 -9.53
C THR A 10 -6.11 -13.56 -9.56
N GLU A 11 -6.43 -13.05 -10.74
CA GLU A 11 -6.90 -11.68 -11.00
C GLU A 11 -7.83 -11.15 -9.91
N GLY A 12 -8.85 -11.91 -9.50
CA GLY A 12 -9.79 -11.50 -8.46
C GLY A 12 -9.15 -11.23 -7.10
N ASP A 13 -8.50 -12.25 -6.50
CA ASP A 13 -7.89 -12.11 -5.16
C ASP A 13 -6.64 -11.22 -5.20
N LEU A 14 -5.89 -11.22 -6.31
CA LEU A 14 -4.73 -10.37 -6.51
C LEU A 14 -5.13 -8.89 -6.68
N ASP A 15 -6.19 -8.58 -7.44
CA ASP A 15 -6.72 -7.22 -7.54
C ASP A 15 -7.25 -6.73 -6.19
N GLU A 16 -8.02 -7.58 -5.47
CA GLU A 16 -8.49 -7.28 -4.11
C GLU A 16 -7.34 -7.00 -3.13
N ILE A 17 -6.26 -7.79 -3.17
CA ILE A 17 -5.06 -7.53 -2.38
C ILE A 17 -4.39 -6.22 -2.83
N SER A 18 -4.29 -5.94 -4.14
CA SER A 18 -3.78 -4.65 -4.64
C SER A 18 -4.60 -3.46 -4.13
N SER A 19 -5.93 -3.62 -4.07
CA SER A 19 -6.85 -2.63 -3.52
C SER A 19 -6.66 -2.48 -2.01
N PHE A 20 -6.50 -3.58 -1.26
CA PHE A 20 -6.19 -3.55 0.17
C PHE A 20 -4.87 -2.82 0.46
N LEU A 21 -3.83 -3.07 -0.35
CA LEU A 21 -2.54 -2.37 -0.24
C LEU A 21 -2.66 -0.87 -0.53
N HIS A 22 -3.31 -0.50 -1.65
CA HIS A 22 -3.51 0.90 -2.01
C HIS A 22 -4.33 1.65 -0.93
N ASN A 23 -5.44 1.07 -0.47
CA ASN A 23 -6.23 1.63 0.63
C ASN A 23 -5.44 1.69 1.94
N THR A 24 -4.57 0.71 2.24
CA THR A 24 -3.75 0.73 3.47
C THR A 24 -2.81 1.94 3.48
N ILE A 25 -2.14 2.24 2.36
CA ILE A 25 -1.29 3.43 2.24
C ILE A 25 -2.14 4.71 2.26
N SER A 26 -3.26 4.73 1.52
CA SER A 26 -4.17 5.88 1.49
C SER A 26 -4.66 6.23 2.89
N ASP A 27 -5.19 5.26 3.65
CA ASP A 27 -5.57 5.43 5.04
C ASP A 27 -4.44 5.89 5.96
N PHE A 28 -3.20 5.40 5.78
CA PHE A 28 -2.06 5.84 6.60
C PHE A 28 -1.76 7.32 6.35
N ILE A 29 -1.74 7.75 5.08
CA ILE A 29 -1.50 9.12 4.69
C ILE A 29 -2.66 10.00 5.17
N LEU A 30 -3.92 9.65 4.83
CA LEU A 30 -5.11 10.44 5.18
C LEU A 30 -5.39 10.54 6.69
N LYS A 31 -4.77 9.69 7.52
CA LYS A 31 -4.84 9.77 8.99
C LYS A 31 -3.54 10.22 9.65
N ARG A 32 -2.52 10.64 8.87
CA ARG A 32 -1.30 11.29 9.38
C ARG A 32 -0.99 12.66 8.76
N VAL A 33 -1.54 12.98 7.58
CA VAL A 33 -1.48 14.31 6.93
C VAL A 33 -2.81 14.61 6.23
N SER A 34 -3.29 15.86 6.32
CA SER A 34 -4.59 16.28 5.78
C SER A 34 -4.55 16.44 4.26
N ALA A 35 -5.59 15.95 3.57
CA ALA A 35 -5.83 16.20 2.15
C ALA A 35 -5.79 17.70 1.77
N LYS A 36 -6.04 18.63 2.71
CA LYS A 36 -5.88 20.07 2.48
C LYS A 36 -4.42 20.54 2.42
N GLU A 37 -3.46 19.70 2.79
CA GLU A 37 -2.01 19.93 2.65
C GLU A 37 -1.44 19.27 1.39
N ILE A 38 -2.22 18.35 0.79
CA ILE A 38 -1.86 17.42 -0.28
C ILE A 38 -2.38 17.91 -1.63
N VAL A 39 -1.50 17.99 -2.63
CA VAL A 39 -1.90 18.19 -4.03
C VAL A 39 -2.43 16.88 -4.61
N ASP A 40 -1.67 15.77 -4.47
CA ASP A 40 -2.13 14.42 -4.81
C ASP A 40 -1.24 13.31 -4.21
N ILE A 41 -1.62 12.05 -4.42
CA ILE A 41 -0.82 10.85 -4.15
C ILE A 41 -0.90 9.88 -5.32
N ASP A 42 0.23 9.22 -5.63
CA ASP A 42 0.37 8.32 -6.77
C ASP A 42 0.92 6.99 -6.28
N ILE A 43 0.09 5.94 -6.25
CA ILE A 43 0.43 4.64 -5.66
C ILE A 43 0.30 3.56 -6.72
N THR A 44 1.41 2.83 -6.91
CA THR A 44 1.53 1.73 -7.87
C THR A 44 1.86 0.46 -7.10
N VAL A 45 0.95 -0.51 -7.20
CA VAL A 45 1.00 -1.82 -6.58
C VAL A 45 1.10 -2.86 -7.70
N LEU A 46 2.17 -3.64 -7.70
CA LEU A 46 2.44 -4.68 -8.68
C LEU A 46 2.48 -6.03 -7.97
N VAL A 47 1.86 -7.04 -8.58
CA VAL A 47 1.87 -8.41 -8.08
C VAL A 47 2.02 -9.39 -9.25
N GLU A 48 2.90 -10.37 -9.09
CA GLU A 48 3.31 -11.30 -10.16
C GLU A 48 3.77 -12.64 -9.55
N TYR A 49 3.78 -13.72 -10.34
CA TYR A 49 4.20 -15.03 -9.89
C TYR A 49 4.96 -15.75 -11.01
N THR A 50 6.30 -15.80 -10.92
CA THR A 50 7.15 -16.59 -11.82
C THR A 50 8.15 -17.39 -11.00
N ASP A 51 7.85 -18.68 -10.75
CA ASP A 51 8.53 -19.61 -9.82
C ASP A 51 8.61 -19.15 -8.34
N GLU A 52 8.55 -17.84 -8.09
CA GLU A 52 8.37 -17.20 -6.79
C GLU A 52 7.30 -16.10 -6.88
N LEU A 53 6.74 -15.73 -5.73
CA LEU A 53 5.71 -14.70 -5.58
C LEU A 53 6.41 -13.33 -5.48
N LYS A 54 5.97 -12.38 -6.32
CA LYS A 54 6.45 -11.00 -6.30
C LYS A 54 5.27 -10.08 -5.98
N VAL A 55 5.46 -9.23 -4.96
CA VAL A 55 4.56 -8.14 -4.62
C VAL A 55 5.44 -6.93 -4.33
N ASP A 56 5.19 -5.85 -5.06
CA ASP A 56 6.07 -4.69 -5.10
C ASP A 56 5.22 -3.43 -5.09
N ILE A 57 5.60 -2.48 -4.24
CA ILE A 57 4.80 -1.30 -3.92
C ILE A 57 5.67 -0.05 -4.01
N SER A 58 5.19 0.92 -4.78
CA SER A 58 5.78 2.25 -4.93
C SER A 58 4.69 3.29 -4.67
N ALA A 59 4.98 4.28 -3.83
CA ALA A 59 4.07 5.38 -3.52
C ALA A 59 4.79 6.72 -3.64
N GLU A 60 4.11 7.69 -4.22
CA GLU A 60 4.55 9.06 -4.42
C GLU A 60 3.59 10.03 -3.74
N LEU A 61 4.17 11.10 -3.21
CA LEU A 61 3.50 12.06 -2.33
C LEU A 61 3.70 13.48 -2.86
N TYR A 62 2.63 14.09 -3.38
CA TYR A 62 2.68 15.45 -3.88
C TYR A 62 1.92 16.35 -2.92
N LEU A 63 2.71 17.07 -2.10
CA LEU A 63 2.28 18.09 -1.15
C LEU A 63 2.22 19.46 -1.82
N ASP A 64 1.35 20.33 -1.30
CA ASP A 64 1.37 21.75 -1.71
C ASP A 64 2.73 22.41 -1.39
N GLU A 65 3.14 23.36 -2.23
CA GLU A 65 4.41 24.14 -2.19
C GLU A 65 4.47 25.12 -0.99
N LEU A 66 3.96 24.66 0.15
CA LEU A 66 3.69 25.38 1.38
C LEU A 66 3.57 24.45 2.61
N SER A 67 3.16 23.19 2.41
CA SER A 67 2.96 22.18 3.46
C SER A 67 4.29 21.62 4.01
N ASP A 68 4.28 21.15 5.26
CA ASP A 68 5.43 20.58 5.95
C ASP A 68 5.01 19.38 6.81
N ALA A 69 5.14 18.20 6.19
CA ALA A 69 4.88 16.88 6.78
C ALA A 69 6.16 16.21 7.31
N ASP A 70 6.12 14.92 7.65
CA ASP A 70 7.27 14.23 8.25
C ASP A 70 8.22 13.73 7.14
N PRO A 71 9.56 13.74 7.36
CA PRO A 71 10.59 13.31 6.41
C PRO A 71 10.65 11.77 6.23
N GLY A 72 9.49 11.14 6.14
CA GLY A 72 9.28 9.71 5.92
C GLY A 72 7.81 9.27 5.93
N ILE A 73 6.85 10.21 5.87
CA ILE A 73 5.43 9.95 6.10
C ILE A 73 4.81 8.93 5.12
N VAL A 74 5.27 8.92 3.87
CA VAL A 74 4.87 7.94 2.85
C VAL A 74 5.72 6.68 2.92
N ASP A 75 7.03 6.78 3.16
CA ASP A 75 7.93 5.65 3.33
C ASP A 75 7.43 4.71 4.43
N GLU A 76 7.03 5.29 5.57
CA GLU A 76 6.36 4.57 6.66
C GLU A 76 4.99 4.02 6.24
N ALA A 77 4.24 4.69 5.34
CA ALA A 77 3.00 4.14 4.82
C ALA A 77 3.25 2.89 3.96
N VAL A 78 4.28 2.91 3.10
CA VAL A 78 4.62 1.75 2.26
C VAL A 78 5.14 0.59 3.11
N ASP A 79 6.02 0.86 4.09
CA ASP A 79 6.48 -0.12 5.09
C ASP A 79 5.30 -0.69 5.90
N ALA A 80 4.34 0.15 6.30
CA ALA A 80 3.13 -0.32 6.96
C ALA A 80 2.30 -1.22 6.04
N ALA A 81 2.19 -0.91 4.74
CA ALA A 81 1.58 -1.81 3.76
C ALA A 81 2.37 -3.13 3.59
N TYR A 82 3.71 -3.08 3.51
CA TYR A 82 4.53 -4.28 3.36
C TYR A 82 4.45 -5.19 4.60
N ARG A 83 4.49 -4.64 5.81
CA ARG A 83 4.32 -5.41 7.06
C ARG A 83 2.87 -5.87 7.27
N SER A 84 1.89 -5.10 6.78
CA SER A 84 0.49 -5.53 6.73
C SER A 84 0.34 -6.73 5.79
N LEU A 85 0.98 -6.71 4.60
CA LEU A 85 0.95 -7.80 3.64
C LEU A 85 1.63 -9.07 4.19
N GLU A 86 2.81 -8.90 4.81
CA GLU A 86 3.54 -9.97 5.49
C GLU A 86 2.68 -10.61 6.60
N SER A 87 1.97 -9.77 7.36
CA SER A 87 1.02 -10.21 8.39
C SER A 87 -0.23 -10.86 7.79
N PHE A 88 -0.69 -10.37 6.63
CA PHE A 88 -1.92 -10.83 5.98
C PHE A 88 -1.77 -12.25 5.46
N LEU A 89 -0.65 -12.63 4.82
CA LEU A 89 -0.53 -14.02 4.34
C LEU A 89 -0.31 -15.00 5.49
N ASP A 90 0.40 -14.60 6.55
CA ASP A 90 0.44 -15.36 7.79
C ASP A 90 -0.99 -15.55 8.33
N GLY A 91 -1.80 -14.47 8.29
CA GLY A 91 -3.19 -14.46 8.75
C GLY A 91 -4.18 -15.20 7.84
N PHE A 92 -3.72 -15.78 6.72
CA PHE A 92 -4.55 -16.54 5.78
C PHE A 92 -4.02 -17.93 5.44
N ARG A 93 -2.72 -18.21 5.68
CA ARG A 93 -2.07 -19.46 5.28
C ARG A 93 -1.03 -20.03 6.25
N GLU A 94 -0.51 -19.23 7.19
CA GLU A 94 0.68 -19.56 8.00
C GLU A 94 1.89 -19.89 7.10
N MET A 4 -6.70 -20.41 4.95
CA MET A 4 -7.50 -19.99 3.78
C MET A 4 -8.23 -18.70 4.09
N SER A 5 -8.62 -17.93 3.06
CA SER A 5 -9.51 -16.76 3.15
C SER A 5 -9.84 -16.31 1.72
N LEU A 6 -8.78 -15.95 0.97
CA LEU A 6 -8.83 -15.75 -0.47
C LEU A 6 -8.91 -17.12 -1.18
N ARG A 7 -9.11 -17.08 -2.49
CA ARG A 7 -9.28 -18.24 -3.37
C ARG A 7 -7.97 -18.48 -4.13
N LYS A 8 -8.02 -19.13 -5.29
CA LYS A 8 -6.88 -19.21 -6.20
C LYS A 8 -6.34 -17.79 -6.46
N LEU A 9 -5.05 -17.55 -6.22
CA LEU A 9 -4.50 -16.21 -6.32
C LEU A 9 -4.36 -15.85 -7.80
N THR A 10 -5.23 -14.94 -8.26
CA THR A 10 -5.46 -14.64 -9.68
C THR A 10 -5.82 -13.17 -9.91
N GLU A 11 -6.20 -12.86 -11.15
CA GLU A 11 -6.76 -11.61 -11.69
C GLU A 11 -8.12 -11.23 -11.06
N GLY A 12 -8.22 -11.34 -9.73
CA GLY A 12 -9.32 -10.89 -8.89
C GLY A 12 -8.87 -10.84 -7.43
N ASP A 13 -8.43 -11.99 -6.88
CA ASP A 13 -7.89 -12.08 -5.53
C ASP A 13 -6.62 -11.23 -5.33
N LEU A 14 -5.70 -11.23 -6.30
CA LEU A 14 -4.51 -10.38 -6.25
C LEU A 14 -4.85 -8.90 -6.45
N ASP A 15 -5.81 -8.57 -7.32
CA ASP A 15 -6.30 -7.21 -7.52
C ASP A 15 -6.98 -6.64 -6.25
N GLU A 16 -7.74 -7.47 -5.54
CA GLU A 16 -8.29 -7.16 -4.21
C GLU A 16 -7.17 -6.89 -3.19
N ILE A 17 -6.08 -7.67 -3.19
CA ILE A 17 -4.91 -7.39 -2.35
C ILE A 17 -4.25 -6.08 -2.79
N SER A 18 -4.09 -5.82 -4.10
CA SER A 18 -3.54 -4.56 -4.61
C SER A 18 -4.39 -3.36 -4.16
N SER A 19 -5.72 -3.53 -4.11
CA SER A 19 -6.68 -2.54 -3.68
C SER A 19 -6.58 -2.30 -2.17
N PHE A 20 -6.45 -3.39 -1.38
CA PHE A 20 -6.21 -3.34 0.05
C PHE A 20 -4.87 -2.64 0.39
N LEU A 21 -3.81 -2.91 -0.38
CA LEU A 21 -2.52 -2.24 -0.26
C LEU A 21 -2.61 -0.75 -0.56
N HIS A 22 -3.22 -0.34 -1.69
CA HIS A 22 -3.45 1.07 -1.98
C HIS A 22 -4.23 1.75 -0.85
N ASN A 23 -5.35 1.16 -0.43
CA ASN A 23 -6.20 1.75 0.57
C ASN A 23 -5.45 1.88 1.91
N THR A 24 -4.62 0.90 2.26
CA THR A 24 -3.77 0.92 3.47
C THR A 24 -2.76 2.09 3.43
N ILE A 25 -2.06 2.30 2.30
CA ILE A 25 -1.10 3.40 2.15
C ILE A 25 -1.82 4.74 2.13
N SER A 26 -2.89 4.87 1.34
CA SER A 26 -3.68 6.09 1.24
C SER A 26 -4.26 6.49 2.60
N ASP A 27 -4.84 5.55 3.35
CA ASP A 27 -5.23 5.78 4.74
C ASP A 27 -4.06 6.11 5.68
N PHE A 28 -2.89 5.50 5.55
CA PHE A 28 -1.74 5.85 6.40
C PHE A 28 -1.33 7.31 6.19
N ILE A 29 -1.24 7.74 4.93
CA ILE A 29 -0.95 9.11 4.56
C ILE A 29 -2.06 10.04 5.11
N LEU A 30 -3.33 9.76 4.82
CA LEU A 30 -4.46 10.57 5.30
C LEU A 30 -4.63 10.56 6.84
N LYS A 31 -3.97 9.64 7.56
CA LYS A 31 -3.95 9.59 9.03
C LYS A 31 -2.66 10.18 9.63
N ARG A 32 -1.71 10.64 8.80
CA ARG A 32 -0.55 11.45 9.22
C ARG A 32 -0.49 12.85 8.58
N VAL A 33 -1.25 13.11 7.51
CA VAL A 33 -1.23 14.35 6.72
C VAL A 33 -2.65 14.66 6.24
N SER A 34 -3.05 15.93 6.22
CA SER A 34 -4.46 16.28 5.94
C SER A 34 -4.84 16.17 4.46
N ALA A 35 -6.00 15.58 4.16
CA ALA A 35 -6.64 15.64 2.85
C ALA A 35 -6.76 17.06 2.28
N LYS A 36 -6.77 18.11 3.13
CA LYS A 36 -6.75 19.52 2.70
C LYS A 36 -5.37 20.03 2.23
N GLU A 37 -4.26 19.38 2.64
CA GLU A 37 -2.89 19.76 2.24
C GLU A 37 -2.24 18.74 1.29
N ILE A 38 -2.79 17.52 1.21
CA ILE A 38 -2.50 16.53 0.18
C ILE A 38 -3.10 17.04 -1.14
N VAL A 39 -2.25 17.37 -2.11
CA VAL A 39 -2.68 17.64 -3.49
C VAL A 39 -3.11 16.33 -4.14
N ASP A 40 -2.25 15.29 -4.05
CA ASP A 40 -2.59 13.93 -4.46
C ASP A 40 -1.59 12.90 -3.91
N ILE A 41 -1.85 11.62 -4.18
CA ILE A 41 -0.94 10.49 -3.97
C ILE A 41 -0.94 9.58 -5.19
N ASP A 42 0.23 9.10 -5.58
CA ASP A 42 0.43 8.25 -6.75
C ASP A 42 1.02 6.91 -6.28
N ILE A 43 0.22 5.84 -6.36
CA ILE A 43 0.56 4.54 -5.80
C ILE A 43 0.40 3.48 -6.88
N THR A 44 1.50 2.76 -7.12
CA THR A 44 1.61 1.69 -8.09
C THR A 44 1.91 0.41 -7.30
N VAL A 45 0.98 -0.54 -7.40
CA VAL A 45 1.05 -1.85 -6.78
C VAL A 45 1.12 -2.89 -7.90
N LEU A 46 2.22 -3.64 -7.96
CA LEU A 46 2.50 -4.64 -9.00
C LEU A 46 2.61 -6.01 -8.36
N VAL A 47 2.05 -7.05 -8.99
CA VAL A 47 2.07 -8.42 -8.44
C VAL A 47 2.33 -9.44 -9.56
N GLU A 48 3.12 -10.47 -9.27
CA GLU A 48 3.45 -11.55 -10.21
C GLU A 48 3.73 -12.88 -9.49
N TYR A 49 3.63 -13.97 -10.24
CA TYR A 49 4.06 -15.30 -9.81
C TYR A 49 4.91 -15.92 -10.92
N THR A 50 6.22 -15.95 -10.70
CA THR A 50 7.24 -16.37 -11.67
C THR A 50 8.16 -17.37 -10.97
N ASP A 51 7.68 -18.62 -10.90
CA ASP A 51 8.18 -19.73 -10.08
C ASP A 51 8.10 -19.48 -8.55
N GLU A 52 8.14 -18.20 -8.13
CA GLU A 52 7.93 -17.68 -6.79
C GLU A 52 7.00 -16.45 -6.85
N LEU A 53 6.37 -16.09 -5.73
CA LEU A 53 5.45 -14.96 -5.62
C LEU A 53 6.26 -13.68 -5.35
N LYS A 54 6.01 -12.63 -6.15
CA LYS A 54 6.58 -11.30 -5.94
C LYS A 54 5.49 -10.24 -6.04
N VAL A 55 5.67 -9.20 -5.23
CA VAL A 55 4.86 -7.99 -5.20
C VAL A 55 5.80 -6.79 -5.13
N ASP A 56 5.41 -5.67 -5.73
CA ASP A 56 6.04 -4.37 -5.60
C ASP A 56 5.00 -3.37 -5.10
N ILE A 57 5.46 -2.48 -4.25
CA ILE A 57 4.68 -1.39 -3.71
C ILE A 57 5.54 -0.14 -3.90
N SER A 58 5.14 0.72 -4.83
CA SER A 58 5.85 1.94 -5.15
C SER A 58 4.87 3.10 -4.99
N ALA A 59 5.20 4.05 -4.12
CA ALA A 59 4.30 5.15 -3.75
C ALA A 59 4.99 6.53 -3.82
N GLU A 60 4.19 7.55 -4.10
CA GLU A 60 4.60 8.95 -4.27
C GLU A 60 3.53 9.86 -3.65
N LEU A 61 3.98 10.95 -3.03
CA LEU A 61 3.19 11.84 -2.19
C LEU A 61 3.32 13.31 -2.62
N TYR A 62 2.20 13.96 -2.95
CA TYR A 62 2.20 15.38 -3.34
C TYR A 62 1.46 16.26 -2.33
N LEU A 63 2.24 17.04 -1.57
CA LEU A 63 1.79 18.13 -0.71
C LEU A 63 1.58 19.42 -1.50
N ASP A 64 0.67 20.26 -1.01
CA ASP A 64 0.52 21.64 -1.48
C ASP A 64 1.80 22.45 -1.24
N GLU A 65 2.10 23.40 -2.12
CA GLU A 65 3.29 24.28 -2.08
C GLU A 65 3.30 25.28 -0.90
N LEU A 66 2.47 25.01 0.12
CA LEU A 66 2.24 25.79 1.33
C LEU A 66 2.26 24.91 2.61
N SER A 67 2.58 23.61 2.50
CA SER A 67 2.79 22.71 3.64
C SER A 67 4.08 21.89 3.49
N ASP A 68 4.47 21.21 4.58
CA ASP A 68 5.73 20.49 4.74
C ASP A 68 5.54 19.37 5.77
N ALA A 69 5.24 18.16 5.28
CA ALA A 69 5.04 16.95 6.07
C ALA A 69 6.38 16.30 6.51
N ASP A 70 6.33 15.14 7.20
CA ASP A 70 7.55 14.55 7.76
C ASP A 70 8.27 13.68 6.70
N PRO A 71 9.60 13.81 6.57
CA PRO A 71 10.41 13.22 5.49
C PRO A 71 10.63 11.71 5.64
N GLY A 72 9.52 10.97 5.58
CA GLY A 72 9.49 9.51 5.71
C GLY A 72 8.11 8.86 5.65
N ILE A 73 7.00 9.63 5.66
CA ILE A 73 5.63 9.12 5.70
C ILE A 73 5.30 8.15 4.56
N VAL A 74 5.91 8.30 3.38
CA VAL A 74 5.79 7.35 2.26
C VAL A 74 6.40 5.99 2.62
N ASP A 75 7.67 6.00 3.04
CA ASP A 75 8.40 4.81 3.48
C ASP A 75 7.67 4.13 4.65
N GLU A 76 7.17 4.91 5.61
CA GLU A 76 6.32 4.41 6.68
C GLU A 76 5.00 3.83 6.16
N ALA A 77 4.36 4.45 5.15
CA ALA A 77 3.10 3.93 4.63
C ALA A 77 3.31 2.60 3.90
N VAL A 78 4.39 2.52 3.12
CA VAL A 78 4.81 1.33 2.39
C VAL A 78 5.22 0.20 3.36
N ASP A 79 6.04 0.50 4.39
CA ASP A 79 6.37 -0.41 5.50
C ASP A 79 5.12 -0.87 6.27
N ALA A 80 4.17 0.02 6.55
CA ALA A 80 2.91 -0.33 7.19
C ALA A 80 2.07 -1.26 6.29
N ALA A 81 2.02 -0.99 4.99
CA ALA A 81 1.40 -1.89 4.02
C ALA A 81 2.12 -3.25 3.93
N TYR A 82 3.47 -3.28 3.99
CA TYR A 82 4.22 -4.56 4.04
C TYR A 82 3.91 -5.34 5.33
N ARG A 83 3.86 -4.67 6.50
CA ARG A 83 3.49 -5.34 7.76
C ARG A 83 2.06 -5.84 7.70
N SER A 84 1.15 -5.02 7.18
CA SER A 84 -0.26 -5.39 6.97
C SER A 84 -0.47 -6.44 5.88
N LEU A 85 0.50 -6.70 4.99
CA LEU A 85 0.48 -7.83 4.05
C LEU A 85 1.08 -9.09 4.66
N GLU A 86 2.25 -8.97 5.31
CA GLU A 86 2.95 -10.13 5.84
C GLU A 86 2.18 -10.74 7.02
N SER A 87 1.63 -9.91 7.93
CA SER A 87 0.74 -10.39 9.01
C SER A 87 -0.62 -10.90 8.50
N PHE A 88 -1.01 -10.54 7.28
CA PHE A 88 -2.22 -11.02 6.59
C PHE A 88 -1.95 -12.41 5.95
N LEU A 89 -0.79 -12.62 5.32
CA LEU A 89 -0.39 -13.96 4.83
C LEU A 89 -0.11 -14.94 5.98
N ASP A 90 0.43 -14.43 7.10
CA ASP A 90 0.63 -15.10 8.41
C ASP A 90 -0.70 -15.34 9.15
N GLY A 91 -1.84 -14.99 8.54
CA GLY A 91 -3.17 -15.29 9.06
C GLY A 91 -4.08 -16.03 8.07
N PHE A 92 -3.64 -16.25 6.82
CA PHE A 92 -4.47 -16.86 5.76
C PHE A 92 -3.81 -18.03 5.03
N ARG A 93 -2.48 -18.19 5.12
CA ARG A 93 -1.73 -19.27 4.49
C ARG A 93 -0.60 -19.83 5.35
N GLU A 94 0.20 -18.94 5.95
CA GLU A 94 1.45 -19.27 6.63
C GLU A 94 1.26 -19.39 8.14
N MET A 4 -7.66 -19.74 8.05
CA MET A 4 -6.98 -21.00 7.72
C MET A 4 -7.10 -21.25 6.24
N SER A 5 -5.96 -21.46 5.58
CA SER A 5 -5.80 -21.49 4.12
C SER A 5 -6.26 -20.19 3.42
N LEU A 6 -6.17 -20.16 2.10
CA LEU A 6 -6.43 -19.02 1.23
C LEU A 6 -7.33 -19.38 0.04
N ARG A 7 -7.47 -18.46 -0.93
CA ARG A 7 -8.38 -18.59 -2.07
C ARG A 7 -7.57 -18.79 -3.35
N LYS A 8 -8.21 -19.34 -4.40
CA LYS A 8 -7.65 -19.50 -5.74
C LYS A 8 -7.08 -18.17 -6.26
N LEU A 9 -5.76 -18.02 -6.26
CA LEU A 9 -5.13 -16.75 -6.58
C LEU A 9 -5.21 -16.49 -8.10
N THR A 10 -6.00 -15.48 -8.49
CA THR A 10 -6.12 -15.02 -9.88
C THR A 10 -6.37 -13.50 -9.88
N GLU A 11 -6.63 -12.91 -11.05
CA GLU A 11 -6.73 -11.46 -11.27
C GLU A 11 -7.62 -10.75 -10.24
N GLY A 12 -8.73 -11.37 -9.82
CA GLY A 12 -9.63 -10.83 -8.80
C GLY A 12 -8.98 -10.74 -7.42
N ASP A 13 -8.41 -11.85 -6.94
CA ASP A 13 -7.73 -11.96 -5.64
C ASP A 13 -6.46 -11.10 -5.59
N LEU A 14 -5.69 -11.05 -6.70
CA LEU A 14 -4.56 -10.14 -6.88
C LEU A 14 -4.97 -8.66 -6.94
N ASP A 15 -6.07 -8.32 -7.59
CA ASP A 15 -6.63 -6.97 -7.54
C ASP A 15 -7.12 -6.61 -6.13
N GLU A 16 -7.80 -7.53 -5.42
CA GLU A 16 -8.21 -7.31 -4.03
C GLU A 16 -7.02 -7.10 -3.09
N ILE A 17 -5.94 -7.89 -3.24
CA ILE A 17 -4.70 -7.69 -2.47
C ILE A 17 -4.05 -6.34 -2.84
N SER A 18 -4.01 -6.00 -4.13
CA SER A 18 -3.44 -4.74 -4.62
C SER A 18 -4.26 -3.54 -4.11
N SER A 19 -5.59 -3.66 -4.12
CA SER A 19 -6.54 -2.72 -3.53
C SER A 19 -6.35 -2.58 -2.02
N PHE A 20 -6.17 -3.70 -1.30
CA PHE A 20 -5.89 -3.71 0.14
C PHE A 20 -4.58 -2.98 0.48
N LEU A 21 -3.53 -3.16 -0.32
CA LEU A 21 -2.28 -2.42 -0.19
C LEU A 21 -2.48 -0.93 -0.47
N HIS A 22 -3.09 -0.57 -1.61
CA HIS A 22 -3.36 0.82 -1.98
C HIS A 22 -4.19 1.55 -0.91
N ASN A 23 -5.29 0.93 -0.46
CA ASN A 23 -6.11 1.48 0.62
C ASN A 23 -5.34 1.54 1.95
N THR A 24 -4.44 0.58 2.26
CA THR A 24 -3.60 0.66 3.47
C THR A 24 -2.69 1.90 3.43
N ILE A 25 -2.01 2.18 2.30
CA ILE A 25 -1.17 3.37 2.16
C ILE A 25 -2.04 4.64 2.20
N SER A 26 -3.16 4.65 1.48
CA SER A 26 -4.09 5.79 1.47
C SER A 26 -4.61 6.11 2.88
N ASP A 27 -5.06 5.11 3.63
CA ASP A 27 -5.48 5.27 5.01
C ASP A 27 -4.34 5.73 5.92
N PHE A 28 -3.10 5.21 5.74
CA PHE A 28 -1.95 5.66 6.53
C PHE A 28 -1.67 7.15 6.28
N ILE A 29 -1.67 7.57 5.01
CA ILE A 29 -1.50 8.95 4.61
C ILE A 29 -2.64 9.80 5.21
N LEU A 30 -3.90 9.44 5.00
CA LEU A 30 -5.05 10.19 5.55
C LEU A 30 -5.06 10.27 7.09
N LYS A 31 -4.49 9.27 7.79
CA LYS A 31 -4.31 9.29 9.26
C LYS A 31 -3.05 10.05 9.72
N ARG A 32 -2.19 10.52 8.81
CA ARG A 32 -0.91 11.16 9.16
C ARG A 32 -0.66 12.54 8.51
N VAL A 33 -1.19 12.81 7.31
CA VAL A 33 -1.08 14.09 6.58
C VAL A 33 -2.44 14.46 5.98
N SER A 34 -2.80 15.74 5.92
CA SER A 34 -4.17 16.16 5.58
C SER A 34 -4.48 16.27 4.08
N ALA A 35 -5.64 15.77 3.66
CA ALA A 35 -6.22 16.02 2.35
C ALA A 35 -6.29 17.51 1.97
N LYS A 36 -6.30 18.44 2.96
CA LYS A 36 -6.27 19.90 2.75
C LYS A 36 -4.88 20.47 2.41
N GLU A 37 -3.82 19.66 2.43
CA GLU A 37 -2.43 20.04 2.08
C GLU A 37 -1.80 19.08 1.06
N ILE A 38 -2.31 17.84 0.96
CA ILE A 38 -2.02 16.87 -0.08
C ILE A 38 -2.69 17.37 -1.36
N VAL A 39 -1.88 17.78 -2.35
CA VAL A 39 -2.35 18.13 -3.70
C VAL A 39 -2.83 16.86 -4.40
N ASP A 40 -2.04 15.79 -4.36
CA ASP A 40 -2.46 14.46 -4.82
C ASP A 40 -1.56 13.33 -4.24
N ILE A 41 -1.94 12.08 -4.52
CA ILE A 41 -1.15 10.88 -4.27
C ILE A 41 -1.22 9.94 -5.46
N ASP A 42 -0.09 9.34 -5.82
CA ASP A 42 0.03 8.35 -6.88
C ASP A 42 0.62 7.09 -6.27
N ILE A 43 -0.12 5.97 -6.36
CA ILE A 43 0.25 4.70 -5.74
C ILE A 43 0.10 3.61 -6.78
N THR A 44 1.23 2.96 -7.10
CA THR A 44 1.33 1.89 -8.08
C THR A 44 1.83 0.65 -7.36
N VAL A 45 1.00 -0.38 -7.36
CA VAL A 45 1.24 -1.67 -6.72
C VAL A 45 1.31 -2.75 -7.80
N LEU A 46 2.36 -3.57 -7.74
CA LEU A 46 2.61 -4.66 -8.66
C LEU A 46 2.59 -5.98 -7.90
N VAL A 47 1.98 -7.00 -8.51
CA VAL A 47 1.95 -8.37 -7.97
C VAL A 47 2.14 -9.36 -9.12
N GLU A 48 3.02 -10.34 -8.93
CA GLU A 48 3.49 -11.27 -9.97
C GLU A 48 3.86 -12.62 -9.33
N TYR A 49 3.89 -13.71 -10.11
CA TYR A 49 4.31 -15.01 -9.62
C TYR A 49 5.06 -15.74 -10.74
N THR A 50 6.39 -15.73 -10.66
CA THR A 50 7.32 -16.21 -11.69
C THR A 50 8.34 -17.11 -10.99
N ASP A 51 7.94 -18.36 -10.76
CA ASP A 51 8.59 -19.37 -9.89
C ASP A 51 8.56 -18.97 -8.40
N GLU A 52 8.91 -17.72 -8.10
CA GLU A 52 8.70 -17.06 -6.82
C GLU A 52 7.45 -16.17 -6.85
N LEU A 53 6.87 -15.88 -5.69
CA LEU A 53 5.83 -14.86 -5.50
C LEU A 53 6.50 -13.50 -5.32
N LYS A 54 6.09 -12.49 -6.09
CA LYS A 54 6.64 -11.14 -5.99
C LYS A 54 5.51 -10.11 -5.85
N VAL A 55 5.72 -9.14 -4.96
CA VAL A 55 4.89 -7.95 -4.78
C VAL A 55 5.82 -6.75 -4.63
N ASP A 56 5.45 -5.63 -5.26
CA ASP A 56 6.21 -4.38 -5.21
C ASP A 56 5.27 -3.18 -5.10
N ILE A 57 5.75 -2.16 -4.37
CA ILE A 57 4.96 -1.01 -3.94
C ILE A 57 5.71 0.28 -4.25
N SER A 58 5.11 1.18 -5.03
CA SER A 58 5.59 2.54 -5.27
C SER A 58 4.50 3.54 -4.91
N ALA A 59 4.81 4.50 -4.03
CA ALA A 59 3.89 5.56 -3.62
C ALA A 59 4.57 6.94 -3.72
N GLU A 60 3.78 7.96 -4.09
CA GLU A 60 4.22 9.34 -4.23
C GLU A 60 3.24 10.27 -3.49
N LEU A 61 3.81 11.31 -2.87
CA LEU A 61 3.12 12.31 -2.05
C LEU A 61 3.34 13.68 -2.69
N TYR A 62 2.29 14.23 -3.32
CA TYR A 62 2.34 15.57 -3.90
C TYR A 62 1.65 16.52 -2.91
N LEU A 63 2.44 17.42 -2.33
CA LEU A 63 2.07 18.35 -1.26
C LEU A 63 2.10 19.79 -1.77
N ASP A 64 1.28 20.66 -1.17
CA ASP A 64 1.27 22.07 -1.51
C ASP A 64 2.59 22.75 -1.11
N GLU A 65 3.02 23.75 -1.88
CA GLU A 65 4.25 24.54 -1.67
C GLU A 65 4.19 25.47 -0.43
N LEU A 66 3.34 25.09 0.54
CA LEU A 66 2.99 25.79 1.77
C LEU A 66 2.87 24.82 2.97
N SER A 67 3.24 23.54 2.80
CA SER A 67 3.31 22.56 3.90
C SER A 67 4.60 21.72 3.86
N ASP A 68 4.91 21.08 4.98
CA ASP A 68 6.14 20.33 5.28
C ASP A 68 5.79 19.12 6.15
N ALA A 69 5.59 17.97 5.51
CA ALA A 69 5.41 16.68 6.17
C ALA A 69 6.75 16.05 6.62
N ASP A 70 6.73 14.85 7.21
CA ASP A 70 7.89 14.27 7.88
C ASP A 70 8.81 13.53 6.86
N PRO A 71 10.15 13.57 7.06
CA PRO A 71 11.18 13.08 6.12
C PRO A 71 11.30 11.54 6.06
N GLY A 72 10.14 10.88 5.94
CA GLY A 72 9.97 9.44 5.78
C GLY A 72 8.50 8.98 5.70
N ILE A 73 7.51 9.90 5.61
CA ILE A 73 6.10 9.57 5.75
C ILE A 73 5.56 8.63 4.65
N VAL A 74 6.19 8.67 3.47
CA VAL A 74 5.93 7.78 2.33
C VAL A 74 6.44 6.38 2.65
N ASP A 75 7.72 6.31 3.02
CA ASP A 75 8.47 5.11 3.38
C ASP A 75 7.76 4.36 4.50
N GLU A 76 7.31 5.08 5.54
CA GLU A 76 6.49 4.52 6.61
C GLU A 76 5.10 4.04 6.12
N ALA A 77 4.48 4.72 5.13
CA ALA A 77 3.20 4.23 4.60
C ALA A 77 3.38 2.93 3.81
N VAL A 78 4.45 2.87 3.02
CA VAL A 78 4.84 1.72 2.20
C VAL A 78 5.28 0.53 3.09
N ASP A 79 6.10 0.77 4.12
CA ASP A 79 6.45 -0.18 5.18
C ASP A 79 5.20 -0.68 5.92
N ALA A 80 4.26 0.22 6.25
CA ALA A 80 3.01 -0.18 6.88
C ALA A 80 2.18 -1.09 5.96
N ALA A 81 2.12 -0.80 4.66
CA ALA A 81 1.51 -1.70 3.67
C ALA A 81 2.25 -3.04 3.54
N TYR A 82 3.59 -3.06 3.58
CA TYR A 82 4.36 -4.31 3.61
C TYR A 82 4.07 -5.15 4.86
N ARG A 83 3.99 -4.53 6.05
CA ARG A 83 3.59 -5.24 7.29
C ARG A 83 2.12 -5.68 7.24
N SER A 84 1.25 -4.87 6.63
CA SER A 84 -0.16 -5.19 6.39
C SER A 84 -0.29 -6.40 5.45
N LEU A 85 0.60 -6.56 4.47
CA LEU A 85 0.69 -7.75 3.62
C LEU A 85 1.05 -9.01 4.41
N GLU A 86 2.03 -8.93 5.33
CA GLU A 86 2.35 -10.05 6.21
C GLU A 86 1.16 -10.41 7.11
N SER A 87 0.46 -9.40 7.65
CA SER A 87 -0.77 -9.57 8.42
C SER A 87 -1.92 -10.15 7.59
N PHE A 88 -2.00 -9.82 6.29
CA PHE A 88 -3.01 -10.40 5.39
C PHE A 88 -2.79 -11.90 5.19
N LEU A 89 -1.54 -12.36 5.01
CA LEU A 89 -1.28 -13.80 4.91
C LEU A 89 -1.44 -14.50 6.25
N ASP A 90 -1.08 -13.83 7.37
CA ASP A 90 -1.42 -14.33 8.72
C ASP A 90 -2.95 -14.44 8.88
N GLY A 91 -3.71 -13.51 8.29
CA GLY A 91 -5.18 -13.51 8.29
C GLY A 91 -5.81 -14.54 7.37
N PHE A 92 -5.01 -15.37 6.69
CA PHE A 92 -5.48 -16.48 5.86
C PHE A 92 -4.80 -17.79 6.22
N ARG A 93 -3.49 -17.91 6.04
CA ARG A 93 -2.76 -19.17 6.20
C ARG A 93 -2.79 -19.69 7.64
N GLU A 94 -2.62 -18.77 8.60
CA GLU A 94 -2.39 -19.02 10.05
C GLU A 94 -1.42 -20.20 10.32
N MET A 4 -5.43 -13.40 6.02
CA MET A 4 -6.71 -14.13 6.17
C MET A 4 -6.90 -15.05 4.97
N SER A 5 -7.67 -16.14 5.12
CA SER A 5 -8.00 -17.09 4.05
C SER A 5 -8.64 -16.41 2.83
N LEU A 6 -7.86 -16.24 1.77
CA LEU A 6 -8.29 -15.77 0.45
C LEU A 6 -8.88 -16.93 -0.40
N ARG A 7 -9.22 -16.65 -1.66
CA ARG A 7 -9.77 -17.62 -2.61
C ARG A 7 -8.62 -18.25 -3.42
N LYS A 8 -8.95 -18.88 -4.56
CA LYS A 8 -7.96 -19.30 -5.56
C LYS A 8 -7.28 -18.03 -6.07
N LEU A 9 -5.96 -17.90 -5.85
CA LEU A 9 -5.25 -16.64 -6.09
C LEU A 9 -5.11 -16.46 -7.60
N THR A 10 -5.93 -15.54 -8.10
CA THR A 10 -6.23 -15.28 -9.51
C THR A 10 -6.42 -13.77 -9.69
N GLU A 11 -6.68 -13.32 -10.93
CA GLU A 11 -6.78 -11.90 -11.27
C GLU A 11 -7.69 -11.09 -10.32
N GLY A 12 -8.80 -11.68 -9.85
CA GLY A 12 -9.66 -11.08 -8.83
C GLY A 12 -8.95 -10.85 -7.51
N ASP A 13 -8.50 -11.93 -6.85
CA ASP A 13 -7.78 -11.86 -5.57
C ASP A 13 -6.51 -11.00 -5.67
N LEU A 14 -5.77 -11.04 -6.78
CA LEU A 14 -4.63 -10.16 -7.04
C LEU A 14 -5.00 -8.67 -7.24
N ASP A 15 -6.09 -8.34 -7.93
CA ASP A 15 -6.59 -6.96 -8.03
C ASP A 15 -7.13 -6.47 -6.67
N GLU A 16 -7.80 -7.33 -5.90
CA GLU A 16 -8.28 -7.03 -4.56
C GLU A 16 -7.14 -6.86 -3.55
N ILE A 17 -6.07 -7.67 -3.64
CA ILE A 17 -4.84 -7.47 -2.86
C ILE A 17 -4.18 -6.15 -3.29
N SER A 18 -4.02 -5.91 -4.60
CA SER A 18 -3.40 -4.69 -5.11
C SER A 18 -4.17 -3.43 -4.64
N SER A 19 -5.50 -3.53 -4.66
CA SER A 19 -6.43 -2.53 -4.12
C SER A 19 -6.29 -2.38 -2.60
N PHE A 20 -6.17 -3.47 -1.84
CA PHE A 20 -5.96 -3.44 -0.39
C PHE A 20 -4.67 -2.71 -0.01
N LEU A 21 -3.56 -2.93 -0.73
CA LEU A 21 -2.32 -2.20 -0.44
C LEU A 21 -2.39 -0.74 -0.86
N HIS A 22 -3.00 -0.40 -2.00
CA HIS A 22 -3.26 1.01 -2.31
C HIS A 22 -4.09 1.68 -1.20
N ASN A 23 -5.20 1.06 -0.78
CA ASN A 23 -6.04 1.63 0.27
C ASN A 23 -5.30 1.68 1.61
N THR A 24 -4.43 0.71 1.92
CA THR A 24 -3.61 0.70 3.14
C THR A 24 -2.67 1.91 3.21
N ILE A 25 -1.96 2.23 2.12
CA ILE A 25 -1.08 3.41 2.07
C ILE A 25 -1.93 4.69 2.06
N SER A 26 -2.97 4.75 1.21
CA SER A 26 -3.83 5.94 1.10
C SER A 26 -4.52 6.27 2.43
N ASP A 27 -5.05 5.27 3.15
CA ASP A 27 -5.60 5.45 4.49
C ASP A 27 -4.52 5.84 5.50
N PHE A 28 -3.31 5.27 5.43
CA PHE A 28 -2.24 5.70 6.33
C PHE A 28 -1.91 7.17 6.10
N ILE A 29 -1.77 7.61 4.84
CA ILE A 29 -1.51 9.00 4.49
C ILE A 29 -2.67 9.88 4.99
N LEU A 30 -3.93 9.56 4.65
CA LEU A 30 -5.10 10.34 5.09
C LEU A 30 -5.32 10.38 6.60
N LYS A 31 -4.71 9.47 7.37
CA LYS A 31 -4.70 9.48 8.85
C LYS A 31 -3.40 10.05 9.45
N ARG A 32 -2.44 10.48 8.62
CA ARG A 32 -1.13 10.98 9.04
C ARG A 32 -0.81 12.40 8.50
N VAL A 33 -1.38 12.79 7.36
CA VAL A 33 -1.32 14.14 6.74
C VAL A 33 -2.69 14.43 6.10
N SER A 34 -3.16 15.69 6.09
CA SER A 34 -4.50 15.98 5.57
C SER A 34 -4.53 16.05 4.04
N ALA A 35 -5.49 15.38 3.42
CA ALA A 35 -5.83 15.52 2.01
C ALA A 35 -6.04 16.97 1.57
N LYS A 36 -6.41 17.88 2.48
CA LYS A 36 -6.53 19.33 2.20
C LYS A 36 -5.18 20.03 1.99
N GLU A 37 -4.07 19.38 2.32
CA GLU A 37 -2.69 19.83 2.04
C GLU A 37 -2.12 19.15 0.78
N ILE A 38 -2.77 18.09 0.30
CA ILE A 38 -2.25 17.19 -0.73
C ILE A 38 -2.77 17.63 -2.10
N VAL A 39 -1.84 17.84 -3.04
CA VAL A 39 -2.13 18.05 -4.46
C VAL A 39 -2.57 16.71 -5.07
N ASP A 40 -1.76 15.65 -4.88
CA ASP A 40 -2.15 14.27 -5.20
C ASP A 40 -1.26 13.22 -4.49
N ILE A 41 -1.62 11.94 -4.64
CA ILE A 41 -0.85 10.77 -4.23
C ILE A 41 -0.81 9.75 -5.35
N ASP A 42 0.38 9.23 -5.65
CA ASP A 42 0.62 8.33 -6.78
C ASP A 42 1.10 6.99 -6.24
N ILE A 43 0.23 5.97 -6.30
CA ILE A 43 0.46 4.66 -5.67
C ILE A 43 0.18 3.56 -6.69
N THR A 44 1.23 2.79 -7.00
CA THR A 44 1.21 1.65 -7.91
C THR A 44 1.64 0.40 -7.15
N VAL A 45 0.84 -0.68 -7.26
CA VAL A 45 1.14 -1.99 -6.71
C VAL A 45 1.29 -2.99 -7.86
N LEU A 46 2.31 -3.84 -7.80
CA LEU A 46 2.55 -4.94 -8.74
C LEU A 46 2.49 -6.26 -7.96
N VAL A 47 1.81 -7.27 -8.52
CA VAL A 47 1.76 -8.63 -7.97
C VAL A 47 1.84 -9.66 -9.10
N GLU A 48 2.74 -10.65 -8.94
CA GLU A 48 3.07 -11.63 -9.96
C GLU A 48 3.30 -13.02 -9.34
N TYR A 49 3.20 -14.07 -10.16
CA TYR A 49 3.55 -15.43 -9.78
C TYR A 49 4.35 -16.05 -10.93
N THR A 50 5.66 -16.24 -10.75
CA THR A 50 6.54 -16.92 -11.71
C THR A 50 7.38 -17.97 -10.98
N ASP A 51 6.83 -19.18 -10.81
CA ASP A 51 7.31 -20.27 -9.95
C ASP A 51 7.26 -19.92 -8.43
N GLU A 52 7.51 -18.66 -8.08
CA GLU A 52 7.27 -18.06 -6.77
C GLU A 52 6.35 -16.85 -6.90
N LEU A 53 5.67 -16.50 -5.80
CA LEU A 53 4.79 -15.33 -5.68
C LEU A 53 5.64 -14.10 -5.31
N LYS A 54 5.48 -13.00 -6.06
CA LYS A 54 6.18 -11.73 -5.83
C LYS A 54 5.16 -10.58 -5.78
N VAL A 55 5.37 -9.64 -4.86
CA VAL A 55 4.58 -8.42 -4.72
C VAL A 55 5.50 -7.21 -4.48
N ASP A 56 5.17 -6.08 -5.10
CA ASP A 56 5.99 -4.86 -5.13
C ASP A 56 5.10 -3.61 -5.01
N ILE A 57 5.65 -2.58 -4.35
CA ILE A 57 4.93 -1.38 -3.93
C ILE A 57 5.73 -0.15 -4.37
N SER A 58 5.07 0.82 -5.00
CA SER A 58 5.62 2.14 -5.30
C SER A 58 4.61 3.22 -4.89
N ALA A 59 5.00 4.14 -4.00
CA ALA A 59 4.16 5.23 -3.52
C ALA A 59 4.86 6.59 -3.58
N GLU A 60 4.11 7.64 -3.90
CA GLU A 60 4.55 9.03 -3.98
C GLU A 60 3.50 9.97 -3.38
N LEU A 61 3.98 11.07 -2.78
CA LEU A 61 3.18 12.06 -2.07
C LEU A 61 3.48 13.47 -2.58
N TYR A 62 2.47 14.16 -3.14
CA TYR A 62 2.62 15.51 -3.64
C TYR A 62 1.78 16.47 -2.80
N LEU A 63 2.47 17.19 -1.91
CA LEU A 63 1.95 18.23 -1.02
C LEU A 63 1.99 19.61 -1.68
N ASP A 64 1.08 20.49 -1.26
CA ASP A 64 1.10 21.89 -1.65
C ASP A 64 2.38 22.59 -1.15
N GLU A 65 2.87 23.56 -1.91
CA GLU A 65 4.09 24.38 -1.67
C GLU A 65 4.00 25.28 -0.41
N LEU A 66 3.07 24.95 0.50
CA LEU A 66 2.68 25.68 1.69
C LEU A 66 2.45 24.74 2.90
N SER A 67 2.77 23.44 2.79
CA SER A 67 2.81 22.50 3.91
C SER A 67 4.16 21.78 4.01
N ASP A 68 4.48 21.30 5.21
CA ASP A 68 5.74 20.68 5.59
C ASP A 68 5.42 19.51 6.53
N ALA A 69 5.32 18.31 5.95
CA ALA A 69 5.16 17.05 6.67
C ALA A 69 6.53 16.45 7.08
N ASP A 70 6.53 15.30 7.78
CA ASP A 70 7.76 14.80 8.41
C ASP A 70 8.61 13.96 7.43
N PRO A 71 9.97 14.03 7.53
CA PRO A 71 10.95 13.42 6.61
C PRO A 71 11.02 11.89 6.76
N GLY A 72 9.89 11.24 6.49
CA GLY A 72 9.65 9.80 6.64
C GLY A 72 8.17 9.39 6.57
N ILE A 73 7.23 10.35 6.59
CA ILE A 73 5.77 10.09 6.67
C ILE A 73 5.22 9.22 5.52
N VAL A 74 5.89 9.23 4.37
CA VAL A 74 5.63 8.36 3.22
C VAL A 74 6.19 6.96 3.48
N ASP A 75 7.48 6.88 3.82
CA ASP A 75 8.18 5.64 4.17
C ASP A 75 7.46 4.87 5.27
N GLU A 76 6.85 5.57 6.24
CA GLU A 76 5.99 4.96 7.25
C GLU A 76 4.73 4.32 6.61
N ALA A 77 4.15 4.94 5.57
CA ALA A 77 2.98 4.38 4.90
C ALA A 77 3.35 3.12 4.12
N VAL A 78 4.49 3.13 3.43
CA VAL A 78 4.95 1.98 2.66
C VAL A 78 5.41 0.85 3.60
N ASP A 79 6.14 1.16 4.68
CA ASP A 79 6.51 0.22 5.75
C ASP A 79 5.27 -0.37 6.42
N ALA A 80 4.23 0.43 6.68
CA ALA A 80 2.96 -0.07 7.20
C ALA A 80 2.29 -1.02 6.20
N ALA A 81 2.29 -0.71 4.90
CA ALA A 81 1.79 -1.63 3.88
C ALA A 81 2.63 -2.92 3.79
N TYR A 82 3.97 -2.84 3.78
CA TYR A 82 4.84 -4.03 3.73
C TYR A 82 4.65 -4.93 4.96
N ARG A 83 4.60 -4.33 6.16
CA ARG A 83 4.40 -5.06 7.43
C ARG A 83 2.99 -5.59 7.59
N SER A 84 1.97 -4.83 7.14
CA SER A 84 0.58 -5.31 7.11
C SER A 84 0.47 -6.51 6.17
N LEU A 85 1.09 -6.44 4.98
CA LEU A 85 1.10 -7.55 4.04
C LEU A 85 1.84 -8.76 4.59
N GLU A 86 3.04 -8.57 5.16
CA GLU A 86 3.82 -9.66 5.77
C GLU A 86 3.04 -10.32 6.91
N SER A 87 2.35 -9.54 7.75
CA SER A 87 1.50 -10.07 8.82
C SER A 87 0.20 -10.70 8.31
N PHE A 88 -0.25 -10.34 7.11
CA PHE A 88 -1.45 -10.89 6.48
C PHE A 88 -1.21 -12.24 5.79
N LEU A 89 -0.07 -12.42 5.08
CA LEU A 89 0.36 -13.73 4.60
C LEU A 89 0.70 -14.67 5.78
N ASP A 90 1.24 -14.12 6.87
CA ASP A 90 1.42 -14.78 8.18
C ASP A 90 0.10 -15.00 8.95
N GLY A 91 -1.06 -14.76 8.31
CA GLY A 91 -2.37 -15.16 8.81
C GLY A 91 -3.20 -15.79 7.68
N PHE A 92 -2.56 -16.64 6.87
CA PHE A 92 -3.11 -17.20 5.63
C PHE A 92 -2.28 -18.37 5.07
N ARG A 93 -0.98 -18.17 4.81
CA ARG A 93 -0.07 -19.22 4.32
C ARG A 93 0.69 -19.91 5.46
N GLU A 94 0.60 -19.29 6.64
CA GLU A 94 0.95 -19.70 8.00
C GLU A 94 -0.17 -19.11 8.88
N MET A 4 -12.15 -11.25 0.84
CA MET A 4 -11.78 -11.89 2.13
C MET A 4 -11.54 -13.37 1.90
N SER A 5 -10.82 -14.05 2.82
CA SER A 5 -10.57 -15.50 2.77
C SER A 5 -9.96 -15.97 1.44
N LEU A 6 -8.67 -15.68 1.25
CA LEU A 6 -7.92 -15.94 0.00
C LEU A 6 -8.08 -17.37 -0.55
N ARG A 7 -7.94 -17.48 -1.88
CA ARG A 7 -8.23 -18.66 -2.71
C ARG A 7 -7.11 -18.88 -3.74
N LYS A 8 -7.33 -19.77 -4.72
CA LYS A 8 -6.48 -19.87 -5.91
C LYS A 8 -6.40 -18.48 -6.54
N LEU A 9 -5.22 -17.87 -6.50
CA LEU A 9 -5.06 -16.46 -6.82
C LEU A 9 -5.16 -16.22 -8.33
N THR A 10 -6.05 -15.30 -8.70
CA THR A 10 -6.30 -14.83 -10.07
C THR A 10 -6.29 -13.30 -10.10
N GLU A 11 -6.48 -12.72 -11.30
CA GLU A 11 -6.62 -11.28 -11.51
C GLU A 11 -7.61 -10.60 -10.54
N GLY A 12 -8.65 -11.33 -10.07
CA GLY A 12 -9.60 -10.81 -9.09
C GLY A 12 -9.10 -10.86 -7.65
N ASP A 13 -8.57 -12.00 -7.21
CA ASP A 13 -8.03 -12.20 -5.86
C ASP A 13 -6.81 -11.30 -5.62
N LEU A 14 -5.93 -11.21 -6.63
CA LEU A 14 -4.76 -10.36 -6.60
C LEU A 14 -5.15 -8.87 -6.63
N ASP A 15 -6.22 -8.48 -7.35
CA ASP A 15 -6.74 -7.11 -7.25
C ASP A 15 -7.43 -6.78 -5.92
N GLU A 16 -8.14 -7.72 -5.28
CA GLU A 16 -8.60 -7.48 -3.90
C GLU A 16 -7.41 -7.12 -3.00
N ILE A 17 -6.29 -7.84 -3.15
CA ILE A 17 -5.03 -7.49 -2.48
C ILE A 17 -4.49 -6.13 -2.98
N SER A 18 -4.44 -5.85 -4.29
CA SER A 18 -3.93 -4.57 -4.81
C SER A 18 -4.72 -3.37 -4.25
N SER A 19 -6.04 -3.48 -4.20
CA SER A 19 -6.91 -2.48 -3.59
C SER A 19 -6.74 -2.42 -2.08
N PHE A 20 -6.54 -3.55 -1.39
CA PHE A 20 -6.31 -3.56 0.06
C PHE A 20 -5.05 -2.77 0.43
N LEU A 21 -3.95 -2.92 -0.33
CA LEU A 21 -2.74 -2.13 -0.09
C LEU A 21 -2.89 -0.68 -0.52
N HIS A 22 -3.51 -0.39 -1.67
CA HIS A 22 -3.79 0.99 -2.07
C HIS A 22 -4.62 1.72 -1.00
N ASN A 23 -5.69 1.09 -0.53
CA ASN A 23 -6.51 1.62 0.56
C ASN A 23 -5.72 1.72 1.88
N THR A 24 -4.84 0.75 2.20
CA THR A 24 -4.02 0.79 3.43
C THR A 24 -3.08 2.01 3.45
N ILE A 25 -2.37 2.28 2.35
CA ILE A 25 -1.49 3.45 2.24
C ILE A 25 -2.30 4.74 2.20
N SER A 26 -3.40 4.78 1.43
CA SER A 26 -4.31 5.93 1.37
C SER A 26 -4.86 6.29 2.77
N ASP A 27 -5.40 5.32 3.51
CA ASP A 27 -5.82 5.50 4.89
C ASP A 27 -4.68 5.90 5.83
N PHE A 28 -3.46 5.36 5.68
CA PHE A 28 -2.32 5.77 6.49
C PHE A 28 -2.00 7.26 6.26
N ILE A 29 -1.96 7.70 5.00
CA ILE A 29 -1.70 9.08 4.63
C ILE A 29 -2.83 9.97 5.16
N LEU A 30 -4.10 9.65 4.87
CA LEU A 30 -5.26 10.44 5.31
C LEU A 30 -5.43 10.48 6.84
N LYS A 31 -4.83 9.53 7.58
CA LYS A 31 -4.85 9.51 9.06
C LYS A 31 -3.55 10.05 9.68
N ARG A 32 -2.58 10.50 8.87
CA ARG A 32 -1.40 11.26 9.34
C ARG A 32 -1.30 12.70 8.83
N VAL A 33 -1.74 12.98 7.59
CA VAL A 33 -1.59 14.29 6.93
C VAL A 33 -2.89 14.66 6.21
N SER A 34 -3.30 15.92 6.25
CA SER A 34 -4.56 16.36 5.66
C SER A 34 -4.42 16.53 4.15
N ALA A 35 -5.41 16.06 3.40
CA ALA A 35 -5.57 16.32 1.97
C ALA A 35 -5.49 17.82 1.61
N LYS A 36 -5.81 18.73 2.55
CA LYS A 36 -5.59 20.19 2.37
C LYS A 36 -4.12 20.58 2.18
N GLU A 37 -3.19 19.72 2.57
CA GLU A 37 -1.74 19.88 2.42
C GLU A 37 -1.22 19.16 1.15
N ILE A 38 -2.06 18.29 0.55
CA ILE A 38 -1.68 17.35 -0.50
C ILE A 38 -2.23 17.82 -1.85
N VAL A 39 -1.33 17.98 -2.83
CA VAL A 39 -1.68 18.20 -4.23
C VAL A 39 -2.26 16.91 -4.82
N ASP A 40 -1.55 15.79 -4.67
CA ASP A 40 -2.02 14.46 -5.10
C ASP A 40 -1.19 13.31 -4.51
N ILE A 41 -1.57 12.07 -4.80
CA ILE A 41 -0.82 10.84 -4.49
C ILE A 41 -0.73 9.91 -5.71
N ASP A 42 0.42 9.26 -5.87
CA ASP A 42 0.60 8.16 -6.82
C ASP A 42 0.87 6.90 -5.99
N ILE A 43 0.04 5.86 -6.15
CA ILE A 43 0.27 4.56 -5.51
C ILE A 43 0.11 3.48 -6.57
N THR A 44 1.18 2.71 -6.77
CA THR A 44 1.23 1.58 -7.68
C THR A 44 1.57 0.32 -6.88
N VAL A 45 0.71 -0.69 -7.00
CA VAL A 45 0.94 -2.04 -6.49
C VAL A 45 1.12 -2.95 -7.71
N LEU A 46 2.30 -3.55 -7.82
CA LEU A 46 2.65 -4.53 -8.83
C LEU A 46 2.62 -5.92 -8.19
N VAL A 47 2.08 -6.89 -8.91
CA VAL A 47 1.96 -8.28 -8.46
C VAL A 47 2.31 -9.20 -9.63
N GLU A 48 3.04 -10.27 -9.35
CA GLU A 48 3.64 -11.14 -10.37
C GLU A 48 3.72 -12.58 -9.86
N TYR A 49 3.72 -13.54 -10.79
CA TYR A 49 3.99 -14.94 -10.50
C TYR A 49 4.99 -15.51 -11.51
N THR A 50 6.25 -15.64 -11.08
CA THR A 50 7.37 -16.15 -11.89
C THR A 50 8.10 -17.23 -11.09
N ASP A 51 7.54 -18.44 -11.12
CA ASP A 51 7.84 -19.60 -10.26
C ASP A 51 7.51 -19.37 -8.77
N GLU A 52 7.78 -18.16 -8.27
CA GLU A 52 7.35 -17.61 -6.98
C GLU A 52 6.33 -16.47 -7.17
N LEU A 53 5.56 -16.19 -6.11
CA LEU A 53 4.65 -15.03 -6.03
C LEU A 53 5.45 -13.83 -5.55
N LYS A 54 5.34 -12.70 -6.27
CA LYS A 54 5.87 -11.41 -5.83
C LYS A 54 4.76 -10.35 -5.78
N VAL A 55 4.91 -9.44 -4.82
CA VAL A 55 4.13 -8.21 -4.68
C VAL A 55 5.12 -7.10 -4.34
N ASP A 56 5.00 -5.97 -5.04
CA ASP A 56 5.95 -4.87 -5.03
C ASP A 56 5.15 -3.56 -5.00
N ILE A 57 5.48 -2.65 -4.09
CA ILE A 57 4.66 -1.47 -3.80
C ILE A 57 5.52 -0.21 -3.92
N SER A 58 5.01 0.78 -4.65
CA SER A 58 5.59 2.10 -4.82
C SER A 58 4.53 3.17 -4.58
N ALA A 59 4.82 4.12 -3.68
CA ALA A 59 3.95 5.24 -3.37
C ALA A 59 4.71 6.56 -3.40
N GLU A 60 4.00 7.63 -3.76
CA GLU A 60 4.49 9.02 -3.78
C GLU A 60 3.42 9.97 -3.24
N LEU A 61 3.87 11.03 -2.57
CA LEU A 61 3.05 11.99 -1.84
C LEU A 61 3.42 13.41 -2.31
N TYR A 62 2.56 14.01 -3.13
CA TYR A 62 2.81 15.35 -3.65
C TYR A 62 2.18 16.36 -2.70
N LEU A 63 3.03 17.02 -1.91
CA LEU A 63 2.67 18.10 -1.00
C LEU A 63 2.58 19.42 -1.77
N ASP A 64 1.73 20.32 -1.27
CA ASP A 64 1.70 21.71 -1.74
C ASP A 64 3.04 22.40 -1.47
N GLU A 65 3.45 23.33 -2.34
CA GLU A 65 4.70 24.13 -2.25
C GLU A 65 4.67 25.18 -1.10
N LEU A 66 3.85 24.90 -0.09
CA LEU A 66 3.47 25.74 1.04
C LEU A 66 3.09 24.89 2.28
N SER A 67 3.31 23.56 2.24
CA SER A 67 2.99 22.60 3.31
C SER A 67 4.16 21.66 3.59
N ASP A 68 4.29 21.20 4.84
CA ASP A 68 5.47 20.48 5.33
C ASP A 68 5.04 19.39 6.33
N ALA A 69 4.88 18.18 5.81
CA ALA A 69 4.71 16.94 6.59
C ALA A 69 6.07 16.35 7.02
N ASP A 70 6.09 15.13 7.59
CA ASP A 70 7.29 14.58 8.22
C ASP A 70 8.21 13.89 7.19
N PRO A 71 9.55 14.01 7.33
CA PRO A 71 10.57 13.54 6.39
C PRO A 71 10.76 12.00 6.41
N GLY A 72 9.65 11.29 6.16
CA GLY A 72 9.54 9.83 6.20
C GLY A 72 8.09 9.31 6.07
N ILE A 73 7.08 10.19 6.17
CA ILE A 73 5.66 9.84 6.24
C ILE A 73 5.17 8.93 5.09
N VAL A 74 5.78 9.04 3.91
CA VAL A 74 5.48 8.20 2.73
C VAL A 74 6.06 6.81 2.90
N ASP A 75 7.37 6.74 3.17
CA ASP A 75 8.10 5.48 3.37
C ASP A 75 7.50 4.66 4.53
N GLU A 76 7.12 5.34 5.61
CA GLU A 76 6.38 4.71 6.72
C GLU A 76 5.00 4.21 6.27
N ALA A 77 4.33 4.85 5.31
CA ALA A 77 3.06 4.34 4.77
C ALA A 77 3.28 3.05 3.99
N VAL A 78 4.35 2.98 3.21
CA VAL A 78 4.65 1.77 2.41
C VAL A 78 5.15 0.64 3.31
N ASP A 79 6.03 0.90 4.29
CA ASP A 79 6.37 -0.08 5.32
C ASP A 79 5.13 -0.50 6.10
N ALA A 80 4.19 0.39 6.42
CA ALA A 80 2.94 0.00 7.08
C ALA A 80 2.13 -0.95 6.20
N ALA A 81 2.04 -0.70 4.89
CA ALA A 81 1.45 -1.66 3.95
C ALA A 81 2.22 -2.99 3.92
N TYR A 82 3.56 -2.99 3.86
CA TYR A 82 4.36 -4.21 3.89
C TYR A 82 4.21 -4.99 5.21
N ARG A 83 4.21 -4.31 6.36
CA ARG A 83 4.02 -4.88 7.71
C ARG A 83 2.60 -5.42 7.90
N SER A 84 1.57 -4.68 7.44
CA SER A 84 0.20 -5.17 7.47
C SER A 84 0.07 -6.40 6.58
N LEU A 85 0.61 -6.37 5.36
CA LEU A 85 0.58 -7.51 4.44
C LEU A 85 1.32 -8.72 4.99
N GLU A 86 2.50 -8.52 5.60
CA GLU A 86 3.24 -9.58 6.29
C GLU A 86 2.41 -10.20 7.42
N SER A 87 1.68 -9.38 8.19
CA SER A 87 0.78 -9.87 9.24
C SER A 87 -0.45 -10.61 8.69
N PHE A 88 -0.93 -10.19 7.52
CA PHE A 88 -2.11 -10.75 6.86
C PHE A 88 -1.79 -12.05 6.11
N LEU A 89 -0.67 -12.12 5.40
CA LEU A 89 -0.21 -13.34 4.72
C LEU A 89 0.26 -14.40 5.73
N ASP A 90 0.70 -14.01 6.93
CA ASP A 90 0.88 -14.96 8.02
C ASP A 90 -0.44 -15.66 8.38
N GLY A 91 -1.61 -15.09 8.03
CA GLY A 91 -2.91 -15.76 8.17
C GLY A 91 -3.29 -16.67 6.99
N PHE A 92 -2.43 -16.77 5.96
CA PHE A 92 -2.72 -17.51 4.71
C PHE A 92 -1.55 -18.35 4.17
N ARG A 93 -0.38 -18.32 4.82
CA ARG A 93 0.82 -19.05 4.40
C ARG A 93 1.66 -19.64 5.54
N GLU A 94 1.92 -18.81 6.57
CA GLU A 94 2.96 -19.04 7.60
C GLU A 94 4.37 -19.23 6.98
N MET A 4 -11.48 -21.98 4.30
CA MET A 4 -10.31 -21.61 3.48
C MET A 4 -10.16 -20.09 3.56
N SER A 5 -8.97 -19.56 3.87
CA SER A 5 -8.76 -18.11 3.96
C SER A 5 -8.97 -17.39 2.63
N LEU A 6 -8.65 -18.05 1.50
CA LEU A 6 -8.65 -17.49 0.16
C LEU A 6 -9.13 -18.51 -0.90
N ARG A 7 -9.11 -18.08 -2.16
CA ARG A 7 -9.59 -18.82 -3.34
C ARG A 7 -8.42 -19.18 -4.27
N LYS A 8 -8.72 -19.86 -5.39
CA LYS A 8 -7.78 -20.07 -6.50
C LYS A 8 -7.33 -18.71 -7.01
N LEU A 9 -6.05 -18.38 -6.82
CA LEU A 9 -5.54 -17.04 -7.03
C LEU A 9 -5.41 -16.73 -8.52
N THR A 10 -6.10 -15.66 -8.94
CA THR A 10 -6.05 -15.09 -10.29
C THR A 10 -6.09 -13.56 -10.19
N GLU A 11 -6.23 -12.89 -11.33
CA GLU A 11 -6.16 -11.42 -11.46
C GLU A 11 -7.06 -10.71 -10.44
N GLY A 12 -8.27 -11.24 -10.19
CA GLY A 12 -9.21 -10.70 -9.20
C GLY A 12 -8.68 -10.71 -7.76
N ASP A 13 -8.10 -11.82 -7.29
CA ASP A 13 -7.51 -11.92 -5.96
C ASP A 13 -6.31 -10.97 -5.83
N LEU A 14 -5.46 -10.94 -6.86
CA LEU A 14 -4.30 -10.05 -6.94
C LEU A 14 -4.69 -8.56 -7.04
N ASP A 15 -5.77 -8.20 -7.75
CA ASP A 15 -6.35 -6.86 -7.74
C ASP A 15 -6.94 -6.50 -6.37
N GLU A 16 -7.68 -7.41 -5.72
CA GLU A 16 -8.25 -7.18 -4.39
C GLU A 16 -7.15 -6.96 -3.34
N ILE A 17 -6.09 -7.77 -3.36
CA ILE A 17 -4.91 -7.58 -2.52
C ILE A 17 -4.19 -6.26 -2.87
N SER A 18 -4.02 -5.96 -4.16
CA SER A 18 -3.42 -4.69 -4.61
C SER A 18 -4.23 -3.48 -4.16
N SER A 19 -5.57 -3.56 -4.14
CA SER A 19 -6.40 -2.53 -3.55
C SER A 19 -6.24 -2.50 -2.04
N PHE A 20 -6.22 -3.64 -1.33
CA PHE A 20 -6.00 -3.65 0.13
C PHE A 20 -4.68 -2.96 0.51
N LEU A 21 -3.62 -3.17 -0.28
CA LEU A 21 -2.35 -2.45 -0.14
C LEU A 21 -2.51 -0.95 -0.44
N HIS A 22 -3.09 -0.57 -1.58
CA HIS A 22 -3.31 0.83 -1.96
C HIS A 22 -4.18 1.59 -0.94
N ASN A 23 -5.29 0.99 -0.51
CA ASN A 23 -6.17 1.48 0.54
C ASN A 23 -5.41 1.62 1.87
N THR A 24 -4.58 0.62 2.25
CA THR A 24 -3.79 0.69 3.49
C THR A 24 -2.84 1.90 3.46
N ILE A 25 -2.11 2.11 2.36
CA ILE A 25 -1.23 3.28 2.21
C ILE A 25 -2.06 4.57 2.25
N SER A 26 -3.13 4.65 1.44
CA SER A 26 -3.97 5.86 1.35
C SER A 26 -4.58 6.25 2.71
N ASP A 27 -5.15 5.28 3.45
CA ASP A 27 -5.69 5.53 4.79
C ASP A 27 -4.58 5.91 5.80
N PHE A 28 -3.40 5.29 5.71
CA PHE A 28 -2.26 5.66 6.56
C PHE A 28 -1.74 7.07 6.23
N ILE A 29 -1.71 7.47 4.95
CA ILE A 29 -1.41 8.84 4.55
C ILE A 29 -2.47 9.77 5.13
N LEU A 30 -3.77 9.50 4.90
CA LEU A 30 -4.86 10.35 5.40
C LEU A 30 -4.88 10.49 6.93
N LYS A 31 -4.43 9.48 7.69
CA LYS A 31 -4.28 9.59 9.15
C LYS A 31 -2.99 10.33 9.60
N ARG A 32 -1.99 10.48 8.73
CA ARG A 32 -0.74 11.23 9.02
C ARG A 32 -0.70 12.65 8.46
N VAL A 33 -1.35 12.90 7.30
CA VAL A 33 -1.36 14.18 6.57
C VAL A 33 -2.73 14.36 5.92
N SER A 34 -3.26 15.58 5.94
CA SER A 34 -4.60 15.89 5.44
C SER A 34 -4.69 15.95 3.92
N ALA A 35 -5.74 15.34 3.36
CA ALA A 35 -6.17 15.54 1.98
C ALA A 35 -6.30 17.04 1.62
N LYS A 36 -6.53 17.94 2.60
CA LYS A 36 -6.55 19.40 2.42
C LYS A 36 -5.17 20.03 2.15
N GLU A 37 -4.06 19.39 2.53
CA GLU A 37 -2.69 19.92 2.36
C GLU A 37 -1.86 19.12 1.35
N ILE A 38 -2.36 17.95 0.96
CA ILE A 38 -1.89 17.12 -0.16
C ILE A 38 -2.58 17.62 -1.44
N VAL A 39 -1.79 17.90 -2.48
CA VAL A 39 -2.29 18.15 -3.84
C VAL A 39 -2.75 16.84 -4.47
N ASP A 40 -1.92 15.79 -4.40
CA ASP A 40 -2.29 14.44 -4.84
C ASP A 40 -1.36 13.35 -4.27
N ILE A 41 -1.71 12.09 -4.54
CA ILE A 41 -0.89 10.91 -4.28
C ILE A 41 -0.84 10.03 -5.52
N ASP A 42 0.34 9.42 -5.75
CA ASP A 42 0.50 8.36 -6.75
C ASP A 42 0.96 7.13 -5.97
N ILE A 43 0.27 6.00 -6.16
CA ILE A 43 0.60 4.74 -5.51
C ILE A 43 0.62 3.67 -6.59
N THR A 44 1.73 2.92 -6.65
CA THR A 44 1.94 1.85 -7.61
C THR A 44 2.14 0.56 -6.83
N VAL A 45 1.23 -0.39 -7.03
CA VAL A 45 1.36 -1.76 -6.55
C VAL A 45 1.44 -2.67 -7.77
N LEU A 46 2.52 -3.46 -7.86
CA LEU A 46 2.67 -4.51 -8.86
C LEU A 46 2.78 -5.86 -8.14
N VAL A 47 2.10 -6.88 -8.67
CA VAL A 47 2.08 -8.23 -8.11
C VAL A 47 2.17 -9.24 -9.25
N GLU A 48 3.08 -10.21 -9.12
CA GLU A 48 3.45 -11.13 -10.20
C GLU A 48 3.81 -12.51 -9.63
N TYR A 49 3.77 -13.54 -10.49
CA TYR A 49 4.10 -14.91 -10.12
C TYR A 49 4.98 -15.55 -11.19
N THR A 50 6.24 -15.85 -10.87
CA THR A 50 7.14 -16.62 -11.75
C THR A 50 7.82 -17.72 -10.94
N ASP A 51 7.17 -18.88 -10.82
CA ASP A 51 7.49 -20.01 -9.92
C ASP A 51 7.36 -19.66 -8.42
N GLU A 52 7.72 -18.43 -8.05
CA GLU A 52 7.51 -17.78 -6.76
C GLU A 52 6.65 -16.51 -6.93
N LEU A 53 5.98 -16.11 -5.84
CA LEU A 53 5.15 -14.90 -5.74
C LEU A 53 6.01 -13.68 -5.39
N LYS A 54 5.88 -12.59 -6.15
CA LYS A 54 6.45 -11.29 -5.77
C LYS A 54 5.39 -10.19 -5.79
N VAL A 55 5.56 -9.22 -4.89
CA VAL A 55 4.77 -7.99 -4.81
C VAL A 55 5.74 -6.83 -4.57
N ASP A 56 5.45 -5.70 -5.20
CA ASP A 56 6.33 -4.56 -5.35
C ASP A 56 5.52 -3.27 -5.21
N ILE A 57 5.92 -2.37 -4.31
CA ILE A 57 5.12 -1.21 -3.90
C ILE A 57 5.95 0.08 -3.91
N SER A 58 5.39 1.14 -4.52
CA SER A 58 5.86 2.52 -4.42
C SER A 58 4.69 3.43 -4.07
N ALA A 59 4.92 4.41 -3.20
CA ALA A 59 3.97 5.48 -2.93
C ALA A 59 4.68 6.84 -2.98
N GLU A 60 3.96 7.83 -3.49
CA GLU A 60 4.45 9.17 -3.78
C GLU A 60 3.47 10.21 -3.21
N LEU A 61 4.02 11.25 -2.57
CA LEU A 61 3.28 12.33 -1.90
C LEU A 61 3.55 13.63 -2.63
N TYR A 62 2.48 14.29 -3.11
CA TYR A 62 2.58 15.62 -3.68
C TYR A 62 1.81 16.58 -2.76
N LEU A 63 2.57 17.34 -1.95
CA LEU A 63 2.08 18.36 -1.03
C LEU A 63 1.83 19.70 -1.75
N ASP A 64 0.90 20.48 -1.22
CA ASP A 64 0.71 21.87 -1.64
C ASP A 64 1.98 22.72 -1.45
N GLU A 65 2.18 23.70 -2.35
CA GLU A 65 3.32 24.65 -2.44
C GLU A 65 3.40 25.65 -1.26
N LEU A 66 2.84 25.23 -0.11
CA LEU A 66 2.63 25.98 1.13
C LEU A 66 2.80 25.07 2.36
N SER A 67 3.12 23.78 2.17
CA SER A 67 3.11 22.73 3.21
C SER A 67 4.43 21.96 3.26
N ASP A 68 4.74 21.36 4.42
CA ASP A 68 6.03 20.73 4.70
C ASP A 68 5.84 19.60 5.72
N ALA A 69 5.68 18.38 5.20
CA ALA A 69 5.51 17.14 5.96
C ALA A 69 6.85 16.58 6.52
N ASP A 70 6.84 15.37 7.11
CA ASP A 70 8.05 14.76 7.66
C ASP A 70 8.83 14.00 6.56
N PRO A 71 10.18 14.05 6.55
CA PRO A 71 11.05 13.43 5.53
C PRO A 71 11.14 11.88 5.68
N GLY A 72 9.97 11.26 5.75
CA GLY A 72 9.73 9.82 5.89
C GLY A 72 8.24 9.42 6.01
N ILE A 73 7.30 10.37 5.90
CA ILE A 73 5.88 10.14 6.21
C ILE A 73 5.19 9.09 5.31
N VAL A 74 5.71 8.89 4.10
CA VAL A 74 5.24 7.88 3.16
C VAL A 74 5.89 6.52 3.38
N ASP A 75 7.17 6.49 3.74
CA ASP A 75 7.89 5.27 4.11
C ASP A 75 7.15 4.52 5.23
N GLU A 76 6.54 5.28 6.17
CA GLU A 76 5.66 4.73 7.20
C GLU A 76 4.41 4.08 6.59
N ALA A 77 3.80 4.68 5.56
CA ALA A 77 2.64 4.09 4.88
C ALA A 77 3.01 2.82 4.11
N VAL A 78 4.14 2.82 3.40
CA VAL A 78 4.56 1.65 2.61
C VAL A 78 4.98 0.50 3.53
N ASP A 79 5.77 0.76 4.57
CA ASP A 79 6.12 -0.21 5.62
C ASP A 79 4.86 -0.74 6.33
N ALA A 80 3.87 0.12 6.60
CA ALA A 80 2.58 -0.34 7.11
C ALA A 80 1.83 -1.25 6.14
N ALA A 81 1.86 -0.99 4.82
CA ALA A 81 1.32 -1.89 3.80
C ALA A 81 2.08 -3.23 3.75
N TYR A 82 3.42 -3.20 3.82
CA TYR A 82 4.23 -4.42 3.89
C TYR A 82 3.93 -5.23 5.16
N ARG A 83 3.81 -4.58 6.33
CA ARG A 83 3.50 -5.25 7.60
C ARG A 83 2.06 -5.74 7.68
N SER A 84 1.07 -4.97 7.18
CA SER A 84 -0.31 -5.43 7.12
C SER A 84 -0.45 -6.65 6.22
N LEU A 85 0.24 -6.69 5.08
CA LEU A 85 0.28 -7.87 4.21
C LEU A 85 0.95 -9.06 4.90
N GLU A 86 2.10 -8.88 5.54
CA GLU A 86 2.79 -9.99 6.21
C GLU A 86 1.97 -10.54 7.39
N SER A 87 1.35 -9.65 8.18
CA SER A 87 0.47 -10.03 9.29
C SER A 87 -0.87 -10.61 8.83
N PHE A 88 -1.29 -10.36 7.57
CA PHE A 88 -2.44 -11.01 6.94
C PHE A 88 -2.05 -12.40 6.39
N LEU A 89 -0.88 -12.52 5.75
CA LEU A 89 -0.33 -13.81 5.27
C LEU A 89 -0.11 -14.84 6.39
N ASP A 90 0.17 -14.36 7.60
CA ASP A 90 0.18 -15.14 8.85
C ASP A 90 -1.17 -15.87 9.15
N GLY A 91 -2.25 -15.57 8.40
CA GLY A 91 -3.52 -16.32 8.42
C GLY A 91 -4.00 -16.78 7.03
N PHE A 92 -3.15 -16.68 6.01
CA PHE A 92 -3.48 -16.96 4.60
C PHE A 92 -2.52 -17.95 3.91
N ARG A 93 -1.39 -18.31 4.54
CA ARG A 93 -0.52 -19.41 4.09
C ARG A 93 0.16 -20.18 5.23
N GLU A 94 0.82 -19.45 6.14
CA GLU A 94 1.74 -20.04 7.12
C GLU A 94 1.07 -20.85 8.24
N MET A 4 -5.36 -22.99 5.13
CA MET A 4 -5.39 -21.97 4.06
C MET A 4 -6.80 -21.41 3.94
N SER A 5 -6.94 -20.11 3.69
CA SER A 5 -8.24 -19.45 3.47
C SER A 5 -8.32 -18.62 2.16
N LEU A 6 -7.22 -18.62 1.40
CA LEU A 6 -7.08 -18.03 0.07
C LEU A 6 -7.90 -18.80 -0.99
N ARG A 7 -7.84 -18.28 -2.22
CA ARG A 7 -8.53 -18.79 -3.41
C ARG A 7 -7.54 -18.80 -4.58
N LYS A 8 -7.98 -19.27 -5.75
CA LYS A 8 -7.24 -19.18 -7.02
C LYS A 8 -6.70 -17.75 -7.25
N LEU A 9 -5.39 -17.55 -7.08
CA LEU A 9 -4.78 -16.22 -7.15
C LEU A 9 -4.64 -15.77 -8.61
N THR A 10 -5.49 -14.83 -9.03
CA THR A 10 -5.50 -14.30 -10.40
C THR A 10 -5.94 -12.83 -10.42
N GLU A 11 -6.26 -12.31 -11.61
CA GLU A 11 -6.64 -10.94 -12.00
C GLU A 11 -7.91 -10.37 -11.30
N GLY A 12 -8.26 -10.90 -10.14
CA GLY A 12 -9.31 -10.39 -9.25
C GLY A 12 -8.90 -10.54 -7.78
N ASP A 13 -8.45 -11.72 -7.39
CA ASP A 13 -8.00 -12.06 -6.04
C ASP A 13 -6.68 -11.33 -5.69
N LEU A 14 -5.74 -11.29 -6.64
CA LEU A 14 -4.52 -10.47 -6.54
C LEU A 14 -4.82 -8.97 -6.66
N ASP A 15 -5.85 -8.60 -7.44
CA ASP A 15 -6.31 -7.21 -7.53
C ASP A 15 -6.95 -6.73 -6.21
N GLU A 16 -7.74 -7.56 -5.52
CA GLU A 16 -8.25 -7.27 -4.18
C GLU A 16 -7.13 -7.11 -3.14
N ILE A 17 -6.06 -7.93 -3.21
CA ILE A 17 -4.88 -7.74 -2.36
C ILE A 17 -4.17 -6.42 -2.72
N SER A 18 -4.02 -6.13 -4.01
CA SER A 18 -3.43 -4.87 -4.50
C SER A 18 -4.26 -3.65 -4.04
N SER A 19 -5.59 -3.76 -4.09
CA SER A 19 -6.55 -2.79 -3.58
C SER A 19 -6.43 -2.62 -2.06
N PHE A 20 -6.30 -3.72 -1.30
CA PHE A 20 -6.03 -3.68 0.13
C PHE A 20 -4.73 -2.93 0.46
N LEU A 21 -3.66 -3.14 -0.31
CA LEU A 21 -2.40 -2.39 -0.17
C LEU A 21 -2.60 -0.90 -0.47
N HIS A 22 -3.20 -0.56 -1.61
CA HIS A 22 -3.46 0.84 -2.00
C HIS A 22 -4.33 1.58 -0.98
N ASN A 23 -5.40 0.94 -0.49
CA ASN A 23 -6.22 1.49 0.59
C ASN A 23 -5.43 1.60 1.90
N THR A 24 -4.57 0.63 2.24
CA THR A 24 -3.75 0.66 3.47
C THR A 24 -2.79 1.87 3.48
N ILE A 25 -2.07 2.11 2.37
CA ILE A 25 -1.22 3.31 2.24
C ILE A 25 -2.08 4.58 2.33
N SER A 26 -3.21 4.60 1.63
CA SER A 26 -4.13 5.74 1.60
C SER A 26 -4.65 6.10 2.99
N ASP A 27 -5.19 5.12 3.74
CA ASP A 27 -5.53 5.28 5.16
C ASP A 27 -4.37 5.66 6.07
N PHE A 28 -3.17 5.13 5.86
CA PHE A 28 -2.02 5.51 6.68
C PHE A 28 -1.69 6.99 6.46
N ILE A 29 -1.65 7.46 5.20
CA ILE A 29 -1.41 8.85 4.84
C ILE A 29 -2.53 9.75 5.41
N LEU A 30 -3.80 9.39 5.21
CA LEU A 30 -4.96 10.11 5.76
C LEU A 30 -5.02 10.13 7.30
N LYS A 31 -4.19 9.33 7.98
CA LYS A 31 -4.02 9.34 9.45
C LYS A 31 -2.58 9.71 9.87
N ARG A 32 -1.78 10.25 8.94
CA ARG A 32 -0.45 10.87 9.15
C ARG A 32 -0.42 12.36 8.79
N VAL A 33 -1.09 12.80 7.72
CA VAL A 33 -1.06 14.19 7.22
C VAL A 33 -2.42 14.57 6.61
N SER A 34 -2.77 15.86 6.64
CA SER A 34 -4.09 16.31 6.20
C SER A 34 -4.16 16.43 4.67
N ALA A 35 -5.13 15.75 4.06
CA ALA A 35 -5.49 15.89 2.65
C ALA A 35 -5.75 17.35 2.22
N LYS A 36 -6.12 18.25 3.15
CA LYS A 36 -6.20 19.70 2.90
C LYS A 36 -4.88 20.32 2.44
N GLU A 37 -3.75 19.66 2.67
CA GLU A 37 -2.39 20.08 2.27
C GLU A 37 -1.89 19.29 1.05
N ILE A 38 -2.63 18.25 0.64
CA ILE A 38 -2.22 17.31 -0.41
C ILE A 38 -2.86 17.74 -1.73
N VAL A 39 -2.02 18.02 -2.72
CA VAL A 39 -2.41 18.25 -4.11
C VAL A 39 -2.90 16.93 -4.72
N ASP A 40 -2.11 15.85 -4.57
CA ASP A 40 -2.55 14.49 -4.95
C ASP A 40 -1.66 13.38 -4.35
N ILE A 41 -2.06 12.12 -4.61
CA ILE A 41 -1.27 10.91 -4.35
C ILE A 41 -1.24 10.02 -5.58
N ASP A 42 -0.10 9.38 -5.82
CA ASP A 42 0.10 8.38 -6.86
C ASP A 42 0.74 7.14 -6.24
N ILE A 43 0.01 6.01 -6.31
CA ILE A 43 0.40 4.75 -5.69
C ILE A 43 0.32 3.66 -6.75
N THR A 44 1.42 2.94 -6.91
CA THR A 44 1.57 1.83 -7.84
C THR A 44 1.89 0.58 -7.03
N VAL A 45 0.98 -0.39 -7.13
CA VAL A 45 1.06 -1.70 -6.50
C VAL A 45 1.14 -2.75 -7.61
N LEU A 46 2.22 -3.54 -7.62
CA LEU A 46 2.43 -4.63 -8.56
C LEU A 46 2.51 -5.94 -7.77
N VAL A 47 1.89 -6.99 -8.30
CA VAL A 47 2.00 -8.35 -7.78
C VAL A 47 2.09 -9.33 -8.96
N GLU A 48 3.02 -10.28 -8.88
CA GLU A 48 3.33 -11.23 -9.94
C GLU A 48 3.73 -12.58 -9.32
N TYR A 49 3.58 -13.66 -10.09
CA TYR A 49 4.02 -14.99 -9.68
C TYR A 49 4.83 -15.62 -10.80
N THR A 50 6.15 -15.73 -10.59
CA THR A 50 7.11 -16.29 -11.55
C THR A 50 7.99 -17.31 -10.83
N ASP A 51 7.44 -18.53 -10.66
CA ASP A 51 7.91 -19.63 -9.79
C ASP A 51 7.90 -19.29 -8.29
N GLU A 52 8.25 -18.05 -7.95
CA GLU A 52 8.17 -17.38 -6.66
C GLU A 52 7.25 -16.14 -6.76
N LEU A 53 6.75 -15.68 -5.60
CA LEU A 53 5.83 -14.55 -5.47
C LEU A 53 6.62 -13.24 -5.41
N LYS A 54 6.22 -12.27 -6.26
CA LYS A 54 6.74 -10.90 -6.23
C LYS A 54 5.60 -9.94 -5.89
N VAL A 55 5.82 -9.05 -4.93
CA VAL A 55 4.93 -7.95 -4.58
C VAL A 55 5.76 -6.68 -4.37
N ASP A 56 5.41 -5.63 -5.11
CA ASP A 56 6.21 -4.42 -5.26
C ASP A 56 5.31 -3.19 -5.12
N ILE A 57 5.78 -2.22 -4.32
CA ILE A 57 4.97 -1.08 -3.89
C ILE A 57 5.79 0.20 -4.10
N SER A 58 5.21 1.18 -4.80
CA SER A 58 5.74 2.54 -4.89
C SER A 58 4.63 3.55 -4.61
N ALA A 59 4.89 4.54 -3.76
CA ALA A 59 3.95 5.61 -3.45
C ALA A 59 4.64 6.97 -3.55
N GLU A 60 3.91 7.96 -4.06
CA GLU A 60 4.30 9.36 -4.12
C GLU A 60 3.15 10.23 -3.61
N LEU A 61 3.53 11.26 -2.84
CA LEU A 61 2.66 12.13 -2.06
C LEU A 61 2.99 13.57 -2.41
N TYR A 62 2.05 14.29 -3.02
CA TYR A 62 2.30 15.63 -3.55
C TYR A 62 1.62 16.67 -2.67
N LEU A 63 2.44 17.43 -1.96
CA LEU A 63 2.07 18.54 -1.08
C LEU A 63 1.85 19.82 -1.88
N ASP A 64 1.00 20.70 -1.36
CA ASP A 64 0.89 22.08 -1.85
C ASP A 64 2.23 22.82 -1.66
N GLU A 65 2.54 23.74 -2.57
CA GLU A 65 3.74 24.63 -2.57
C GLU A 65 3.77 25.62 -1.38
N LEU A 66 3.17 25.22 -0.26
CA LEU A 66 2.91 25.98 0.96
C LEU A 66 2.87 25.09 2.23
N SER A 67 3.13 23.77 2.12
CA SER A 67 3.30 22.87 3.27
C SER A 67 4.40 21.82 3.04
N ASP A 68 4.84 21.19 4.13
CA ASP A 68 6.01 20.32 4.23
C ASP A 68 5.72 19.19 5.23
N ALA A 69 5.25 18.05 4.72
CA ALA A 69 5.13 16.81 5.49
C ALA A 69 6.50 16.24 5.91
N ASP A 70 6.51 15.17 6.71
CA ASP A 70 7.73 14.70 7.37
C ASP A 70 8.56 13.77 6.45
N PRO A 71 9.91 13.86 6.49
CA PRO A 71 10.86 13.20 5.57
C PRO A 71 10.99 11.69 5.81
N GLY A 72 9.86 10.99 5.69
CA GLY A 72 9.70 9.55 5.90
C GLY A 72 8.24 9.08 5.89
N ILE A 73 7.26 9.98 5.94
CA ILE A 73 5.82 9.70 6.07
C ILE A 73 5.25 8.74 5.00
N VAL A 74 5.85 8.74 3.81
CA VAL A 74 5.53 7.86 2.68
C VAL A 74 6.15 6.48 2.85
N ASP A 75 7.45 6.44 3.17
CA ASP A 75 8.19 5.21 3.47
C ASP A 75 7.55 4.45 4.64
N GLU A 76 7.05 5.18 5.65
CA GLU A 76 6.23 4.60 6.71
C GLU A 76 4.91 4.03 6.17
N ALA A 77 4.24 4.71 5.21
CA ALA A 77 2.99 4.20 4.65
C ALA A 77 3.22 2.91 3.84
N VAL A 78 4.29 2.89 3.06
CA VAL A 78 4.73 1.76 2.25
C VAL A 78 5.12 0.56 3.14
N ASP A 79 5.98 0.75 4.14
CA ASP A 79 6.28 -0.25 5.16
C ASP A 79 5.02 -0.70 5.93
N ALA A 80 4.09 0.22 6.25
CA ALA A 80 2.85 -0.14 6.91
C ALA A 80 1.99 -1.06 6.03
N ALA A 81 1.95 -0.83 4.71
CA ALA A 81 1.35 -1.76 3.76
C ALA A 81 2.10 -3.10 3.70
N TYR A 82 3.44 -3.09 3.67
CA TYR A 82 4.24 -4.33 3.69
C TYR A 82 4.05 -5.16 4.97
N ARG A 83 4.04 -4.51 6.16
CA ARG A 83 3.82 -5.18 7.44
C ARG A 83 2.35 -5.61 7.58
N SER A 84 1.40 -4.84 7.04
CA SER A 84 0.00 -5.25 6.95
C SER A 84 -0.16 -6.48 6.05
N LEU A 85 0.57 -6.57 4.93
CA LEU A 85 0.61 -7.75 4.07
C LEU A 85 1.24 -8.95 4.78
N GLU A 86 2.34 -8.74 5.50
CA GLU A 86 2.99 -9.77 6.30
C GLU A 86 2.03 -10.34 7.36
N SER A 87 1.24 -9.48 8.02
CA SER A 87 0.15 -9.90 8.92
C SER A 87 -1.06 -10.49 8.18
N PHE A 88 -1.33 -10.07 6.93
CA PHE A 88 -2.41 -10.63 6.11
C PHE A 88 -2.10 -12.09 5.74
N LEU A 89 -0.86 -12.43 5.35
CA LEU A 89 -0.50 -13.84 5.11
C LEU A 89 -0.44 -14.66 6.41
N ASP A 90 -0.06 -14.04 7.53
CA ASP A 90 -0.16 -14.61 8.89
C ASP A 90 -1.63 -14.95 9.28
N GLY A 91 -2.62 -14.51 8.50
CA GLY A 91 -4.03 -14.89 8.63
C GLY A 91 -4.61 -15.60 7.40
N PHE A 92 -3.76 -16.13 6.51
CA PHE A 92 -4.20 -16.76 5.25
C PHE A 92 -3.42 -18.00 4.83
N ARG A 93 -2.09 -18.04 5.08
CA ARG A 93 -1.25 -19.21 4.81
C ARG A 93 -1.22 -20.17 6.00
N GLU A 94 -1.33 -19.65 7.22
CA GLU A 94 -1.62 -20.39 8.44
C GLU A 94 -3.15 -20.57 8.54
N MET A 4 -10.06 -13.47 5.36
CA MET A 4 -9.33 -14.74 5.56
C MET A 4 -9.60 -15.66 4.36
N SER A 5 -8.67 -16.58 4.05
CA SER A 5 -8.84 -17.63 3.05
C SER A 5 -9.06 -17.11 1.62
N LEU A 6 -7.96 -16.87 0.91
CA LEU A 6 -7.95 -16.59 -0.53
C LEU A 6 -8.58 -17.73 -1.36
N ARG A 7 -8.82 -17.47 -2.64
CA ARG A 7 -9.23 -18.46 -3.64
C ARG A 7 -8.04 -18.73 -4.56
N LYS A 8 -8.26 -19.24 -5.77
CA LYS A 8 -7.22 -19.34 -6.81
C LYS A 8 -6.75 -17.92 -7.15
N LEU A 9 -5.44 -17.70 -7.18
CA LEU A 9 -4.86 -16.37 -7.36
C LEU A 9 -5.03 -15.96 -8.82
N THR A 10 -5.86 -14.93 -9.03
CA THR A 10 -6.37 -14.49 -10.33
C THR A 10 -6.61 -12.98 -10.30
N GLU A 11 -6.98 -12.39 -11.44
CA GLU A 11 -7.40 -11.00 -11.70
C GLU A 11 -8.68 -10.58 -10.94
N GLY A 12 -8.78 -10.99 -9.68
CA GLY A 12 -9.82 -10.69 -8.72
C GLY A 12 -9.25 -10.79 -7.30
N ASP A 13 -8.71 -11.95 -6.93
CA ASP A 13 -8.00 -12.13 -5.65
C ASP A 13 -6.75 -11.25 -5.57
N LEU A 14 -5.96 -11.20 -6.66
CA LEU A 14 -4.76 -10.39 -6.73
C LEU A 14 -5.08 -8.89 -6.70
N ASP A 15 -6.13 -8.45 -7.41
CA ASP A 15 -6.59 -7.07 -7.35
C ASP A 15 -7.24 -6.67 -6.02
N GLU A 16 -7.99 -7.57 -5.35
CA GLU A 16 -8.46 -7.33 -3.97
C GLU A 16 -7.26 -7.03 -3.05
N ILE A 17 -6.17 -7.78 -3.18
CA ILE A 17 -4.91 -7.50 -2.49
C ILE A 17 -4.28 -6.17 -2.95
N SER A 18 -4.27 -5.87 -4.26
CA SER A 18 -3.77 -4.57 -4.78
C SER A 18 -4.54 -3.39 -4.18
N SER A 19 -5.87 -3.53 -4.10
CA SER A 19 -6.78 -2.55 -3.51
C SER A 19 -6.58 -2.43 -2.00
N PHE A 20 -6.44 -3.56 -1.28
CA PHE A 20 -6.15 -3.57 0.15
C PHE A 20 -4.83 -2.86 0.48
N LEU A 21 -3.79 -3.11 -0.32
CA LEU A 21 -2.50 -2.44 -0.16
C LEU A 21 -2.57 -0.95 -0.51
N HIS A 22 -3.23 -0.58 -1.62
CA HIS A 22 -3.45 0.82 -1.98
C HIS A 22 -4.22 1.56 -0.86
N ASN A 23 -5.34 1.01 -0.37
CA ASN A 23 -6.05 1.59 0.77
C ASN A 23 -5.17 1.64 2.02
N THR A 24 -4.35 0.62 2.31
CA THR A 24 -3.51 0.61 3.52
C THR A 24 -2.54 1.79 3.54
N ILE A 25 -1.90 2.10 2.40
CA ILE A 25 -1.06 3.31 2.26
C ILE A 25 -1.92 4.57 2.25
N SER A 26 -3.00 4.60 1.45
CA SER A 26 -3.85 5.79 1.28
C SER A 26 -4.48 6.24 2.60
N ASP A 27 -5.08 5.33 3.36
CA ASP A 27 -5.64 5.61 4.70
C ASP A 27 -4.54 5.96 5.73
N PHE A 28 -3.33 5.37 5.64
CA PHE A 28 -2.21 5.82 6.48
C PHE A 28 -1.86 7.28 6.17
N ILE A 29 -1.76 7.65 4.88
CA ILE A 29 -1.46 9.01 4.45
C ILE A 29 -2.58 9.96 4.87
N LEU A 30 -3.85 9.63 4.59
CA LEU A 30 -5.03 10.42 4.97
C LEU A 30 -5.17 10.66 6.47
N LYS A 31 -4.50 9.84 7.30
CA LYS A 31 -4.48 9.98 8.76
C LYS A 31 -3.09 10.38 9.29
N ARG A 32 -2.15 10.73 8.40
CA ARG A 32 -0.85 11.36 8.71
C ARG A 32 -0.75 12.80 8.19
N VAL A 33 -1.29 13.11 6.99
CA VAL A 33 -1.22 14.43 6.33
C VAL A 33 -2.55 14.70 5.61
N SER A 34 -3.00 15.97 5.55
CA SER A 34 -4.35 16.31 5.10
C SER A 34 -4.55 16.31 3.58
N ALA A 35 -5.67 15.74 3.11
CA ALA A 35 -6.13 15.90 1.74
C ALA A 35 -6.24 17.37 1.29
N LYS A 36 -6.42 18.33 2.23
CA LYS A 36 -6.40 19.76 1.93
C LYS A 36 -5.00 20.31 1.59
N GLU A 37 -3.92 19.65 2.01
CA GLU A 37 -2.53 20.10 1.79
C GLU A 37 -1.75 19.15 0.86
N ILE A 38 -2.43 18.11 0.35
CA ILE A 38 -1.97 17.17 -0.65
C ILE A 38 -2.54 17.61 -2.00
N VAL A 39 -1.67 17.80 -2.99
CA VAL A 39 -2.03 18.01 -4.39
C VAL A 39 -2.54 16.69 -4.97
N ASP A 40 -1.76 15.61 -4.84
CA ASP A 40 -2.18 14.24 -5.20
C ASP A 40 -1.24 13.17 -4.61
N ILE A 41 -1.59 11.89 -4.84
CA ILE A 41 -0.78 10.72 -4.47
C ILE A 41 -0.69 9.72 -5.62
N ASP A 42 0.53 9.29 -5.96
CA ASP A 42 0.75 8.16 -6.86
C ASP A 42 1.00 6.93 -6.01
N ILE A 43 0.15 5.89 -6.14
CA ILE A 43 0.39 4.59 -5.50
C ILE A 43 0.21 3.49 -6.55
N THR A 44 1.27 2.71 -6.74
CA THR A 44 1.34 1.61 -7.69
C THR A 44 1.61 0.32 -6.92
N VAL A 45 0.67 -0.62 -6.98
CA VAL A 45 0.83 -1.98 -6.45
C VAL A 45 0.77 -2.97 -7.60
N LEU A 46 1.84 -3.74 -7.78
CA LEU A 46 1.99 -4.82 -8.76
C LEU A 46 2.19 -6.15 -8.02
N VAL A 47 1.56 -7.22 -8.49
CA VAL A 47 1.75 -8.57 -7.92
C VAL A 47 1.87 -9.58 -9.06
N GLU A 48 2.82 -10.51 -8.92
CA GLU A 48 3.27 -11.41 -9.99
C GLU A 48 3.73 -12.74 -9.39
N TYR A 49 3.64 -13.84 -10.14
CA TYR A 49 4.09 -15.15 -9.66
C TYR A 49 4.79 -15.83 -10.85
N THR A 50 6.12 -15.81 -10.82
CA THR A 50 7.02 -16.18 -11.92
C THR A 50 8.07 -17.14 -11.35
N ASP A 51 7.66 -18.41 -11.24
CA ASP A 51 8.32 -19.52 -10.52
C ASP A 51 8.27 -19.32 -8.98
N GLU A 52 8.35 -18.07 -8.51
CA GLU A 52 8.10 -17.65 -7.13
C GLU A 52 7.21 -16.39 -7.11
N LEU A 53 6.56 -16.13 -5.97
CA LEU A 53 5.62 -15.04 -5.76
C LEU A 53 6.39 -13.76 -5.39
N LYS A 54 6.10 -12.67 -6.10
CA LYS A 54 6.64 -11.34 -5.81
C LYS A 54 5.56 -10.26 -5.90
N VAL A 55 5.70 -9.24 -5.06
CA VAL A 55 4.80 -8.09 -4.96
C VAL A 55 5.65 -6.83 -4.86
N ASP A 56 5.27 -5.83 -5.66
CA ASP A 56 5.97 -4.57 -5.85
C ASP A 56 5.04 -3.45 -5.38
N ILE A 57 5.52 -2.56 -4.52
CA ILE A 57 4.76 -1.42 -4.01
C ILE A 57 5.62 -0.17 -4.18
N SER A 58 5.06 0.86 -4.81
CA SER A 58 5.64 2.20 -4.86
C SER A 58 4.57 3.24 -4.51
N ALA A 59 4.91 4.19 -3.64
CA ALA A 59 4.04 5.33 -3.29
C ALA A 59 4.82 6.64 -3.37
N GLU A 60 4.13 7.71 -3.76
CA GLU A 60 4.64 9.09 -3.80
C GLU A 60 3.54 10.06 -3.35
N LEU A 61 3.97 11.16 -2.70
CA LEU A 61 3.12 12.10 -1.98
C LEU A 61 3.40 13.53 -2.45
N TYR A 62 2.50 14.09 -3.27
CA TYR A 62 2.68 15.44 -3.82
C TYR A 62 1.95 16.43 -2.91
N LEU A 63 2.72 17.14 -2.10
CA LEU A 63 2.24 18.16 -1.15
C LEU A 63 2.14 19.54 -1.81
N ASP A 64 1.22 20.36 -1.27
CA ASP A 64 1.13 21.78 -1.60
C ASP A 64 2.44 22.50 -1.24
N GLU A 65 2.81 23.53 -2.02
CA GLU A 65 4.06 24.31 -1.90
C GLU A 65 4.10 25.26 -0.68
N LEU A 66 3.52 24.79 0.43
CA LEU A 66 3.24 25.54 1.65
C LEU A 66 3.35 24.64 2.90
N SER A 67 2.92 23.38 2.81
CA SER A 67 3.07 22.40 3.90
C SER A 67 4.41 21.66 3.86
N ASP A 68 4.81 21.09 5.00
CA ASP A 68 6.11 20.44 5.21
C ASP A 68 5.93 19.33 6.25
N ALA A 69 5.71 18.11 5.76
CA ALA A 69 5.52 16.90 6.57
C ALA A 69 6.86 16.25 7.00
N ASP A 70 6.80 15.12 7.71
CA ASP A 70 7.98 14.57 8.38
C ASP A 70 8.81 13.68 7.42
N PRO A 71 10.17 13.71 7.54
CA PRO A 71 11.13 13.11 6.59
C PRO A 71 11.21 11.58 6.69
N GLY A 72 10.07 10.93 6.47
CA GLY A 72 9.87 9.48 6.52
C GLY A 72 8.42 9.04 6.28
N ILE A 73 7.45 9.95 6.46
CA ILE A 73 6.00 9.69 6.50
C ILE A 73 5.41 8.93 5.31
N VAL A 74 6.07 8.98 4.15
CA VAL A 74 5.72 8.21 2.94
C VAL A 74 6.23 6.78 3.06
N ASP A 75 7.54 6.60 3.26
CA ASP A 75 8.19 5.31 3.46
C ASP A 75 7.56 4.53 4.63
N GLU A 76 7.15 5.25 5.68
CA GLU A 76 6.39 4.68 6.80
C GLU A 76 5.02 4.17 6.36
N ALA A 77 4.38 4.79 5.35
CA ALA A 77 3.12 4.27 4.81
C ALA A 77 3.35 2.96 4.05
N VAL A 78 4.44 2.88 3.28
CA VAL A 78 4.79 1.68 2.53
C VAL A 78 5.22 0.55 3.47
N ASP A 79 6.03 0.85 4.50
CA ASP A 79 6.42 -0.05 5.58
C ASP A 79 5.20 -0.57 6.35
N ALA A 80 4.21 0.30 6.63
CA ALA A 80 2.93 -0.11 7.20
C ALA A 80 2.16 -1.07 6.27
N ALA A 81 2.13 -0.79 4.95
CA ALA A 81 1.55 -1.73 3.98
C ALA A 81 2.30 -3.06 3.94
N TYR A 82 3.64 -3.06 3.95
CA TYR A 82 4.43 -4.30 3.97
C TYR A 82 4.20 -5.10 5.25
N ARG A 83 4.16 -4.47 6.43
CA ARG A 83 3.91 -5.16 7.71
C ARG A 83 2.47 -5.62 7.85
N SER A 84 1.52 -4.84 7.32
CA SER A 84 0.13 -5.27 7.22
C SER A 84 0.02 -6.49 6.31
N LEU A 85 0.71 -6.52 5.17
CA LEU A 85 0.75 -7.68 4.29
C LEU A 85 1.39 -8.91 4.96
N GLU A 86 2.53 -8.73 5.66
CA GLU A 86 3.21 -9.86 6.32
C GLU A 86 2.29 -10.57 7.33
N SER A 87 1.50 -9.81 8.12
CA SER A 87 0.58 -10.43 9.09
C SER A 87 -0.82 -10.72 8.54
N PHE A 88 -1.21 -10.10 7.42
CA PHE A 88 -2.36 -10.57 6.66
C PHE A 88 -2.02 -11.98 6.14
N LEU A 89 -0.78 -12.20 5.64
CA LEU A 89 -0.27 -13.51 5.22
C LEU A 89 -0.07 -14.50 6.39
N ASP A 90 0.28 -14.04 7.60
CA ASP A 90 0.21 -14.87 8.83
C ASP A 90 -1.20 -15.45 9.05
N GLY A 91 -2.25 -14.87 8.43
CA GLY A 91 -3.63 -15.35 8.47
C GLY A 91 -4.19 -15.75 7.10
N PHE A 92 -3.32 -15.96 6.09
CA PHE A 92 -3.73 -16.34 4.72
C PHE A 92 -2.87 -17.46 4.11
N ARG A 93 -1.59 -17.61 4.50
CA ARG A 93 -0.71 -18.70 4.03
C ARG A 93 0.29 -19.23 5.06
N GLU A 94 0.72 -18.41 6.03
CA GLU A 94 1.88 -18.69 6.90
C GLU A 94 3.11 -19.25 6.14
N MET A 4 -8.70 -15.55 8.11
CA MET A 4 -9.40 -14.81 7.03
C MET A 4 -9.94 -15.81 6.00
N SER A 5 -11.05 -15.47 5.33
CA SER A 5 -11.70 -16.30 4.30
C SER A 5 -10.93 -16.33 2.96
N LEU A 6 -9.63 -16.63 3.02
CA LEU A 6 -8.70 -16.60 1.89
C LEU A 6 -9.07 -17.59 0.77
N ARG A 7 -8.44 -17.46 -0.40
CA ARG A 7 -8.81 -18.14 -1.65
C ARG A 7 -7.57 -18.48 -2.49
N LYS A 8 -7.77 -19.28 -3.55
CA LYS A 8 -6.76 -19.48 -4.60
C LYS A 8 -6.50 -18.12 -5.27
N LEU A 9 -5.25 -17.65 -5.26
CA LEU A 9 -4.92 -16.32 -5.73
C LEU A 9 -4.96 -16.27 -7.25
N THR A 10 -5.94 -15.54 -7.81
CA THR A 10 -6.01 -15.24 -9.25
C THR A 10 -6.29 -13.75 -9.45
N GLU A 11 -6.46 -13.30 -10.68
CA GLU A 11 -6.57 -11.89 -11.08
C GLU A 11 -7.52 -11.08 -10.18
N GLY A 12 -8.66 -11.68 -9.78
CA GLY A 12 -9.62 -11.06 -8.86
C GLY A 12 -9.05 -10.82 -7.46
N ASP A 13 -8.54 -11.88 -6.82
CA ASP A 13 -7.95 -11.80 -5.48
C ASP A 13 -6.68 -10.94 -5.47
N LEU A 14 -5.88 -11.00 -6.54
CA LEU A 14 -4.68 -10.20 -6.70
C LEU A 14 -4.99 -8.70 -6.92
N ASP A 15 -6.06 -8.37 -7.66
CA ASP A 15 -6.58 -7.01 -7.74
C ASP A 15 -7.15 -6.55 -6.40
N GLU A 16 -7.91 -7.38 -5.69
CA GLU A 16 -8.41 -7.05 -4.34
C GLU A 16 -7.28 -6.87 -3.31
N ILE A 17 -6.22 -7.68 -3.36
CA ILE A 17 -5.01 -7.49 -2.55
C ILE A 17 -4.30 -6.19 -2.93
N SER A 18 -4.18 -5.91 -4.23
CA SER A 18 -3.61 -4.64 -4.74
C SER A 18 -4.43 -3.43 -4.28
N SER A 19 -5.76 -3.55 -4.31
CA SER A 19 -6.71 -2.57 -3.77
C SER A 19 -6.56 -2.40 -2.25
N PHE A 20 -6.42 -3.50 -1.50
CA PHE A 20 -6.16 -3.49 -0.06
C PHE A 20 -4.84 -2.80 0.28
N LEU A 21 -3.78 -3.04 -0.50
CA LEU A 21 -2.51 -2.33 -0.38
C LEU A 21 -2.66 -0.83 -0.64
N HIS A 22 -3.28 -0.44 -1.77
CA HIS A 22 -3.50 0.96 -2.12
C HIS A 22 -4.33 1.69 -1.05
N ASN A 23 -5.45 1.10 -0.61
CA ASN A 23 -6.26 1.64 0.48
C ASN A 23 -5.48 1.70 1.80
N THR A 24 -4.62 0.71 2.11
CA THR A 24 -3.78 0.74 3.32
C THR A 24 -2.84 1.95 3.32
N ILE A 25 -2.15 2.22 2.20
CA ILE A 25 -1.28 3.41 2.08
C ILE A 25 -2.13 4.69 2.13
N SER A 26 -3.24 4.75 1.40
CA SER A 26 -4.15 5.90 1.39
C SER A 26 -4.67 6.24 2.80
N ASP A 27 -5.19 5.26 3.55
CA ASP A 27 -5.54 5.45 4.96
C ASP A 27 -4.36 5.81 5.85
N PHE A 28 -3.16 5.23 5.64
CA PHE A 28 -2.02 5.58 6.48
C PHE A 28 -1.61 7.04 6.26
N ILE A 29 -1.54 7.49 4.99
CA ILE A 29 -1.28 8.87 4.64
C ILE A 29 -2.37 9.76 5.24
N LEU A 30 -3.67 9.48 4.98
CA LEU A 30 -4.78 10.29 5.49
C LEU A 30 -4.88 10.32 7.03
N LYS A 31 -4.36 9.31 7.73
CA LYS A 31 -4.29 9.24 9.19
C LYS A 31 -2.96 9.80 9.74
N ARG A 32 -2.07 10.31 8.88
CA ARG A 32 -0.82 10.99 9.26
C ARG A 32 -0.72 12.45 8.76
N VAL A 33 -1.33 12.79 7.62
CA VAL A 33 -1.41 14.13 7.00
C VAL A 33 -2.70 14.23 6.16
N SER A 34 -3.25 15.44 5.95
CA SER A 34 -4.59 15.62 5.39
C SER A 34 -4.56 16.14 3.94
N ALA A 35 -5.39 15.58 3.07
CA ALA A 35 -5.50 15.94 1.66
C ALA A 35 -5.68 17.45 1.41
N LYS A 36 -6.22 18.19 2.40
CA LYS A 36 -6.26 19.66 2.42
C LYS A 36 -4.92 20.38 2.22
N GLU A 37 -3.80 19.68 2.41
CA GLU A 37 -2.43 20.18 2.21
C GLU A 37 -1.59 19.38 1.19
N ILE A 38 -2.23 18.41 0.51
CA ILE A 38 -1.68 17.52 -0.52
C ILE A 38 -2.21 17.94 -1.90
N VAL A 39 -1.31 18.16 -2.88
CA VAL A 39 -1.67 18.36 -4.28
C VAL A 39 -2.23 17.07 -4.89
N ASP A 40 -1.48 15.96 -4.81
CA ASP A 40 -1.93 14.63 -5.24
C ASP A 40 -1.04 13.50 -4.67
N ILE A 41 -1.40 12.24 -4.95
CA ILE A 41 -0.60 11.04 -4.66
C ILE A 41 -0.51 10.14 -5.88
N ASP A 42 0.66 9.51 -6.07
CA ASP A 42 0.85 8.41 -7.02
C ASP A 42 1.06 7.13 -6.21
N ILE A 43 0.18 6.13 -6.37
CA ILE A 43 0.36 4.81 -5.77
C ILE A 43 0.15 3.75 -6.85
N THR A 44 1.23 3.04 -7.17
CA THR A 44 1.24 1.93 -8.15
C THR A 44 1.68 0.66 -7.44
N VAL A 45 0.81 -0.35 -7.48
CA VAL A 45 0.98 -1.66 -6.86
C VAL A 45 1.04 -2.71 -7.95
N LEU A 46 2.12 -3.50 -7.96
CA LEU A 46 2.39 -4.53 -8.95
C LEU A 46 2.44 -5.88 -8.24
N VAL A 47 1.76 -6.90 -8.78
CA VAL A 47 1.79 -8.26 -8.23
C VAL A 47 1.87 -9.29 -9.36
N GLU A 48 2.74 -10.28 -9.21
CA GLU A 48 3.09 -11.24 -10.27
C GLU A 48 3.42 -12.62 -9.66
N TYR A 49 3.35 -13.67 -10.48
CA TYR A 49 3.77 -15.02 -10.10
C TYR A 49 4.69 -15.57 -11.19
N THR A 50 5.99 -15.67 -10.86
CA THR A 50 7.06 -16.10 -11.75
C THR A 50 7.88 -17.17 -11.04
N ASP A 51 7.37 -18.42 -11.05
CA ASP A 51 7.82 -19.57 -10.25
C ASP A 51 7.62 -19.38 -8.73
N GLU A 52 7.67 -18.13 -8.25
CA GLU A 52 7.33 -17.66 -6.92
C GLU A 52 6.43 -16.40 -7.03
N LEU A 53 5.69 -16.09 -5.96
CA LEU A 53 4.79 -14.93 -5.87
C LEU A 53 5.61 -13.71 -5.45
N LYS A 54 5.49 -12.61 -6.20
CA LYS A 54 6.14 -11.33 -5.89
C LYS A 54 5.14 -10.18 -5.94
N VAL A 55 5.40 -9.16 -5.13
CA VAL A 55 4.66 -7.90 -5.09
C VAL A 55 5.66 -6.75 -5.01
N ASP A 56 5.31 -5.60 -5.59
CA ASP A 56 6.05 -4.36 -5.43
C ASP A 56 5.09 -3.16 -5.32
N ILE A 57 5.53 -2.17 -4.53
CA ILE A 57 4.71 -1.05 -4.09
C ILE A 57 5.48 0.26 -4.29
N SER A 58 5.05 1.06 -5.26
CA SER A 58 5.55 2.43 -5.47
C SER A 58 4.52 3.42 -4.96
N ALA A 59 4.89 4.28 -4.01
CA ALA A 59 4.05 5.38 -3.54
C ALA A 59 4.83 6.70 -3.51
N GLU A 60 4.16 7.80 -3.90
CA GLU A 60 4.68 9.15 -3.92
C GLU A 60 3.61 10.15 -3.45
N LEU A 61 4.07 11.22 -2.78
CA LEU A 61 3.26 12.20 -2.07
C LEU A 61 3.59 13.62 -2.52
N TYR A 62 2.73 14.22 -3.34
CA TYR A 62 2.94 15.58 -3.81
C TYR A 62 2.22 16.55 -2.88
N LEU A 63 2.99 17.21 -2.02
CA LEU A 63 2.52 18.24 -1.10
C LEU A 63 2.41 19.60 -1.78
N ASP A 64 1.49 20.44 -1.28
CA ASP A 64 1.43 21.85 -1.67
C ASP A 64 2.70 22.62 -1.27
N GLU A 65 3.08 23.63 -2.07
CA GLU A 65 4.26 24.50 -1.93
C GLU A 65 4.22 25.41 -0.66
N LEU A 66 3.39 25.04 0.30
CA LEU A 66 3.13 25.69 1.59
C LEU A 66 3.04 24.65 2.75
N SER A 67 3.33 23.38 2.47
CA SER A 67 3.14 22.25 3.40
C SER A 67 4.47 21.60 3.79
N ASP A 68 4.58 21.17 5.06
CA ASP A 68 5.76 20.50 5.62
C ASP A 68 5.28 19.36 6.53
N ALA A 69 5.21 18.16 5.95
CA ALA A 69 4.97 16.90 6.66
C ALA A 69 6.27 16.29 7.22
N ASP A 70 6.22 15.05 7.72
CA ASP A 70 7.37 14.42 8.36
C ASP A 70 8.29 13.73 7.31
N PRO A 71 9.63 13.78 7.51
CA PRO A 71 10.65 13.23 6.59
C PRO A 71 10.70 11.69 6.62
N GLY A 72 9.56 11.07 6.31
CA GLY A 72 9.33 9.62 6.28
C GLY A 72 7.85 9.21 6.15
N ILE A 73 6.91 10.16 6.10
CA ILE A 73 5.47 9.91 6.18
C ILE A 73 4.92 9.00 5.06
N VAL A 74 5.58 8.97 3.90
CA VAL A 74 5.26 8.07 2.78
C VAL A 74 5.86 6.69 3.05
N ASP A 75 7.15 6.66 3.39
CA ASP A 75 7.94 5.47 3.71
C ASP A 75 7.27 4.64 4.82
N GLU A 76 6.70 5.31 5.83
CA GLU A 76 5.91 4.69 6.88
C GLU A 76 4.64 4.03 6.32
N ALA A 77 3.98 4.65 5.33
CA ALA A 77 2.79 4.09 4.70
C ALA A 77 3.11 2.85 3.87
N VAL A 78 4.22 2.88 3.12
CA VAL A 78 4.65 1.73 2.32
C VAL A 78 5.09 0.57 3.23
N ASP A 79 5.88 0.85 4.28
CA ASP A 79 6.25 -0.12 5.31
C ASP A 79 5.02 -0.69 6.03
N ALA A 80 4.04 0.17 6.36
CA ALA A 80 2.77 -0.29 6.94
C ALA A 80 2.00 -1.19 5.96
N ALA A 81 1.96 -0.88 4.67
CA ALA A 81 1.36 -1.75 3.66
C ALA A 81 2.12 -3.09 3.51
N TYR A 82 3.46 -3.08 3.45
CA TYR A 82 4.26 -4.31 3.40
C TYR A 82 4.05 -5.18 4.65
N ARG A 83 4.02 -4.57 5.85
CA ARG A 83 3.80 -5.28 7.12
C ARG A 83 2.37 -5.74 7.30
N SER A 84 1.38 -4.94 6.87
CA SER A 84 -0.04 -5.32 6.86
C SER A 84 -0.27 -6.50 5.92
N LEU A 85 0.37 -6.49 4.74
CA LEU A 85 0.37 -7.65 3.85
C LEU A 85 0.99 -8.87 4.49
N GLU A 86 2.17 -8.78 5.13
CA GLU A 86 2.77 -9.96 5.77
C GLU A 86 1.90 -10.49 6.93
N SER A 87 1.33 -9.60 7.76
CA SER A 87 0.37 -9.99 8.81
C SER A 87 -0.94 -10.57 8.26
N PHE A 88 -1.32 -10.27 7.01
CA PHE A 88 -2.43 -10.91 6.29
C PHE A 88 -2.03 -12.27 5.67
N LEU A 89 -0.83 -12.34 5.08
CA LEU A 89 -0.22 -13.55 4.53
C LEU A 89 0.05 -14.61 5.60
N ASP A 90 -0.03 -14.27 6.88
CA ASP A 90 -0.11 -15.21 8.00
C ASP A 90 -1.10 -16.34 7.67
N GLY A 91 -2.28 -16.00 7.12
CA GLY A 91 -3.29 -16.98 6.75
C GLY A 91 -2.97 -17.82 5.49
N PHE A 92 -1.86 -17.53 4.81
CA PHE A 92 -1.39 -18.24 3.62
C PHE A 92 -0.03 -18.94 3.83
N ARG A 93 0.81 -18.45 4.76
CA ARG A 93 2.21 -18.88 4.91
C ARG A 93 2.65 -19.21 6.34
N GLU A 94 1.91 -18.73 7.36
CA GLU A 94 2.26 -18.84 8.80
C GLU A 94 3.71 -18.41 9.09
N MET A 4 -5.75 -22.69 7.40
CA MET A 4 -5.82 -22.21 6.00
C MET A 4 -7.09 -21.40 5.80
N SER A 5 -6.99 -20.21 5.19
CA SER A 5 -8.14 -19.41 4.76
C SER A 5 -7.85 -18.57 3.49
N LEU A 6 -6.75 -18.86 2.76
CA LEU A 6 -6.49 -18.30 1.44
C LEU A 6 -7.40 -18.95 0.37
N ARG A 7 -7.19 -18.57 -0.89
CA ARG A 7 -7.99 -18.94 -2.06
C ARG A 7 -7.11 -19.41 -3.21
N LYS A 8 -7.73 -19.99 -4.24
CA LYS A 8 -7.09 -20.21 -5.54
C LYS A 8 -6.84 -18.79 -6.08
N LEU A 9 -5.60 -18.36 -6.09
CA LEU A 9 -5.27 -16.95 -6.36
C LEU A 9 -5.43 -16.65 -7.86
N THR A 10 -6.51 -15.94 -8.20
CA THR A 10 -6.83 -15.47 -9.55
C THR A 10 -6.53 -13.97 -9.69
N GLU A 11 -6.73 -13.44 -10.91
CA GLU A 11 -6.71 -12.01 -11.18
C GLU A 11 -7.59 -11.23 -10.18
N GLY A 12 -8.75 -11.79 -9.78
CA GLY A 12 -9.64 -11.17 -8.79
C GLY A 12 -9.02 -11.09 -7.39
N ASP A 13 -8.41 -12.19 -6.92
CA ASP A 13 -7.75 -12.23 -5.60
C ASP A 13 -6.51 -11.33 -5.58
N LEU A 14 -5.75 -11.27 -6.69
CA LEU A 14 -4.66 -10.32 -6.91
C LEU A 14 -5.13 -8.85 -7.01
N ASP A 15 -6.27 -8.57 -7.64
CA ASP A 15 -6.88 -7.23 -7.65
C ASP A 15 -7.37 -6.82 -6.25
N GLU A 16 -7.98 -7.74 -5.49
CA GLU A 16 -8.39 -7.48 -4.10
C GLU A 16 -7.17 -7.20 -3.20
N ILE A 17 -6.09 -7.99 -3.32
CA ILE A 17 -4.84 -7.75 -2.57
C ILE A 17 -4.20 -6.42 -3.00
N SER A 18 -4.12 -6.15 -4.31
CA SER A 18 -3.54 -4.91 -4.83
C SER A 18 -4.35 -3.68 -4.39
N SER A 19 -5.69 -3.82 -4.35
CA SER A 19 -6.62 -2.81 -3.82
C SER A 19 -6.45 -2.63 -2.32
N PHE A 20 -6.32 -3.71 -1.55
CA PHE A 20 -6.07 -3.66 -0.11
C PHE A 20 -4.73 -2.94 0.20
N LEU A 21 -3.69 -3.22 -0.58
CA LEU A 21 -2.40 -2.55 -0.48
C LEU A 21 -2.51 -1.05 -0.81
N HIS A 22 -3.13 -0.66 -1.93
CA HIS A 22 -3.40 0.75 -2.22
C HIS A 22 -4.19 1.44 -1.11
N ASN A 23 -5.29 0.83 -0.66
CA ASN A 23 -6.15 1.42 0.35
C ASN A 23 -5.39 1.58 1.66
N THR A 24 -4.54 0.62 2.02
CA THR A 24 -3.70 0.68 3.23
C THR A 24 -2.74 1.88 3.17
N ILE A 25 -2.03 2.10 2.05
CA ILE A 25 -1.14 3.26 1.89
C ILE A 25 -1.96 4.56 1.89
N SER A 26 -3.04 4.62 1.10
CA SER A 26 -3.87 5.83 0.97
C SER A 26 -4.50 6.24 2.30
N ASP A 27 -5.05 5.27 3.07
CA ASP A 27 -5.59 5.52 4.40
C ASP A 27 -4.48 5.85 5.41
N PHE A 28 -3.30 5.21 5.34
CA PHE A 28 -2.15 5.58 6.18
C PHE A 28 -1.72 7.03 5.92
N ILE A 29 -1.65 7.45 4.65
CA ILE A 29 -1.35 8.82 4.26
C ILE A 29 -2.41 9.77 4.83
N LEU A 30 -3.71 9.49 4.60
CA LEU A 30 -4.81 10.30 5.15
C LEU A 30 -4.85 10.32 6.69
N LYS A 31 -4.32 9.29 7.37
CA LYS A 31 -4.15 9.26 8.83
C LYS A 31 -2.90 9.98 9.33
N ARG A 32 -1.91 10.25 8.48
CA ARG A 32 -0.66 10.95 8.85
C ARG A 32 -0.61 12.41 8.39
N VAL A 33 -1.26 12.76 7.27
CA VAL A 33 -1.33 14.14 6.74
C VAL A 33 -2.71 14.39 6.11
N SER A 34 -3.23 15.61 6.24
CA SER A 34 -4.52 15.98 5.66
C SER A 34 -4.44 16.18 4.14
N ALA A 35 -5.43 15.66 3.41
CA ALA A 35 -5.66 15.98 2.00
C ALA A 35 -5.73 17.50 1.76
N LYS A 36 -6.09 18.30 2.77
CA LYS A 36 -6.09 19.77 2.68
C LYS A 36 -4.70 20.42 2.50
N GLU A 37 -3.60 19.66 2.67
CA GLU A 37 -2.24 20.11 2.34
C GLU A 37 -1.51 19.16 1.36
N ILE A 38 -2.24 18.19 0.79
CA ILE A 38 -1.74 17.30 -0.27
C ILE A 38 -2.32 17.79 -1.60
N VAL A 39 -1.44 18.00 -2.58
CA VAL A 39 -1.80 18.30 -3.98
C VAL A 39 -2.36 17.03 -4.63
N ASP A 40 -1.62 15.92 -4.56
CA ASP A 40 -2.03 14.63 -5.12
C ASP A 40 -1.19 13.45 -4.57
N ILE A 41 -1.53 12.21 -4.97
CA ILE A 41 -0.75 10.99 -4.72
C ILE A 41 -0.69 10.09 -5.96
N ASP A 42 0.45 9.45 -6.18
CA ASP A 42 0.65 8.37 -7.15
C ASP A 42 0.94 7.08 -6.40
N ILE A 43 0.10 6.05 -6.54
CA ILE A 43 0.32 4.73 -5.94
C ILE A 43 0.10 3.67 -7.01
N THR A 44 1.15 2.88 -7.25
CA THR A 44 1.18 1.75 -8.18
C THR A 44 1.51 0.49 -7.38
N VAL A 45 0.59 -0.48 -7.41
CA VAL A 45 0.78 -1.81 -6.84
C VAL A 45 0.74 -2.82 -7.98
N LEU A 46 1.83 -3.56 -8.16
CA LEU A 46 1.99 -4.60 -9.18
C LEU A 46 2.21 -5.95 -8.49
N VAL A 47 1.60 -7.02 -9.02
CA VAL A 47 1.74 -8.38 -8.49
C VAL A 47 1.98 -9.33 -9.67
N GLU A 48 2.89 -10.27 -9.49
CA GLU A 48 3.45 -11.10 -10.57
C GLU A 48 3.78 -12.51 -10.05
N TYR A 49 3.84 -13.50 -10.95
CA TYR A 49 4.24 -14.87 -10.59
C TYR A 49 4.97 -15.53 -11.78
N THR A 50 6.30 -15.55 -11.73
CA THR A 50 7.18 -16.11 -12.77
C THR A 50 8.21 -17.04 -12.11
N ASP A 51 7.77 -18.27 -11.82
CA ASP A 51 8.45 -19.30 -10.99
C ASP A 51 8.59 -18.88 -9.51
N GLU A 52 8.80 -17.59 -9.25
CA GLU A 52 8.73 -16.94 -7.94
C GLU A 52 7.47 -16.05 -7.90
N LEU A 53 6.88 -15.90 -6.71
CA LEU A 53 5.79 -14.96 -6.44
C LEU A 53 6.41 -13.59 -6.14
N LYS A 54 5.97 -12.53 -6.85
CA LYS A 54 6.51 -11.17 -6.68
C LYS A 54 5.38 -10.16 -6.49
N VAL A 55 5.68 -9.13 -5.68
CA VAL A 55 4.85 -7.94 -5.53
C VAL A 55 5.77 -6.71 -5.53
N ASP A 56 5.27 -5.62 -6.10
CA ASP A 56 5.92 -4.32 -6.15
C ASP A 56 4.92 -3.26 -5.68
N ILE A 57 5.41 -2.36 -4.84
CA ILE A 57 4.63 -1.27 -4.27
C ILE A 57 5.45 0.01 -4.43
N SER A 58 4.99 0.90 -5.31
CA SER A 58 5.57 2.21 -5.55
C SER A 58 4.55 3.27 -5.18
N ALA A 59 4.90 4.16 -4.23
CA ALA A 59 4.06 5.24 -3.78
C ALA A 59 4.84 6.56 -3.77
N GLU A 60 4.20 7.63 -4.22
CA GLU A 60 4.72 9.01 -4.16
C GLU A 60 3.58 9.97 -3.80
N LEU A 61 3.94 10.99 -3.02
CA LEU A 61 3.01 11.94 -2.40
C LEU A 61 3.44 13.36 -2.71
N TYR A 62 2.50 14.16 -3.24
CA TYR A 62 2.76 15.52 -3.68
C TYR A 62 2.11 16.46 -2.68
N LEU A 63 2.92 17.06 -1.80
CA LEU A 63 2.48 18.02 -0.79
C LEU A 63 2.45 19.45 -1.33
N ASP A 64 1.57 20.28 -0.75
CA ASP A 64 1.55 21.72 -0.97
C ASP A 64 2.88 22.38 -0.54
N GLU A 65 3.30 23.44 -1.26
CA GLU A 65 4.55 24.17 -0.99
C GLU A 65 4.60 24.89 0.37
N LEU A 66 3.48 24.94 1.12
CA LEU A 66 3.36 25.53 2.45
C LEU A 66 2.83 24.52 3.50
N SER A 67 2.79 23.23 3.14
CA SER A 67 2.54 22.08 4.02
C SER A 67 3.57 21.93 5.17
N ASP A 68 3.29 21.04 6.14
CA ASP A 68 4.19 20.77 7.26
C ASP A 68 4.06 19.30 7.72
N ALA A 69 4.95 18.45 7.18
CA ALA A 69 4.94 17.00 7.37
C ALA A 69 6.37 16.41 7.48
N ASP A 70 6.48 15.13 7.86
CA ASP A 70 7.78 14.51 8.22
C ASP A 70 8.57 13.99 7.00
N PRO A 71 9.92 14.12 7.00
CA PRO A 71 10.82 13.75 5.89
C PRO A 71 11.03 12.21 5.79
N GLY A 72 9.92 11.50 5.64
CA GLY A 72 9.83 10.03 5.59
C GLY A 72 8.41 9.45 5.58
N ILE A 73 7.37 10.29 5.74
CA ILE A 73 5.96 9.92 5.93
C ILE A 73 5.35 9.01 4.84
N VAL A 74 5.97 8.98 3.65
CA VAL A 74 5.61 8.11 2.53
C VAL A 74 6.14 6.69 2.74
N ASP A 75 7.44 6.55 3.00
CA ASP A 75 8.11 5.28 3.31
C ASP A 75 7.40 4.55 4.46
N GLU A 76 6.89 5.30 5.45
CA GLU A 76 6.08 4.74 6.54
C GLU A 76 4.76 4.13 6.01
N ALA A 77 4.16 4.71 4.96
CA ALA A 77 2.93 4.16 4.38
C ALA A 77 3.21 2.85 3.64
N VAL A 78 4.32 2.79 2.89
CA VAL A 78 4.72 1.58 2.17
C VAL A 78 5.11 0.47 3.15
N ASP A 79 5.89 0.79 4.18
CA ASP A 79 6.25 -0.09 5.30
C ASP A 79 5.01 -0.57 6.05
N ALA A 80 4.02 0.30 6.30
CA ALA A 80 2.74 -0.10 6.88
C ALA A 80 1.98 -1.06 5.97
N ALA A 81 1.96 -0.84 4.65
CA ALA A 81 1.39 -1.79 3.69
C ALA A 81 2.13 -3.13 3.69
N TYR A 82 3.47 -3.14 3.74
CA TYR A 82 4.24 -4.38 3.83
C TYR A 82 3.98 -5.14 5.14
N ARG A 83 3.90 -4.46 6.29
CA ARG A 83 3.57 -5.11 7.57
C ARG A 83 2.12 -5.58 7.60
N SER A 84 1.20 -4.79 7.04
CA SER A 84 -0.19 -5.20 6.90
C SER A 84 -0.35 -6.38 5.94
N LEU A 85 0.50 -6.55 4.93
CA LEU A 85 0.51 -7.74 4.08
C LEU A 85 1.00 -8.98 4.85
N GLU A 86 2.07 -8.85 5.64
CA GLU A 86 2.52 -9.94 6.51
C GLU A 86 1.42 -10.33 7.52
N SER A 87 0.72 -9.34 8.10
CA SER A 87 -0.39 -9.59 9.02
C SER A 87 -1.66 -10.13 8.32
N PHE A 88 -1.89 -9.76 7.06
CA PHE A 88 -2.98 -10.30 6.23
C PHE A 88 -2.72 -11.77 5.89
N LEU A 89 -1.48 -12.15 5.55
CA LEU A 89 -1.16 -13.55 5.25
C LEU A 89 -1.06 -14.40 6.52
N ASP A 90 -0.59 -13.83 7.63
CA ASP A 90 -0.70 -14.45 8.95
C ASP A 90 -2.18 -14.70 9.28
N GLY A 91 -3.08 -13.80 8.83
CA GLY A 91 -4.51 -13.91 9.05
C GLY A 91 -5.19 -15.05 8.27
N PHE A 92 -4.49 -15.66 7.31
CA PHE A 92 -5.04 -16.67 6.40
C PHE A 92 -4.20 -17.95 6.27
N ARG A 93 -3.06 -18.04 6.98
CA ARG A 93 -2.20 -19.23 7.01
C ARG A 93 -1.66 -19.54 8.40
N GLU A 94 -1.23 -18.51 9.13
CA GLU A 94 -0.44 -18.64 10.38
C GLU A 94 0.84 -19.47 10.12
N MET A 4 -7.84 -17.62 7.90
CA MET A 4 -7.69 -16.26 7.32
C MET A 4 -8.62 -16.14 6.12
N SER A 5 -9.09 -14.92 5.82
CA SER A 5 -10.06 -14.61 4.76
C SER A 5 -9.48 -14.74 3.33
N LEU A 6 -8.94 -15.92 3.00
CA LEU A 6 -8.15 -16.16 1.79
C LEU A 6 -8.81 -17.17 0.83
N ARG A 7 -8.45 -17.07 -0.46
CA ARG A 7 -9.11 -17.76 -1.58
C ARG A 7 -8.11 -17.99 -2.71
N LYS A 8 -8.51 -18.75 -3.75
CA LYS A 8 -7.70 -18.96 -4.97
C LYS A 8 -7.42 -17.61 -5.65
N LEU A 9 -6.14 -17.24 -5.73
CA LEU A 9 -5.73 -15.96 -6.31
C LEU A 9 -5.84 -16.00 -7.85
N THR A 10 -6.52 -14.99 -8.41
CA THR A 10 -6.80 -14.87 -9.85
C THR A 10 -7.09 -13.40 -10.20
N GLU A 11 -7.60 -13.16 -11.41
CA GLU A 11 -7.92 -11.88 -12.05
C GLU A 11 -9.12 -11.15 -11.40
N GLY A 12 -9.22 -11.26 -10.08
CA GLY A 12 -10.11 -10.51 -9.20
C GLY A 12 -9.56 -10.46 -7.77
N ASP A 13 -9.09 -11.60 -7.26
CA ASP A 13 -8.45 -11.71 -5.95
C ASP A 13 -7.06 -11.04 -5.89
N LEU A 14 -6.27 -11.08 -6.97
CA LEU A 14 -5.01 -10.33 -7.06
C LEU A 14 -5.29 -8.81 -7.10
N ASP A 15 -6.30 -8.40 -7.86
CA ASP A 15 -6.81 -7.03 -7.92
C ASP A 15 -7.35 -6.59 -6.55
N GLU A 16 -8.05 -7.46 -5.81
CA GLU A 16 -8.47 -7.23 -4.42
C GLU A 16 -7.26 -6.99 -3.51
N ILE A 17 -6.18 -7.77 -3.62
CA ILE A 17 -4.97 -7.55 -2.82
C ILE A 17 -4.31 -6.21 -3.17
N SER A 18 -4.12 -5.90 -4.46
CA SER A 18 -3.60 -4.59 -4.85
C SER A 18 -4.52 -3.45 -4.39
N SER A 19 -5.84 -3.61 -4.50
CA SER A 19 -6.83 -2.65 -3.98
C SER A 19 -6.73 -2.48 -2.46
N PHE A 20 -6.58 -3.58 -1.70
CA PHE A 20 -6.38 -3.57 -0.26
C PHE A 20 -5.07 -2.85 0.14
N LEU A 21 -3.98 -3.08 -0.60
CA LEU A 21 -2.71 -2.36 -0.40
C LEU A 21 -2.86 -0.87 -0.72
N HIS A 22 -3.48 -0.51 -1.85
CA HIS A 22 -3.74 0.87 -2.23
C HIS A 22 -4.62 1.59 -1.18
N ASN A 23 -5.71 0.94 -0.74
CA ASN A 23 -6.55 1.43 0.34
C ASN A 23 -5.77 1.57 1.65
N THR A 24 -4.90 0.61 1.99
CA THR A 24 -4.11 0.64 3.23
C THR A 24 -3.20 1.87 3.25
N ILE A 25 -2.51 2.17 2.14
CA ILE A 25 -1.68 3.38 2.03
C ILE A 25 -2.52 4.65 1.99
N SER A 26 -3.62 4.68 1.22
CA SER A 26 -4.53 5.84 1.18
C SER A 26 -4.99 6.22 2.59
N ASP A 27 -5.49 5.21 3.30
CA ASP A 27 -6.08 5.38 4.61
C ASP A 27 -5.02 5.71 5.66
N PHE A 28 -3.82 5.10 5.57
CA PHE A 28 -2.68 5.52 6.39
C PHE A 28 -2.35 6.99 6.14
N ILE A 29 -2.29 7.45 4.88
CA ILE A 29 -1.96 8.83 4.53
C ILE A 29 -3.03 9.78 5.08
N LEU A 30 -4.32 9.48 4.87
CA LEU A 30 -5.45 10.24 5.43
C LEU A 30 -5.51 10.21 6.97
N LYS A 31 -4.72 9.36 7.63
CA LYS A 31 -4.57 9.28 9.09
C LYS A 31 -3.18 9.74 9.58
N ARG A 32 -2.32 10.23 8.68
CA ARG A 32 -0.97 10.76 8.99
C ARG A 32 -0.76 12.20 8.49
N VAL A 33 -1.49 12.65 7.45
CA VAL A 33 -1.42 13.99 6.85
C VAL A 33 -2.83 14.42 6.40
N SER A 34 -3.13 15.73 6.35
CA SER A 34 -4.43 16.25 5.98
C SER A 34 -4.56 16.51 4.48
N ALA A 35 -5.70 16.12 3.91
CA ALA A 35 -6.12 16.49 2.55
C ALA A 35 -6.03 18.01 2.29
N LYS A 36 -6.08 18.85 3.35
CA LYS A 36 -5.76 20.28 3.31
C LYS A 36 -4.41 20.59 2.63
N GLU A 37 -3.41 19.70 2.74
CA GLU A 37 -2.07 19.91 2.17
C GLU A 37 -1.64 18.83 1.17
N ILE A 38 -2.31 17.68 1.13
CA ILE A 38 -2.12 16.68 0.06
C ILE A 38 -2.73 17.24 -1.23
N VAL A 39 -1.88 17.68 -2.17
CA VAL A 39 -2.30 18.07 -3.52
C VAL A 39 -2.76 16.81 -4.27
N ASP A 40 -1.94 15.76 -4.25
CA ASP A 40 -2.32 14.45 -4.78
C ASP A 40 -1.41 13.32 -4.24
N ILE A 41 -1.73 12.08 -4.63
CA ILE A 41 -0.90 10.89 -4.43
C ILE A 41 -0.83 10.04 -5.70
N ASP A 42 0.34 9.44 -5.95
CA ASP A 42 0.48 8.37 -6.94
C ASP A 42 0.79 7.11 -6.13
N ILE A 43 0.06 6.02 -6.37
CA ILE A 43 0.33 4.72 -5.76
C ILE A 43 0.33 3.67 -6.86
N THR A 44 1.42 2.91 -6.98
CA THR A 44 1.49 1.73 -7.84
C THR A 44 1.79 0.48 -7.01
N VAL A 45 0.85 -0.46 -7.04
CA VAL A 45 0.92 -1.75 -6.38
C VAL A 45 0.93 -2.85 -7.44
N LEU A 46 2.03 -3.60 -7.48
CA LEU A 46 2.34 -4.60 -8.49
C LEU A 46 2.44 -5.98 -7.85
N VAL A 47 1.90 -7.00 -8.52
CA VAL A 47 1.93 -8.38 -8.05
C VAL A 47 2.20 -9.33 -9.23
N GLU A 48 3.06 -10.33 -9.00
CA GLU A 48 3.58 -11.28 -10.01
C GLU A 48 3.87 -12.63 -9.32
N TYR A 49 3.94 -13.72 -10.09
CA TYR A 49 4.33 -15.01 -9.54
C TYR A 49 5.22 -15.73 -10.58
N THR A 50 6.52 -15.77 -10.31
CA THR A 50 7.59 -16.26 -11.20
C THR A 50 8.49 -17.21 -10.40
N ASP A 51 8.03 -18.46 -10.27
CA ASP A 51 8.55 -19.53 -9.38
C ASP A 51 8.36 -19.21 -7.87
N GLU A 52 8.44 -17.92 -7.51
CA GLU A 52 8.10 -17.33 -6.22
C GLU A 52 7.04 -16.23 -6.43
N LEU A 53 6.31 -15.87 -5.37
CA LEU A 53 5.34 -14.79 -5.39
C LEU A 53 6.12 -13.49 -5.14
N LYS A 54 5.91 -12.49 -6.01
CA LYS A 54 6.58 -11.20 -5.93
C LYS A 54 5.54 -10.08 -5.92
N VAL A 55 5.79 -9.10 -5.04
CA VAL A 55 4.94 -7.92 -4.88
C VAL A 55 5.85 -6.69 -4.77
N ASP A 56 5.42 -5.57 -5.35
CA ASP A 56 6.16 -4.31 -5.27
C ASP A 56 5.20 -3.13 -5.11
N ILE A 57 5.61 -2.17 -4.28
CA ILE A 57 4.80 -1.03 -3.88
C ILE A 57 5.59 0.28 -3.99
N SER A 58 5.03 1.30 -4.65
CA SER A 58 5.51 2.68 -4.55
C SER A 58 4.32 3.56 -4.23
N ALA A 59 4.52 4.49 -3.30
CA ALA A 59 3.57 5.55 -3.02
C ALA A 59 4.32 6.89 -2.98
N GLU A 60 3.69 7.90 -3.56
CA GLU A 60 4.27 9.23 -3.73
C GLU A 60 3.30 10.25 -3.13
N LEU A 61 3.86 11.20 -2.37
CA LEU A 61 3.12 12.19 -1.59
C LEU A 61 3.41 13.59 -2.13
N TYR A 62 2.44 14.16 -2.86
CA TYR A 62 2.59 15.49 -3.44
C TYR A 62 1.90 16.48 -2.51
N LEU A 63 2.72 17.21 -1.73
CA LEU A 63 2.30 18.27 -0.82
C LEU A 63 2.18 19.61 -1.56
N ASP A 64 1.30 20.48 -1.05
CA ASP A 64 1.20 21.87 -1.48
C ASP A 64 2.50 22.65 -1.19
N GLU A 65 2.85 23.62 -2.04
CA GLU A 65 4.07 24.46 -1.96
C GLU A 65 4.02 25.48 -0.79
N LEU A 66 3.16 25.22 0.19
CA LEU A 66 2.78 26.02 1.35
C LEU A 66 2.50 25.12 2.58
N SER A 67 2.95 23.87 2.56
CA SER A 67 2.89 22.95 3.71
C SER A 67 3.98 21.88 3.65
N ASP A 68 4.49 21.48 4.81
CA ASP A 68 5.71 20.68 4.95
C ASP A 68 5.48 19.60 6.01
N ALA A 69 5.08 18.42 5.53
CA ALA A 69 5.03 17.19 6.31
C ALA A 69 6.44 16.57 6.49
N ASP A 70 6.54 15.39 7.14
CA ASP A 70 7.85 14.85 7.54
C ASP A 70 8.54 14.06 6.41
N PRO A 71 9.89 14.14 6.30
CA PRO A 71 10.69 13.52 5.23
C PRO A 71 10.84 12.00 5.42
N GLY A 72 9.71 11.27 5.41
CA GLY A 72 9.68 9.82 5.60
C GLY A 72 8.29 9.17 5.62
N ILE A 73 7.18 9.92 5.53
CA ILE A 73 5.81 9.40 5.60
C ILE A 73 5.50 8.37 4.50
N VAL A 74 6.20 8.42 3.36
CA VAL A 74 6.16 7.36 2.34
C VAL A 74 6.67 6.03 2.90
N ASP A 75 7.88 6.04 3.49
CA ASP A 75 8.48 4.87 4.11
C ASP A 75 7.58 4.34 5.23
N GLU A 76 6.97 5.22 6.03
CA GLU A 76 5.98 4.83 7.04
C GLU A 76 4.73 4.21 6.40
N ALA A 77 4.24 4.77 5.28
CA ALA A 77 3.03 4.27 4.63
C ALA A 77 3.25 2.89 4.01
N VAL A 78 4.38 2.74 3.31
CA VAL A 78 4.68 1.51 2.59
C VAL A 78 5.13 0.42 3.58
N ASP A 79 5.83 0.74 4.68
CA ASP A 79 6.07 -0.17 5.82
C ASP A 79 4.75 -0.67 6.43
N ALA A 80 3.77 0.23 6.61
CA ALA A 80 2.46 -0.17 7.12
C ALA A 80 1.76 -1.13 6.15
N ALA A 81 1.84 -0.87 4.84
CA ALA A 81 1.36 -1.80 3.81
C ALA A 81 2.13 -3.13 3.81
N TYR A 82 3.47 -3.11 3.90
CA TYR A 82 4.29 -4.34 3.90
C TYR A 82 3.99 -5.20 5.13
N ARG A 83 3.88 -4.60 6.33
CA ARG A 83 3.56 -5.35 7.55
C ARG A 83 2.11 -5.81 7.59
N SER A 84 1.18 -5.01 7.03
CA SER A 84 -0.20 -5.46 6.82
C SER A 84 -0.30 -6.59 5.78
N LEU A 85 0.65 -6.69 4.83
CA LEU A 85 0.71 -7.79 3.86
C LEU A 85 1.35 -9.04 4.45
N GLU A 86 2.39 -8.91 5.30
CA GLU A 86 2.90 -10.06 6.06
C GLU A 86 1.80 -10.65 6.96
N SER A 87 0.99 -9.79 7.60
CA SER A 87 -0.18 -10.19 8.38
C SER A 87 -1.27 -10.88 7.54
N PHE A 88 -1.35 -10.59 6.24
CA PHE A 88 -2.25 -11.25 5.29
C PHE A 88 -1.69 -12.59 4.78
N LEU A 89 -0.38 -12.65 4.47
CA LEU A 89 0.34 -13.85 4.01
C LEU A 89 0.52 -14.92 5.10
N ASP A 90 0.33 -14.54 6.38
CA ASP A 90 0.25 -15.40 7.57
C ASP A 90 -0.73 -16.58 7.44
N GLY A 91 -1.61 -16.60 6.42
CA GLY A 91 -2.47 -17.75 6.10
C GLY A 91 -2.26 -18.34 4.69
N PHE A 92 -1.15 -18.00 4.03
CA PHE A 92 -0.81 -18.44 2.66
C PHE A 92 0.57 -19.09 2.58
N ARG A 93 1.55 -18.62 3.37
CA ARG A 93 2.89 -19.25 3.46
C ARG A 93 3.10 -20.01 4.76
N GLU A 94 2.27 -19.72 5.77
CA GLU A 94 2.28 -20.29 7.11
C GLU A 94 0.89 -20.84 7.48
N MET A 4 -9.34 -23.45 3.81
CA MET A 4 -7.89 -23.39 4.12
C MET A 4 -7.17 -22.75 2.94
N SER A 5 -6.12 -21.97 3.20
CA SER A 5 -5.37 -21.19 2.19
C SER A 5 -6.20 -20.10 1.49
N LEU A 6 -5.53 -19.31 0.66
CA LEU A 6 -6.16 -18.36 -0.28
C LEU A 6 -6.90 -19.13 -1.39
N ARG A 7 -7.74 -18.42 -2.16
CA ARG A 7 -8.35 -18.95 -3.38
C ARG A 7 -7.31 -19.03 -4.52
N LYS A 8 -7.74 -19.55 -5.67
CA LYS A 8 -7.02 -19.46 -6.95
C LYS A 8 -6.62 -17.99 -7.20
N LEU A 9 -5.33 -17.68 -7.24
CA LEU A 9 -4.86 -16.30 -7.31
C LEU A 9 -4.90 -15.80 -8.77
N THR A 10 -5.74 -14.80 -9.06
CA THR A 10 -5.92 -14.22 -10.39
C THR A 10 -6.40 -12.76 -10.28
N GLU A 11 -6.79 -12.16 -11.41
CA GLU A 11 -7.28 -10.79 -11.67
C GLU A 11 -8.53 -10.35 -10.87
N GLY A 12 -8.78 -10.97 -9.72
CA GLY A 12 -9.80 -10.59 -8.74
C GLY A 12 -9.27 -10.79 -7.34
N ASP A 13 -8.80 -12.00 -7.03
CA ASP A 13 -8.23 -12.35 -5.73
C ASP A 13 -6.89 -11.62 -5.46
N LEU A 14 -6.01 -11.53 -6.48
CA LEU A 14 -4.80 -10.71 -6.42
C LEU A 14 -5.14 -9.22 -6.43
N ASP A 15 -6.20 -8.80 -7.12
CA ASP A 15 -6.63 -7.40 -7.09
C ASP A 15 -7.23 -6.99 -5.75
N GLU A 16 -7.96 -7.88 -5.06
CA GLU A 16 -8.37 -7.65 -3.66
C GLU A 16 -7.13 -7.37 -2.79
N ILE A 17 -6.02 -8.10 -3.01
CA ILE A 17 -4.74 -7.80 -2.36
C ILE A 17 -4.13 -6.46 -2.85
N SER A 18 -4.14 -6.16 -4.16
CA SER A 18 -3.66 -4.87 -4.70
C SER A 18 -4.42 -3.69 -4.09
N SER A 19 -5.74 -3.84 -3.97
CA SER A 19 -6.68 -2.90 -3.39
C SER A 19 -6.46 -2.76 -1.89
N PHE A 20 -6.26 -3.87 -1.16
CA PHE A 20 -5.92 -3.83 0.27
C PHE A 20 -4.62 -3.07 0.52
N LEU A 21 -3.60 -3.29 -0.30
CA LEU A 21 -2.31 -2.60 -0.18
C LEU A 21 -2.44 -1.12 -0.51
N HIS A 22 -3.04 -0.76 -1.65
CA HIS A 22 -3.28 0.63 -2.05
C HIS A 22 -4.12 1.37 -0.99
N ASN A 23 -5.24 0.77 -0.54
CA ASN A 23 -6.07 1.34 0.50
C ASN A 23 -5.30 1.48 1.83
N THR A 24 -4.44 0.52 2.19
CA THR A 24 -3.65 0.58 3.42
C THR A 24 -2.73 1.81 3.41
N ILE A 25 -1.99 2.05 2.31
CA ILE A 25 -1.18 3.26 2.17
C ILE A 25 -2.07 4.51 2.19
N SER A 26 -3.19 4.50 1.46
CA SER A 26 -4.12 5.64 1.39
C SER A 26 -4.68 6.02 2.78
N ASP A 27 -5.23 5.06 3.54
CA ASP A 27 -5.58 5.29 4.95
C ASP A 27 -4.41 5.71 5.82
N PHE A 28 -3.21 5.16 5.63
CA PHE A 28 -2.10 5.48 6.52
C PHE A 28 -1.65 6.93 6.24
N ILE A 29 -1.59 7.35 4.97
CA ILE A 29 -1.35 8.74 4.57
C ILE A 29 -2.45 9.66 5.14
N LEU A 30 -3.73 9.33 4.98
CA LEU A 30 -4.83 10.09 5.58
C LEU A 30 -4.79 10.15 7.12
N LYS A 31 -4.15 9.18 7.77
CA LYS A 31 -3.92 9.11 9.22
C LYS A 31 -2.51 9.60 9.62
N ARG A 32 -1.76 10.19 8.67
CA ARG A 32 -0.44 10.81 8.88
C ARG A 32 -0.39 12.29 8.48
N VAL A 33 -1.05 12.69 7.39
CA VAL A 33 -0.99 14.07 6.86
C VAL A 33 -2.35 14.49 6.28
N SER A 34 -2.66 15.78 6.43
CA SER A 34 -3.92 16.39 5.99
C SER A 34 -4.04 16.42 4.47
N ALA A 35 -4.97 15.64 3.90
CA ALA A 35 -5.37 15.68 2.51
C ALA A 35 -5.73 17.08 1.99
N LYS A 36 -6.15 18.01 2.87
CA LYS A 36 -6.35 19.43 2.53
C LYS A 36 -5.05 20.16 2.15
N GLU A 37 -3.90 19.52 2.33
CA GLU A 37 -2.55 20.00 1.98
C GLU A 37 -1.90 19.07 0.93
N ILE A 38 -2.62 18.05 0.46
CA ILE A 38 -2.17 17.12 -0.56
C ILE A 38 -2.80 17.52 -1.90
N VAL A 39 -1.93 17.82 -2.88
CA VAL A 39 -2.31 18.05 -4.28
C VAL A 39 -2.80 16.74 -4.89
N ASP A 40 -2.02 15.67 -4.76
CA ASP A 40 -2.38 14.32 -5.21
C ASP A 40 -1.47 13.22 -4.61
N ILE A 41 -1.76 11.96 -4.93
CA ILE A 41 -0.90 10.80 -4.62
C ILE A 41 -0.81 9.85 -5.83
N ASP A 42 0.38 9.32 -6.07
CA ASP A 42 0.59 8.21 -7.01
C ASP A 42 0.90 6.97 -6.17
N ILE A 43 0.08 5.91 -6.30
CA ILE A 43 0.35 4.61 -5.69
C ILE A 43 0.18 3.54 -6.75
N THR A 44 1.25 2.76 -6.95
CA THR A 44 1.31 1.62 -7.86
C THR A 44 1.64 0.36 -7.05
N VAL A 45 0.74 -0.63 -7.11
CA VAL A 45 0.96 -1.96 -6.57
C VAL A 45 0.97 -2.95 -7.72
N LEU A 46 2.05 -3.73 -7.85
CA LEU A 46 2.22 -4.79 -8.83
C LEU A 46 2.39 -6.13 -8.09
N VAL A 47 1.76 -7.19 -8.61
CA VAL A 47 1.91 -8.55 -8.09
C VAL A 47 1.99 -9.53 -9.25
N GLU A 48 2.98 -10.43 -9.21
CA GLU A 48 3.32 -11.36 -10.29
C GLU A 48 3.80 -12.70 -9.72
N TYR A 49 3.75 -13.76 -10.55
CA TYR A 49 4.19 -15.09 -10.14
C TYR A 49 4.92 -15.75 -11.32
N THR A 50 6.26 -15.84 -11.23
CA THR A 50 7.13 -16.45 -12.25
C THR A 50 8.09 -17.42 -11.56
N ASP A 51 7.58 -18.63 -11.27
CA ASP A 51 8.16 -19.67 -10.40
C ASP A 51 8.23 -19.23 -8.92
N GLU A 52 8.68 -18.00 -8.67
CA GLU A 52 8.61 -17.27 -7.41
C GLU A 52 7.42 -16.29 -7.44
N LEU A 53 6.87 -15.96 -6.26
CA LEU A 53 5.89 -14.91 -6.04
C LEU A 53 6.63 -13.57 -5.85
N LYS A 54 6.21 -12.53 -6.60
CA LYS A 54 6.74 -11.16 -6.44
C LYS A 54 5.59 -10.18 -6.22
N VAL A 55 5.79 -9.25 -5.28
CA VAL A 55 4.90 -8.12 -5.01
C VAL A 55 5.75 -6.87 -4.82
N ASP A 56 5.36 -5.79 -5.49
CA ASP A 56 6.13 -4.56 -5.62
C ASP A 56 5.21 -3.37 -5.43
N ILE A 57 5.66 -2.39 -4.64
CA ILE A 57 4.86 -1.26 -4.18
C ILE A 57 5.67 0.01 -4.40
N SER A 58 5.06 1.02 -5.02
CA SER A 58 5.61 2.37 -5.09
C SER A 58 4.54 3.39 -4.72
N ALA A 59 4.84 4.31 -3.81
CA ALA A 59 3.95 5.40 -3.41
C ALA A 59 4.69 6.74 -3.44
N GLU A 60 4.01 7.79 -3.87
CA GLU A 60 4.50 9.17 -3.90
C GLU A 60 3.41 10.15 -3.45
N LEU A 61 3.84 11.24 -2.80
CA LEU A 61 3.01 12.19 -2.08
C LEU A 61 3.24 13.62 -2.61
N TYR A 62 2.28 14.15 -3.38
CA TYR A 62 2.38 15.52 -3.88
C TYR A 62 1.70 16.45 -2.87
N LEU A 63 2.52 17.15 -2.08
CA LEU A 63 2.12 18.19 -1.14
C LEU A 63 1.93 19.54 -1.84
N ASP A 64 1.07 20.38 -1.28
CA ASP A 64 0.95 21.79 -1.62
C ASP A 64 2.28 22.48 -1.25
N GLU A 65 2.82 23.30 -2.16
CA GLU A 65 4.13 23.96 -1.99
C GLU A 65 4.20 24.97 -0.83
N LEU A 66 3.09 25.27 -0.14
CA LEU A 66 3.06 26.04 1.10
C LEU A 66 3.13 25.15 2.37
N SER A 67 3.06 23.81 2.25
CA SER A 67 3.14 22.87 3.38
C SER A 67 4.50 22.15 3.46
N ASP A 68 4.75 21.47 4.58
CA ASP A 68 6.03 20.89 4.97
C ASP A 68 5.80 19.75 6.00
N ALA A 69 5.73 18.51 5.51
CA ALA A 69 5.53 17.30 6.31
C ALA A 69 6.87 16.61 6.68
N ASP A 70 6.82 15.42 7.28
CA ASP A 70 8.01 14.80 7.88
C ASP A 70 8.83 13.99 6.83
N PRO A 71 10.18 13.98 6.93
CA PRO A 71 11.13 13.46 5.93
C PRO A 71 11.18 11.93 5.83
N GLY A 72 10.01 11.31 5.80
CA GLY A 72 9.78 9.87 5.63
C GLY A 72 8.30 9.45 5.68
N ILE A 73 7.35 10.41 5.68
CA ILE A 73 5.93 10.17 5.95
C ILE A 73 5.22 9.32 4.88
N VAL A 74 5.80 9.22 3.67
CA VAL A 74 5.36 8.31 2.61
C VAL A 74 5.96 6.92 2.82
N ASP A 75 7.28 6.87 3.02
CA ASP A 75 8.04 5.62 3.23
C ASP A 75 7.48 4.80 4.39
N GLU A 76 7.11 5.46 5.49
CA GLU A 76 6.45 4.81 6.61
C GLU A 76 5.07 4.22 6.26
N ALA A 77 4.35 4.82 5.30
CA ALA A 77 3.10 4.25 4.77
C ALA A 77 3.37 3.00 3.94
N VAL A 78 4.47 2.97 3.17
CA VAL A 78 4.85 1.79 2.40
C VAL A 78 5.30 0.66 3.33
N ASP A 79 6.12 0.94 4.34
CA ASP A 79 6.44 0.00 5.42
C ASP A 79 5.18 -0.46 6.16
N ALA A 80 4.21 0.43 6.40
CA ALA A 80 2.94 0.03 7.01
C ALA A 80 2.19 -0.95 6.10
N ALA A 81 2.13 -0.71 4.78
CA ALA A 81 1.60 -1.69 3.83
C ALA A 81 2.36 -3.02 3.87
N TYR A 82 3.70 -3.00 3.93
CA TYR A 82 4.50 -4.23 4.03
C TYR A 82 4.27 -4.98 5.35
N ARG A 83 4.21 -4.30 6.50
CA ARG A 83 3.94 -4.92 7.81
C ARG A 83 2.48 -5.38 7.98
N SER A 84 1.55 -4.68 7.31
CA SER A 84 0.17 -5.16 7.19
C SER A 84 0.13 -6.41 6.31
N LEU A 85 0.84 -6.46 5.17
CA LEU A 85 0.93 -7.65 4.33
C LEU A 85 1.58 -8.84 5.04
N GLU A 86 2.62 -8.57 5.82
CA GLU A 86 3.34 -9.55 6.65
C GLU A 86 2.39 -10.22 7.65
N SER A 87 1.44 -9.44 8.18
CA SER A 87 0.38 -9.93 9.08
C SER A 87 -0.81 -10.56 8.31
N PHE A 88 -1.15 -10.01 7.14
CA PHE A 88 -2.32 -10.41 6.33
C PHE A 88 -2.30 -11.88 5.93
N LEU A 89 -1.13 -12.44 5.58
CA LEU A 89 -1.02 -13.85 5.21
C LEU A 89 -1.44 -14.80 6.35
N ASP A 90 -1.26 -14.41 7.61
CA ASP A 90 -1.72 -15.22 8.75
C ASP A 90 -3.25 -15.42 8.68
N GLY A 91 -3.99 -14.41 8.18
CA GLY A 91 -5.44 -14.47 7.99
C GLY A 91 -5.92 -15.52 6.99
N PHE A 92 -5.01 -16.21 6.29
CA PHE A 92 -5.29 -17.26 5.32
C PHE A 92 -4.51 -18.55 5.58
N ARG A 93 -3.64 -18.58 6.60
CA ARG A 93 -2.66 -19.66 6.80
C ARG A 93 -2.37 -19.99 8.26
N GLU A 94 -2.08 -18.95 9.06
CA GLU A 94 -1.47 -19.06 10.40
C GLU A 94 -0.21 -19.96 10.38
N MET A 4 -12.33 -12.66 7.75
CA MET A 4 -11.45 -12.95 6.60
C MET A 4 -11.89 -14.23 5.92
N SER A 5 -11.64 -14.38 4.62
CA SER A 5 -11.85 -15.62 3.86
C SER A 5 -10.93 -15.61 2.65
N LEU A 6 -9.92 -16.50 2.63
CA LEU A 6 -8.93 -16.58 1.56
C LEU A 6 -9.42 -17.48 0.41
N ARG A 7 -8.74 -17.40 -0.74
CA ARG A 7 -9.21 -17.95 -2.02
C ARG A 7 -8.05 -18.52 -2.86
N LYS A 8 -8.40 -19.28 -3.91
CA LYS A 8 -7.46 -19.64 -4.97
C LYS A 8 -7.14 -18.33 -5.69
N LEU A 9 -5.88 -17.89 -5.65
CA LEU A 9 -5.51 -16.56 -6.11
C LEU A 9 -5.53 -16.45 -7.64
N THR A 10 -6.29 -15.46 -8.13
CA THR A 10 -6.47 -15.11 -9.54
C THR A 10 -6.11 -13.64 -9.77
N GLU A 11 -6.20 -13.17 -11.02
CA GLU A 11 -6.10 -11.75 -11.37
C GLU A 11 -7.02 -10.87 -10.51
N GLY A 12 -8.22 -11.36 -10.15
CA GLY A 12 -9.15 -10.62 -9.29
C GLY A 12 -8.67 -10.53 -7.84
N ASP A 13 -8.13 -11.61 -7.29
CA ASP A 13 -7.59 -11.64 -5.92
C ASP A 13 -6.31 -10.81 -5.82
N LEU A 14 -5.44 -10.86 -6.84
CA LEU A 14 -4.28 -9.97 -6.97
C LEU A 14 -4.67 -8.49 -7.16
N ASP A 15 -5.74 -8.18 -7.92
CA ASP A 15 -6.29 -6.83 -7.99
C ASP A 15 -6.85 -6.39 -6.61
N GLU A 16 -7.62 -7.24 -5.92
CA GLU A 16 -8.12 -6.95 -4.58
C GLU A 16 -7.00 -6.77 -3.54
N ILE A 17 -5.93 -7.56 -3.59
CA ILE A 17 -4.75 -7.35 -2.73
C ILE A 17 -4.07 -6.02 -3.09
N SER A 18 -3.89 -5.73 -4.39
CA SER A 18 -3.28 -4.48 -4.84
C SER A 18 -4.11 -3.25 -4.44
N SER A 19 -5.44 -3.36 -4.55
CA SER A 19 -6.44 -2.39 -4.08
C SER A 19 -6.41 -2.22 -2.56
N PHE A 20 -6.32 -3.33 -1.79
CA PHE A 20 -6.18 -3.31 -0.34
C PHE A 20 -4.89 -2.60 0.10
N LEU A 21 -3.78 -2.85 -0.58
CA LEU A 21 -2.50 -2.18 -0.31
C LEU A 21 -2.54 -0.70 -0.67
N HIS A 22 -3.06 -0.35 -1.86
CA HIS A 22 -3.28 1.04 -2.26
C HIS A 22 -4.16 1.80 -1.25
N ASN A 23 -5.31 1.20 -0.88
CA ASN A 23 -6.18 1.78 0.13
C ASN A 23 -5.48 1.92 1.49
N THR A 24 -4.69 0.92 1.90
CA THR A 24 -3.98 0.93 3.19
C THR A 24 -2.99 2.10 3.26
N ILE A 25 -2.20 2.33 2.20
CA ILE A 25 -1.30 3.50 2.11
C ILE A 25 -2.11 4.80 2.09
N SER A 26 -3.20 4.86 1.30
CA SER A 26 -4.07 6.04 1.21
C SER A 26 -4.66 6.42 2.57
N ASP A 27 -5.29 5.47 3.28
CA ASP A 27 -5.73 5.68 4.66
C ASP A 27 -4.60 6.04 5.63
N PHE A 28 -3.41 5.45 5.50
CA PHE A 28 -2.28 5.79 6.38
C PHE A 28 -1.87 7.25 6.18
N ILE A 29 -1.73 7.71 4.93
CA ILE A 29 -1.41 9.09 4.59
C ILE A 29 -2.53 10.00 5.10
N LEU A 30 -3.80 9.74 4.76
CA LEU A 30 -4.95 10.55 5.19
C LEU A 30 -5.20 10.57 6.71
N LYS A 31 -4.50 9.73 7.49
CA LYS A 31 -4.59 9.66 8.95
C LYS A 31 -3.27 10.06 9.64
N ARG A 32 -2.27 10.48 8.86
CA ARG A 32 -1.01 11.09 9.36
C ARG A 32 -0.73 12.48 8.77
N VAL A 33 -1.41 12.87 7.68
CA VAL A 33 -1.37 14.18 7.01
C VAL A 33 -2.80 14.50 6.54
N SER A 34 -3.18 15.79 6.48
CA SER A 34 -4.56 16.18 6.19
C SER A 34 -4.76 16.56 4.71
N ALA A 35 -5.87 16.07 4.14
CA ALA A 35 -6.29 16.33 2.77
C ALA A 35 -6.30 17.82 2.36
N LYS A 36 -6.44 18.76 3.32
CA LYS A 36 -6.30 20.19 3.07
C LYS A 36 -4.92 20.65 2.56
N GLU A 37 -3.85 19.89 2.85
CA GLU A 37 -2.49 20.15 2.35
C GLU A 37 -2.00 19.12 1.32
N ILE A 38 -2.64 17.96 1.22
CA ILE A 38 -2.42 16.99 0.15
C ILE A 38 -3.03 17.52 -1.15
N VAL A 39 -2.21 17.83 -2.15
CA VAL A 39 -2.68 18.11 -3.52
C VAL A 39 -3.13 16.81 -4.17
N ASP A 40 -2.31 15.75 -4.10
CA ASP A 40 -2.68 14.41 -4.55
C ASP A 40 -1.71 13.33 -4.02
N ILE A 41 -2.02 12.06 -4.33
CA ILE A 41 -1.16 10.90 -4.10
C ILE A 41 -1.20 9.98 -5.32
N ASP A 42 -0.05 9.38 -5.64
CA ASP A 42 0.09 8.40 -6.72
C ASP A 42 0.75 7.15 -6.19
N ILE A 43 0.04 6.01 -6.28
CA ILE A 43 0.45 4.74 -5.69
C ILE A 43 0.32 3.65 -6.76
N THR A 44 1.41 2.93 -6.96
CA THR A 44 1.52 1.79 -7.87
C THR A 44 1.92 0.56 -7.05
N VAL A 45 1.07 -0.46 -7.09
CA VAL A 45 1.32 -1.77 -6.50
C VAL A 45 1.38 -2.78 -7.64
N LEU A 46 2.47 -3.55 -7.71
CA LEU A 46 2.69 -4.59 -8.71
C LEU A 46 2.80 -5.93 -7.99
N VAL A 47 2.14 -6.96 -8.52
CA VAL A 47 2.13 -8.30 -7.96
C VAL A 47 2.21 -9.35 -9.08
N GLU A 48 3.09 -10.33 -8.91
CA GLU A 48 3.44 -11.35 -9.91
C GLU A 48 3.73 -12.70 -9.23
N TYR A 49 3.65 -13.79 -10.02
CA TYR A 49 4.00 -15.13 -9.57
C TYR A 49 4.80 -15.83 -10.68
N THR A 50 6.12 -15.86 -10.52
CA THR A 50 7.05 -16.48 -11.49
C THR A 50 8.01 -17.38 -10.72
N ASP A 51 7.55 -18.59 -10.39
CA ASP A 51 8.15 -19.56 -9.44
C ASP A 51 8.20 -19.01 -7.99
N GLU A 52 8.55 -17.73 -7.83
CA GLU A 52 8.46 -16.92 -6.62
C GLU A 52 7.17 -16.07 -6.68
N LEU A 53 6.53 -15.85 -5.52
CA LEU A 53 5.46 -14.87 -5.36
C LEU A 53 6.15 -13.54 -5.07
N LYS A 54 5.95 -12.54 -5.93
CA LYS A 54 6.71 -11.29 -5.90
C LYS A 54 5.77 -10.09 -5.96
N VAL A 55 5.99 -9.13 -5.07
CA VAL A 55 5.18 -7.92 -4.91
C VAL A 55 6.09 -6.71 -4.74
N ASP A 56 5.70 -5.59 -5.33
CA ASP A 56 6.40 -4.31 -5.21
C ASP A 56 5.39 -3.16 -5.01
N ILE A 57 5.81 -2.18 -4.21
CA ILE A 57 4.98 -1.06 -3.75
C ILE A 57 5.75 0.24 -3.96
N SER A 58 5.17 1.17 -4.72
CA SER A 58 5.70 2.51 -4.92
C SER A 58 4.62 3.54 -4.65
N ALA A 59 4.90 4.52 -3.79
CA ALA A 59 3.98 5.59 -3.42
C ALA A 59 4.67 6.96 -3.54
N GLU A 60 3.94 7.95 -4.05
CA GLU A 60 4.36 9.35 -4.18
C GLU A 60 3.29 10.26 -3.55
N LEU A 61 3.77 11.33 -2.91
CA LEU A 61 3.02 12.20 -2.01
C LEU A 61 3.15 13.68 -2.41
N TYR A 62 2.10 14.25 -3.03
CA TYR A 62 2.13 15.64 -3.48
C TYR A 62 1.46 16.57 -2.47
N LEU A 63 2.30 17.31 -1.74
CA LEU A 63 1.89 18.42 -0.88
C LEU A 63 1.73 19.71 -1.68
N ASP A 64 0.85 20.58 -1.17
CA ASP A 64 0.71 21.96 -1.64
C ASP A 64 2.05 22.73 -1.54
N GLU A 65 2.27 23.67 -2.47
CA GLU A 65 3.48 24.49 -2.65
C GLU A 65 3.77 25.45 -1.47
N LEU A 66 2.99 25.35 -0.38
CA LEU A 66 3.14 26.07 0.88
C LEU A 66 3.27 25.12 2.09
N SER A 67 3.40 23.81 1.86
CA SER A 67 3.41 22.75 2.88
C SER A 67 4.58 21.76 2.68
N ASP A 68 4.99 21.08 3.76
CA ASP A 68 6.18 20.22 3.80
C ASP A 68 6.02 19.16 4.90
N ALA A 69 5.55 17.97 4.50
CA ALA A 69 5.40 16.79 5.36
C ALA A 69 6.77 16.14 5.71
N ASP A 70 6.78 15.19 6.66
CA ASP A 70 8.05 14.71 7.21
C ASP A 70 8.67 13.59 6.35
N PRO A 71 10.01 13.58 6.16
CA PRO A 71 10.75 12.63 5.32
C PRO A 71 10.82 11.22 5.95
N GLY A 72 9.65 10.58 5.99
CA GLY A 72 9.42 9.24 6.53
C GLY A 72 7.96 8.79 6.47
N ILE A 73 6.99 9.69 6.26
CA ILE A 73 5.56 9.37 6.22
C ILE A 73 5.20 8.37 5.11
N VAL A 74 5.82 8.50 3.94
CA VAL A 74 5.64 7.58 2.81
C VAL A 74 6.21 6.21 3.16
N ASP A 75 7.45 6.18 3.65
CA ASP A 75 8.18 5.01 4.10
C ASP A 75 7.39 4.26 5.18
N GLU A 76 6.82 4.97 6.14
CA GLU A 76 5.90 4.43 7.14
C GLU A 76 4.61 3.91 6.49
N ALA A 77 4.03 4.59 5.49
CA ALA A 77 2.80 4.11 4.85
C ALA A 77 3.04 2.80 4.09
N VAL A 78 4.16 2.74 3.37
CA VAL A 78 4.61 1.59 2.60
C VAL A 78 4.99 0.42 3.53
N ASP A 79 5.74 0.66 4.61
CA ASP A 79 6.01 -0.29 5.69
C ASP A 79 4.72 -0.78 6.38
N ALA A 80 3.74 0.09 6.62
CA ALA A 80 2.44 -0.31 7.16
C ALA A 80 1.67 -1.22 6.19
N ALA A 81 1.72 -0.93 4.88
CA ALA A 81 1.20 -1.82 3.85
C ALA A 81 1.96 -3.16 3.82
N TYR A 82 3.30 -3.17 3.93
CA TYR A 82 4.08 -4.40 3.99
C TYR A 82 3.76 -5.24 5.24
N ARG A 83 3.62 -4.63 6.42
CA ARG A 83 3.22 -5.34 7.65
C ARG A 83 1.80 -5.90 7.53
N SER A 84 0.90 -5.11 6.92
CA SER A 84 -0.48 -5.53 6.64
C SER A 84 -0.51 -6.70 5.65
N LEU A 85 0.40 -6.73 4.67
CA LEU A 85 0.55 -7.85 3.73
C LEU A 85 1.12 -9.09 4.40
N GLU A 86 2.17 -8.97 5.22
CA GLU A 86 2.73 -10.14 5.91
C GLU A 86 1.67 -10.81 6.79
N SER A 87 0.85 -10.03 7.51
CA SER A 87 -0.28 -10.60 8.26
C SER A 87 -1.48 -11.05 7.41
N PHE A 88 -1.60 -10.59 6.17
CA PHE A 88 -2.53 -11.21 5.22
C PHE A 88 -2.07 -12.64 4.92
N LEU A 89 -0.74 -12.87 4.75
CA LEU A 89 -0.18 -14.21 4.57
C LEU A 89 -0.08 -15.03 5.86
N ASP A 90 -0.04 -14.43 7.06
CA ASP A 90 -0.18 -15.17 8.33
C ASP A 90 -1.46 -16.05 8.29
N GLY A 91 -2.50 -15.65 7.54
CA GLY A 91 -3.72 -16.43 7.39
C GLY A 91 -3.67 -17.49 6.28
N PHE A 92 -2.67 -17.42 5.39
CA PHE A 92 -2.45 -18.38 4.31
C PHE A 92 -1.54 -19.55 4.71
N ARG A 93 -0.75 -19.39 5.79
CA ARG A 93 0.30 -20.35 6.17
C ARG A 93 0.31 -20.60 7.67
N GLU A 94 0.73 -19.60 8.45
CA GLU A 94 0.96 -19.61 9.91
C GLU A 94 1.59 -18.28 10.33
N MET A 4 -11.81 -16.73 6.99
CA MET A 4 -10.76 -17.63 7.52
C MET A 4 -10.10 -18.32 6.33
N SER A 5 -8.76 -18.37 6.30
CA SER A 5 -7.99 -18.75 5.10
C SER A 5 -8.39 -17.89 3.88
N LEU A 6 -8.06 -18.34 2.65
CA LEU A 6 -8.17 -17.58 1.42
C LEU A 6 -8.92 -18.34 0.31
N ARG A 7 -8.85 -17.79 -0.91
CA ARG A 7 -9.47 -18.30 -2.14
C ARG A 7 -8.38 -18.48 -3.20
N LYS A 8 -8.69 -19.22 -4.29
CA LYS A 8 -7.87 -19.32 -5.49
C LYS A 8 -7.44 -17.93 -5.97
N LEU A 9 -6.14 -17.63 -5.89
CA LEU A 9 -5.60 -16.35 -6.31
C LEU A 9 -5.57 -16.26 -7.83
N THR A 10 -6.49 -15.48 -8.39
CA THR A 10 -6.56 -15.09 -9.80
C THR A 10 -6.75 -13.57 -9.84
N GLU A 11 -6.71 -13.00 -11.03
CA GLU A 11 -6.72 -11.57 -11.34
C GLU A 11 -7.73 -10.77 -10.51
N GLY A 12 -8.91 -11.33 -10.19
CA GLY A 12 -9.89 -10.73 -9.30
C GLY A 12 -9.41 -10.58 -7.84
N ASP A 13 -9.04 -11.70 -7.22
CA ASP A 13 -8.52 -11.76 -5.84
C ASP A 13 -7.20 -10.97 -5.71
N LEU A 14 -6.35 -11.04 -6.73
CA LEU A 14 -5.10 -10.30 -6.81
C LEU A 14 -5.33 -8.79 -7.00
N ASP A 15 -6.30 -8.38 -7.83
CA ASP A 15 -6.74 -6.98 -7.91
C ASP A 15 -7.27 -6.49 -6.55
N GLU A 16 -8.11 -7.29 -5.87
CA GLU A 16 -8.60 -6.92 -4.54
C GLU A 16 -7.47 -6.83 -3.49
N ILE A 17 -6.45 -7.70 -3.54
CA ILE A 17 -5.26 -7.55 -2.69
C ILE A 17 -4.48 -6.27 -3.05
N SER A 18 -4.37 -5.92 -4.35
CA SER A 18 -3.82 -4.63 -4.76
C SER A 18 -4.65 -3.45 -4.20
N SER A 19 -5.98 -3.57 -4.21
CA SER A 19 -6.93 -2.61 -3.61
C SER A 19 -6.71 -2.50 -2.11
N PHE A 20 -6.53 -3.63 -1.40
CA PHE A 20 -6.21 -3.64 0.03
C PHE A 20 -4.90 -2.90 0.32
N LEU A 21 -3.86 -3.08 -0.49
CA LEU A 21 -2.59 -2.35 -0.35
C LEU A 21 -2.74 -0.85 -0.64
N HIS A 22 -3.39 -0.49 -1.75
CA HIS A 22 -3.64 0.91 -2.11
C HIS A 22 -4.49 1.64 -1.05
N ASN A 23 -5.55 1.01 -0.55
CA ASN A 23 -6.32 1.52 0.58
C ASN A 23 -5.47 1.59 1.86
N THR A 24 -4.63 0.60 2.15
CA THR A 24 -3.80 0.60 3.37
C THR A 24 -2.84 1.81 3.41
N ILE A 25 -2.14 2.10 2.31
CA ILE A 25 -1.30 3.30 2.21
C ILE A 25 -2.16 4.57 2.30
N SER A 26 -3.30 4.60 1.58
CA SER A 26 -4.20 5.75 1.55
C SER A 26 -4.74 6.10 2.94
N ASP A 27 -5.27 5.11 3.69
CA ASP A 27 -5.64 5.25 5.08
C ASP A 27 -4.50 5.65 6.01
N PHE A 28 -3.28 5.13 5.81
CA PHE A 28 -2.15 5.55 6.63
C PHE A 28 -1.82 7.03 6.39
N ILE A 29 -1.78 7.46 5.13
CA ILE A 29 -1.55 8.86 4.75
C ILE A 29 -2.66 9.74 5.34
N LEU A 30 -3.94 9.40 5.12
CA LEU A 30 -5.09 10.14 5.67
C LEU A 30 -5.19 10.12 7.21
N LYS A 31 -4.37 9.33 7.91
CA LYS A 31 -4.22 9.33 9.37
C LYS A 31 -2.84 9.83 9.83
N ARG A 32 -2.00 10.34 8.91
CA ARG A 32 -0.73 11.03 9.18
C ARG A 32 -0.72 12.49 8.72
N VAL A 33 -1.38 12.82 7.60
CA VAL A 33 -1.39 14.15 6.97
C VAL A 33 -2.76 14.44 6.34
N SER A 34 -3.20 15.69 6.35
CA SER A 34 -4.50 16.07 5.78
C SER A 34 -4.39 16.24 4.26
N ALA A 35 -5.38 15.72 3.53
CA ALA A 35 -5.59 15.97 2.11
C ALA A 35 -5.60 17.47 1.76
N LYS A 36 -5.92 18.36 2.71
CA LYS A 36 -5.78 19.82 2.53
C LYS A 36 -4.33 20.30 2.36
N GLU A 37 -3.34 19.47 2.68
CA GLU A 37 -1.89 19.73 2.51
C GLU A 37 -1.35 19.02 1.24
N ILE A 38 -2.14 18.11 0.68
CA ILE A 38 -1.77 17.23 -0.43
C ILE A 38 -2.29 17.82 -1.75
N VAL A 39 -1.39 17.96 -2.73
CA VAL A 39 -1.74 18.29 -4.11
C VAL A 39 -2.32 17.04 -4.78
N ASP A 40 -1.60 15.90 -4.71
CA ASP A 40 -2.06 14.59 -5.16
C ASP A 40 -1.17 13.44 -4.63
N ILE A 41 -1.54 12.20 -4.93
CA ILE A 41 -0.73 10.99 -4.67
C ILE A 41 -0.73 10.04 -5.87
N ASP A 42 0.42 9.41 -6.11
CA ASP A 42 0.55 8.30 -7.06
C ASP A 42 0.86 7.03 -6.26
N ILE A 43 0.00 6.01 -6.36
CA ILE A 43 0.25 4.69 -5.75
C ILE A 43 -0.01 3.62 -6.80
N THR A 44 1.06 2.92 -7.18
CA THR A 44 1.05 1.85 -8.18
C THR A 44 1.56 0.57 -7.51
N VAL A 45 0.67 -0.43 -7.46
CA VAL A 45 0.88 -1.73 -6.82
C VAL A 45 0.86 -2.83 -7.88
N LEU A 46 1.95 -3.59 -7.97
CA LEU A 46 2.15 -4.67 -8.94
C LEU A 46 2.30 -6.00 -8.20
N VAL A 47 1.69 -7.07 -8.72
CA VAL A 47 1.81 -8.42 -8.15
C VAL A 47 2.14 -9.42 -9.26
N GLU A 48 3.02 -10.37 -8.96
CA GLU A 48 3.63 -11.28 -9.93
C GLU A 48 3.86 -12.66 -9.30
N TYR A 49 3.87 -13.72 -10.11
CA TYR A 49 4.18 -15.07 -9.68
C TYR A 49 4.93 -15.82 -10.79
N THR A 50 6.26 -15.89 -10.66
CA THR A 50 7.17 -16.56 -11.60
C THR A 50 8.10 -17.46 -10.79
N ASP A 51 7.71 -18.73 -10.63
CA ASP A 51 8.29 -19.74 -9.73
C ASP A 51 8.18 -19.39 -8.22
N GLU A 52 8.13 -18.10 -7.89
CA GLU A 52 7.87 -17.53 -6.56
C GLU A 52 6.97 -16.28 -6.68
N LEU A 53 6.33 -15.91 -5.57
CA LEU A 53 5.41 -14.80 -5.42
C LEU A 53 6.19 -13.51 -5.15
N LYS A 54 5.89 -12.44 -5.92
CA LYS A 54 6.39 -11.10 -5.65
C LYS A 54 5.27 -10.07 -5.70
N VAL A 55 5.40 -9.03 -4.88
CA VAL A 55 4.55 -7.84 -4.90
C VAL A 55 5.46 -6.62 -4.77
N ASP A 56 5.20 -5.60 -5.58
CA ASP A 56 5.95 -4.36 -5.65
C ASP A 56 5.00 -3.20 -5.39
N ILE A 57 5.47 -2.23 -4.62
CA ILE A 57 4.66 -1.12 -4.12
C ILE A 57 5.43 0.17 -4.40
N SER A 58 4.92 0.98 -5.33
CA SER A 58 5.46 2.31 -5.62
C SER A 58 4.44 3.34 -5.12
N ALA A 59 4.87 4.24 -4.22
CA ALA A 59 4.04 5.33 -3.75
C ALA A 59 4.81 6.65 -3.82
N GLU A 60 4.12 7.73 -4.19
CA GLU A 60 4.62 9.10 -4.27
C GLU A 60 3.59 10.06 -3.67
N LEU A 61 4.11 11.12 -3.04
CA LEU A 61 3.35 12.05 -2.21
C LEU A 61 3.62 13.48 -2.66
N TYR A 62 2.66 14.09 -3.37
CA TYR A 62 2.81 15.45 -3.84
C TYR A 62 2.14 16.38 -2.81
N LEU A 63 3.00 17.02 -2.00
CA LEU A 63 2.66 18.03 -1.00
C LEU A 63 2.56 19.42 -1.65
N ASP A 64 1.75 20.31 -1.06
CA ASP A 64 1.71 21.71 -1.48
C ASP A 64 3.02 22.44 -1.11
N GLU A 65 3.48 23.34 -2.00
CA GLU A 65 4.74 24.13 -1.99
C GLU A 65 4.76 25.24 -0.91
N LEU A 66 4.12 24.94 0.21
CA LEU A 66 3.76 25.83 1.33
C LEU A 66 3.43 25.01 2.61
N SER A 67 3.03 23.75 2.48
CA SER A 67 2.87 22.78 3.57
C SER A 67 4.19 22.39 4.24
N ASP A 68 4.10 21.75 5.42
CA ASP A 68 5.22 21.28 6.22
C ASP A 68 4.82 19.97 6.93
N ALA A 69 5.16 18.83 6.32
CA ALA A 69 4.96 17.48 6.84
C ALA A 69 6.30 16.79 7.17
N ASP A 70 6.26 15.56 7.71
CA ASP A 70 7.44 14.93 8.30
C ASP A 70 8.32 14.18 7.27
N PRO A 71 9.66 14.18 7.47
CA PRO A 71 10.68 13.68 6.51
C PRO A 71 10.75 12.15 6.40
N GLY A 72 9.60 11.51 6.34
CA GLY A 72 9.40 10.07 6.11
C GLY A 72 7.93 9.62 6.13
N ILE A 73 6.98 10.57 6.01
CA ILE A 73 5.56 10.35 6.26
C ILE A 73 4.87 9.37 5.29
N VAL A 74 5.35 9.28 4.04
CA VAL A 74 4.94 8.25 3.08
C VAL A 74 5.75 6.97 3.22
N ASP A 75 7.04 7.04 3.54
CA ASP A 75 7.91 5.91 3.81
C ASP A 75 7.33 5.02 4.94
N GLU A 76 6.76 5.65 5.96
CA GLU A 76 5.98 4.95 6.99
C GLU A 76 4.72 4.30 6.40
N ALA A 77 4.02 4.93 5.46
CA ALA A 77 2.83 4.33 4.84
C ALA A 77 3.18 3.10 4.00
N VAL A 78 4.28 3.16 3.23
CA VAL A 78 4.73 2.03 2.44
C VAL A 78 5.24 0.89 3.34
N ASP A 79 6.08 1.17 4.34
CA ASP A 79 6.46 0.16 5.33
C ASP A 79 5.26 -0.39 6.11
N ALA A 80 4.25 0.41 6.45
CA ALA A 80 3.02 -0.08 7.07
C ALA A 80 2.27 -1.05 6.14
N ALA A 81 2.18 -0.74 4.84
CA ALA A 81 1.69 -1.69 3.84
C ALA A 81 2.56 -2.95 3.78
N TYR A 82 3.89 -2.83 3.82
CA TYR A 82 4.78 -4.00 3.84
C TYR A 82 4.63 -4.85 5.11
N ARG A 83 4.53 -4.25 6.31
CA ARG A 83 4.27 -4.99 7.56
C ARG A 83 2.89 -5.64 7.54
N SER A 84 1.89 -4.92 7.03
CA SER A 84 0.54 -5.45 6.91
C SER A 84 0.50 -6.64 5.96
N LEU A 85 1.11 -6.53 4.76
CA LEU A 85 1.22 -7.62 3.79
C LEU A 85 2.01 -8.82 4.35
N GLU A 86 3.14 -8.55 5.04
CA GLU A 86 3.99 -9.55 5.69
C GLU A 86 3.22 -10.35 6.75
N SER A 87 2.36 -9.72 7.55
CA SER A 87 1.43 -10.42 8.46
C SER A 87 0.19 -11.00 7.75
N PHE A 88 -0.26 -10.42 6.64
CA PHE A 88 -1.48 -10.85 5.95
C PHE A 88 -1.37 -12.27 5.38
N LEU A 89 -0.24 -12.64 4.76
CA LEU A 89 -0.09 -14.00 4.22
C LEU A 89 0.10 -15.03 5.34
N ASP A 90 0.79 -14.65 6.42
CA ASP A 90 0.85 -15.44 7.65
C ASP A 90 -0.57 -15.65 8.20
N GLY A 91 -1.43 -14.62 8.13
CA GLY A 91 -2.82 -14.67 8.58
C GLY A 91 -3.75 -15.55 7.74
N PHE A 92 -3.29 -16.10 6.60
CA PHE A 92 -4.13 -16.90 5.70
C PHE A 92 -3.54 -18.24 5.24
N ARG A 93 -2.21 -18.44 5.33
CA ARG A 93 -1.57 -19.75 5.10
C ARG A 93 -0.56 -20.18 6.16
N GLU A 94 -0.13 -19.29 7.05
CA GLU A 94 1.04 -19.51 7.93
C GLU A 94 2.30 -19.76 7.08
N MET A 4 -9.42 -18.84 7.25
CA MET A 4 -8.39 -19.84 6.91
C MET A 4 -8.54 -20.20 5.44
N SER A 5 -7.39 -20.34 4.74
CA SER A 5 -7.30 -20.51 3.29
C SER A 5 -7.86 -19.34 2.48
N LEU A 6 -7.53 -19.32 1.17
CA LEU A 6 -7.80 -18.25 0.23
C LEU A 6 -8.43 -18.79 -1.06
N ARG A 7 -8.75 -17.89 -2.00
CA ARG A 7 -9.34 -18.24 -3.30
C ARG A 7 -8.25 -18.57 -4.32
N LYS A 8 -8.64 -19.18 -5.46
CA LYS A 8 -7.74 -19.43 -6.58
C LYS A 8 -7.29 -18.10 -7.16
N LEU A 9 -6.00 -17.77 -6.99
CA LEU A 9 -5.51 -16.42 -7.26
C LEU A 9 -5.43 -16.17 -8.77
N THR A 10 -6.18 -15.15 -9.22
CA THR A 10 -6.13 -14.61 -10.58
C THR A 10 -6.23 -13.08 -10.53
N GLU A 11 -6.44 -12.44 -11.68
CA GLU A 11 -6.50 -10.98 -11.87
C GLU A 11 -7.38 -10.29 -10.82
N GLY A 12 -8.54 -10.86 -10.49
CA GLY A 12 -9.47 -10.31 -9.49
C GLY A 12 -8.90 -10.32 -8.08
N ASP A 13 -8.33 -11.43 -7.61
CA ASP A 13 -7.74 -11.54 -6.27
C ASP A 13 -6.51 -10.63 -6.14
N LEU A 14 -5.69 -10.57 -7.19
CA LEU A 14 -4.54 -9.68 -7.28
C LEU A 14 -4.95 -8.20 -7.31
N ASP A 15 -5.98 -7.82 -8.07
CA ASP A 15 -6.55 -6.48 -8.03
C ASP A 15 -7.19 -6.15 -6.67
N GLU A 16 -7.84 -7.11 -6.00
CA GLU A 16 -8.37 -6.94 -4.65
C GLU A 16 -7.24 -6.74 -3.61
N ILE A 17 -6.15 -7.52 -3.67
CA ILE A 17 -4.99 -7.33 -2.79
C ILE A 17 -4.31 -5.98 -3.09
N SER A 18 -4.06 -5.65 -4.36
CA SER A 18 -3.50 -4.35 -4.75
C SER A 18 -4.41 -3.18 -4.32
N SER A 19 -5.73 -3.34 -4.40
CA SER A 19 -6.71 -2.37 -3.90
C SER A 19 -6.66 -2.26 -2.37
N PHE A 20 -6.57 -3.39 -1.65
CA PHE A 20 -6.40 -3.40 -0.20
C PHE A 20 -5.12 -2.66 0.23
N LEU A 21 -4.01 -2.84 -0.50
CA LEU A 21 -2.76 -2.12 -0.27
C LEU A 21 -2.91 -0.61 -0.55
N HIS A 22 -3.49 -0.24 -1.70
CA HIS A 22 -3.77 1.16 -2.03
C HIS A 22 -4.66 1.85 -0.97
N ASN A 23 -5.73 1.17 -0.53
CA ASN A 23 -6.60 1.64 0.54
C ASN A 23 -5.85 1.73 1.89
N THR A 24 -5.00 0.74 2.21
CA THR A 24 -4.22 0.73 3.45
C THR A 24 -3.26 1.92 3.53
N ILE A 25 -2.53 2.21 2.45
CA ILE A 25 -1.67 3.40 2.38
C ILE A 25 -2.51 4.68 2.42
N SER A 26 -3.65 4.70 1.72
CA SER A 26 -4.59 5.84 1.72
C SER A 26 -5.08 6.17 3.13
N ASP A 27 -5.61 5.18 3.88
CA ASP A 27 -5.91 5.35 5.30
C ASP A 27 -4.72 5.75 6.17
N PHE A 28 -3.51 5.21 5.93
CA PHE A 28 -2.35 5.57 6.74
C PHE A 28 -1.98 7.04 6.52
N ILE A 29 -1.96 7.49 5.25
CA ILE A 29 -1.74 8.88 4.86
C ILE A 29 -2.83 9.76 5.47
N LEU A 30 -4.13 9.45 5.26
CA LEU A 30 -5.26 10.23 5.79
C LEU A 30 -5.31 10.30 7.33
N LYS A 31 -4.57 9.45 8.04
CA LYS A 31 -4.44 9.44 9.50
C LYS A 31 -3.02 9.81 9.97
N ARG A 32 -2.15 10.28 9.07
CA ARG A 32 -0.80 10.79 9.39
C ARG A 32 -0.48 12.19 8.80
N VAL A 33 -1.13 12.61 7.72
CA VAL A 33 -0.90 13.91 7.05
C VAL A 33 -2.22 14.38 6.39
N SER A 34 -2.46 15.70 6.31
CA SER A 34 -3.79 16.20 5.97
C SER A 34 -4.10 16.34 4.47
N ALA A 35 -5.29 15.90 4.07
CA ALA A 35 -5.91 16.19 2.77
C ALA A 35 -5.91 17.71 2.43
N LYS A 36 -5.87 18.61 3.43
CA LYS A 36 -5.71 20.06 3.21
C LYS A 36 -4.31 20.49 2.72
N GLU A 37 -3.27 19.69 2.94
CA GLU A 37 -1.88 19.97 2.51
C GLU A 37 -1.43 19.00 1.40
N ILE A 38 -1.97 17.77 1.37
CA ILE A 38 -1.82 16.81 0.27
C ILE A 38 -2.67 17.30 -0.91
N VAL A 39 -2.01 17.66 -2.01
CA VAL A 39 -2.66 17.92 -3.31
C VAL A 39 -3.17 16.60 -3.89
N ASP A 40 -2.33 15.56 -3.95
CA ASP A 40 -2.72 14.22 -4.42
C ASP A 40 -1.69 13.15 -4.03
N ILE A 41 -1.95 11.88 -4.35
CA ILE A 41 -1.05 10.74 -4.13
C ILE A 41 -1.02 9.78 -5.33
N ASP A 42 0.17 9.23 -5.61
CA ASP A 42 0.36 8.12 -6.55
C ASP A 42 0.85 6.90 -5.78
N ILE A 43 -0.01 5.89 -5.60
CA ILE A 43 0.42 4.58 -5.08
C ILE A 43 0.46 3.63 -6.27
N THR A 44 1.61 2.99 -6.49
CA THR A 44 1.79 1.96 -7.53
C THR A 44 2.11 0.64 -6.84
N VAL A 45 1.22 -0.32 -7.05
CA VAL A 45 1.22 -1.66 -6.46
C VAL A 45 1.40 -2.70 -7.57
N LEU A 46 2.47 -3.47 -7.51
CA LEU A 46 2.80 -4.53 -8.46
C LEU A 46 2.76 -5.87 -7.72
N VAL A 47 2.19 -6.88 -8.39
CA VAL A 47 2.07 -8.25 -7.87
C VAL A 47 2.37 -9.23 -9.02
N GLU A 48 3.23 -10.21 -8.75
CA GLU A 48 3.80 -11.12 -9.74
C GLU A 48 4.05 -12.51 -9.13
N TYR A 49 4.16 -13.52 -9.99
CA TYR A 49 4.41 -14.89 -9.54
C TYR A 49 5.32 -15.60 -10.56
N THR A 50 6.61 -15.67 -10.24
CA THR A 50 7.69 -16.22 -11.08
C THR A 50 8.52 -17.19 -10.23
N ASP A 51 8.02 -18.42 -10.07
CA ASP A 51 8.48 -19.44 -9.11
C ASP A 51 8.28 -19.01 -7.64
N GLU A 52 8.60 -17.76 -7.33
CA GLU A 52 8.24 -17.06 -6.09
C GLU A 52 7.01 -16.17 -6.33
N LEU A 53 6.27 -15.89 -5.25
CA LEU A 53 5.25 -14.85 -5.19
C LEU A 53 5.99 -13.56 -4.84
N LYS A 54 5.76 -12.48 -5.61
CA LYS A 54 6.40 -11.18 -5.38
C LYS A 54 5.34 -10.08 -5.36
N VAL A 55 5.47 -9.16 -4.41
CA VAL A 55 4.63 -7.96 -4.30
C VAL A 55 5.54 -6.77 -4.00
N ASP A 56 5.37 -5.70 -4.75
CA ASP A 56 6.24 -4.53 -4.75
C ASP A 56 5.38 -3.27 -4.77
N ILE A 57 5.70 -2.33 -3.88
CA ILE A 57 4.88 -1.15 -3.61
C ILE A 57 5.76 0.08 -3.62
N SER A 58 5.35 1.08 -4.40
CA SER A 58 5.97 2.40 -4.52
C SER A 58 4.92 3.47 -4.30
N ALA A 59 5.26 4.55 -3.60
CA ALA A 59 4.36 5.65 -3.31
C ALA A 59 4.99 7.02 -3.62
N GLU A 60 4.15 7.98 -4.01
CA GLU A 60 4.48 9.39 -4.13
C GLU A 60 3.37 10.21 -3.46
N LEU A 61 3.79 11.28 -2.78
CA LEU A 61 2.96 12.10 -1.88
C LEU A 61 3.12 13.57 -2.30
N TYR A 62 2.11 14.12 -2.98
CA TYR A 62 2.22 15.45 -3.56
C TYR A 62 1.63 16.47 -2.59
N LEU A 63 2.52 17.24 -1.95
CA LEU A 63 2.19 18.38 -1.11
C LEU A 63 1.97 19.64 -1.96
N ASP A 64 1.15 20.54 -1.44
CA ASP A 64 1.02 21.90 -1.97
C ASP A 64 2.39 22.62 -1.97
N GLU A 65 2.64 23.50 -2.95
CA GLU A 65 3.87 24.29 -3.14
C GLU A 65 4.10 25.35 -2.01
N LEU A 66 3.53 25.11 -0.83
CA LEU A 66 3.47 25.96 0.34
C LEU A 66 3.42 25.14 1.64
N SER A 67 3.71 23.83 1.59
CA SER A 67 3.79 22.95 2.77
C SER A 67 4.74 21.76 2.56
N ASP A 68 5.25 21.21 3.66
CA ASP A 68 6.35 20.24 3.67
C ASP A 68 6.13 19.23 4.80
N ALA A 69 5.52 18.10 4.45
CA ALA A 69 5.44 16.92 5.33
C ALA A 69 6.83 16.35 5.67
N ASP A 70 6.91 15.45 6.66
CA ASP A 70 8.19 15.03 7.21
C ASP A 70 8.82 13.89 6.40
N PRO A 71 10.17 13.87 6.28
CA PRO A 71 10.95 12.95 5.43
C PRO A 71 10.99 11.52 6.00
N GLY A 72 9.81 10.89 6.03
CA GLY A 72 9.56 9.54 6.51
C GLY A 72 8.08 9.15 6.45
N ILE A 73 7.13 10.10 6.38
CA ILE A 73 5.69 9.82 6.36
C ILE A 73 5.28 8.90 5.18
N VAL A 74 5.94 9.07 4.02
CA VAL A 74 5.76 8.19 2.85
C VAL A 74 6.25 6.79 3.18
N ASP A 75 7.52 6.67 3.56
CA ASP A 75 8.22 5.44 3.89
C ASP A 75 7.45 4.64 4.94
N GLU A 76 6.96 5.30 5.99
CA GLU A 76 6.12 4.71 7.02
C GLU A 76 4.78 4.23 6.45
N ALA A 77 4.20 4.92 5.46
CA ALA A 77 2.94 4.49 4.87
C ALA A 77 3.10 3.21 4.05
N VAL A 78 4.17 3.13 3.25
CA VAL A 78 4.44 1.93 2.47
C VAL A 78 4.91 0.77 3.37
N ASP A 79 5.76 1.06 4.37
CA ASP A 79 6.18 0.11 5.42
C ASP A 79 4.97 -0.42 6.23
N ALA A 80 3.96 0.42 6.50
CA ALA A 80 2.70 -0.04 7.08
C ALA A 80 1.95 -1.01 6.14
N ALA A 81 1.90 -0.72 4.83
CA ALA A 81 1.36 -1.66 3.85
C ALA A 81 2.17 -2.96 3.79
N TYR A 82 3.51 -2.91 3.79
CA TYR A 82 4.36 -4.10 3.77
C TYR A 82 4.14 -4.98 5.01
N ARG A 83 4.04 -4.39 6.23
CA ARG A 83 3.69 -5.18 7.42
C ARG A 83 2.24 -5.65 7.42
N SER A 84 1.29 -4.81 6.99
CA SER A 84 -0.11 -5.21 6.87
C SER A 84 -0.34 -6.29 5.82
N LEU A 85 0.54 -6.41 4.81
CA LEU A 85 0.51 -7.51 3.85
C LEU A 85 1.12 -8.78 4.44
N GLU A 86 2.28 -8.69 5.09
CA GLU A 86 2.91 -9.86 5.69
C GLU A 86 2.07 -10.41 6.85
N SER A 87 1.51 -9.54 7.69
CA SER A 87 0.57 -9.93 8.75
C SER A 87 -0.78 -10.42 8.23
N PHE A 88 -1.15 -10.12 6.98
CA PHE A 88 -2.31 -10.73 6.30
C PHE A 88 -1.94 -12.11 5.72
N LEU A 89 -0.76 -12.25 5.11
CA LEU A 89 -0.25 -13.53 4.60
C LEU A 89 0.11 -14.51 5.72
N ASP A 90 0.38 -14.02 6.92
CA ASP A 90 0.46 -14.83 8.14
C ASP A 90 -0.76 -15.75 8.26
N GLY A 91 -1.97 -15.28 7.85
CA GLY A 91 -3.19 -16.08 7.86
C GLY A 91 -3.25 -17.19 6.80
N PHE A 92 -2.24 -17.27 5.91
CA PHE A 92 -2.16 -18.16 4.75
C PHE A 92 -0.79 -18.82 4.57
N ARG A 93 0.18 -18.55 5.45
CA ARG A 93 1.56 -19.04 5.39
C ARG A 93 2.11 -19.46 6.75
N GLU A 94 1.84 -18.65 7.79
CA GLU A 94 2.45 -18.76 9.13
C GLU A 94 3.99 -18.92 9.05
N MET A 4 -6.79 -12.25 5.76
CA MET A 4 -6.79 -13.71 6.06
C MET A 4 -7.77 -14.43 5.14
N SER A 5 -7.62 -15.75 4.99
CA SER A 5 -8.57 -16.67 4.32
C SER A 5 -9.01 -16.26 2.89
N LEU A 6 -8.16 -15.54 2.16
CA LEU A 6 -8.33 -15.21 0.74
C LEU A 6 -8.28 -16.46 -0.16
N ARG A 7 -8.51 -16.29 -1.47
CA ARG A 7 -8.72 -17.39 -2.43
C ARG A 7 -7.54 -17.56 -3.42
N LYS A 8 -7.69 -18.50 -4.36
CA LYS A 8 -6.71 -18.76 -5.42
C LYS A 8 -6.39 -17.45 -6.15
N LEU A 9 -5.10 -17.15 -6.26
CA LEU A 9 -4.64 -15.84 -6.72
C LEU A 9 -4.84 -15.72 -8.24
N THR A 10 -5.83 -14.91 -8.60
CA THR A 10 -6.35 -14.72 -9.95
C THR A 10 -6.82 -13.26 -10.07
N GLU A 11 -7.37 -12.91 -11.23
CA GLU A 11 -7.87 -11.63 -11.73
C GLU A 11 -9.09 -11.07 -10.94
N GLY A 12 -9.16 -11.40 -9.66
CA GLY A 12 -10.09 -10.91 -8.65
C GLY A 12 -9.36 -10.77 -7.32
N ASP A 13 -8.83 -11.87 -6.76
CA ASP A 13 -8.04 -11.83 -5.51
C ASP A 13 -6.81 -10.93 -5.63
N LEU A 14 -6.10 -10.93 -6.76
CA LEU A 14 -4.93 -10.08 -6.99
C LEU A 14 -5.32 -8.59 -7.02
N ASP A 15 -6.45 -8.25 -7.65
CA ASP A 15 -6.97 -6.88 -7.68
C ASP A 15 -7.48 -6.45 -6.30
N GLU A 16 -8.19 -7.32 -5.57
CA GLU A 16 -8.61 -7.09 -4.19
C GLU A 16 -7.39 -6.81 -3.30
N ILE A 17 -6.30 -7.58 -3.43
CA ILE A 17 -5.04 -7.39 -2.70
C ILE A 17 -4.38 -6.07 -3.08
N SER A 18 -4.32 -5.74 -4.38
CA SER A 18 -3.82 -4.44 -4.83
C SER A 18 -4.63 -3.28 -4.23
N SER A 19 -5.97 -3.42 -4.20
CA SER A 19 -6.88 -2.48 -3.56
C SER A 19 -6.63 -2.34 -2.05
N PHE A 20 -6.41 -3.47 -1.34
CA PHE A 20 -6.12 -3.50 0.10
C PHE A 20 -4.83 -2.75 0.42
N LEU A 21 -3.79 -2.94 -0.39
CA LEU A 21 -2.51 -2.25 -0.21
C LEU A 21 -2.62 -0.76 -0.53
N HIS A 22 -3.28 -0.38 -1.65
CA HIS A 22 -3.52 1.02 -1.98
C HIS A 22 -4.34 1.74 -0.90
N ASN A 23 -5.45 1.14 -0.45
CA ASN A 23 -6.24 1.69 0.66
C ASN A 23 -5.44 1.75 1.96
N THR A 24 -4.57 0.76 2.26
CA THR A 24 -3.75 0.77 3.48
C THR A 24 -2.82 1.99 3.50
N ILE A 25 -2.16 2.30 2.37
CA ILE A 25 -1.33 3.51 2.24
C ILE A 25 -2.19 4.78 2.34
N SER A 26 -3.33 4.82 1.64
CA SER A 26 -4.25 5.96 1.69
C SER A 26 -4.73 6.26 3.12
N ASP A 27 -5.21 5.25 3.85
CA ASP A 27 -5.54 5.35 5.27
C ASP A 27 -4.37 5.74 6.17
N PHE A 28 -3.14 5.25 5.93
CA PHE A 28 -1.99 5.70 6.72
C PHE A 28 -1.71 7.18 6.49
N ILE A 29 -1.73 7.64 5.22
CA ILE A 29 -1.53 9.04 4.86
C ILE A 29 -2.62 9.90 5.49
N LEU A 30 -3.90 9.56 5.29
CA LEU A 30 -5.04 10.32 5.84
C LEU A 30 -5.09 10.34 7.38
N LYS A 31 -4.43 9.39 8.05
CA LYS A 31 -4.28 9.37 9.52
C LYS A 31 -2.95 10.00 10.01
N ARG A 32 -2.09 10.48 9.10
CA ARG A 32 -0.77 11.06 9.43
C ARG A 32 -0.54 12.48 8.89
N VAL A 33 -1.16 12.88 7.77
CA VAL A 33 -1.19 14.26 7.23
C VAL A 33 -2.55 14.56 6.57
N SER A 34 -2.95 15.84 6.52
CA SER A 34 -4.20 16.22 5.87
C SER A 34 -4.08 16.22 4.34
N ALA A 35 -4.93 15.44 3.68
CA ALA A 35 -5.15 15.46 2.24
C ALA A 35 -5.44 16.88 1.70
N LYS A 36 -5.96 17.80 2.53
CA LYS A 36 -6.16 19.20 2.13
C LYS A 36 -4.85 19.99 1.98
N GLU A 37 -3.72 19.46 2.46
CA GLU A 37 -2.36 19.97 2.21
C GLU A 37 -1.69 19.27 1.02
N ILE A 38 -2.28 18.19 0.54
CA ILE A 38 -1.77 17.35 -0.55
C ILE A 38 -2.40 17.83 -1.87
N VAL A 39 -1.55 18.14 -2.85
CA VAL A 39 -1.94 18.40 -4.24
C VAL A 39 -2.43 17.10 -4.87
N ASP A 40 -1.64 16.03 -4.77
CA ASP A 40 -2.07 14.68 -5.16
C ASP A 40 -1.18 13.56 -4.58
N ILE A 41 -1.58 12.31 -4.80
CA ILE A 41 -0.82 11.09 -4.53
C ILE A 41 -0.84 10.15 -5.74
N ASP A 42 0.28 9.48 -5.97
CA ASP A 42 0.38 8.38 -6.94
C ASP A 42 0.86 7.15 -6.19
N ILE A 43 0.14 6.03 -6.32
CA ILE A 43 0.45 4.77 -5.65
C ILE A 43 0.41 3.65 -6.69
N THR A 44 1.51 2.90 -6.77
CA THR A 44 1.69 1.78 -7.68
C THR A 44 1.92 0.52 -6.86
N VAL A 45 1.01 -0.44 -7.01
CA VAL A 45 1.12 -1.80 -6.46
C VAL A 45 1.20 -2.76 -7.63
N LEU A 46 2.28 -3.54 -7.69
CA LEU A 46 2.50 -4.59 -8.69
C LEU A 46 2.61 -5.94 -7.97
N VAL A 47 2.01 -6.97 -8.57
CA VAL A 47 2.00 -8.34 -8.04
C VAL A 47 2.28 -9.32 -9.17
N GLU A 48 3.11 -10.34 -8.88
CA GLU A 48 3.49 -11.38 -9.82
C GLU A 48 3.65 -12.73 -9.10
N TYR A 49 3.59 -13.83 -9.86
CA TYR A 49 3.85 -15.17 -9.34
C TYR A 49 4.71 -15.89 -10.37
N THR A 50 6.00 -16.03 -10.07
CA THR A 50 7.02 -16.59 -10.96
C THR A 50 7.81 -17.65 -10.16
N ASP A 51 7.25 -18.87 -10.14
CA ASP A 51 7.60 -19.99 -9.26
C ASP A 51 7.28 -19.73 -7.76
N GLU A 52 7.35 -18.46 -7.33
CA GLU A 52 6.90 -17.92 -6.05
C GLU A 52 6.25 -16.54 -6.24
N LEU A 53 5.46 -16.14 -5.25
CA LEU A 53 4.63 -14.93 -5.22
C LEU A 53 5.46 -13.73 -4.74
N LYS A 54 5.41 -12.64 -5.52
CA LYS A 54 6.11 -11.38 -5.24
C LYS A 54 5.15 -10.19 -5.42
N VAL A 55 5.38 -9.15 -4.61
CA VAL A 55 4.65 -7.88 -4.65
C VAL A 55 5.68 -6.76 -4.52
N ASP A 56 5.44 -5.66 -5.25
CA ASP A 56 6.24 -4.45 -5.24
C ASP A 56 5.29 -3.26 -5.06
N ILE A 57 5.65 -2.33 -4.17
CA ILE A 57 4.85 -1.15 -3.89
C ILE A 57 5.72 0.10 -3.91
N SER A 58 5.27 1.14 -4.63
CA SER A 58 5.83 2.49 -4.59
C SER A 58 4.71 3.51 -4.41
N ALA A 59 4.93 4.51 -3.57
CA ALA A 59 4.01 5.61 -3.34
C ALA A 59 4.73 6.96 -3.41
N GLU A 60 4.03 7.96 -3.95
CA GLU A 60 4.50 9.32 -4.19
C GLU A 60 3.50 10.31 -3.60
N LEU A 61 4.03 11.35 -2.97
CA LEU A 61 3.31 12.38 -2.21
C LEU A 61 3.65 13.74 -2.81
N TYR A 62 2.63 14.47 -3.27
CA TYR A 62 2.81 15.84 -3.75
C TYR A 62 2.05 16.77 -2.81
N LEU A 63 2.81 17.45 -1.94
CA LEU A 63 2.32 18.48 -1.02
C LEU A 63 2.22 19.84 -1.71
N ASP A 64 1.30 20.69 -1.23
CA ASP A 64 1.25 22.09 -1.62
C ASP A 64 2.53 22.82 -1.19
N GLU A 65 2.94 23.82 -1.99
CA GLU A 65 4.12 24.70 -1.84
C GLU A 65 4.06 25.60 -0.58
N LEU A 66 3.41 25.12 0.48
CA LEU A 66 3.02 25.82 1.70
C LEU A 66 3.01 24.91 2.95
N SER A 67 3.18 23.58 2.80
CA SER A 67 3.16 22.61 3.90
C SER A 67 4.37 21.67 3.89
N ASP A 68 4.71 21.15 5.07
CA ASP A 68 5.89 20.32 5.33
C ASP A 68 5.47 19.14 6.22
N ALA A 69 5.18 18.03 5.55
CA ALA A 69 4.93 16.71 6.14
C ALA A 69 6.22 16.09 6.75
N ASP A 70 6.13 14.85 7.24
CA ASP A 70 7.22 14.25 8.02
C ASP A 70 8.27 13.63 7.07
N PRO A 71 9.58 13.68 7.42
CA PRO A 71 10.71 13.19 6.59
C PRO A 71 10.81 11.65 6.52
N GLY A 72 9.65 11.00 6.37
CA GLY A 72 9.45 9.56 6.20
C GLY A 72 7.97 9.17 6.10
N ILE A 73 7.04 10.13 5.89
CA ILE A 73 5.59 9.91 6.01
C ILE A 73 5.05 8.84 5.05
N VAL A 74 5.61 8.80 3.85
CA VAL A 74 5.26 7.84 2.80
C VAL A 74 6.04 6.55 2.96
N ASP A 75 7.32 6.62 3.31
CA ASP A 75 8.17 5.46 3.62
C ASP A 75 7.51 4.59 4.70
N GLU A 76 7.03 5.22 5.78
CA GLU A 76 6.21 4.56 6.80
C GLU A 76 4.86 4.06 6.25
N ALA A 77 4.21 4.79 5.33
CA ALA A 77 2.95 4.30 4.73
C ALA A 77 3.17 3.03 3.90
N VAL A 78 4.23 2.98 3.08
CA VAL A 78 4.54 1.81 2.26
C VAL A 78 5.06 0.66 3.12
N ASP A 79 5.92 0.92 4.11
CA ASP A 79 6.35 -0.06 5.13
C ASP A 79 5.15 -0.61 5.91
N ALA A 80 4.17 0.24 6.27
CA ALA A 80 2.91 -0.22 6.86
C ALA A 80 2.11 -1.11 5.89
N ALA A 81 2.10 -0.83 4.58
CA ALA A 81 1.53 -1.73 3.58
C ALA A 81 2.30 -3.07 3.49
N TYR A 82 3.65 -3.05 3.51
CA TYR A 82 4.47 -4.26 3.50
C TYR A 82 4.29 -5.11 4.78
N ARG A 83 4.25 -4.48 5.96
CA ARG A 83 4.01 -5.16 7.24
C ARG A 83 2.57 -5.66 7.36
N SER A 84 1.62 -4.92 6.77
CA SER A 84 0.24 -5.40 6.61
C SER A 84 0.19 -6.61 5.69
N LEU A 85 0.92 -6.59 4.56
CA LEU A 85 0.96 -7.69 3.61
C LEU A 85 1.53 -8.97 4.22
N GLU A 86 2.66 -8.92 4.94
CA GLU A 86 3.19 -10.13 5.59
C GLU A 86 2.25 -10.63 6.70
N SER A 87 1.67 -9.72 7.50
CA SER A 87 0.68 -10.05 8.52
C SER A 87 -0.61 -10.65 7.94
N PHE A 88 -0.96 -10.26 6.71
CA PHE A 88 -2.09 -10.78 5.95
C PHE A 88 -1.77 -12.13 5.27
N LEU A 89 -0.55 -12.31 4.74
CA LEU A 89 -0.04 -13.60 4.24
C LEU A 89 0.09 -14.64 5.36
N ASP A 90 0.43 -14.21 6.58
CA ASP A 90 0.36 -15.01 7.80
C ASP A 90 -1.08 -15.49 8.09
N GLY A 91 -2.10 -14.87 7.48
CA GLY A 91 -3.49 -15.30 7.60
C GLY A 91 -3.96 -16.16 6.42
N PHE A 92 -3.04 -16.67 5.60
CA PHE A 92 -3.37 -17.33 4.33
C PHE A 92 -2.37 -18.43 3.91
N ARG A 93 -1.06 -18.28 4.17
CA ARG A 93 -0.06 -19.33 3.89
C ARG A 93 0.71 -19.84 5.12
N GLU A 94 0.69 -19.09 6.24
CA GLU A 94 1.53 -19.31 7.42
C GLU A 94 3.03 -19.45 7.05
N MET A 4 -5.42 -20.49 7.14
CA MET A 4 -5.84 -20.47 5.71
C MET A 4 -7.29 -20.02 5.58
N SER A 5 -7.59 -19.10 4.65
CA SER A 5 -8.93 -18.52 4.47
C SER A 5 -9.07 -17.74 3.13
N LEU A 6 -8.49 -18.23 2.04
CA LEU A 6 -8.35 -17.51 0.77
C LEU A 6 -8.92 -18.27 -0.44
N ARG A 7 -8.67 -17.74 -1.65
CA ARG A 7 -9.09 -18.28 -2.96
C ARG A 7 -7.87 -18.53 -3.85
N LYS A 8 -8.12 -19.07 -5.06
CA LYS A 8 -7.11 -19.17 -6.11
C LYS A 8 -6.68 -17.74 -6.48
N LEU A 9 -5.37 -17.49 -6.43
CA LEU A 9 -4.81 -16.18 -6.75
C LEU A 9 -4.84 -16.00 -8.28
N THR A 10 -5.65 -15.04 -8.75
CA THR A 10 -5.83 -14.69 -10.15
C THR A 10 -6.04 -13.17 -10.22
N GLU A 11 -6.07 -12.56 -11.41
CA GLU A 11 -6.06 -11.10 -11.59
C GLU A 11 -7.13 -10.38 -10.75
N GLY A 12 -8.30 -10.99 -10.55
CA GLY A 12 -9.34 -10.49 -9.64
C GLY A 12 -8.87 -10.36 -8.18
N ASP A 13 -8.52 -11.50 -7.57
CA ASP A 13 -8.07 -11.57 -6.18
C ASP A 13 -6.73 -10.84 -5.96
N LEU A 14 -5.85 -10.83 -6.97
CA LEU A 14 -4.61 -10.06 -6.96
C LEU A 14 -4.85 -8.54 -7.07
N ASP A 15 -5.82 -8.08 -7.89
CA ASP A 15 -6.25 -6.67 -7.91
C ASP A 15 -6.92 -6.28 -6.59
N GLU A 16 -7.72 -7.17 -5.98
CA GLU A 16 -8.26 -6.93 -4.63
C GLU A 16 -7.16 -6.71 -3.58
N ILE A 17 -6.08 -7.50 -3.62
CA ILE A 17 -4.93 -7.29 -2.74
C ILE A 17 -4.22 -5.97 -3.08
N SER A 18 -3.94 -5.70 -4.36
CA SER A 18 -3.29 -4.44 -4.78
C SER A 18 -4.12 -3.21 -4.39
N SER A 19 -5.45 -3.29 -4.51
CA SER A 19 -6.39 -2.26 -4.05
C SER A 19 -6.40 -2.13 -2.52
N PHE A 20 -6.39 -3.25 -1.77
CA PHE A 20 -6.26 -3.24 -0.31
C PHE A 20 -4.97 -2.54 0.14
N LEU A 21 -3.85 -2.79 -0.54
CA LEU A 21 -2.57 -2.14 -0.26
C LEU A 21 -2.61 -0.63 -0.58
N HIS A 22 -3.17 -0.25 -1.74
CA HIS A 22 -3.37 1.17 -2.09
C HIS A 22 -4.22 1.89 -1.04
N ASN A 23 -5.38 1.31 -0.66
CA ASN A 23 -6.24 1.85 0.38
C ASN A 23 -5.53 1.92 1.75
N THR A 24 -4.73 0.91 2.10
CA THR A 24 -3.99 0.87 3.37
C THR A 24 -3.00 2.05 3.47
N ILE A 25 -2.26 2.33 2.39
CA ILE A 25 -1.32 3.47 2.36
C ILE A 25 -2.08 4.81 2.32
N SER A 26 -3.16 4.89 1.54
CA SER A 26 -4.04 6.08 1.54
C SER A 26 -4.54 6.40 2.94
N ASP A 27 -5.11 5.43 3.66
CA ASP A 27 -5.46 5.59 5.07
C ASP A 27 -4.30 5.96 6.00
N PHE A 28 -3.09 5.40 5.82
CA PHE A 28 -1.95 5.73 6.67
C PHE A 28 -1.52 7.20 6.45
N ILE A 29 -1.44 7.63 5.19
CA ILE A 29 -1.14 9.01 4.83
C ILE A 29 -2.22 9.95 5.37
N LEU A 30 -3.51 9.67 5.12
CA LEU A 30 -4.63 10.46 5.64
C LEU A 30 -4.71 10.51 7.18
N LYS A 31 -4.15 9.51 7.87
CA LYS A 31 -4.04 9.49 9.34
C LYS A 31 -2.66 9.95 9.87
N ARG A 32 -1.79 10.47 8.99
CA ARG A 32 -0.55 11.17 9.37
C ARG A 32 -0.46 12.62 8.89
N VAL A 33 -1.00 12.97 7.72
CA VAL A 33 -0.95 14.31 7.13
C VAL A 33 -2.32 14.67 6.56
N SER A 34 -2.73 15.93 6.75
CA SER A 34 -4.01 16.44 6.26
C SER A 34 -4.08 16.41 4.73
N ALA A 35 -5.07 15.67 4.21
CA ALA A 35 -5.45 15.66 2.80
C ALA A 35 -5.73 17.07 2.25
N LYS A 36 -6.10 18.04 3.09
CA LYS A 36 -6.31 19.44 2.70
C LYS A 36 -4.97 20.19 2.47
N GLU A 37 -3.81 19.57 2.68
CA GLU A 37 -2.48 20.08 2.29
C GLU A 37 -1.75 19.10 1.34
N ILE A 38 -2.47 18.06 0.86
CA ILE A 38 -2.01 17.09 -0.14
C ILE A 38 -2.74 17.40 -1.45
N VAL A 39 -1.98 17.56 -2.55
CA VAL A 39 -2.54 17.66 -3.90
C VAL A 39 -3.15 16.32 -4.30
N ASP A 40 -2.37 15.23 -4.21
CA ASP A 40 -2.87 13.86 -4.38
C ASP A 40 -1.87 12.79 -3.88
N ILE A 41 -2.28 11.52 -3.95
CA ILE A 41 -1.43 10.34 -3.76
C ILE A 41 -1.61 9.39 -4.94
N ASP A 42 -0.50 8.75 -5.35
CA ASP A 42 -0.50 7.66 -6.30
C ASP A 42 0.33 6.53 -5.69
N ILE A 43 -0.28 5.37 -5.49
CA ILE A 43 0.43 4.20 -4.99
C ILE A 43 0.58 3.24 -6.16
N THR A 44 1.81 3.02 -6.59
CA THR A 44 2.11 2.12 -7.69
C THR A 44 2.25 0.73 -7.09
N VAL A 45 1.34 -0.16 -7.48
CA VAL A 45 1.22 -1.55 -7.02
C VAL A 45 1.46 -2.51 -8.17
N LEU A 46 2.50 -3.35 -8.05
CA LEU A 46 2.77 -4.46 -8.97
C LEU A 46 2.72 -5.78 -8.20
N VAL A 47 2.12 -6.81 -8.79
CA VAL A 47 2.11 -8.17 -8.22
C VAL A 47 2.32 -9.20 -9.33
N GLU A 48 3.24 -10.14 -9.09
CA GLU A 48 3.78 -11.08 -10.07
C GLU A 48 4.09 -12.44 -9.42
N TYR A 49 4.17 -13.50 -10.23
CA TYR A 49 4.54 -14.83 -9.75
C TYR A 49 5.33 -15.55 -10.85
N THR A 50 6.65 -15.68 -10.69
CA THR A 50 7.51 -16.46 -11.60
C THR A 50 8.42 -17.38 -10.79
N ASP A 51 8.01 -18.64 -10.60
CA ASP A 51 8.61 -19.64 -9.69
C ASP A 51 8.52 -19.26 -8.19
N GLU A 52 8.56 -17.95 -7.90
CA GLU A 52 8.35 -17.31 -6.60
C GLU A 52 7.46 -16.07 -6.76
N LEU A 53 6.86 -15.65 -5.64
CA LEU A 53 5.91 -14.53 -5.53
C LEU A 53 6.68 -13.21 -5.38
N LYS A 54 6.32 -12.22 -6.21
CA LYS A 54 6.83 -10.85 -6.13
C LYS A 54 5.65 -9.88 -5.97
N VAL A 55 5.82 -8.92 -5.08
CA VAL A 55 4.95 -7.76 -4.92
C VAL A 55 5.85 -6.53 -4.86
N ASP A 56 5.40 -5.44 -5.46
CA ASP A 56 6.00 -4.12 -5.34
C ASP A 56 4.92 -3.15 -4.91
N ILE A 57 5.23 -2.40 -3.87
CA ILE A 57 4.46 -1.25 -3.44
C ILE A 57 5.48 -0.12 -3.43
N SER A 58 5.31 0.77 -4.39
CA SER A 58 6.12 1.97 -4.59
C SER A 58 5.13 3.14 -4.47
N ALA A 59 5.49 4.20 -3.76
CA ALA A 59 4.50 5.22 -3.36
C ALA A 59 4.92 6.65 -3.68
N GLU A 60 3.93 7.40 -4.18
CA GLU A 60 4.07 8.78 -4.63
C GLU A 60 3.07 9.64 -3.85
N LEU A 61 3.58 10.67 -3.14
CA LEU A 61 2.81 11.52 -2.25
C LEU A 61 3.09 12.98 -2.65
N TYR A 62 2.06 13.66 -3.16
CA TYR A 62 2.21 14.97 -3.77
C TYR A 62 1.56 16.04 -2.87
N LEU A 63 2.42 16.79 -2.16
CA LEU A 63 2.02 17.86 -1.24
C LEU A 63 1.74 19.18 -1.96
N ASP A 64 0.86 19.99 -1.36
CA ASP A 64 0.64 21.39 -1.76
C ASP A 64 1.94 22.20 -1.58
N GLU A 65 2.28 23.08 -2.52
CA GLU A 65 3.50 23.89 -2.50
C GLU A 65 3.58 24.92 -1.35
N LEU A 66 2.50 25.11 -0.59
CA LEU A 66 2.47 25.89 0.66
C LEU A 66 2.54 24.99 1.92
N SER A 67 2.62 23.67 1.75
CA SER A 67 2.73 22.69 2.84
C SER A 67 4.19 22.38 3.24
N ASP A 68 4.35 21.65 4.34
CA ASP A 68 5.63 21.19 4.88
C ASP A 68 5.34 19.98 5.79
N ALA A 69 5.91 18.83 5.43
CA ALA A 69 5.87 17.57 6.17
C ALA A 69 7.25 16.88 6.15
N ASP A 70 7.37 15.71 6.80
CA ASP A 70 8.69 15.13 7.08
C ASP A 70 9.23 14.28 5.90
N PRO A 71 10.54 14.40 5.58
CA PRO A 71 11.19 13.86 4.38
C PRO A 71 11.39 12.33 4.40
N GLY A 72 10.33 11.60 4.73
CA GLY A 72 10.27 10.14 4.81
C GLY A 72 8.93 9.56 5.26
N ILE A 73 7.93 10.39 5.59
CA ILE A 73 6.66 9.98 6.21
C ILE A 73 5.86 8.92 5.44
N VAL A 74 6.11 8.79 4.13
CA VAL A 74 5.51 7.76 3.26
C VAL A 74 6.23 6.42 3.33
N ASP A 75 7.53 6.35 3.65
CA ASP A 75 8.26 5.09 3.76
C ASP A 75 7.63 4.20 4.85
N GLU A 76 7.29 4.83 5.98
CA GLU A 76 6.52 4.21 7.06
C GLU A 76 5.09 3.83 6.61
N ALA A 77 4.48 4.57 5.67
CA ALA A 77 3.19 4.18 5.10
C ALA A 77 3.30 2.90 4.27
N VAL A 78 4.33 2.80 3.43
CA VAL A 78 4.56 1.60 2.62
C VAL A 78 4.95 0.41 3.50
N ASP A 79 5.81 0.63 4.51
CA ASP A 79 6.20 -0.38 5.51
C ASP A 79 4.96 -0.88 6.29
N ALA A 80 4.02 0.00 6.64
CA ALA A 80 2.75 -0.39 7.24
C ALA A 80 1.89 -1.26 6.31
N ALA A 81 1.89 -0.98 4.99
CA ALA A 81 1.24 -1.87 4.02
C ALA A 81 1.99 -3.20 3.84
N TYR A 82 3.32 -3.21 3.82
CA TYR A 82 4.11 -4.45 3.78
C TYR A 82 3.87 -5.32 5.03
N ARG A 83 3.82 -4.73 6.23
CA ARG A 83 3.48 -5.46 7.47
C ARG A 83 2.01 -5.87 7.51
N SER A 84 1.11 -5.04 6.98
CA SER A 84 -0.31 -5.41 6.81
C SER A 84 -0.46 -6.59 5.86
N LEU A 85 0.30 -6.63 4.77
CA LEU A 85 0.33 -7.75 3.83
C LEU A 85 0.89 -9.01 4.51
N GLU A 86 2.00 -8.91 5.24
CA GLU A 86 2.57 -10.07 5.93
C GLU A 86 1.60 -10.60 7.00
N SER A 87 0.94 -9.70 7.76
CA SER A 87 -0.08 -10.08 8.73
C SER A 87 -1.36 -10.63 8.08
N PHE A 88 -1.71 -10.16 6.88
CA PHE A 88 -2.77 -10.76 6.06
C PHE A 88 -2.41 -12.18 5.61
N LEU A 89 -1.16 -12.45 5.19
CA LEU A 89 -0.70 -13.82 5.00
C LEU A 89 -0.59 -14.60 6.31
N ASP A 90 -0.31 -13.99 7.47
CA ASP A 90 -0.44 -14.67 8.76
C ASP A 90 -1.90 -15.11 9.03
N GLY A 91 -2.91 -14.49 8.38
CA GLY A 91 -4.28 -15.00 8.38
C GLY A 91 -4.50 -16.21 7.47
N PHE A 92 -3.51 -16.58 6.64
CA PHE A 92 -3.66 -17.55 5.55
C PHE A 92 -2.63 -18.70 5.56
N ARG A 93 -1.35 -18.44 5.86
CA ARG A 93 -0.31 -19.46 5.95
C ARG A 93 -0.34 -20.18 7.29
N GLU A 94 -0.68 -19.44 8.36
CA GLU A 94 -1.10 -20.02 9.65
C GLU A 94 -2.62 -20.32 9.63
N MET A 4 -9.65 -23.13 6.73
CA MET A 4 -9.17 -21.79 6.35
C MET A 4 -8.18 -21.89 5.19
N SER A 5 -7.69 -20.76 4.68
CA SER A 5 -6.68 -20.50 3.62
C SER A 5 -7.25 -19.59 2.52
N LEU A 6 -6.35 -19.02 1.71
CA LEU A 6 -6.65 -18.14 0.60
C LEU A 6 -7.28 -18.88 -0.61
N ARG A 7 -7.84 -18.10 -1.54
CA ARG A 7 -8.43 -18.59 -2.80
C ARG A 7 -7.35 -18.94 -3.83
N LYS A 8 -7.77 -19.57 -4.94
CA LYS A 8 -6.92 -19.76 -6.13
C LYS A 8 -6.68 -18.37 -6.73
N LEU A 9 -5.44 -17.89 -6.63
CA LEU A 9 -5.10 -16.50 -6.94
C LEU A 9 -5.11 -16.25 -8.46
N THR A 10 -5.95 -15.31 -8.89
CA THR A 10 -6.02 -14.81 -10.27
C THR A 10 -6.28 -13.28 -10.24
N GLU A 11 -6.61 -12.70 -11.40
CA GLU A 11 -6.75 -11.26 -11.62
C GLU A 11 -7.62 -10.57 -10.55
N GLY A 12 -8.70 -11.23 -10.10
CA GLY A 12 -9.58 -10.70 -9.06
C GLY A 12 -8.92 -10.61 -7.68
N ASP A 13 -8.23 -11.67 -7.24
CA ASP A 13 -7.53 -11.71 -5.95
C ASP A 13 -6.33 -10.74 -5.96
N LEU A 14 -5.61 -10.69 -7.09
CA LEU A 14 -4.51 -9.76 -7.31
C LEU A 14 -4.98 -8.31 -7.34
N ASP A 15 -6.11 -8.00 -8.01
CA ASP A 15 -6.74 -6.68 -7.93
C ASP A 15 -7.17 -6.35 -6.48
N GLU A 16 -7.82 -7.29 -5.78
CA GLU A 16 -8.26 -7.11 -4.39
C GLU A 16 -7.08 -6.84 -3.45
N ILE A 17 -5.97 -7.58 -3.58
CA ILE A 17 -4.74 -7.33 -2.81
C ILE A 17 -4.14 -5.97 -3.19
N SER A 18 -4.10 -5.61 -4.49
CA SER A 18 -3.64 -4.28 -4.92
C SER A 18 -4.49 -3.16 -4.29
N SER A 19 -5.81 -3.35 -4.24
CA SER A 19 -6.76 -2.44 -3.63
C SER A 19 -6.60 -2.37 -2.11
N PHE A 20 -6.39 -3.51 -1.44
CA PHE A 20 -6.20 -3.57 0.01
C PHE A 20 -4.97 -2.76 0.46
N LEU A 21 -3.85 -2.86 -0.27
CA LEU A 21 -2.68 -2.05 0.04
C LEU A 21 -2.80 -0.59 -0.44
N HIS A 22 -3.41 -0.33 -1.60
CA HIS A 22 -3.68 1.05 -2.03
C HIS A 22 -4.56 1.81 -1.02
N ASN A 23 -5.63 1.18 -0.50
CA ASN A 23 -6.43 1.73 0.59
C ASN A 23 -5.61 1.83 1.89
N THR A 24 -4.79 0.82 2.23
CA THR A 24 -3.98 0.83 3.46
C THR A 24 -3.01 2.02 3.48
N ILE A 25 -2.27 2.26 2.39
CA ILE A 25 -1.38 3.43 2.28
C ILE A 25 -2.19 4.72 2.29
N SER A 26 -3.30 4.78 1.56
CA SER A 26 -4.17 5.96 1.50
C SER A 26 -4.66 6.37 2.89
N ASP A 27 -5.18 5.41 3.66
CA ASP A 27 -5.61 5.64 5.04
C ASP A 27 -4.44 6.00 5.96
N PHE A 28 -3.27 5.36 5.79
CA PHE A 28 -2.11 5.64 6.63
C PHE A 28 -1.52 7.04 6.33
N ILE A 29 -1.54 7.48 5.07
CA ILE A 29 -1.23 8.85 4.68
C ILE A 29 -2.27 9.79 5.32
N LEU A 30 -3.58 9.55 5.13
CA LEU A 30 -4.63 10.41 5.69
C LEU A 30 -4.59 10.51 7.22
N LYS A 31 -4.21 9.44 7.94
CA LYS A 31 -4.03 9.46 9.39
C LYS A 31 -2.68 10.07 9.83
N ARG A 32 -1.75 10.38 8.91
CA ARG A 32 -0.46 11.03 9.21
C ARG A 32 -0.28 12.45 8.66
N VAL A 33 -0.93 12.81 7.56
CA VAL A 33 -0.97 14.15 6.95
C VAL A 33 -2.34 14.37 6.27
N SER A 34 -2.92 15.55 6.43
CA SER A 34 -4.25 15.86 5.90
C SER A 34 -4.19 16.08 4.39
N ALA A 35 -5.15 15.51 3.65
CA ALA A 35 -5.39 15.80 2.24
C ALA A 35 -5.51 17.30 1.94
N LYS A 36 -5.90 18.15 2.90
CA LYS A 36 -5.86 19.62 2.72
C LYS A 36 -4.44 20.19 2.53
N GLU A 37 -3.40 19.45 2.93
CA GLU A 37 -1.98 19.79 2.75
C GLU A 37 -1.39 19.20 1.46
N ILE A 38 -2.13 18.28 0.82
CA ILE A 38 -1.72 17.40 -0.28
C ILE A 38 -2.40 17.82 -1.58
N VAL A 39 -1.62 18.02 -2.65
CA VAL A 39 -2.12 18.21 -4.01
C VAL A 39 -2.71 16.89 -4.54
N ASP A 40 -1.94 15.79 -4.50
CA ASP A 40 -2.38 14.47 -4.96
C ASP A 40 -1.48 13.33 -4.43
N ILE A 41 -1.83 12.07 -4.75
CA ILE A 41 -1.01 10.87 -4.49
C ILE A 41 -0.96 9.94 -5.71
N ASP A 42 0.21 9.31 -5.94
CA ASP A 42 0.41 8.23 -6.89
C ASP A 42 0.82 6.97 -6.12
N ILE A 43 0.01 5.90 -6.20
CA ILE A 43 0.30 4.61 -5.57
C ILE A 43 0.09 3.50 -6.60
N THR A 44 1.14 2.71 -6.79
CA THR A 44 1.16 1.51 -7.63
C THR A 44 1.49 0.29 -6.77
N VAL A 45 0.66 -0.74 -6.87
CA VAL A 45 0.94 -2.08 -6.32
C VAL A 45 1.04 -3.02 -7.52
N LEU A 46 2.16 -3.73 -7.61
CA LEU A 46 2.44 -4.70 -8.66
C LEU A 46 2.60 -6.08 -8.03
N VAL A 47 2.05 -7.10 -8.67
CA VAL A 47 2.09 -8.50 -8.22
C VAL A 47 2.32 -9.39 -9.43
N GLU A 48 3.27 -10.32 -9.33
CA GLU A 48 3.65 -11.23 -10.42
C GLU A 48 4.15 -12.58 -9.88
N TYR A 49 4.14 -13.62 -10.72
CA TYR A 49 4.51 -14.96 -10.30
C TYR A 49 5.33 -15.60 -11.41
N THR A 50 6.66 -15.64 -11.22
CA THR A 50 7.65 -16.09 -12.20
C THR A 50 8.58 -17.10 -11.52
N ASP A 51 8.09 -18.34 -11.44
CA ASP A 51 8.62 -19.46 -10.61
C ASP A 51 8.53 -19.19 -9.09
N GLU A 52 8.76 -17.95 -8.68
CA GLU A 52 8.53 -17.39 -7.34
C GLU A 52 7.45 -16.28 -7.41
N LEU A 53 6.73 -16.08 -6.31
CA LEU A 53 5.71 -15.03 -6.15
C LEU A 53 6.40 -13.74 -5.71
N LYS A 54 6.12 -12.62 -6.41
CA LYS A 54 6.72 -11.31 -6.16
C LYS A 54 5.62 -10.25 -6.04
N VAL A 55 5.88 -9.26 -5.19
CA VAL A 55 5.06 -8.06 -4.99
C VAL A 55 6.00 -6.87 -4.94
N ASP A 56 5.55 -5.76 -5.53
CA ASP A 56 6.19 -4.45 -5.44
C ASP A 56 5.11 -3.44 -5.05
N ILE A 57 5.49 -2.48 -4.20
CA ILE A 57 4.65 -1.33 -3.86
C ILE A 57 5.50 -0.07 -3.99
N SER A 58 5.03 0.85 -4.82
CA SER A 58 5.66 2.14 -5.08
C SER A 58 4.62 3.24 -4.87
N ALA A 59 4.94 4.17 -3.96
CA ALA A 59 4.05 5.26 -3.59
C ALA A 59 4.81 6.60 -3.63
N GLU A 60 4.09 7.65 -3.98
CA GLU A 60 4.54 9.04 -3.95
C GLU A 60 3.37 9.96 -3.60
N LEU A 61 3.63 11.05 -2.88
CA LEU A 61 2.65 12.08 -2.62
C LEU A 61 3.17 13.46 -3.00
N TYR A 62 2.25 14.28 -3.51
CA TYR A 62 2.53 15.62 -3.98
C TYR A 62 1.94 16.58 -2.95
N LEU A 63 2.81 17.27 -2.21
CA LEU A 63 2.45 18.28 -1.23
C LEU A 63 2.19 19.62 -1.92
N ASP A 64 1.32 20.44 -1.33
CA ASP A 64 1.22 21.84 -1.75
C ASP A 64 2.54 22.57 -1.47
N GLU A 65 2.92 23.54 -2.31
CA GLU A 65 4.17 24.31 -2.23
C GLU A 65 4.29 25.23 -0.98
N LEU A 66 3.41 25.01 0.00
CA LEU A 66 3.29 25.68 1.28
C LEU A 66 3.19 24.69 2.47
N SER A 67 3.14 23.37 2.21
CA SER A 67 3.00 22.32 3.22
C SER A 67 4.37 21.74 3.64
N ASP A 68 4.47 21.23 4.87
CA ASP A 68 5.69 20.64 5.43
C ASP A 68 5.35 19.43 6.31
N ALA A 69 5.41 18.25 5.67
CA ALA A 69 5.29 16.93 6.29
C ALA A 69 6.66 16.33 6.65
N ASP A 70 6.69 15.09 7.17
CA ASP A 70 7.91 14.49 7.71
C ASP A 70 8.75 13.81 6.61
N PRO A 71 10.10 13.83 6.71
CA PRO A 71 11.06 13.34 5.70
C PRO A 71 11.16 11.79 5.63
N GLY A 72 9.99 11.14 5.63
CA GLY A 72 9.80 9.69 5.49
C GLY A 72 8.33 9.25 5.58
N ILE A 73 7.36 10.18 5.46
CA ILE A 73 5.94 9.92 5.72
C ILE A 73 5.26 9.01 4.67
N VAL A 74 5.90 8.86 3.50
CA VAL A 74 5.54 7.89 2.47
C VAL A 74 6.10 6.52 2.87
N ASP A 75 7.40 6.43 3.14
CA ASP A 75 8.13 5.22 3.47
C ASP A 75 7.48 4.47 4.64
N GLU A 76 7.08 5.20 5.68
CA GLU A 76 6.32 4.64 6.81
C GLU A 76 4.95 4.11 6.39
N ALA A 77 4.30 4.75 5.40
CA ALA A 77 3.02 4.28 4.87
C ALA A 77 3.20 3.00 4.04
N VAL A 78 4.27 2.92 3.22
CA VAL A 78 4.53 1.73 2.41
C VAL A 78 4.98 0.56 3.31
N ASP A 79 5.83 0.78 4.33
CA ASP A 79 6.15 -0.23 5.34
C ASP A 79 4.88 -0.68 6.08
N ALA A 80 3.95 0.22 6.39
CA ALA A 80 2.68 -0.17 6.98
C ALA A 80 1.85 -1.06 6.02
N ALA A 81 1.88 -0.80 4.71
CA ALA A 81 1.29 -1.71 3.72
C ALA A 81 2.03 -3.06 3.62
N TYR A 82 3.37 -3.07 3.60
CA TYR A 82 4.14 -4.32 3.60
C TYR A 82 3.87 -5.15 4.86
N ARG A 83 3.81 -4.52 6.04
CA ARG A 83 3.49 -5.19 7.31
C ARG A 83 2.01 -5.58 7.42
N SER A 84 1.10 -4.79 6.84
CA SER A 84 -0.31 -5.15 6.69
C SER A 84 -0.46 -6.39 5.79
N LEU A 85 0.27 -6.46 4.67
CA LEU A 85 0.28 -7.66 3.82
C LEU A 85 0.80 -8.89 4.56
N GLU A 86 1.92 -8.80 5.28
CA GLU A 86 2.40 -9.96 6.05
C GLU A 86 1.41 -10.34 7.17
N SER A 87 0.85 -9.35 7.89
CA SER A 87 -0.17 -9.61 8.91
C SER A 87 -1.50 -10.11 8.35
N PHE A 88 -1.75 -9.90 7.05
CA PHE A 88 -2.89 -10.44 6.31
C PHE A 88 -2.64 -11.89 5.90
N LEU A 89 -1.43 -12.25 5.44
CA LEU A 89 -1.07 -13.66 5.26
C LEU A 89 -1.00 -14.41 6.60
N ASP A 90 -0.65 -13.74 7.71
CA ASP A 90 -0.82 -14.31 9.05
C ASP A 90 -2.29 -14.63 9.39
N GLY A 91 -3.27 -14.14 8.60
CA GLY A 91 -4.68 -14.54 8.65
C GLY A 91 -5.09 -15.55 7.58
N PHE A 92 -4.13 -16.10 6.80
CA PHE A 92 -4.37 -17.03 5.70
C PHE A 92 -3.40 -18.22 5.61
N ARG A 93 -2.24 -18.18 6.29
CA ARG A 93 -1.18 -19.19 6.15
C ARG A 93 -0.74 -19.82 7.48
N GLU A 94 -0.84 -19.09 8.60
CA GLU A 94 -0.71 -19.68 9.94
C GLU A 94 -2.05 -20.27 10.41
N MET A 4 -14.55 -11.39 5.22
CA MET A 4 -13.60 -11.61 4.10
C MET A 4 -13.02 -13.01 4.20
N SER A 5 -12.50 -13.56 3.10
CA SER A 5 -12.02 -14.94 3.01
C SER A 5 -11.07 -15.09 1.81
N LEU A 6 -9.84 -15.54 2.05
CA LEU A 6 -8.83 -15.80 1.01
C LEU A 6 -9.26 -16.90 0.04
N ARG A 7 -8.62 -16.94 -1.14
CA ARG A 7 -9.04 -17.77 -2.30
C ARG A 7 -7.88 -18.13 -3.21
N LYS A 8 -8.19 -18.93 -4.25
CA LYS A 8 -7.33 -19.22 -5.40
C LYS A 8 -6.92 -17.90 -6.05
N LEU A 9 -5.64 -17.55 -5.95
CA LEU A 9 -5.16 -16.24 -6.37
C LEU A 9 -5.10 -16.14 -7.91
N THR A 10 -5.79 -15.14 -8.46
CA THR A 10 -5.87 -14.87 -9.90
C THR A 10 -6.15 -13.39 -10.16
N GLU A 11 -6.47 -13.04 -11.40
CA GLU A 11 -6.78 -11.71 -11.98
C GLU A 11 -7.99 -10.96 -11.36
N GLY A 12 -8.32 -11.28 -10.11
CA GLY A 12 -9.33 -10.59 -9.30
C GLY A 12 -8.91 -10.57 -7.83
N ASP A 13 -8.54 -11.72 -7.26
CA ASP A 13 -8.03 -11.81 -5.89
C ASP A 13 -6.68 -11.09 -5.72
N LEU A 14 -5.78 -11.17 -6.71
CA LEU A 14 -4.53 -10.40 -6.72
C LEU A 14 -4.78 -8.89 -6.90
N ASP A 15 -5.80 -8.53 -7.70
CA ASP A 15 -6.24 -7.14 -7.85
C ASP A 15 -6.79 -6.60 -6.54
N GLU A 16 -7.64 -7.37 -5.83
CA GLU A 16 -8.12 -7.04 -4.49
C GLU A 16 -6.99 -6.90 -3.47
N ILE A 17 -5.93 -7.73 -3.54
CA ILE A 17 -4.74 -7.54 -2.69
C ILE A 17 -4.04 -6.22 -3.04
N SER A 18 -3.94 -5.86 -4.33
CA SER A 18 -3.45 -4.53 -4.72
C SER A 18 -4.33 -3.39 -4.18
N SER A 19 -5.65 -3.58 -4.17
CA SER A 19 -6.64 -2.67 -3.58
C SER A 19 -6.46 -2.54 -2.08
N PHE A 20 -6.25 -3.64 -1.36
CA PHE A 20 -5.98 -3.66 0.08
C PHE A 20 -4.69 -2.90 0.42
N LEU A 21 -3.64 -3.07 -0.38
CA LEU A 21 -2.36 -2.38 -0.18
C LEU A 21 -2.47 -0.89 -0.54
N HIS A 22 -3.07 -0.54 -1.69
CA HIS A 22 -3.31 0.85 -2.07
C HIS A 22 -4.17 1.58 -1.03
N ASN A 23 -5.28 0.97 -0.59
CA ASN A 23 -6.11 1.52 0.48
C ASN A 23 -5.33 1.66 1.78
N THR A 24 -4.49 0.68 2.14
CA THR A 24 -3.68 0.73 3.37
C THR A 24 -2.72 1.93 3.36
N ILE A 25 -2.00 2.17 2.26
CA ILE A 25 -1.15 3.37 2.13
C ILE A 25 -2.01 4.64 2.17
N SER A 26 -3.12 4.66 1.42
CA SER A 26 -4.01 5.83 1.36
C SER A 26 -4.57 6.21 2.74
N ASP A 27 -5.13 5.24 3.48
CA ASP A 27 -5.58 5.45 4.85
C ASP A 27 -4.42 5.80 5.79
N PHE A 28 -3.22 5.19 5.64
CA PHE A 28 -2.08 5.59 6.46
C PHE A 28 -1.70 7.05 6.21
N ILE A 29 -1.62 7.47 4.94
CA ILE A 29 -1.31 8.84 4.57
C ILE A 29 -2.37 9.77 5.16
N LEU A 30 -3.67 9.52 4.93
CA LEU A 30 -4.76 10.33 5.50
C LEU A 30 -4.78 10.35 7.03
N LYS A 31 -4.29 9.28 7.70
CA LYS A 31 -4.11 9.21 9.15
C LYS A 31 -2.84 9.91 9.67
N ARG A 32 -1.93 10.37 8.79
CA ARG A 32 -0.64 11.00 9.17
C ARG A 32 -0.44 12.42 8.59
N VAL A 33 -1.08 12.76 7.46
CA VAL A 33 -1.01 14.04 6.74
C VAL A 33 -2.32 14.28 5.98
N SER A 34 -2.81 15.52 5.94
CA SER A 34 -4.16 15.82 5.45
C SER A 34 -4.31 15.87 3.92
N ALA A 35 -5.38 15.26 3.40
CA ALA A 35 -5.82 15.47 2.03
C ALA A 35 -5.96 16.97 1.67
N LYS A 36 -6.16 17.86 2.67
CA LYS A 36 -6.26 19.31 2.50
C LYS A 36 -4.91 20.05 2.37
N GLU A 37 -3.78 19.40 2.64
CA GLU A 37 -2.41 19.94 2.42
C GLU A 37 -1.66 19.17 1.31
N ILE A 38 -2.30 18.12 0.79
CA ILE A 38 -1.84 17.28 -0.32
C ILE A 38 -2.46 17.78 -1.63
N VAL A 39 -1.62 18.01 -2.64
CA VAL A 39 -2.05 18.25 -4.03
C VAL A 39 -2.53 16.94 -4.65
N ASP A 40 -1.74 15.86 -4.54
CA ASP A 40 -2.11 14.52 -5.02
C ASP A 40 -1.23 13.40 -4.42
N ILE A 41 -1.54 12.15 -4.75
CA ILE A 41 -0.73 10.96 -4.44
C ILE A 41 -0.68 10.00 -5.64
N ASP A 42 0.53 9.52 -5.95
CA ASP A 42 0.72 8.40 -6.90
C ASP A 42 1.01 7.15 -6.08
N ILE A 43 0.21 6.09 -6.24
CA ILE A 43 0.46 4.79 -5.60
C ILE A 43 0.37 3.69 -6.65
N THR A 44 1.46 2.94 -6.80
CA THR A 44 1.61 1.81 -7.70
C THR A 44 1.93 0.58 -6.88
N VAL A 45 1.05 -0.42 -6.92
CA VAL A 45 1.26 -1.75 -6.32
C VAL A 45 1.30 -2.76 -7.46
N LEU A 46 2.36 -3.56 -7.52
CA LEU A 46 2.54 -4.61 -8.52
C LEU A 46 2.61 -5.96 -7.80
N VAL A 47 1.97 -6.97 -8.39
CA VAL A 47 1.87 -8.32 -7.84
C VAL A 47 2.03 -9.33 -8.99
N GLU A 48 2.81 -10.38 -8.77
CA GLU A 48 3.10 -11.43 -9.75
C GLU A 48 3.28 -12.79 -9.05
N TYR A 49 3.13 -13.89 -9.80
CA TYR A 49 3.48 -15.22 -9.34
C TYR A 49 4.26 -15.97 -10.43
N THR A 50 5.58 -16.07 -10.26
CA THR A 50 6.52 -16.73 -11.19
C THR A 50 7.39 -17.68 -10.39
N ASP A 51 6.86 -18.88 -10.11
CA ASP A 51 7.36 -19.89 -9.15
C ASP A 51 7.36 -19.41 -7.68
N GLU A 52 7.79 -18.17 -7.44
CA GLU A 52 7.64 -17.42 -6.19
C GLU A 52 6.47 -16.42 -6.30
N LEU A 53 5.97 -15.98 -5.14
CA LEU A 53 5.05 -14.85 -5.03
C LEU A 53 5.89 -13.58 -4.96
N LYS A 54 5.66 -12.63 -5.87
CA LYS A 54 6.41 -11.38 -5.93
C LYS A 54 5.46 -10.18 -5.84
N VAL A 55 5.86 -9.19 -5.04
CA VAL A 55 5.14 -7.93 -4.84
C VAL A 55 6.15 -6.78 -4.88
N ASP A 56 5.72 -5.63 -5.39
CA ASP A 56 6.43 -4.35 -5.33
C ASP A 56 5.42 -3.25 -4.99
N ILE A 57 5.88 -2.26 -4.22
CA ILE A 57 5.08 -1.12 -3.76
C ILE A 57 5.87 0.15 -4.01
N SER A 58 5.26 1.13 -4.68
CA SER A 58 5.78 2.49 -4.78
C SER A 58 4.67 3.48 -4.46
N ALA A 59 4.96 4.46 -3.60
CA ALA A 59 4.07 5.57 -3.32
C ALA A 59 4.86 6.88 -3.41
N GLU A 60 4.20 7.93 -3.90
CA GLU A 60 4.73 9.30 -3.95
C GLU A 60 3.63 10.28 -3.52
N LEU A 61 4.04 11.32 -2.80
CA LEU A 61 3.19 12.23 -2.05
C LEU A 61 3.47 13.69 -2.41
N TYR A 62 2.54 14.32 -3.14
CA TYR A 62 2.68 15.69 -3.59
C TYR A 62 1.97 16.64 -2.62
N LEU A 63 2.73 17.40 -1.83
CA LEU A 63 2.24 18.45 -0.94
C LEU A 63 2.02 19.77 -1.69
N ASP A 64 1.08 20.59 -1.19
CA ASP A 64 0.93 21.98 -1.62
C ASP A 64 2.24 22.77 -1.42
N GLU A 65 2.52 23.74 -2.29
CA GLU A 65 3.74 24.56 -2.28
C GLU A 65 3.91 25.46 -1.05
N LEU A 66 2.92 25.50 -0.15
CA LEU A 66 2.95 26.20 1.14
C LEU A 66 2.92 25.23 2.34
N SER A 67 3.05 23.92 2.12
CA SER A 67 2.86 22.86 3.13
C SER A 67 4.01 21.86 3.16
N ASP A 68 4.35 21.34 4.35
CA ASP A 68 5.56 20.54 4.60
C ASP A 68 5.34 19.45 5.66
N ALA A 69 5.01 18.26 5.18
CA ALA A 69 4.97 17.01 5.94
C ALA A 69 6.39 16.44 6.23
N ASP A 70 6.49 15.27 6.88
CA ASP A 70 7.76 14.78 7.40
C ASP A 70 8.57 14.01 6.33
N PRO A 71 9.92 14.10 6.37
CA PRO A 71 10.86 13.42 5.46
C PRO A 71 10.96 11.90 5.73
N GLY A 72 9.82 11.21 5.73
CA GLY A 72 9.68 9.79 6.01
C GLY A 72 8.24 9.26 5.99
N ILE A 73 7.23 10.14 5.98
CA ILE A 73 5.80 9.80 6.08
C ILE A 73 5.27 8.84 5.00
N VAL A 74 5.94 8.79 3.84
CA VAL A 74 5.70 7.85 2.75
C VAL A 74 6.28 6.47 3.08
N ASP A 75 7.55 6.41 3.48
CA ASP A 75 8.21 5.20 3.95
C ASP A 75 7.46 4.57 5.14
N GLU A 76 6.88 5.41 6.02
CA GLU A 76 5.98 4.94 7.09
C GLU A 76 4.72 4.30 6.49
N ALA A 77 4.13 4.88 5.44
CA ALA A 77 2.93 4.31 4.82
C ALA A 77 3.23 3.00 4.06
N VAL A 78 4.36 2.98 3.34
CA VAL A 78 4.82 1.85 2.54
C VAL A 78 5.21 0.67 3.44
N ASP A 79 6.04 0.87 4.48
CA ASP A 79 6.30 -0.15 5.49
C ASP A 79 5.01 -0.58 6.22
N ALA A 80 4.07 0.32 6.51
CA ALA A 80 2.79 -0.08 7.10
C ALA A 80 1.96 -0.99 6.18
N ALA A 81 1.98 -0.75 4.86
CA ALA A 81 1.44 -1.69 3.87
C ALA A 81 2.22 -3.01 3.85
N TYR A 82 3.56 -2.97 3.97
CA TYR A 82 4.36 -4.20 4.11
C TYR A 82 4.06 -4.98 5.39
N ARG A 83 3.91 -4.36 6.56
CA ARG A 83 3.50 -5.04 7.81
C ARG A 83 2.07 -5.58 7.73
N SER A 84 1.20 -4.86 7.01
CA SER A 84 -0.15 -5.32 6.70
C SER A 84 -0.12 -6.55 5.79
N LEU A 85 0.74 -6.58 4.76
CA LEU A 85 0.95 -7.75 3.91
C LEU A 85 1.60 -8.94 4.65
N GLU A 86 2.64 -8.65 5.43
CA GLU A 86 3.37 -9.60 6.29
C GLU A 86 2.42 -10.25 7.31
N SER A 87 1.39 -9.51 7.74
CA SER A 87 0.28 -10.03 8.54
C SER A 87 -0.72 -10.81 7.66
N PHE A 88 -1.11 -10.28 6.49
CA PHE A 88 -2.16 -10.84 5.62
C PHE A 88 -1.87 -12.28 5.16
N LEU A 89 -0.62 -12.61 4.81
CA LEU A 89 -0.24 -13.98 4.43
C LEU A 89 -0.33 -15.01 5.58
N ASP A 90 -0.65 -14.61 6.81
CA ASP A 90 -1.00 -15.56 7.89
C ASP A 90 -2.02 -16.58 7.38
N GLY A 91 -3.07 -16.11 6.67
CA GLY A 91 -4.11 -16.99 6.12
C GLY A 91 -3.70 -17.82 4.90
N PHE A 92 -2.42 -17.77 4.50
CA PHE A 92 -1.85 -18.52 3.38
C PHE A 92 -0.61 -19.35 3.78
N ARG A 93 -0.15 -19.28 5.05
CA ARG A 93 1.00 -20.06 5.56
C ARG A 93 0.81 -20.55 6.99
N GLU A 94 0.21 -19.72 7.86
CA GLU A 94 0.14 -19.92 9.32
C GLU A 94 1.54 -20.22 9.93
N MET A 4 -11.39 -18.23 8.05
CA MET A 4 -11.06 -17.34 6.91
C MET A 4 -10.15 -18.08 5.95
N SER A 5 -10.18 -17.73 4.66
CA SER A 5 -9.22 -18.17 3.64
C SER A 5 -9.42 -17.30 2.40
N LEU A 6 -8.28 -16.93 1.81
CA LEU A 6 -8.21 -16.42 0.44
C LEU A 6 -8.41 -17.62 -0.53
N ARG A 7 -8.29 -17.40 -1.84
CA ARG A 7 -8.40 -18.45 -2.87
C ARG A 7 -7.11 -18.53 -3.69
N LYS A 8 -7.15 -19.25 -4.82
CA LYS A 8 -6.05 -19.29 -5.80
C LYS A 8 -5.74 -17.87 -6.26
N LEU A 9 -4.48 -17.46 -6.16
CA LEU A 9 -4.08 -16.08 -6.41
C LEU A 9 -4.10 -15.79 -7.92
N THR A 10 -5.11 -15.04 -8.33
CA THR A 10 -5.42 -14.70 -9.72
C THR A 10 -6.00 -13.28 -9.80
N GLU A 11 -6.52 -12.89 -10.97
CA GLU A 11 -7.11 -11.60 -11.35
C GLU A 11 -8.41 -11.21 -10.58
N GLY A 12 -8.50 -11.62 -9.32
CA GLY A 12 -9.51 -11.22 -8.35
C GLY A 12 -8.90 -11.14 -6.95
N ASP A 13 -8.28 -12.23 -6.46
CA ASP A 13 -7.55 -12.22 -5.19
C ASP A 13 -6.35 -11.26 -5.22
N LEU A 14 -5.58 -11.25 -6.31
CA LEU A 14 -4.46 -10.33 -6.49
C LEU A 14 -4.92 -8.88 -6.69
N ASP A 15 -6.06 -8.68 -7.35
CA ASP A 15 -6.67 -7.36 -7.51
C ASP A 15 -7.12 -6.81 -6.15
N GLU A 16 -7.79 -7.63 -5.32
CA GLU A 16 -8.16 -7.28 -3.95
C GLU A 16 -6.94 -7.03 -3.06
N ILE A 17 -5.85 -7.81 -3.21
CA ILE A 17 -4.61 -7.56 -2.47
C ILE A 17 -4.01 -6.21 -2.91
N SER A 18 -4.03 -5.88 -4.21
CA SER A 18 -3.65 -4.54 -4.68
C SER A 18 -4.54 -3.45 -4.08
N SER A 19 -5.86 -3.68 -3.97
CA SER A 19 -6.83 -2.78 -3.35
C SER A 19 -6.53 -2.58 -1.86
N PHE A 20 -6.21 -3.67 -1.14
CA PHE A 20 -5.85 -3.64 0.28
C PHE A 20 -4.55 -2.86 0.52
N LEU A 21 -3.53 -3.06 -0.32
CA LEU A 21 -2.26 -2.34 -0.22
C LEU A 21 -2.46 -0.85 -0.54
N HIS A 22 -3.15 -0.54 -1.65
CA HIS A 22 -3.45 0.84 -2.05
C HIS A 22 -4.28 1.57 -0.98
N ASN A 23 -5.30 0.92 -0.41
CA ASN A 23 -6.04 1.44 0.74
C ASN A 23 -5.13 1.63 1.96
N THR A 24 -4.28 0.67 2.29
CA THR A 24 -3.43 0.72 3.50
C THR A 24 -2.50 1.93 3.48
N ILE A 25 -1.81 2.16 2.35
CA ILE A 25 -0.95 3.35 2.19
C ILE A 25 -1.82 4.63 2.21
N SER A 26 -2.96 4.64 1.51
CA SER A 26 -3.85 5.79 1.43
C SER A 26 -4.39 6.21 2.80
N ASP A 27 -4.95 5.28 3.60
CA ASP A 27 -5.25 5.56 5.00
C ASP A 27 -4.04 5.91 5.86
N PHE A 28 -2.87 5.30 5.70
CA PHE A 28 -1.71 5.72 6.49
C PHE A 28 -1.38 7.20 6.20
N ILE A 29 -1.35 7.59 4.92
CA ILE A 29 -1.12 8.96 4.51
C ILE A 29 -2.24 9.86 5.06
N LEU A 30 -3.53 9.55 4.86
CA LEU A 30 -4.64 10.35 5.39
C LEU A 30 -4.71 10.41 6.93
N LYS A 31 -4.06 9.47 7.63
CA LYS A 31 -3.90 9.47 9.10
C LYS A 31 -2.55 10.09 9.54
N ARG A 32 -1.76 10.64 8.60
CA ARG A 32 -0.51 11.38 8.86
C ARG A 32 -0.48 12.80 8.26
N VAL A 33 -1.15 13.03 7.13
CA VAL A 33 -1.10 14.25 6.31
C VAL A 33 -2.49 14.49 5.71
N SER A 34 -2.97 15.73 5.69
CA SER A 34 -4.35 16.02 5.30
C SER A 34 -4.59 16.02 3.79
N ALA A 35 -5.68 15.39 3.36
CA ALA A 35 -6.22 15.50 2.00
C ALA A 35 -6.37 16.97 1.52
N LYS A 36 -6.52 17.93 2.45
CA LYS A 36 -6.65 19.37 2.16
C LYS A 36 -5.32 20.14 2.05
N GLU A 37 -4.17 19.50 2.29
CA GLU A 37 -2.83 20.05 2.02
C GLU A 37 -2.06 19.21 0.98
N ILE A 38 -2.57 18.01 0.67
CA ILE A 38 -2.13 17.15 -0.42
C ILE A 38 -2.72 17.68 -1.74
N VAL A 39 -1.84 17.87 -2.73
CA VAL A 39 -2.19 18.12 -4.13
C VAL A 39 -2.65 16.80 -4.76
N ASP A 40 -1.85 15.73 -4.61
CA ASP A 40 -2.25 14.36 -4.96
C ASP A 40 -1.34 13.27 -4.33
N ILE A 41 -1.69 12.00 -4.56
CA ILE A 41 -0.87 10.82 -4.25
C ILE A 41 -0.82 9.88 -5.45
N ASP A 42 0.34 9.28 -5.66
CA ASP A 42 0.59 8.34 -6.77
C ASP A 42 1.04 7.02 -6.16
N ILE A 43 0.22 5.98 -6.28
CA ILE A 43 0.46 4.66 -5.68
C ILE A 43 0.28 3.60 -6.77
N THR A 44 1.37 2.87 -7.01
CA THR A 44 1.44 1.76 -7.96
C THR A 44 1.83 0.51 -7.18
N VAL A 45 0.93 -0.47 -7.19
CA VAL A 45 1.06 -1.78 -6.55
C VAL A 45 1.06 -2.85 -7.63
N LEU A 46 2.15 -3.62 -7.73
CA LEU A 46 2.33 -4.70 -8.69
C LEU A 46 2.50 -6.02 -7.95
N VAL A 47 1.88 -7.08 -8.46
CA VAL A 47 2.03 -8.44 -7.94
C VAL A 47 2.11 -9.44 -9.10
N GLU A 48 3.00 -10.42 -8.99
CA GLU A 48 3.21 -11.46 -10.00
C GLU A 48 3.56 -12.80 -9.33
N TYR A 49 3.38 -13.89 -10.07
CA TYR A 49 3.86 -15.20 -9.65
C TYR A 49 4.40 -15.91 -10.91
N THR A 50 5.72 -15.87 -11.07
CA THR A 50 6.42 -16.33 -12.27
C THR A 50 7.47 -17.32 -11.79
N ASP A 51 7.02 -18.57 -11.54
CA ASP A 51 7.71 -19.65 -10.81
C ASP A 51 8.02 -19.28 -9.32
N GLU A 52 8.36 -18.02 -9.06
CA GLU A 52 8.49 -17.38 -7.75
C GLU A 52 7.42 -16.27 -7.60
N LEU A 53 6.93 -16.07 -6.38
CA LEU A 53 5.96 -15.04 -6.02
C LEU A 53 6.69 -13.71 -5.73
N LYS A 54 6.25 -12.62 -6.35
CA LYS A 54 6.72 -11.26 -6.04
C LYS A 54 5.55 -10.29 -5.91
N VAL A 55 5.69 -9.34 -4.98
CA VAL A 55 4.84 -8.16 -4.82
C VAL A 55 5.78 -6.95 -4.69
N ASP A 56 5.39 -5.84 -5.30
CA ASP A 56 6.18 -4.61 -5.39
C ASP A 56 5.27 -3.39 -5.22
N ILE A 57 5.78 -2.40 -4.49
CA ILE A 57 5.02 -1.24 -4.04
C ILE A 57 5.82 0.02 -4.34
N SER A 58 5.18 1.00 -4.99
CA SER A 58 5.73 2.34 -5.17
C SER A 58 4.65 3.35 -4.79
N ALA A 59 4.96 4.23 -3.83
CA ALA A 59 4.05 5.30 -3.39
C ALA A 59 4.80 6.64 -3.35
N GLU A 60 4.13 7.69 -3.81
CA GLU A 60 4.66 9.04 -3.91
C GLU A 60 3.58 10.05 -3.50
N LEU A 61 4.01 11.14 -2.88
CA LEU A 61 3.15 12.11 -2.19
C LEU A 61 3.44 13.52 -2.70
N TYR A 62 2.41 14.24 -3.14
CA TYR A 62 2.52 15.62 -3.59
C TYR A 62 1.76 16.52 -2.61
N LEU A 63 2.51 17.21 -1.75
CA LEU A 63 2.03 18.29 -0.90
C LEU A 63 1.97 19.63 -1.64
N ASP A 64 1.05 20.50 -1.20
CA ASP A 64 1.06 21.92 -1.55
C ASP A 64 2.35 22.54 -0.99
N GLU A 65 2.95 23.49 -1.73
CA GLU A 65 4.24 24.08 -1.37
C GLU A 65 4.23 24.91 -0.06
N LEU A 66 3.06 25.11 0.56
CA LEU A 66 2.91 25.72 1.89
C LEU A 66 2.86 24.70 3.05
N SER A 67 3.01 23.39 2.79
CA SER A 67 3.08 22.34 3.83
C SER A 67 4.34 21.48 3.73
N ASP A 68 4.84 21.02 4.88
CA ASP A 68 6.10 20.30 5.04
C ASP A 68 5.97 19.22 6.13
N ALA A 69 5.66 18.00 5.68
CA ALA A 69 5.65 16.79 6.49
C ALA A 69 7.06 16.19 6.68
N ASP A 70 7.16 15.05 7.39
CA ASP A 70 8.44 14.51 7.85
C ASP A 70 9.15 13.63 6.80
N PRO A 71 10.50 13.65 6.76
CA PRO A 71 11.35 12.99 5.75
C PRO A 71 11.41 11.46 5.90
N GLY A 72 10.23 10.84 5.90
CA GLY A 72 9.98 9.40 5.98
C GLY A 72 8.50 9.00 6.02
N ILE A 73 7.57 9.97 6.05
CA ILE A 73 6.15 9.72 6.29
C ILE A 73 5.44 8.92 5.19
N VAL A 74 5.98 8.95 3.96
CA VAL A 74 5.55 8.09 2.85
C VAL A 74 6.13 6.70 3.02
N ASP A 75 7.44 6.63 3.27
CA ASP A 75 8.22 5.41 3.48
C ASP A 75 7.62 4.53 4.60
N GLU A 76 7.16 5.16 5.69
CA GLU A 76 6.41 4.47 6.74
C GLU A 76 5.07 3.93 6.24
N ALA A 77 4.40 4.58 5.30
CA ALA A 77 3.16 4.05 4.70
C ALA A 77 3.45 2.79 3.89
N VAL A 78 4.54 2.81 3.11
CA VAL A 78 4.95 1.66 2.30
C VAL A 78 5.38 0.50 3.20
N ASP A 79 6.22 0.74 4.22
CA ASP A 79 6.57 -0.24 5.24
C ASP A 79 5.33 -0.76 6.00
N ALA A 80 4.38 0.11 6.35
CA ALA A 80 3.13 -0.32 6.99
C ALA A 80 2.31 -1.22 6.06
N ALA A 81 2.26 -0.94 4.76
CA ALA A 81 1.69 -1.84 3.77
C ALA A 81 2.46 -3.18 3.66
N TYR A 82 3.80 -3.15 3.70
CA TYR A 82 4.61 -4.38 3.70
C TYR A 82 4.39 -5.24 4.96
N ARG A 83 4.32 -4.64 6.17
CA ARG A 83 3.98 -5.41 7.39
C ARG A 83 2.53 -5.94 7.30
N SER A 84 1.62 -5.10 6.80
CA SER A 84 0.21 -5.43 6.66
C SER A 84 -0.02 -6.56 5.64
N LEU A 85 0.81 -6.69 4.59
CA LEU A 85 0.70 -7.80 3.63
C LEU A 85 0.95 -9.16 4.30
N GLU A 86 2.00 -9.27 5.11
CA GLU A 86 2.29 -10.51 5.82
C GLU A 86 1.23 -10.82 6.88
N SER A 87 0.75 -9.81 7.64
CA SER A 87 -0.33 -10.07 8.60
C SER A 87 -1.73 -10.18 8.01
N PHE A 88 -1.94 -9.72 6.78
CA PHE A 88 -3.14 -10.06 6.00
C PHE A 88 -3.11 -11.56 5.67
N LEU A 89 -1.93 -12.15 5.41
CA LEU A 89 -1.79 -13.60 5.25
C LEU A 89 -1.85 -14.34 6.59
N ASP A 90 -1.34 -13.75 7.69
CA ASP A 90 -1.63 -14.26 9.04
C ASP A 90 -3.15 -14.30 9.25
N GLY A 91 -3.87 -13.30 8.70
CA GLY A 91 -5.32 -13.15 8.84
C GLY A 91 -6.13 -14.11 7.96
N PHE A 92 -5.47 -14.92 7.13
CA PHE A 92 -6.09 -15.89 6.25
C PHE A 92 -5.63 -17.33 6.48
N ARG A 93 -4.50 -17.57 7.16
CA ARG A 93 -3.93 -18.92 7.32
C ARG A 93 -3.17 -19.18 8.62
N GLU A 94 -2.53 -18.17 9.21
CA GLU A 94 -1.54 -18.32 10.30
C GLU A 94 -0.46 -19.38 9.93
N MET A 4 -4.73 -24.37 3.24
CA MET A 4 -5.47 -23.52 2.27
C MET A 4 -6.61 -22.81 2.98
N SER A 5 -7.08 -21.68 2.44
CA SER A 5 -8.29 -20.96 2.88
C SER A 5 -8.62 -19.81 1.93
N LEU A 6 -7.61 -19.13 1.38
CA LEU A 6 -7.78 -18.21 0.25
C LEU A 6 -8.18 -19.00 -1.01
N ARG A 7 -8.64 -18.30 -2.05
CA ARG A 7 -9.16 -18.90 -3.29
C ARG A 7 -8.01 -19.19 -4.28
N LYS A 8 -8.35 -19.79 -5.43
CA LYS A 8 -7.44 -19.93 -6.58
C LYS A 8 -6.97 -18.54 -7.02
N LEU A 9 -5.69 -18.23 -6.86
CA LEU A 9 -5.18 -16.87 -7.00
C LEU A 9 -5.13 -16.48 -8.49
N THR A 10 -5.92 -15.47 -8.83
CA THR A 10 -6.00 -14.89 -10.17
C THR A 10 -6.16 -13.36 -10.07
N GLU A 11 -6.46 -12.70 -11.20
CA GLU A 11 -6.61 -11.25 -11.33
C GLU A 11 -7.50 -10.63 -10.24
N GLY A 12 -8.57 -11.33 -9.82
CA GLY A 12 -9.45 -10.86 -8.75
C GLY A 12 -8.79 -10.82 -7.37
N ASP A 13 -8.09 -11.88 -6.96
CA ASP A 13 -7.36 -11.93 -5.69
C ASP A 13 -6.18 -10.94 -5.70
N LEU A 14 -5.45 -10.89 -6.82
CA LEU A 14 -4.35 -9.96 -7.02
C LEU A 14 -4.81 -8.49 -7.04
N ASP A 15 -5.98 -8.17 -7.63
CA ASP A 15 -6.60 -6.86 -7.51
C ASP A 15 -7.07 -6.58 -6.08
N GLU A 16 -7.74 -7.53 -5.40
CA GLU A 16 -8.20 -7.36 -4.02
C GLU A 16 -7.02 -7.07 -3.07
N ILE A 17 -5.92 -7.83 -3.20
CA ILE A 17 -4.69 -7.59 -2.43
C ILE A 17 -4.07 -6.24 -2.80
N SER A 18 -3.95 -5.92 -4.10
CA SER A 18 -3.34 -4.66 -4.55
C SER A 18 -4.16 -3.45 -4.11
N SER A 19 -5.50 -3.56 -4.14
CA SER A 19 -6.44 -2.58 -3.62
C SER A 19 -6.38 -2.48 -2.08
N PHE A 20 -6.30 -3.60 -1.36
CA PHE A 20 -6.09 -3.62 0.10
C PHE A 20 -4.80 -2.88 0.48
N LEU A 21 -3.72 -3.09 -0.28
CA LEU A 21 -2.44 -2.40 -0.06
C LEU A 21 -2.54 -0.91 -0.41
N HIS A 22 -3.11 -0.53 -1.57
CA HIS A 22 -3.33 0.88 -1.90
C HIS A 22 -4.17 1.59 -0.82
N ASN A 23 -5.31 1.01 -0.43
CA ASN A 23 -6.16 1.59 0.60
C ASN A 23 -5.45 1.67 1.95
N THR A 24 -4.59 0.69 2.29
CA THR A 24 -3.76 0.73 3.51
C THR A 24 -2.82 1.94 3.51
N ILE A 25 -2.12 2.21 2.39
CA ILE A 25 -1.26 3.40 2.26
C ILE A 25 -2.11 4.68 2.29
N SER A 26 -3.18 4.75 1.51
CA SER A 26 -4.04 5.94 1.42
C SER A 26 -4.67 6.28 2.77
N ASP A 27 -5.21 5.29 3.51
CA ASP A 27 -5.62 5.50 4.90
C ASP A 27 -4.48 5.87 5.84
N PHE A 28 -3.28 5.31 5.71
CA PHE A 28 -2.15 5.72 6.55
C PHE A 28 -1.82 7.20 6.30
N ILE A 29 -1.74 7.61 5.02
CA ILE A 29 -1.47 8.99 4.63
C ILE A 29 -2.57 9.89 5.19
N LEU A 30 -3.85 9.61 4.94
CA LEU A 30 -4.98 10.40 5.44
C LEU A 30 -5.10 10.44 6.98
N LYS A 31 -4.38 9.57 7.70
CA LYS A 31 -4.31 9.54 9.17
C LYS A 31 -2.95 10.04 9.69
N ARG A 32 -2.06 10.50 8.79
CA ARG A 32 -0.72 11.02 9.10
C ARG A 32 -0.47 12.45 8.57
N VAL A 33 -1.13 12.85 7.47
CA VAL A 33 -1.21 14.20 6.89
C VAL A 33 -2.63 14.41 6.31
N SER A 34 -3.19 15.62 6.41
CA SER A 34 -4.51 15.91 5.84
C SER A 34 -4.47 16.00 4.32
N ALA A 35 -5.47 15.40 3.67
CA ALA A 35 -5.78 15.55 2.24
C ALA A 35 -5.88 17.02 1.79
N LYS A 36 -6.19 17.98 2.69
CA LYS A 36 -6.09 19.42 2.40
C LYS A 36 -4.64 19.84 2.11
N GLU A 37 -3.69 19.34 2.90
CA GLU A 37 -2.26 19.69 2.82
C GLU A 37 -1.57 19.06 1.60
N ILE A 38 -2.26 18.11 0.96
CA ILE A 38 -1.83 17.28 -0.16
C ILE A 38 -2.51 17.76 -1.45
N VAL A 39 -1.72 18.02 -2.50
CA VAL A 39 -2.22 18.27 -3.86
C VAL A 39 -2.72 16.96 -4.47
N ASP A 40 -1.91 15.90 -4.42
CA ASP A 40 -2.32 14.54 -4.81
C ASP A 40 -1.37 13.46 -4.27
N ILE A 41 -1.74 12.19 -4.49
CA ILE A 41 -0.92 11.00 -4.21
C ILE A 41 -0.94 10.04 -5.39
N ASP A 42 0.19 9.40 -5.64
CA ASP A 42 0.37 8.40 -6.70
C ASP A 42 0.88 7.11 -6.07
N ILE A 43 0.08 6.04 -6.16
CA ILE A 43 0.36 4.76 -5.51
C ILE A 43 0.22 3.65 -6.54
N THR A 44 1.30 2.88 -6.73
CA THR A 44 1.36 1.72 -7.61
C THR A 44 1.72 0.49 -6.78
N VAL A 45 0.90 -0.56 -6.90
CA VAL A 45 1.18 -1.89 -6.39
C VAL A 45 1.30 -2.82 -7.59
N LEU A 46 2.37 -3.61 -7.64
CA LEU A 46 2.59 -4.67 -8.61
C LEU A 46 2.67 -5.99 -7.87
N VAL A 47 2.06 -7.02 -8.46
CA VAL A 47 2.06 -8.38 -7.94
C VAL A 47 2.24 -9.35 -9.11
N GLU A 48 3.17 -10.28 -8.95
CA GLU A 48 3.65 -11.18 -10.01
C GLU A 48 3.83 -12.60 -9.47
N TYR A 49 3.77 -13.58 -10.37
CA TYR A 49 4.02 -14.98 -10.03
C TYR A 49 4.77 -15.64 -11.19
N THR A 50 6.08 -15.84 -11.04
CA THR A 50 6.90 -16.58 -12.02
C THR A 50 7.77 -17.59 -11.28
N ASP A 51 7.23 -18.81 -11.10
CA ASP A 51 7.76 -19.89 -10.23
C ASP A 51 7.78 -19.54 -8.73
N GLU A 52 7.92 -18.25 -8.38
CA GLU A 52 7.79 -17.67 -7.06
C GLU A 52 6.85 -16.45 -7.09
N LEU A 53 6.23 -16.15 -5.95
CA LEU A 53 5.32 -15.02 -5.73
C LEU A 53 6.13 -13.76 -5.37
N LYS A 54 5.85 -12.65 -6.07
CA LYS A 54 6.54 -11.36 -5.91
C LYS A 54 5.52 -10.22 -5.79
N VAL A 55 5.81 -9.24 -4.93
CA VAL A 55 5.01 -8.03 -4.71
C VAL A 55 5.96 -6.83 -4.64
N ASP A 56 5.55 -5.71 -5.22
CA ASP A 56 6.29 -4.45 -5.26
C ASP A 56 5.30 -3.31 -4.97
N ILE A 57 5.71 -2.34 -4.15
CA ILE A 57 4.88 -1.19 -3.82
C ILE A 57 5.71 0.09 -3.97
N SER A 58 5.15 1.09 -4.66
CA SER A 58 5.69 2.45 -4.72
C SER A 58 4.58 3.47 -4.46
N ALA A 59 4.85 4.44 -3.59
CA ALA A 59 3.93 5.53 -3.25
C ALA A 59 4.64 6.89 -3.33
N GLU A 60 3.88 7.92 -3.72
CA GLU A 60 4.35 9.29 -3.93
C GLU A 60 3.40 10.31 -3.31
N LEU A 61 3.97 11.41 -2.84
CA LEU A 61 3.31 12.44 -2.02
C LEU A 61 3.53 13.81 -2.67
N TYR A 62 2.51 14.35 -3.33
CA TYR A 62 2.58 15.69 -3.89
C TYR A 62 1.80 16.64 -2.99
N LEU A 63 2.56 17.40 -2.20
CA LEU A 63 2.11 18.32 -1.16
C LEU A 63 1.84 19.72 -1.73
N ASP A 64 0.93 20.45 -1.09
CA ASP A 64 0.73 21.88 -1.38
C ASP A 64 2.03 22.67 -1.12
N GLU A 65 2.26 23.74 -1.90
CA GLU A 65 3.45 24.61 -1.87
C GLU A 65 3.56 25.45 -0.58
N LEU A 66 2.67 25.19 0.39
CA LEU A 66 2.57 25.82 1.70
C LEU A 66 2.51 24.76 2.84
N SER A 67 2.62 23.47 2.52
CA SER A 67 2.68 22.36 3.49
C SER A 67 4.13 22.06 3.93
N ASP A 68 4.28 21.35 5.04
CA ASP A 68 5.57 21.00 5.65
C ASP A 68 5.35 19.76 6.53
N ALA A 69 5.92 18.64 6.09
CA ALA A 69 5.73 17.30 6.65
C ALA A 69 7.09 16.56 6.87
N ASP A 70 7.05 15.31 7.35
CA ASP A 70 8.25 14.63 7.82
C ASP A 70 9.03 13.93 6.67
N PRO A 71 10.39 13.92 6.71
CA PRO A 71 11.28 13.37 5.67
C PRO A 71 11.32 11.83 5.64
N GLY A 72 10.14 11.22 5.70
CA GLY A 72 9.89 9.77 5.62
C GLY A 72 8.41 9.37 5.78
N ILE A 73 7.47 10.33 5.67
CA ILE A 73 6.06 10.14 6.01
C ILE A 73 5.33 9.10 5.12
N VAL A 74 5.83 8.91 3.91
CA VAL A 74 5.34 7.90 2.96
C VAL A 74 6.01 6.55 3.17
N ASP A 75 7.29 6.50 3.49
CA ASP A 75 8.03 5.28 3.82
C ASP A 75 7.34 4.53 4.97
N GLU A 76 6.78 5.28 5.94
CA GLU A 76 5.94 4.73 7.00
C GLU A 76 4.65 4.09 6.44
N ALA A 77 4.00 4.72 5.46
CA ALA A 77 2.80 4.19 4.82
C ALA A 77 3.11 2.92 4.01
N VAL A 78 4.21 2.92 3.23
CA VAL A 78 4.58 1.76 2.43
C VAL A 78 4.99 0.58 3.32
N ASP A 79 5.81 0.82 4.35
CA ASP A 79 6.13 -0.17 5.39
C ASP A 79 4.87 -0.66 6.12
N ALA A 80 3.89 0.22 6.39
CA ALA A 80 2.60 -0.21 6.95
C ALA A 80 1.84 -1.15 6.00
N ALA A 81 1.85 -0.88 4.69
CA ALA A 81 1.33 -1.81 3.69
C ALA A 81 2.15 -3.11 3.60
N TYR A 82 3.49 -3.07 3.62
CA TYR A 82 4.32 -4.28 3.60
C TYR A 82 4.10 -5.18 4.83
N ARG A 83 4.01 -4.60 6.03
CA ARG A 83 3.67 -5.32 7.26
C ARG A 83 2.22 -5.83 7.25
N SER A 84 1.31 -5.09 6.60
CA SER A 84 -0.07 -5.52 6.39
C SER A 84 -0.15 -6.67 5.36
N LEU A 85 0.71 -6.70 4.35
CA LEU A 85 0.83 -7.82 3.39
C LEU A 85 1.36 -9.07 4.09
N GLU A 86 2.42 -8.93 4.90
CA GLU A 86 2.93 -10.03 5.73
C GLU A 86 1.84 -10.55 6.70
N SER A 87 1.08 -9.63 7.30
CA SER A 87 -0.06 -9.95 8.16
C SER A 87 -1.21 -10.65 7.41
N PHE A 88 -1.46 -10.26 6.15
CA PHE A 88 -2.46 -10.89 5.30
C PHE A 88 -2.10 -12.34 4.97
N LEU A 89 -0.82 -12.64 4.67
CA LEU A 89 -0.40 -14.04 4.44
C LEU A 89 -0.30 -14.84 5.75
N ASP A 90 0.09 -14.20 6.86
CA ASP A 90 -0.03 -14.80 8.19
C ASP A 90 -1.50 -15.21 8.43
N GLY A 91 -2.45 -14.38 8.00
CA GLY A 91 -3.89 -14.65 8.06
C GLY A 91 -4.38 -15.82 7.19
N PHE A 92 -3.49 -16.47 6.42
CA PHE A 92 -3.83 -17.61 5.57
C PHE A 92 -2.88 -18.81 5.66
N ARG A 93 -1.67 -18.67 6.24
CA ARG A 93 -0.72 -19.79 6.40
C ARG A 93 0.01 -19.83 7.74
N GLU A 94 0.06 -18.74 8.51
CA GLU A 94 0.94 -18.59 9.69
C GLU A 94 2.42 -18.82 9.30
N MET A 4 -8.19 -15.84 5.53
CA MET A 4 -8.24 -17.31 5.53
C MET A 4 -8.77 -17.83 4.18
N SER A 5 -8.67 -19.14 3.96
CA SER A 5 -9.32 -19.86 2.84
C SER A 5 -9.16 -19.23 1.45
N LEU A 6 -7.89 -18.99 1.06
CA LEU A 6 -7.49 -18.49 -0.27
C LEU A 6 -8.15 -19.25 -1.44
N ARG A 7 -8.20 -18.58 -2.59
CA ARG A 7 -8.79 -19.06 -3.85
C ARG A 7 -7.69 -19.34 -4.89
N LYS A 8 -8.10 -19.81 -6.08
CA LYS A 8 -7.20 -19.95 -7.24
C LYS A 8 -6.73 -18.55 -7.61
N LEU A 9 -5.46 -18.23 -7.35
CA LEU A 9 -4.97 -16.86 -7.40
C LEU A 9 -4.80 -16.39 -8.84
N THR A 10 -5.66 -15.44 -9.22
CA THR A 10 -5.69 -14.83 -10.55
C THR A 10 -5.96 -13.32 -10.42
N GLU A 11 -6.26 -12.66 -11.54
CA GLU A 11 -6.47 -11.21 -11.67
C GLU A 11 -7.40 -10.64 -10.59
N GLY A 12 -8.45 -11.36 -10.18
CA GLY A 12 -9.37 -10.92 -9.14
C GLY A 12 -8.75 -10.89 -7.74
N ASP A 13 -8.09 -11.98 -7.31
CA ASP A 13 -7.42 -12.06 -6.00
C ASP A 13 -6.29 -11.04 -5.93
N LEU A 14 -5.51 -10.94 -7.02
CA LEU A 14 -4.42 -10.01 -7.17
C LEU A 14 -4.88 -8.55 -7.20
N ASP A 15 -5.98 -8.22 -7.91
CA ASP A 15 -6.59 -6.89 -7.84
C ASP A 15 -7.08 -6.57 -6.41
N GLU A 16 -7.77 -7.51 -5.75
CA GLU A 16 -8.29 -7.32 -4.39
C GLU A 16 -7.16 -7.07 -3.37
N ILE A 17 -6.08 -7.84 -3.45
CA ILE A 17 -4.89 -7.63 -2.61
C ILE A 17 -4.22 -6.30 -2.95
N SER A 18 -4.09 -5.95 -4.25
CA SER A 18 -3.58 -4.63 -4.66
C SER A 18 -4.43 -3.48 -4.12
N SER A 19 -5.76 -3.66 -4.09
CA SER A 19 -6.73 -2.69 -3.57
C SER A 19 -6.63 -2.59 -2.05
N PHE A 20 -6.50 -3.71 -1.33
CA PHE A 20 -6.24 -3.71 0.12
C PHE A 20 -4.96 -2.96 0.47
N LEU A 21 -3.89 -3.18 -0.31
CA LEU A 21 -2.62 -2.46 -0.14
C LEU A 21 -2.76 -0.97 -0.47
N HIS A 22 -3.33 -0.59 -1.62
CA HIS A 22 -3.54 0.81 -1.98
C HIS A 22 -4.39 1.53 -0.92
N ASN A 23 -5.53 0.97 -0.53
CA ASN A 23 -6.38 1.59 0.49
C ASN A 23 -5.65 1.70 1.83
N THR A 24 -4.82 0.71 2.20
CA THR A 24 -4.00 0.77 3.42
C THR A 24 -3.01 1.96 3.38
N ILE A 25 -2.30 2.16 2.27
CA ILE A 25 -1.41 3.32 2.11
C ILE A 25 -2.21 4.63 2.12
N SER A 26 -3.30 4.72 1.36
CA SER A 26 -4.14 5.92 1.29
C SER A 26 -4.76 6.29 2.63
N ASP A 27 -5.28 5.31 3.39
CA ASP A 27 -5.75 5.51 4.77
C ASP A 27 -4.60 5.88 5.71
N PHE A 28 -3.41 5.29 5.56
CA PHE A 28 -2.24 5.70 6.33
C PHE A 28 -1.88 7.16 6.05
N ILE A 29 -1.85 7.59 4.79
CA ILE A 29 -1.59 8.96 4.39
C ILE A 29 -2.64 9.89 5.02
N LEU A 30 -3.93 9.55 4.91
CA LEU A 30 -5.01 10.29 5.57
C LEU A 30 -4.91 10.32 7.10
N LYS A 31 -4.28 9.32 7.73
CA LYS A 31 -3.95 9.32 9.17
C LYS A 31 -2.56 9.88 9.50
N ARG A 32 -1.84 10.45 8.51
CA ARG A 32 -0.51 11.05 8.67
C ARG A 32 -0.43 12.53 8.27
N VAL A 33 -1.11 12.95 7.18
CA VAL A 33 -1.08 14.32 6.63
C VAL A 33 -2.45 14.65 5.98
N SER A 34 -2.84 15.93 5.91
CA SER A 34 -4.22 16.27 5.52
C SER A 34 -4.48 16.34 4.02
N ALA A 35 -5.60 15.77 3.57
CA ALA A 35 -6.16 15.98 2.24
C ALA A 35 -6.29 17.47 1.85
N LYS A 36 -6.39 18.38 2.84
CA LYS A 36 -6.41 19.85 2.65
C LYS A 36 -5.05 20.45 2.22
N GLU A 37 -3.96 19.69 2.25
CA GLU A 37 -2.60 20.12 1.86
C GLU A 37 -1.93 19.13 0.88
N ILE A 38 -2.38 17.87 0.86
CA ILE A 38 -2.03 16.87 -0.15
C ILE A 38 -2.73 17.30 -1.45
N VAL A 39 -1.95 17.73 -2.44
CA VAL A 39 -2.42 18.08 -3.78
C VAL A 39 -2.88 16.82 -4.51
N ASP A 40 -2.07 15.76 -4.48
CA ASP A 40 -2.42 14.44 -5.03
C ASP A 40 -1.49 13.34 -4.47
N ILE A 41 -1.75 12.09 -4.85
CA ILE A 41 -0.91 10.92 -4.55
C ILE A 41 -0.84 9.95 -5.74
N ASP A 42 0.35 9.43 -6.01
CA ASP A 42 0.55 8.31 -6.93
C ASP A 42 0.84 7.07 -6.07
N ILE A 43 0.05 6.00 -6.23
CA ILE A 43 0.31 4.71 -5.58
C ILE A 43 0.20 3.63 -6.65
N THR A 44 1.28 2.85 -6.80
CA THR A 44 1.36 1.70 -7.69
C THR A 44 1.67 0.46 -6.87
N VAL A 45 0.84 -0.57 -7.02
CA VAL A 45 1.09 -1.91 -6.52
C VAL A 45 1.24 -2.83 -7.73
N LEU A 46 2.32 -3.61 -7.75
CA LEU A 46 2.59 -4.63 -8.75
C LEU A 46 2.64 -5.98 -8.04
N VAL A 47 2.07 -6.98 -8.70
CA VAL A 47 2.11 -8.37 -8.25
C VAL A 47 2.42 -9.24 -9.46
N GLU A 48 3.38 -10.14 -9.30
CA GLU A 48 4.02 -10.88 -10.38
C GLU A 48 4.32 -12.32 -9.95
N TYR A 49 4.45 -13.23 -10.93
CA TYR A 49 4.69 -14.64 -10.67
C TYR A 49 5.74 -15.17 -11.65
N THR A 50 6.92 -15.52 -11.15
CA THR A 50 7.96 -16.22 -11.93
C THR A 50 8.48 -17.41 -11.15
N ASP A 51 7.81 -18.55 -11.26
CA ASP A 51 7.96 -19.78 -10.43
C ASP A 51 7.57 -19.58 -8.94
N GLU A 52 7.85 -18.38 -8.40
CA GLU A 52 7.45 -17.87 -7.09
C GLU A 52 6.62 -16.58 -7.25
N LEU A 53 5.81 -16.26 -6.23
CA LEU A 53 4.95 -15.07 -6.14
C LEU A 53 5.76 -13.90 -5.58
N LYS A 54 5.73 -12.74 -6.26
CA LYS A 54 6.41 -11.51 -5.84
C LYS A 54 5.44 -10.32 -5.90
N VAL A 55 5.67 -9.33 -5.03
CA VAL A 55 4.90 -8.08 -4.94
C VAL A 55 5.88 -6.91 -4.86
N ASP A 56 5.52 -5.78 -5.46
CA ASP A 56 6.24 -4.52 -5.44
C ASP A 56 5.24 -3.41 -5.09
N ILE A 57 5.64 -2.46 -4.24
CA ILE A 57 4.79 -1.33 -3.86
C ILE A 57 5.60 -0.04 -3.97
N SER A 58 5.04 0.97 -4.64
CA SER A 58 5.56 2.34 -4.64
C SER A 58 4.44 3.35 -4.37
N ALA A 59 4.73 4.35 -3.55
CA ALA A 59 3.85 5.49 -3.30
C ALA A 59 4.63 6.80 -3.42
N GLU A 60 3.96 7.88 -3.82
CA GLU A 60 4.50 9.23 -3.86
C GLU A 60 3.44 10.26 -3.42
N LEU A 61 3.92 11.32 -2.76
CA LEU A 61 3.13 12.30 -2.01
C LEU A 61 3.33 13.70 -2.60
N TYR A 62 2.33 14.22 -3.32
CA TYR A 62 2.37 15.59 -3.81
C TYR A 62 1.71 16.50 -2.78
N LEU A 63 2.53 17.23 -2.02
CA LEU A 63 2.09 18.27 -1.09
C LEU A 63 2.12 19.64 -1.76
N ASP A 64 1.24 20.55 -1.30
CA ASP A 64 1.32 21.96 -1.69
C ASP A 64 2.67 22.58 -1.30
N GLU A 65 3.15 23.53 -2.11
CA GLU A 65 4.47 24.16 -1.99
C GLU A 65 4.63 25.09 -0.77
N LEU A 66 3.65 25.06 0.15
CA LEU A 66 3.59 25.84 1.38
C LEU A 66 3.43 24.95 2.65
N SER A 67 3.39 23.61 2.51
CA SER A 67 3.40 22.68 3.64
C SER A 67 4.81 22.13 3.93
N ASP A 68 4.97 21.54 5.12
CA ASP A 68 6.24 21.10 5.69
C ASP A 68 5.92 19.97 6.69
N ALA A 69 6.26 18.75 6.30
CA ALA A 69 5.97 17.49 7.01
C ALA A 69 7.23 16.62 7.15
N ASP A 70 7.12 15.42 7.74
CA ASP A 70 8.29 14.67 8.17
C ASP A 70 8.91 13.83 7.03
N PRO A 71 10.26 13.86 6.87
CA PRO A 71 11.01 13.30 5.73
C PRO A 71 11.10 11.77 5.76
N GLY A 72 9.92 11.13 5.69
CA GLY A 72 9.77 9.67 5.75
C GLY A 72 8.31 9.18 5.69
N ILE A 73 7.30 10.05 5.75
CA ILE A 73 5.88 9.70 5.72
C ILE A 73 5.47 8.82 4.52
N VAL A 74 6.15 8.99 3.38
CA VAL A 74 5.99 8.11 2.21
C VAL A 74 6.40 6.67 2.58
N ASP A 75 7.66 6.50 3.00
CA ASP A 75 8.24 5.23 3.42
C ASP A 75 7.45 4.61 4.57
N GLU A 76 6.93 5.42 5.51
CA GLU A 76 6.06 4.94 6.57
C GLU A 76 4.75 4.38 6.01
N ALA A 77 4.19 4.98 4.94
CA ALA A 77 2.94 4.48 4.37
C ALA A 77 3.15 3.11 3.71
N VAL A 78 4.26 2.95 2.99
CA VAL A 78 4.60 1.70 2.31
C VAL A 78 5.03 0.62 3.31
N ASP A 79 5.86 0.96 4.31
CA ASP A 79 6.24 0.11 5.45
C ASP A 79 5.02 -0.34 6.28
N ALA A 80 4.03 0.54 6.49
CA ALA A 80 2.76 0.16 7.09
C ALA A 80 1.99 -0.83 6.20
N ALA A 81 1.92 -0.60 4.88
CA ALA A 81 1.34 -1.57 3.95
C ALA A 81 2.08 -2.92 3.99
N TYR A 82 3.41 -2.93 4.01
CA TYR A 82 4.21 -4.16 4.11
C TYR A 82 3.95 -4.93 5.42
N ARG A 83 3.87 -4.24 6.57
CA ARG A 83 3.49 -4.91 7.83
C ARG A 83 2.01 -5.31 7.87
N SER A 84 1.14 -4.60 7.16
CA SER A 84 -0.25 -5.04 6.96
C SER A 84 -0.30 -6.36 6.19
N LEU A 85 0.52 -6.52 5.14
CA LEU A 85 0.61 -7.74 4.34
C LEU A 85 1.20 -8.90 5.15
N GLU A 86 2.28 -8.63 5.90
CA GLU A 86 2.89 -9.58 6.84
C GLU A 86 1.88 -10.03 7.91
N SER A 87 1.07 -9.11 8.43
CA SER A 87 0.00 -9.39 9.40
C SER A 87 -1.19 -10.12 8.77
N PHE A 88 -1.45 -9.90 7.48
CA PHE A 88 -2.59 -10.49 6.78
C PHE A 88 -2.32 -11.94 6.38
N LEU A 89 -1.13 -12.28 5.89
CA LEU A 89 -0.82 -13.68 5.52
C LEU A 89 -0.75 -14.63 6.73
N ASP A 90 -0.41 -14.08 7.91
CA ASP A 90 -0.53 -14.72 9.25
C ASP A 90 -2.00 -15.04 9.63
N GLY A 91 -2.95 -14.74 8.74
CA GLY A 91 -4.35 -15.16 8.82
C GLY A 91 -4.91 -15.60 7.46
N PHE A 92 -4.05 -15.94 6.47
CA PHE A 92 -4.46 -16.34 5.11
C PHE A 92 -3.70 -17.53 4.51
N ARG A 93 -2.45 -17.78 4.91
CA ARG A 93 -1.65 -18.93 4.45
C ARG A 93 -1.27 -19.90 5.56
N GLU A 94 -0.91 -19.38 6.73
CA GLU A 94 -0.38 -20.10 7.88
C GLU A 94 -0.92 -19.49 9.18
N MET A 4 -13.56 -12.91 6.18
CA MET A 4 -12.75 -12.89 4.94
C MET A 4 -12.18 -14.27 4.65
N SER A 5 -11.91 -14.58 3.38
CA SER A 5 -11.18 -15.77 2.94
C SER A 5 -10.82 -15.60 1.45
N LEU A 6 -9.54 -15.75 1.11
CA LEU A 6 -9.06 -15.72 -0.27
C LEU A 6 -9.43 -17.01 -1.03
N ARG A 7 -9.24 -16.99 -2.35
CA ARG A 7 -9.33 -18.13 -3.27
C ARG A 7 -7.98 -18.30 -4.00
N LYS A 8 -7.96 -19.10 -5.07
CA LYS A 8 -6.76 -19.24 -5.92
C LYS A 8 -6.29 -17.87 -6.41
N LEU A 9 -4.99 -17.59 -6.30
CA LEU A 9 -4.46 -16.27 -6.58
C LEU A 9 -4.40 -16.03 -8.10
N THR A 10 -5.32 -15.19 -8.58
CA THR A 10 -5.55 -14.89 -10.00
C THR A 10 -6.07 -13.45 -10.12
N GLU A 11 -6.54 -13.07 -11.31
CA GLU A 11 -6.90 -11.74 -11.80
C GLU A 11 -8.13 -11.10 -11.09
N GLY A 12 -8.43 -11.57 -9.88
CA GLY A 12 -9.44 -11.06 -8.97
C GLY A 12 -8.90 -10.99 -7.55
N ASP A 13 -8.40 -12.11 -7.00
CA ASP A 13 -7.76 -12.15 -5.68
C ASP A 13 -6.48 -11.29 -5.62
N LEU A 14 -5.66 -11.31 -6.68
CA LEU A 14 -4.46 -10.47 -6.75
C LEU A 14 -4.81 -8.98 -6.89
N ASP A 15 -5.89 -8.66 -7.62
CA ASP A 15 -6.41 -7.30 -7.71
C ASP A 15 -7.00 -6.82 -6.38
N GLU A 16 -7.74 -7.68 -5.67
CA GLU A 16 -8.24 -7.41 -4.32
C GLU A 16 -7.10 -7.12 -3.34
N ILE A 17 -6.01 -7.90 -3.38
CA ILE A 17 -4.84 -7.66 -2.54
C ILE A 17 -4.11 -6.36 -2.95
N SER A 18 -3.89 -6.10 -4.24
CA SER A 18 -3.34 -4.80 -4.68
C SER A 18 -4.26 -3.63 -4.27
N SER A 19 -5.58 -3.80 -4.33
CA SER A 19 -6.56 -2.81 -3.87
C SER A 19 -6.49 -2.60 -2.34
N PHE A 20 -6.39 -3.68 -1.56
CA PHE A 20 -6.21 -3.62 -0.10
C PHE A 20 -4.90 -2.92 0.28
N LEU A 21 -3.81 -3.19 -0.45
CA LEU A 21 -2.53 -2.50 -0.29
C LEU A 21 -2.64 -1.01 -0.63
N HIS A 22 -3.24 -0.66 -1.77
CA HIS A 22 -3.47 0.74 -2.15
C HIS A 22 -4.33 1.47 -1.10
N ASN A 23 -5.46 0.88 -0.67
CA ASN A 23 -6.29 1.47 0.38
C ASN A 23 -5.52 1.59 1.71
N THR A 24 -4.67 0.60 2.05
CA THR A 24 -3.88 0.64 3.29
C THR A 24 -2.94 1.85 3.30
N ILE A 25 -2.21 2.09 2.20
CA ILE A 25 -1.34 3.28 2.08
C ILE A 25 -2.17 4.56 2.08
N SER A 26 -3.29 4.59 1.34
CA SER A 26 -4.18 5.74 1.31
C SER A 26 -4.72 6.10 2.70
N ASP A 27 -5.27 5.12 3.45
CA ASP A 27 -5.64 5.30 4.86
C ASP A 27 -4.46 5.72 5.73
N PHE A 28 -3.27 5.18 5.51
CA PHE A 28 -2.12 5.54 6.33
C PHE A 28 -1.72 7.00 6.09
N ILE A 29 -1.65 7.46 4.84
CA ILE A 29 -1.35 8.84 4.47
C ILE A 29 -2.43 9.77 5.03
N LEU A 30 -3.72 9.45 4.84
CA LEU A 30 -4.85 10.24 5.38
C LEU A 30 -4.92 10.23 6.92
N LYS A 31 -4.10 9.40 7.60
CA LYS A 31 -3.89 9.40 9.06
C LYS A 31 -2.42 9.73 9.43
N ARG A 32 -1.67 10.31 8.48
CA ARG A 32 -0.35 10.92 8.65
C ARG A 32 -0.31 12.42 8.28
N VAL A 33 -0.97 12.84 7.20
CA VAL A 33 -0.94 14.21 6.65
C VAL A 33 -2.32 14.59 6.08
N SER A 34 -2.67 15.88 6.06
CA SER A 34 -4.02 16.34 5.75
C SER A 34 -4.38 16.40 4.26
N ALA A 35 -5.57 15.93 3.91
CA ALA A 35 -6.19 16.20 2.61
C ALA A 35 -6.19 17.71 2.24
N LYS A 36 -6.15 18.61 3.23
CA LYS A 36 -6.04 20.07 3.03
C LYS A 36 -4.64 20.57 2.60
N GLU A 37 -3.60 19.73 2.66
CA GLU A 37 -2.22 20.08 2.26
C GLU A 37 -1.63 19.08 1.26
N ILE A 38 -2.15 17.85 1.19
CA ILE A 38 -1.92 16.87 0.13
C ILE A 38 -2.64 17.39 -1.12
N VAL A 39 -1.89 17.70 -2.18
CA VAL A 39 -2.43 18.01 -3.51
C VAL A 39 -2.99 16.74 -4.14
N ASP A 40 -2.21 15.65 -4.15
CA ASP A 40 -2.67 14.32 -4.54
C ASP A 40 -1.71 13.20 -4.08
N ILE A 41 -2.09 11.94 -4.32
CA ILE A 41 -1.26 10.76 -4.11
C ILE A 41 -1.35 9.82 -5.32
N ASP A 42 -0.22 9.20 -5.65
CA ASP A 42 -0.11 8.25 -6.77
C ASP A 42 0.52 6.96 -6.25
N ILE A 43 -0.24 5.86 -6.30
CA ILE A 43 0.16 4.58 -5.72
C ILE A 43 -0.05 3.48 -6.77
N THR A 44 1.03 2.80 -7.13
CA THR A 44 1.01 1.60 -7.97
C THR A 44 1.60 0.43 -7.19
N VAL A 45 0.76 -0.59 -6.95
CA VAL A 45 1.15 -1.87 -6.35
C VAL A 45 0.95 -3.02 -7.33
N LEU A 46 2.04 -3.70 -7.68
CA LEU A 46 2.13 -4.72 -8.72
C LEU A 46 2.53 -6.06 -8.10
N VAL A 47 1.89 -7.13 -8.56
CA VAL A 47 2.09 -8.49 -8.04
C VAL A 47 2.21 -9.49 -9.20
N GLU A 48 3.11 -10.44 -9.03
CA GLU A 48 3.55 -11.43 -10.01
C GLU A 48 3.73 -12.81 -9.36
N TYR A 49 3.70 -13.84 -10.20
CA TYR A 49 4.17 -15.16 -9.80
C TYR A 49 5.04 -15.64 -10.98
N THR A 50 6.36 -15.49 -10.80
CA THR A 50 7.37 -15.74 -11.83
C THR A 50 8.44 -16.60 -11.16
N ASP A 51 8.17 -17.91 -11.07
CA ASP A 51 8.87 -18.92 -10.23
C ASP A 51 8.79 -18.60 -8.71
N GLU A 52 9.00 -17.34 -8.34
CA GLU A 52 8.74 -16.77 -7.02
C GLU A 52 7.39 -16.04 -7.02
N LEU A 53 6.76 -15.93 -5.84
CA LEU A 53 5.63 -15.01 -5.62
C LEU A 53 6.28 -13.66 -5.28
N LYS A 54 5.98 -12.61 -6.03
CA LYS A 54 6.61 -11.31 -5.85
C LYS A 54 5.58 -10.18 -5.92
N VAL A 55 5.70 -9.22 -5.01
CA VAL A 55 4.85 -8.02 -4.95
C VAL A 55 5.76 -6.82 -4.67
N ASP A 56 5.48 -5.71 -5.37
CA ASP A 56 6.21 -4.45 -5.22
C ASP A 56 5.25 -3.27 -5.19
N ILE A 57 5.63 -2.26 -4.41
CA ILE A 57 4.76 -1.16 -4.00
C ILE A 57 5.50 0.18 -4.22
N SER A 58 4.95 1.01 -5.11
CA SER A 58 5.43 2.37 -5.37
C SER A 58 4.35 3.37 -4.97
N ALA A 59 4.69 4.32 -4.09
CA ALA A 59 3.80 5.37 -3.61
C ALA A 59 4.46 6.74 -3.72
N GLU A 60 3.68 7.75 -4.09
CA GLU A 60 4.10 9.13 -4.33
C GLU A 60 3.18 10.12 -3.60
N LEU A 61 3.79 11.23 -3.17
CA LEU A 61 3.20 12.23 -2.29
C LEU A 61 3.32 13.61 -2.93
N TYR A 62 2.21 14.12 -3.47
CA TYR A 62 2.17 15.45 -4.04
C TYR A 62 1.48 16.38 -3.05
N LEU A 63 2.25 17.37 -2.59
CA LEU A 63 1.96 18.27 -1.48
C LEU A 63 1.98 19.72 -1.93
N ASP A 64 1.22 20.57 -1.25
CA ASP A 64 1.16 22.00 -1.58
C ASP A 64 2.49 22.72 -1.29
N GLU A 65 2.81 23.73 -2.11
CA GLU A 65 4.04 24.53 -2.05
C GLU A 65 4.19 25.38 -0.78
N LEU A 66 3.15 25.53 0.06
CA LEU A 66 3.23 26.16 1.39
C LEU A 66 3.20 25.13 2.53
N SER A 67 3.11 23.83 2.23
CA SER A 67 3.13 22.74 3.22
C SER A 67 4.55 22.44 3.76
N ASP A 68 4.62 21.62 4.82
CA ASP A 68 5.85 21.20 5.48
C ASP A 68 5.54 19.89 6.25
N ALA A 69 6.03 18.77 5.72
CA ALA A 69 5.83 17.41 6.24
C ALA A 69 7.16 16.64 6.34
N ASP A 70 7.14 15.43 6.91
CA ASP A 70 8.37 14.74 7.31
C ASP A 70 9.03 13.94 6.17
N PRO A 71 10.38 13.97 6.07
CA PRO A 71 11.18 13.40 4.96
C PRO A 71 11.29 11.86 5.01
N GLY A 72 10.14 11.22 5.17
CA GLY A 72 9.95 9.77 5.30
C GLY A 72 8.49 9.34 5.53
N ILE A 73 7.52 10.26 5.52
CA ILE A 73 6.12 9.96 5.85
C ILE A 73 5.44 8.96 4.88
N VAL A 74 5.99 8.81 3.67
CA VAL A 74 5.61 7.78 2.70
C VAL A 74 6.37 6.47 2.92
N ASP A 75 7.63 6.51 3.39
CA ASP A 75 8.36 5.31 3.81
C ASP A 75 7.63 4.61 4.96
N GLU A 76 7.00 5.38 5.86
CA GLU A 76 6.11 4.83 6.88
C GLU A 76 4.89 4.17 6.23
N ALA A 77 4.30 4.76 5.18
CA ALA A 77 3.10 4.21 4.56
C ALA A 77 3.37 2.89 3.83
N VAL A 78 4.48 2.81 3.08
CA VAL A 78 4.83 1.59 2.35
C VAL A 78 5.30 0.50 3.32
N ASP A 79 6.10 0.83 4.35
CA ASP A 79 6.45 -0.08 5.45
C ASP A 79 5.20 -0.58 6.20
N ALA A 80 4.23 0.30 6.47
CA ALA A 80 2.95 -0.10 7.05
C ALA A 80 2.17 -1.04 6.13
N ALA A 81 2.16 -0.80 4.82
CA ALA A 81 1.57 -1.74 3.86
C ALA A 81 2.28 -3.09 3.84
N TYR A 82 3.62 -3.12 3.84
CA TYR A 82 4.39 -4.36 3.91
C TYR A 82 4.13 -5.14 5.21
N ARG A 83 4.07 -4.46 6.37
CA ARG A 83 3.79 -5.08 7.66
C ARG A 83 2.32 -5.50 7.79
N SER A 84 1.39 -4.72 7.24
CA SER A 84 -0.02 -5.06 7.16
C SER A 84 -0.22 -6.31 6.31
N LEU A 85 0.48 -6.41 5.17
CA LEU A 85 0.35 -7.55 4.28
C LEU A 85 0.87 -8.86 4.90
N GLU A 86 2.07 -8.85 5.51
CA GLU A 86 2.58 -10.10 6.09
C GLU A 86 1.83 -10.46 7.38
N SER A 87 1.30 -9.45 8.11
CA SER A 87 0.38 -9.69 9.22
C SER A 87 -0.92 -10.33 8.71
N PHE A 88 -1.56 -9.78 7.68
CA PHE A 88 -2.78 -10.31 7.08
C PHE A 88 -2.58 -11.73 6.52
N LEU A 89 -1.40 -12.01 5.93
CA LEU A 89 -1.03 -13.35 5.49
C LEU A 89 -0.83 -14.36 6.64
N ASP A 90 -0.82 -13.95 7.92
CA ASP A 90 -0.86 -14.90 9.05
C ASP A 90 -2.12 -15.79 9.04
N GLY A 91 -3.16 -15.41 8.29
CA GLY A 91 -4.34 -16.25 8.09
C GLY A 91 -4.25 -17.17 6.88
N PHE A 92 -3.17 -17.13 6.09
CA PHE A 92 -3.08 -17.80 4.78
C PHE A 92 -1.71 -18.40 4.41
N ARG A 93 -0.60 -18.06 5.10
CA ARG A 93 0.76 -18.53 4.77
C ARG A 93 1.61 -19.07 5.93
N GLU A 94 1.13 -19.01 7.18
CA GLU A 94 1.85 -19.50 8.36
C GLU A 94 0.93 -20.23 9.35
#